data_7BYR
#
_entry.id   7BYR
#
_cell.length_a   1.00
_cell.length_b   1.00
_cell.length_c   1.00
_cell.angle_alpha   90.00
_cell.angle_beta   90.00
_cell.angle_gamma   90.00
#
_symmetry.space_group_name_H-M   'P 1'
#
loop_
_entity.id
_entity.type
_entity.pdbx_description
1 polymer 'Spike glycoprotein'
2 polymer 'Ab23-Fab-Heavy Chain'
3 polymer 'Ab23-Fab-Light Chain'
4 branched 2-acetamido-2-deoxy-beta-D-glucopyranose-(1-4)-2-acetamido-2-deoxy-beta-D-glucopyranose
5 branched beta-D-mannopyranose-(1-4)-2-acetamido-2-deoxy-beta-D-glucopyranose-(1-4)-2-acetamido-2-deoxy-beta-D-glucopyranose
6 non-polymer 2-acetamido-2-deoxy-beta-D-glucopyranose
#
loop_
_entity_poly.entity_id
_entity_poly.type
_entity_poly.pdbx_seq_one_letter_code
_entity_poly.pdbx_strand_id
1 'polypeptide(L)'
;MFVFLVLLPLVSSQCVNLTTRTQLPPAYTNSFTRGVYYPDKVFRSSVLHSTQDLFLPFFSNVTWFHAIHVSGTNGTKRFD
NPVLPFNDGVYFASTEKSNIIRGWIFGTTLDSKTQSLLIVNNATNVVIKVCEFQFCNDPFLGVYYHKNNKSWMESEFRVY
SSANNCTFEYVSQPFLMDLEGKQGNFKNLREFVFKNIDGYFKIYSKHTPINLVRDLPQGFSALEPLVDLPIGINITRFQT
LLALHRSYLTPGDSSSGWTAGAAAYYVGYLQPRTFLLKYNENGTITDAVDCALDPLSETKCTLKSFTVEKGIYQTSNFRV
QPTESIVRFPNITNLCPFGEVFNATRFASVYAWNRKRISNCVADYSVLYNSASFSTFKCYGVSPTKLNDLCFTNVYADSF
VIRGDEVRQIAPGQTGKIADYNYKLPDDFTGCVIAWNSNNLDSKVGGNYNYLYRLFRKSNLKPFERDISTEIYQAGSTPC
NGVEGFNCYFPLQSYGFQPTNGVGYQPYRVVVLSFELLHAPATVCGPKKSTNLVKNKCVNFNFNGLTGTGVLTESNKKFL
PFQQFGRDIADTTDAVRDPQTLEILDITPCSFGGVSVITPGTNTSNQVAVLYQDVNCTEVPVAIHADQLTPTWRVYSTGS
NVFQTRAGCLIGAEHVNNSYECDIPIGAGICASYQTQTNSPGSASSVASQSIIAYTMSLGAENSVAYSNNSIAIPTNFTI
SVTTEILPVSMTKTSVDCTMYICGDSTECSNLLLQYGSFCTQLNRALTGIAVEQDKNTQEVFAQVKQIYKTPPIKDFGGF
NFSQILPDPSKPSKRSFIEDLLFNKVTLADAGFIKQYGDCLGDIAARDLICAQKFNGLTVLPPLLTDEMIAQYTSALLAG
TITSGWTFGAGAALQIPFAMQMAYRFNGIGVTQNVLYENQKLIANQFNSAIGKIQDSLSSTASALGKLQDVVNQNAQALN
TLVKQLSSNFGAISSVLNDILSRLDPPEAEVQIDRLITGRLQSLQTYVTQQLIRAAEIRASANLAATKMSECVLGQSKRV
DFCGKGYHLMSFPQSAPHGVVFLHVTYVPAQEKNFTTAPAICHDGKAHFPREGVFVSNGTHWFVTQRNFYEPQIITTDNT
FVSGNCDVVIGIVNNTVYDPLQPELDSFKEELDKYFKNHTSPDVDLGDISGINASVVNIQKEIDRLNEVAKNLNESLIDL
QELGKYEQGSGYIPEAPRDGQAYVRKDGEWVLLSTFLGSHHHHHHHH
;
A,B,C
2 'polypeptide(L)'
;QVQLVQSGSELKKPGASVKVSCKASGYTFTSYAMNWVRQAPGQGLEWMGWINTNTGNPTYAQGFTGRFVFSLDTSVSTAY
LQISSLKAEDTAVYYCARPQGGSSWYRDYYYGMDVWGQGTTVTVSS
;
H
3 'polypeptide(L)'
;DIQMTQSPSTLSASVGDRVTITCRASQSISSWLAWYQQKPGKAPKLLIYKASSLESGVPSRFSGSGSGTEFTLTISSLQP
DDFATYYCQQYNSYPYTFGQGTKLEIK
;
L
#
loop_
_chem_comp.id
_chem_comp.type
_chem_comp.name
_chem_comp.formula
BMA D-saccharide, beta linking beta-D-mannopyranose 'C6 H12 O6'
NAG D-saccharide, beta linking 2-acetamido-2-deoxy-beta-D-glucopyranose 'C8 H15 N O6'
#
# COMPACT_ATOMS: atom_id res chain seq x y z
N ALA A 27 -31.61 5.50 46.91
CA ALA A 27 -30.35 5.57 47.63
C ALA A 27 -29.16 5.64 46.67
N TYR A 28 -28.03 6.13 47.16
CA TYR A 28 -26.84 6.34 46.35
C TYR A 28 -25.62 5.80 47.10
N THR A 29 -24.85 4.94 46.42
CA THR A 29 -23.54 4.52 46.91
C THR A 29 -22.58 4.42 45.74
N ASN A 30 -21.29 4.51 46.03
CA ASN A 30 -20.24 4.53 45.01
C ASN A 30 -19.71 3.13 44.79
N SER A 31 -19.87 2.61 43.57
CA SER A 31 -19.36 1.30 43.21
C SER A 31 -17.90 1.46 42.77
N PHE A 32 -16.97 1.07 43.64
CA PHE A 32 -15.57 1.42 43.43
C PHE A 32 -14.93 0.67 42.27
N THR A 33 -14.87 -0.66 42.33
CA THR A 33 -14.04 -1.41 41.41
C THR A 33 -14.71 -2.64 40.82
N ARG A 34 -15.82 -3.13 41.40
CA ARG A 34 -16.48 -4.33 40.89
C ARG A 34 -17.13 -4.06 39.52
N GLY A 35 -17.79 -5.08 38.97
CA GLY A 35 -18.36 -4.98 37.66
C GLY A 35 -17.48 -5.49 36.54
N VAL A 36 -16.39 -6.17 36.88
CA VAL A 36 -15.43 -6.67 35.91
C VAL A 36 -15.56 -8.19 35.82
N TYR A 37 -15.45 -8.72 34.62
CA TYR A 37 -15.69 -10.12 34.37
C TYR A 37 -15.00 -10.51 33.06
N TYR A 38 -15.18 -11.75 32.64
CA TYR A 38 -14.59 -12.25 31.41
C TYR A 38 -15.63 -12.16 30.31
N PRO A 39 -15.49 -11.25 29.35
CA PRO A 39 -16.56 -11.02 28.38
C PRO A 39 -16.64 -12.11 27.32
N ASP A 40 -15.84 -13.16 27.50
CA ASP A 40 -15.73 -14.20 26.49
C ASP A 40 -15.23 -15.48 27.16
N LYS A 41 -14.96 -16.48 26.33
CA LYS A 41 -14.62 -17.82 26.78
C LYS A 41 -13.17 -18.19 26.43
N VAL A 42 -12.34 -17.21 26.08
CA VAL A 42 -10.98 -17.45 25.62
C VAL A 42 -10.01 -17.13 26.74
N PHE A 43 -8.98 -17.96 26.88
CA PHE A 43 -7.98 -17.82 27.92
C PHE A 43 -6.81 -17.00 27.40
N ARG A 44 -6.61 -15.82 27.98
CA ARG A 44 -5.51 -14.95 27.60
C ARG A 44 -4.68 -14.65 28.84
N SER A 45 -3.37 -14.80 28.72
CA SER A 45 -2.48 -14.80 29.87
C SER A 45 -1.40 -13.73 29.73
N SER A 46 -1.13 -13.03 30.84
CA SER A 46 0.05 -12.19 30.96
C SER A 46 0.07 -11.07 29.90
N VAL A 47 -1.08 -10.48 29.61
CA VAL A 47 -1.17 -9.51 28.54
C VAL A 47 -2.23 -8.47 28.85
N LEU A 48 -1.92 -7.21 28.59
CA LEU A 48 -2.91 -6.14 28.63
C LEU A 48 -3.86 -6.29 27.46
N HIS A 49 -5.15 -6.03 27.71
CA HIS A 49 -6.14 -6.14 26.65
C HIS A 49 -7.31 -5.20 26.93
N SER A 50 -7.58 -4.31 25.98
CA SER A 50 -8.73 -3.42 26.05
C SER A 50 -9.77 -3.87 25.04
N THR A 51 -10.97 -4.20 25.52
CA THR A 51 -12.05 -4.66 24.66
C THR A 51 -13.27 -3.78 24.89
N GLN A 52 -14.29 -4.00 24.06
CA GLN A 52 -15.56 -3.30 24.17
C GLN A 52 -16.64 -4.31 24.52
N ASP A 53 -17.21 -4.18 25.71
CA ASP A 53 -18.31 -5.04 26.12
C ASP A 53 -19.05 -4.38 27.27
N LEU A 54 -20.07 -5.05 27.77
CA LEU A 54 -20.97 -4.48 28.78
C LEU A 54 -20.37 -4.64 30.16
N PHE A 55 -19.94 -3.54 30.76
CA PHE A 55 -19.38 -3.55 32.10
C PHE A 55 -20.06 -2.47 32.93
N LEU A 56 -19.68 -2.40 34.20
CA LEU A 56 -20.21 -1.43 35.14
C LEU A 56 -19.34 -0.18 35.16
N PRO A 57 -19.90 1.00 34.89
CA PRO A 57 -19.12 2.24 35.06
C PRO A 57 -18.58 2.39 36.47
N PHE A 58 -17.28 2.63 36.60
CA PHE A 58 -16.67 2.73 37.91
C PHE A 58 -17.23 3.92 38.68
N PHE A 59 -17.23 3.81 40.00
CA PHE A 59 -17.70 4.87 40.89
C PHE A 59 -19.15 5.27 40.56
N SER A 60 -19.96 4.30 40.16
CA SER A 60 -21.33 4.58 39.80
C SER A 60 -22.19 4.70 41.06
N ASN A 61 -23.34 5.35 40.88
CA ASN A 61 -24.32 5.59 41.94
C ASN A 61 -25.28 4.41 42.09
N VAL A 62 -24.73 3.27 42.51
CA VAL A 62 -25.51 2.05 42.70
C VAL A 62 -26.52 2.27 43.81
N THR A 63 -27.72 1.73 43.63
CA THR A 63 -28.78 1.93 44.61
C THR A 63 -28.63 0.93 45.75
N TRP A 64 -28.79 1.44 46.97
CA TRP A 64 -28.78 0.65 48.20
C TRP A 64 -30.23 0.37 48.61
N PHE A 65 -30.60 -0.89 48.67
CA PHE A 65 -31.94 -1.28 49.12
C PHE A 65 -31.80 -2.31 50.23
N HIS A 66 -32.54 -2.11 51.31
CA HIS A 66 -32.44 -2.95 52.49
C HIS A 66 -33.67 -3.84 52.62
N PHE A 79 -39.73 -9.41 52.32
CA PHE A 79 -40.21 -8.32 53.16
C PHE A 79 -40.49 -7.08 52.34
N ASP A 80 -39.44 -6.32 52.04
CA ASP A 80 -39.54 -5.11 51.22
C ASP A 80 -38.68 -5.27 49.99
N ASN A 81 -39.31 -5.29 48.82
CA ASN A 81 -38.59 -5.39 47.55
C ASN A 81 -39.41 -4.76 46.44
N PRO A 82 -38.99 -3.61 45.91
CA PRO A 82 -39.69 -3.00 44.79
C PRO A 82 -39.23 -3.58 43.45
N VAL A 83 -40.00 -3.26 42.41
CA VAL A 83 -39.68 -3.72 41.06
C VAL A 83 -38.66 -2.77 40.44
N LEU A 84 -37.71 -3.36 39.72
CA LEU A 84 -36.67 -2.60 39.03
C LEU A 84 -36.58 -3.07 37.59
N PRO A 85 -36.25 -2.17 36.67
CA PRO A 85 -36.19 -2.56 35.25
C PRO A 85 -34.83 -3.11 34.88
N PHE A 86 -34.83 -4.12 34.00
CA PHE A 86 -33.59 -4.77 33.61
C PHE A 86 -32.66 -3.81 32.88
N ASN A 87 -33.14 -3.16 31.82
CA ASN A 87 -32.36 -2.18 31.06
C ASN A 87 -30.99 -2.70 30.67
N ASP A 88 -30.98 -3.83 29.98
CA ASP A 88 -29.79 -4.37 29.32
C ASP A 88 -28.64 -4.59 30.31
N GLY A 89 -28.89 -5.48 31.25
CA GLY A 89 -27.85 -5.88 32.19
C GLY A 89 -27.95 -5.22 33.55
N VAL A 90 -27.90 -6.04 34.61
CA VAL A 90 -27.90 -5.53 35.98
C VAL A 90 -26.82 -6.25 36.76
N TYR A 91 -26.12 -5.51 37.61
CA TYR A 91 -25.20 -6.06 38.61
C TYR A 91 -25.91 -6.06 39.96
N PHE A 92 -26.13 -7.25 40.51
CA PHE A 92 -26.89 -7.41 41.75
C PHE A 92 -25.94 -7.93 42.81
N ALA A 93 -25.71 -7.13 43.86
CA ALA A 93 -24.83 -7.53 44.93
C ALA A 93 -25.63 -7.60 46.22
N SER A 94 -25.17 -8.42 47.16
CA SER A 94 -25.79 -8.48 48.48
C SER A 94 -24.87 -9.25 49.41
N THR A 95 -25.36 -9.52 50.63
CA THR A 95 -24.61 -10.28 51.61
C THR A 95 -25.48 -11.38 52.23
N ASN A 99 -29.14 -16.17 53.55
CA ASN A 99 -29.30 -17.20 52.52
C ASN A 99 -30.78 -17.47 52.26
N ILE A 100 -31.64 -16.80 53.02
CA ILE A 100 -33.08 -16.90 52.78
C ILE A 100 -33.43 -16.38 51.39
N ILE A 101 -32.74 -15.33 50.94
CA ILE A 101 -32.81 -14.94 49.55
C ILE A 101 -32.38 -16.13 48.72
N ARG A 102 -33.28 -16.61 47.86
CA ARG A 102 -33.01 -17.88 47.22
C ARG A 102 -33.31 -17.88 45.72
N GLY A 103 -33.84 -16.81 45.17
CA GLY A 103 -34.06 -16.77 43.74
C GLY A 103 -34.43 -15.38 43.25
N TRP A 104 -34.96 -15.36 42.02
CA TRP A 104 -35.37 -14.14 41.35
C TRP A 104 -36.50 -14.46 40.39
N ILE A 105 -37.25 -13.42 40.04
CA ILE A 105 -38.25 -13.47 38.99
C ILE A 105 -37.85 -12.45 37.93
N PHE A 106 -37.94 -12.84 36.67
CA PHE A 106 -37.54 -12.01 35.54
C PHE A 106 -38.61 -12.10 34.46
N GLY A 107 -38.94 -10.97 33.85
CA GLY A 107 -39.89 -11.00 32.75
C GLY A 107 -40.29 -9.60 32.35
N THR A 108 -41.01 -9.54 31.23
CA THR A 108 -41.58 -8.28 30.75
C THR A 108 -42.95 -8.02 31.34
N THR A 109 -43.77 -9.07 31.48
CA THR A 109 -45.03 -8.95 32.20
C THR A 109 -45.02 -9.69 33.54
N LEU A 110 -44.15 -10.69 33.71
CA LEU A 110 -44.05 -11.53 34.90
C LEU A 110 -45.28 -12.36 35.15
N ASP A 111 -46.30 -12.27 34.31
CA ASP A 111 -47.57 -12.98 34.48
C ASP A 111 -47.87 -13.76 33.20
N SER A 112 -49.12 -14.18 33.06
CA SER A 112 -49.48 -15.01 31.93
C SER A 112 -49.47 -14.28 30.57
N LYS A 113 -48.96 -13.05 30.45
CA LYS A 113 -48.92 -12.37 29.16
C LYS A 113 -47.62 -12.60 28.39
N THR A 114 -46.63 -13.28 28.98
CA THR A 114 -45.46 -13.75 28.25
C THR A 114 -44.74 -14.79 29.09
N GLN A 115 -43.71 -15.38 28.48
CA GLN A 115 -42.85 -16.30 29.22
C GLN A 115 -41.93 -15.51 30.14
N SER A 116 -41.55 -16.13 31.26
CA SER A 116 -40.73 -15.47 32.26
C SER A 116 -39.78 -16.47 32.89
N LEU A 117 -38.67 -15.95 33.43
CA LEU A 117 -37.63 -16.78 34.04
C LEU A 117 -37.71 -16.65 35.55
N LEU A 118 -38.14 -17.72 36.21
CA LEU A 118 -38.25 -17.76 37.67
C LEU A 118 -37.16 -18.71 38.16
N ILE A 119 -36.02 -18.14 38.55
CA ILE A 119 -34.81 -18.92 38.79
C ILE A 119 -34.54 -18.94 40.30
N VAL A 120 -34.59 -20.13 40.89
CA VAL A 120 -34.48 -20.26 42.34
C VAL A 120 -33.62 -21.47 42.68
N ASN A 121 -32.78 -21.32 43.70
CA ASN A 121 -32.01 -22.40 44.31
C ASN A 121 -32.96 -23.30 45.09
N ASN A 122 -32.49 -24.48 45.48
CA ASN A 122 -33.26 -25.28 46.44
C ASN A 122 -32.35 -26.01 47.43
N ALA A 123 -31.21 -25.40 47.76
CA ALA A 123 -30.28 -25.85 48.80
C ALA A 123 -29.54 -27.13 48.42
N THR A 124 -29.89 -27.74 47.29
CA THR A 124 -29.10 -28.82 46.73
C THR A 124 -28.85 -28.54 45.25
N ASN A 125 -29.81 -27.88 44.62
CA ASN A 125 -29.79 -27.62 43.18
C ASN A 125 -30.43 -26.28 42.92
N VAL A 126 -30.33 -25.81 41.69
CA VAL A 126 -31.04 -24.62 41.23
C VAL A 126 -31.98 -25.03 40.11
N VAL A 127 -33.22 -24.55 40.19
CA VAL A 127 -34.26 -24.82 39.19
C VAL A 127 -34.53 -23.53 38.43
N ILE A 128 -34.47 -23.62 37.11
CA ILE A 128 -34.70 -22.51 36.21
C ILE A 128 -35.88 -22.85 35.32
N LYS A 129 -36.89 -21.99 35.33
CA LYS A 129 -38.08 -22.21 34.54
C LYS A 129 -38.31 -21.01 33.63
N VAL A 130 -38.22 -21.25 32.32
CA VAL A 130 -38.56 -20.25 31.34
C VAL A 130 -40.05 -20.42 31.07
N CYS A 131 -40.69 -21.24 31.90
CA CYS A 131 -42.10 -21.54 31.75
C CYS A 131 -43.01 -20.33 31.91
N GLU A 132 -44.30 -20.60 31.75
CA GLU A 132 -45.37 -19.61 31.78
C GLU A 132 -46.01 -19.65 33.16
N PHE A 133 -45.91 -18.54 33.89
CA PHE A 133 -46.47 -18.46 35.24
C PHE A 133 -47.62 -17.48 35.29
N GLN A 134 -48.62 -17.77 36.11
CA GLN A 134 -49.71 -16.83 36.31
C GLN A 134 -49.26 -15.71 37.23
N PHE A 135 -50.23 -14.92 37.71
CA PHE A 135 -49.93 -13.72 38.45
C PHE A 135 -49.04 -14.01 39.65
N CYS A 136 -48.02 -13.19 39.84
CA CYS A 136 -47.14 -13.24 41.00
C CYS A 136 -47.29 -11.90 41.73
N ASN A 137 -48.33 -11.81 42.56
CA ASN A 137 -48.58 -10.58 43.30
C ASN A 137 -47.64 -10.44 44.49
N ASP A 138 -47.37 -11.56 45.17
CA ASP A 138 -46.40 -11.59 46.27
C ASP A 138 -45.43 -12.72 46.00
N PRO A 139 -44.28 -12.42 45.39
CA PRO A 139 -43.29 -13.48 45.14
C PRO A 139 -42.70 -13.98 46.45
N PHE A 140 -43.04 -15.21 46.81
CA PHE A 140 -42.58 -15.79 48.06
C PHE A 140 -42.61 -17.30 47.92
N LEU A 141 -41.92 -17.97 48.84
CA LEU A 141 -41.81 -19.43 48.82
C LEU A 141 -42.88 -20.03 49.71
N GLY A 142 -44.13 -19.67 49.41
CA GLY A 142 -45.27 -20.12 50.19
C GLY A 142 -45.42 -19.35 51.49
N GLU A 156 -43.64 -26.72 49.84
CA GLU A 156 -44.11 -25.48 50.43
C GLU A 156 -43.55 -24.27 49.68
N PHE A 157 -44.20 -23.91 48.56
CA PHE A 157 -43.78 -22.76 47.78
C PHE A 157 -44.94 -22.28 46.94
N ARG A 158 -44.96 -20.97 46.68
CA ARG A 158 -46.02 -20.35 45.90
C ARG A 158 -45.50 -19.45 44.79
N VAL A 159 -44.20 -19.16 44.75
CA VAL A 159 -43.66 -18.25 43.75
C VAL A 159 -44.03 -18.71 42.35
N TYR A 160 -43.86 -20.01 42.08
CA TYR A 160 -44.34 -20.61 40.83
C TYR A 160 -45.85 -20.75 40.94
N SER A 161 -46.55 -19.64 40.67
CA SER A 161 -48.00 -19.63 40.79
C SER A 161 -48.67 -20.60 39.81
N SER A 162 -48.03 -20.87 38.67
CA SER A 162 -48.50 -21.88 37.73
C SER A 162 -47.36 -22.22 36.78
N ALA A 163 -47.50 -23.34 36.08
CA ALA A 163 -46.49 -23.80 35.14
C ALA A 163 -47.12 -24.32 33.85
N ASN A 164 -48.21 -23.70 33.42
CA ASN A 164 -48.93 -24.16 32.24
C ASN A 164 -48.14 -23.88 30.97
N ASN A 165 -48.38 -24.70 29.94
CA ASN A 165 -47.83 -24.53 28.60
C ASN A 165 -46.32 -24.64 28.54
N CYS A 166 -45.64 -24.88 29.66
CA CYS A 166 -44.43 -24.12 29.91
C CYS A 166 -43.29 -24.64 29.04
N THR A 167 -42.30 -23.77 28.80
CA THR A 167 -41.35 -23.95 27.71
C THR A 167 -40.05 -24.64 28.12
N PHE A 168 -39.23 -24.03 28.98
CA PHE A 168 -37.90 -24.53 29.30
C PHE A 168 -37.71 -24.68 30.80
N GLU A 169 -37.09 -25.79 31.20
CA GLU A 169 -36.75 -26.05 32.59
C GLU A 169 -35.41 -26.75 32.68
N TYR A 170 -34.51 -26.19 33.50
CA TYR A 170 -33.21 -26.77 33.76
C TYR A 170 -32.90 -26.85 35.25
N VAL A 171 -32.20 -27.89 35.68
CA VAL A 171 -31.77 -28.00 37.07
C VAL A 171 -30.26 -28.23 37.07
N SER A 172 -29.54 -27.48 37.90
CA SER A 172 -28.08 -27.53 37.85
C SER A 172 -27.50 -27.15 39.22
N GLN A 173 -26.19 -26.92 39.26
CA GLN A 173 -25.51 -26.66 40.52
C GLN A 173 -25.90 -25.28 41.07
N PRO A 174 -25.95 -25.14 42.40
CA PRO A 174 -26.48 -23.92 43.01
C PRO A 174 -25.50 -22.75 42.96
N PHE A 175 -25.98 -21.59 43.40
CA PHE A 175 -25.13 -20.43 43.56
C PHE A 175 -24.33 -20.48 44.85
N LEU A 176 -24.93 -21.01 45.91
CA LEU A 176 -24.34 -21.04 47.25
C LEU A 176 -24.07 -19.63 47.75
N LYS A 187 -18.82 -9.92 56.56
CA LYS A 187 -19.34 -11.22 56.17
C LYS A 187 -19.19 -11.44 54.67
N ASN A 188 -19.84 -12.48 54.16
CA ASN A 188 -19.71 -12.85 52.75
C ASN A 188 -20.51 -11.90 51.86
N LEU A 189 -19.93 -11.53 50.73
CA LEU A 189 -20.59 -10.71 49.73
C LEU A 189 -20.75 -11.50 48.44
N ARG A 190 -21.97 -11.56 47.93
CA ARG A 190 -22.27 -12.24 46.68
C ARG A 190 -22.52 -11.19 45.61
N GLU A 191 -21.76 -11.28 44.52
CA GLU A 191 -21.88 -10.37 43.39
C GLU A 191 -22.31 -11.15 42.16
N PHE A 192 -23.37 -10.69 41.49
CA PHE A 192 -23.88 -11.35 40.31
C PHE A 192 -24.07 -10.31 39.20
N VAL A 193 -24.03 -10.79 37.97
CA VAL A 193 -24.27 -9.95 36.80
C VAL A 193 -25.19 -10.70 35.85
N PHE A 194 -26.16 -9.97 35.28
CA PHE A 194 -27.13 -10.56 34.37
C PHE A 194 -27.17 -9.75 33.09
N LYS A 195 -26.98 -10.41 31.96
CA LYS A 195 -26.99 -9.73 30.67
C LYS A 195 -27.71 -10.58 29.64
N ASN A 196 -28.17 -9.92 28.58
CA ASN A 196 -28.91 -10.58 27.51
C ASN A 196 -28.34 -10.18 26.16
N ILE A 197 -27.87 -11.17 25.40
CA ILE A 197 -27.33 -10.93 24.06
C ILE A 197 -27.66 -12.09 23.13
N ASP A 198 -28.16 -11.77 21.94
CA ASP A 198 -28.31 -12.73 20.84
C ASP A 198 -29.12 -13.96 21.26
N GLY A 199 -30.26 -13.72 21.90
CA GLY A 199 -31.09 -14.82 22.31
C GLY A 199 -30.59 -15.58 23.52
N TYR A 200 -29.57 -15.07 24.20
CA TYR A 200 -28.99 -15.71 25.36
C TYR A 200 -29.12 -14.79 26.56
N PHE A 201 -29.29 -15.40 27.73
CA PHE A 201 -29.35 -14.68 29.00
C PHE A 201 -28.30 -15.31 29.90
N LYS A 202 -27.26 -14.55 30.22
CA LYS A 202 -26.10 -15.10 30.90
C LYS A 202 -25.91 -14.44 32.27
N ILE A 203 -25.43 -15.24 33.21
CA ILE A 203 -25.32 -14.88 34.62
C ILE A 203 -23.90 -15.13 35.09
N TYR A 204 -23.38 -14.20 35.89
CA TYR A 204 -22.03 -14.26 36.43
C TYR A 204 -22.14 -14.18 37.95
N SER A 205 -21.30 -14.94 38.66
CA SER A 205 -21.40 -14.98 40.11
C SER A 205 -20.03 -15.06 40.75
N LYS A 206 -19.91 -14.46 41.93
CA LYS A 206 -18.69 -14.60 42.72
C LYS A 206 -18.97 -14.31 44.19
N HIS A 207 -18.32 -15.07 45.06
CA HIS A 207 -18.39 -14.91 46.51
C HIS A 207 -17.10 -14.28 47.02
N THR A 208 -17.23 -13.44 48.03
CA THR A 208 -16.05 -12.79 48.63
C THR A 208 -16.13 -12.79 50.15
N PRO A 209 -15.08 -13.29 50.83
CA PRO A 209 -15.03 -13.15 52.29
C PRO A 209 -14.48 -11.80 52.72
N ILE A 210 -15.33 -10.99 53.35
CA ILE A 210 -14.96 -9.64 53.77
C ILE A 210 -15.65 -9.30 55.08
N ASN A 211 -15.43 -8.08 55.58
CA ASN A 211 -16.14 -7.59 56.75
C ASN A 211 -16.65 -6.18 56.58
N LEU A 212 -16.53 -5.59 55.39
CA LEU A 212 -16.99 -4.22 55.14
C LEU A 212 -18.36 -4.26 54.48
N VAL A 213 -19.34 -4.71 55.26
CA VAL A 213 -20.72 -4.77 54.77
C VAL A 213 -21.52 -3.52 55.11
N ARG A 214 -21.07 -2.73 56.09
CA ARG A 214 -21.81 -1.53 56.48
C ARG A 214 -21.82 -0.48 55.37
N ASP A 215 -20.87 -0.57 54.44
CA ASP A 215 -20.88 0.26 53.24
C ASP A 215 -20.49 -0.58 52.05
N LEU A 216 -20.21 0.03 50.91
CA LEU A 216 -19.70 -0.72 49.77
C LEU A 216 -18.23 -1.05 50.00
N PRO A 217 -17.86 -2.32 50.04
CA PRO A 217 -16.48 -2.68 50.36
C PRO A 217 -15.55 -2.43 49.19
N GLN A 218 -14.27 -2.28 49.51
CA GLN A 218 -13.23 -2.24 48.51
C GLN A 218 -12.95 -3.65 48.00
N GLY A 219 -12.33 -3.74 46.83
CA GLY A 219 -11.93 -5.03 46.32
C GLY A 219 -12.15 -5.23 44.83
N PHE A 220 -11.41 -6.17 44.25
CA PHE A 220 -11.51 -6.52 42.85
C PHE A 220 -12.01 -7.95 42.74
N SER A 221 -13.04 -8.18 41.93
CA SER A 221 -13.60 -9.51 41.79
C SER A 221 -13.98 -9.78 40.34
N ALA A 222 -13.59 -10.94 39.84
CA ALA A 222 -13.86 -11.33 38.45
C ALA A 222 -15.02 -12.32 38.41
N LEU A 223 -16.16 -11.87 37.91
CA LEU A 223 -17.39 -12.65 37.99
C LEU A 223 -17.48 -13.57 36.78
N GLU A 224 -17.05 -14.80 36.95
CA GLU A 224 -17.13 -15.76 35.86
C GLU A 224 -18.57 -16.16 35.61
N PRO A 225 -18.91 -16.55 34.37
CA PRO A 225 -20.24 -17.06 34.10
C PRO A 225 -20.49 -18.42 34.74
N LEU A 226 -21.77 -18.71 34.96
CA LEU A 226 -22.17 -19.98 35.53
C LEU A 226 -22.97 -20.85 34.57
N VAL A 227 -23.76 -20.26 33.69
CA VAL A 227 -24.58 -21.03 32.76
C VAL A 227 -25.00 -20.11 31.61
N ASP A 228 -25.11 -20.70 30.42
CA ASP A 228 -25.62 -20.02 29.25
C ASP A 228 -27.06 -20.46 29.03
N LEU A 229 -27.95 -19.49 28.79
CA LEU A 229 -29.38 -19.76 28.68
C LEU A 229 -29.81 -19.59 27.22
N PRO A 230 -30.31 -20.64 26.59
CA PRO A 230 -30.77 -20.59 25.17
C PRO A 230 -32.23 -20.17 25.04
N ILE A 231 -32.50 -18.88 25.23
CA ILE A 231 -33.89 -18.46 25.41
C ILE A 231 -34.39 -17.54 24.30
N GLY A 232 -33.80 -16.35 24.21
CA GLY A 232 -34.36 -15.33 23.33
C GLY A 232 -35.67 -14.74 23.79
N ILE A 233 -35.66 -14.00 24.89
CA ILE A 233 -36.89 -13.59 25.58
C ILE A 233 -36.89 -12.07 25.81
N ASN A 234 -38.08 -11.47 25.69
CA ASN A 234 -38.36 -10.14 26.24
C ASN A 234 -38.15 -10.15 27.75
N ILE A 235 -37.15 -9.42 28.19
CA ILE A 235 -36.92 -9.19 29.60
C ILE A 235 -36.64 -7.70 29.82
N THR A 236 -37.45 -7.05 30.67
CA THR A 236 -37.28 -5.62 30.89
C THR A 236 -37.45 -5.17 32.33
N ARG A 237 -37.80 -6.06 33.25
CA ARG A 237 -38.09 -5.66 34.63
C ARG A 237 -37.97 -6.88 35.52
N PHE A 238 -37.62 -6.65 36.78
CA PHE A 238 -37.25 -7.79 37.62
C PHE A 238 -37.41 -7.45 39.09
N GLN A 239 -37.43 -8.51 39.90
CA GLN A 239 -37.48 -8.44 41.35
C GLN A 239 -36.72 -9.63 41.90
N THR A 240 -36.12 -9.47 43.08
CA THR A 240 -35.43 -10.58 43.73
C THR A 240 -36.47 -11.51 44.36
N LEU A 241 -36.00 -12.52 45.11
CA LEU A 241 -36.91 -13.42 45.80
C LEU A 241 -36.30 -13.79 47.16
N LEU A 242 -36.88 -13.22 48.21
CA LEU A 242 -36.63 -13.59 49.60
C LEU A 242 -37.94 -14.10 50.17
N ALA A 243 -37.97 -15.36 50.58
CA ALA A 243 -39.21 -15.94 51.10
C ALA A 243 -39.64 -15.23 52.38
N LEU A 244 -40.94 -14.89 52.45
CA LEU A 244 -41.46 -14.17 53.61
C LEU A 244 -41.37 -15.03 54.86
N HIS A 245 -40.43 -14.70 55.75
CA HIS A 245 -40.27 -15.41 57.01
C HIS A 245 -40.37 -14.42 58.14
N ARG A 246 -41.11 -14.79 59.19
CA ARG A 246 -41.41 -13.89 60.29
C ARG A 246 -41.27 -14.59 61.63
N GLY A 261 -33.02 -13.57 58.62
CA GLY A 261 -31.81 -12.76 58.57
C GLY A 261 -31.97 -11.52 57.71
N ALA A 262 -31.87 -10.35 58.34
CA ALA A 262 -31.99 -9.09 57.62
C ALA A 262 -30.87 -8.96 56.60
N ALA A 263 -31.22 -8.55 55.39
CA ALA A 263 -30.29 -8.52 54.28
C ALA A 263 -30.22 -7.13 53.65
N ALA A 264 -29.06 -6.84 53.07
CA ALA A 264 -28.84 -5.61 52.32
C ALA A 264 -28.39 -5.98 50.92
N TYR A 265 -28.94 -5.30 49.91
CA TYR A 265 -28.54 -5.54 48.55
C TYR A 265 -28.35 -4.22 47.83
N TYR A 266 -27.62 -4.28 46.72
CA TYR A 266 -27.27 -3.14 45.91
C TYR A 266 -27.47 -3.48 44.44
N VAL A 267 -27.91 -2.48 43.68
CA VAL A 267 -28.23 -2.64 42.27
C VAL A 267 -27.40 -1.65 41.47
N GLY A 268 -26.68 -2.16 40.47
CA GLY A 268 -25.92 -1.34 39.56
C GLY A 268 -26.17 -1.74 38.13
N TYR A 269 -25.61 -0.97 37.21
CA TYR A 269 -26.00 -1.06 35.82
C TYR A 269 -24.77 -1.25 34.94
N LEU A 270 -24.93 -2.06 33.90
CA LEU A 270 -23.85 -2.17 32.93
C LEU A 270 -24.12 -1.33 31.69
N GLN A 271 -23.04 -0.83 31.11
CA GLN A 271 -23.10 0.05 29.95
C GLN A 271 -22.17 -0.53 28.89
N PRO A 272 -22.40 -0.24 27.62
CA PRO A 272 -21.47 -0.66 26.56
C PRO A 272 -20.25 0.26 26.46
N ARG A 273 -19.25 0.00 27.30
CA ARG A 273 -18.06 0.83 27.34
C ARG A 273 -16.81 -0.05 27.28
N THR A 274 -15.74 0.49 26.69
CA THR A 274 -14.49 -0.25 26.53
C THR A 274 -13.71 -0.26 27.84
N PHE A 275 -13.31 -1.45 28.27
CA PHE A 275 -12.47 -1.61 29.45
C PHE A 275 -11.14 -2.25 29.07
N LEU A 276 -10.08 -1.78 29.72
CA LEU A 276 -8.74 -2.32 29.54
C LEU A 276 -8.39 -3.12 30.78
N LEU A 277 -8.43 -4.44 30.65
CA LEU A 277 -8.01 -5.35 31.70
C LEU A 277 -6.52 -5.63 31.57
N LYS A 278 -5.91 -6.07 32.65
CA LYS A 278 -4.62 -6.74 32.50
C LYS A 278 -4.83 -8.22 32.84
N TYR A 279 -4.85 -9.03 31.78
CA TYR A 279 -4.75 -10.46 31.93
C TYR A 279 -3.38 -10.79 32.50
N ASN A 280 -3.36 -11.36 33.70
CA ASN A 280 -2.08 -11.63 34.34
C ASN A 280 -1.64 -13.06 34.10
N GLU A 281 -0.58 -13.48 34.79
CA GLU A 281 0.03 -14.78 34.55
C GLU A 281 -0.89 -15.93 34.94
N ASN A 282 -1.98 -15.65 35.65
CA ASN A 282 -2.83 -16.69 36.20
C ASN A 282 -3.98 -17.02 35.26
N GLY A 283 -4.06 -16.33 34.12
CA GLY A 283 -5.25 -16.40 33.29
C GLY A 283 -6.44 -15.72 33.91
N THR A 284 -6.21 -14.77 34.80
CA THR A 284 -7.26 -14.16 35.61
C THR A 284 -7.38 -12.67 35.32
N ILE A 285 -8.21 -12.01 36.13
CA ILE A 285 -8.36 -10.56 36.11
C ILE A 285 -7.91 -10.05 37.46
N THR A 286 -6.99 -9.08 37.47
CA THR A 286 -6.53 -8.48 38.70
C THR A 286 -6.68 -6.96 38.74
N ASP A 287 -6.78 -6.30 37.60
CA ASP A 287 -7.14 -4.88 37.58
C ASP A 287 -7.53 -4.52 36.16
N ALA A 288 -8.35 -3.48 36.05
CA ALA A 288 -8.83 -2.97 34.78
C ALA A 288 -9.17 -1.50 34.95
N VAL A 289 -9.24 -0.80 33.83
CA VAL A 289 -9.59 0.62 33.82
C VAL A 289 -10.67 0.86 32.78
N ASP A 290 -11.41 1.95 32.95
CA ASP A 290 -12.53 2.30 32.09
C ASP A 290 -12.12 3.46 31.20
N CYS A 291 -12.28 3.29 29.89
CA CYS A 291 -11.88 4.33 28.94
C CYS A 291 -12.80 5.53 28.93
N ALA A 292 -13.78 5.68 29.82
CA ALA A 292 -14.63 6.85 29.79
C ALA A 292 -14.84 7.47 31.17
N LEU A 293 -14.15 6.97 32.19
CA LEU A 293 -14.33 7.50 33.54
C LEU A 293 -13.83 8.94 33.63
N ASP A 294 -12.54 9.15 33.39
CA ASP A 294 -11.94 10.47 33.50
C ASP A 294 -11.03 10.73 32.32
N PRO A 295 -10.62 11.99 32.08
CA PRO A 295 -9.70 12.26 30.97
C PRO A 295 -8.42 11.43 31.02
N LEU A 296 -7.88 11.21 32.21
CA LEU A 296 -6.63 10.47 32.33
C LEU A 296 -6.79 9.04 31.83
N SER A 297 -7.94 8.42 32.12
CA SER A 297 -8.14 7.02 31.76
C SER A 297 -8.09 6.84 30.25
N GLU A 298 -8.56 7.83 29.49
CA GLU A 298 -8.45 7.77 28.04
C GLU A 298 -7.00 7.61 27.60
N THR A 299 -6.06 8.23 28.31
CA THR A 299 -4.65 8.09 27.96
C THR A 299 -4.19 6.65 28.11
N LYS A 300 -4.51 6.02 29.25
CA LYS A 300 -4.17 4.63 29.43
C LYS A 300 -4.78 3.77 28.33
N CYS A 301 -6.04 4.01 28.01
CA CYS A 301 -6.72 3.16 27.03
C CYS A 301 -6.12 3.32 25.65
N THR A 302 -5.74 4.54 25.27
CA THR A 302 -5.18 4.74 23.94
C THR A 302 -3.68 4.49 23.88
N LEU A 303 -3.04 4.26 25.03
CA LEU A 303 -1.60 4.08 25.07
C LEU A 303 -1.19 2.63 25.33
N LYS A 304 -2.10 1.80 25.82
CA LYS A 304 -1.83 0.39 26.12
C LYS A 304 -0.77 0.26 27.22
N SER A 305 -1.02 0.92 28.34
CA SER A 305 -0.17 0.84 29.51
C SER A 305 -0.86 1.50 30.68
N PHE A 306 -0.67 0.92 31.87
CA PHE A 306 -1.23 1.52 33.07
C PHE A 306 -0.52 2.82 33.44
N THR A 307 0.81 2.81 33.44
CA THR A 307 1.59 3.93 33.90
C THR A 307 1.89 4.84 32.73
N VAL A 308 1.24 6.00 32.69
CA VAL A 308 1.54 7.00 31.67
C VAL A 308 2.87 7.66 32.00
N GLU A 309 3.72 7.79 30.99
CA GLU A 309 4.98 8.49 31.18
C GLU A 309 4.72 9.98 31.06
N LYS A 310 5.42 10.76 31.89
CA LYS A 310 5.26 12.21 31.90
C LYS A 310 5.41 12.78 30.50
N GLY A 311 4.48 13.63 30.11
CA GLY A 311 4.48 14.25 28.82
C GLY A 311 3.08 14.59 28.38
N ILE A 312 2.97 15.04 27.14
CA ILE A 312 1.70 15.46 26.54
C ILE A 312 1.31 14.44 25.49
N TYR A 313 0.05 13.99 25.55
CA TYR A 313 -0.45 12.99 24.63
C TYR A 313 -1.73 13.48 23.99
N GLN A 314 -2.02 12.95 22.80
CA GLN A 314 -3.28 13.18 22.13
C GLN A 314 -4.10 11.90 22.21
N THR A 315 -5.30 12.01 22.76
CA THR A 315 -6.12 10.83 23.06
C THR A 315 -7.15 10.57 21.97
N SER A 316 -8.03 11.51 21.69
CA SER A 316 -9.09 11.31 20.72
C SER A 316 -9.48 12.65 20.11
N ASN A 317 -10.55 12.67 19.36
CA ASN A 317 -11.05 13.87 18.72
C ASN A 317 -12.29 14.34 19.45
N PHE A 318 -12.83 15.48 19.01
CA PHE A 318 -14.15 15.90 19.43
C PHE A 318 -14.72 16.80 18.36
N ARG A 319 -16.05 16.81 18.27
CA ARG A 319 -16.76 17.68 17.34
C ARG A 319 -18.06 18.11 18.00
N VAL A 320 -18.44 19.36 17.79
CA VAL A 320 -19.71 19.87 18.33
C VAL A 320 -20.83 19.28 17.49
N GLN A 321 -21.57 18.33 18.06
CA GLN A 321 -22.62 17.67 17.31
C GLN A 321 -23.72 18.65 16.94
N PRO A 322 -24.23 18.58 15.72
CA PRO A 322 -25.25 19.54 15.29
C PRO A 322 -26.64 19.13 15.79
N THR A 323 -27.40 20.14 16.22
CA THR A 323 -28.77 19.96 16.62
C THR A 323 -29.69 20.65 15.61
N GLU A 324 -30.99 20.39 15.74
CA GLU A 324 -32.04 21.07 14.96
C GLU A 324 -31.73 21.04 13.46
N SER A 325 -31.74 19.83 12.91
CA SER A 325 -31.58 19.66 11.47
C SER A 325 -32.74 20.30 10.72
N ILE A 326 -32.43 21.01 9.65
CA ILE A 326 -33.42 21.81 8.93
C ILE A 326 -33.49 21.46 7.45
N VAL A 327 -34.47 22.05 6.75
CA VAL A 327 -34.63 21.92 5.32
C VAL A 327 -34.85 23.33 4.75
N ARG A 328 -34.16 23.64 3.66
CA ARG A 328 -34.35 24.93 3.01
C ARG A 328 -34.46 24.77 1.50
N LEU A 335 -48.23 22.80 -7.97
CA LEU A 335 -49.22 23.83 -8.18
C LEU A 335 -49.93 23.63 -9.51
N CYS A 336 -50.16 22.38 -9.88
CA CYS A 336 -50.83 22.04 -11.13
C CYS A 336 -52.28 22.47 -11.05
N PRO A 337 -52.97 22.65 -12.17
CA PRO A 337 -54.43 22.79 -12.16
C PRO A 337 -55.14 21.44 -12.08
N PHE A 338 -54.81 20.67 -11.04
CA PHE A 338 -55.34 19.32 -10.92
C PHE A 338 -56.86 19.31 -10.82
N GLY A 339 -57.46 20.39 -10.31
CA GLY A 339 -58.90 20.47 -10.29
C GLY A 339 -59.52 20.27 -11.66
N GLU A 340 -58.81 20.70 -12.71
CA GLU A 340 -59.32 20.55 -14.07
C GLU A 340 -59.57 19.09 -14.44
N VAL A 341 -58.89 18.15 -13.79
CA VAL A 341 -59.17 16.72 -14.03
C VAL A 341 -60.13 16.15 -13.00
N PHE A 342 -60.29 16.81 -11.84
CA PHE A 342 -61.20 16.34 -10.81
C PHE A 342 -62.41 17.25 -10.64
N ASN A 343 -62.21 18.57 -10.64
CA ASN A 343 -63.26 19.52 -10.25
C ASN A 343 -64.03 20.05 -11.45
N ALA A 344 -64.16 19.25 -12.52
CA ALA A 344 -64.84 19.68 -13.74
C ALA A 344 -66.32 19.34 -13.66
N THR A 345 -67.02 19.42 -14.80
CA THR A 345 -68.46 19.20 -14.84
C THR A 345 -68.90 18.18 -15.90
N ARG A 346 -68.24 18.12 -17.05
CA ARG A 346 -68.75 17.36 -18.18
C ARG A 346 -67.61 16.64 -18.86
N PHE A 347 -67.90 15.43 -19.34
CA PHE A 347 -66.87 14.51 -19.84
C PHE A 347 -67.40 13.47 -20.82
N ALA A 348 -66.53 12.60 -21.31
CA ALA A 348 -66.90 11.57 -22.28
C ALA A 348 -66.91 10.19 -21.65
N SER A 349 -67.74 9.31 -22.20
CA SER A 349 -67.97 7.99 -21.63
C SER A 349 -66.71 7.11 -21.72
N VAL A 350 -66.84 5.89 -21.21
CA VAL A 350 -65.68 5.01 -21.03
C VAL A 350 -65.08 4.59 -22.36
N TYR A 351 -65.90 4.46 -23.41
CA TYR A 351 -65.38 4.14 -24.74
C TYR A 351 -64.43 5.22 -25.25
N ALA A 352 -64.47 6.41 -24.67
CA ALA A 352 -63.66 7.55 -25.06
C ALA A 352 -63.03 8.20 -23.84
N TRP A 353 -62.38 7.39 -23.00
CA TRP A 353 -61.70 7.87 -21.81
C TRP A 353 -60.92 9.15 -22.08
N ASN A 354 -61.05 10.10 -21.16
CA ASN A 354 -60.45 11.42 -21.33
C ASN A 354 -59.04 11.39 -20.77
N ARG A 355 -58.05 11.37 -21.65
CA ARG A 355 -56.64 11.24 -21.26
C ARG A 355 -55.93 12.56 -21.55
N LYS A 356 -55.64 13.31 -20.48
CA LYS A 356 -54.91 14.57 -20.58
C LYS A 356 -53.53 14.41 -19.94
N ARG A 357 -52.53 15.02 -20.55
CA ARG A 357 -51.16 14.94 -20.08
C ARG A 357 -50.81 16.19 -19.30
N ILE A 358 -50.06 16.01 -18.22
CA ILE A 358 -49.55 17.12 -17.44
C ILE A 358 -48.06 16.87 -17.15
N SER A 359 -47.28 17.93 -17.25
CA SER A 359 -45.85 17.87 -16.99
C SER A 359 -45.40 19.24 -16.49
N ASN A 360 -44.14 19.29 -16.04
CA ASN A 360 -43.53 20.52 -15.55
C ASN A 360 -44.28 21.07 -14.33
N CYS A 361 -44.39 20.22 -13.31
CA CYS A 361 -45.07 20.56 -12.08
C CYS A 361 -44.23 20.25 -10.86
N VAL A 362 -44.38 21.09 -9.84
CA VAL A 362 -44.24 20.62 -8.45
C VAL A 362 -45.66 20.20 -8.05
N ALA A 363 -46.03 19.00 -8.45
CA ALA A 363 -47.40 18.52 -8.28
C ALA A 363 -47.68 18.23 -6.81
N ASP A 364 -48.93 17.91 -6.52
CA ASP A 364 -49.33 17.52 -5.17
C ASP A 364 -50.34 16.38 -5.22
N TYR A 365 -50.28 15.51 -4.22
CA TYR A 365 -51.26 14.46 -4.06
C TYR A 365 -51.73 14.30 -2.61
N SER A 366 -50.93 14.73 -1.64
CA SER A 366 -51.20 14.42 -0.24
C SER A 366 -52.35 15.22 0.33
N VAL A 367 -52.73 16.34 -0.28
CA VAL A 367 -53.91 17.07 0.17
C VAL A 367 -55.15 16.20 0.03
N LEU A 368 -55.18 15.36 -1.01
CA LEU A 368 -56.23 14.36 -1.17
C LEU A 368 -56.02 13.14 -0.29
N TYR A 369 -54.78 12.64 -0.22
CA TYR A 369 -54.50 11.35 0.38
C TYR A 369 -54.84 11.35 1.87
N ASN A 370 -54.43 12.39 2.59
CA ASN A 370 -54.66 12.44 4.03
C ASN A 370 -56.13 12.66 4.36
N SER A 371 -56.96 12.98 3.38
CA SER A 371 -58.38 13.28 3.58
C SER A 371 -59.21 12.04 3.33
N ALA A 372 -60.47 12.11 3.76
CA ALA A 372 -61.40 10.99 3.67
C ALA A 372 -62.63 11.29 2.80
N SER A 373 -62.46 12.05 1.73
CA SER A 373 -63.61 12.45 0.91
C SER A 373 -63.92 11.47 -0.21
N PHE A 374 -63.04 10.52 -0.51
CA PHE A 374 -63.19 9.69 -1.70
C PHE A 374 -63.46 8.24 -1.29
N SER A 375 -64.14 7.52 -2.16
CA SER A 375 -64.59 6.16 -1.87
C SER A 375 -63.49 5.12 -2.07
N THR A 376 -62.98 4.98 -3.29
CA THR A 376 -61.90 4.05 -3.59
C THR A 376 -60.69 4.86 -4.01
N PHE A 377 -59.56 4.63 -3.34
CA PHE A 377 -58.38 5.46 -3.53
C PHE A 377 -57.19 4.51 -3.35
N LYS A 378 -56.63 4.05 -4.48
CA LYS A 378 -55.73 2.92 -4.45
C LYS A 378 -54.63 3.08 -5.49
N CYS A 379 -53.39 2.91 -5.05
CA CYS A 379 -52.22 3.30 -5.83
C CYS A 379 -51.37 2.06 -6.08
N TYR A 380 -50.56 2.10 -7.15
CA TYR A 380 -49.69 0.99 -7.52
C TYR A 380 -48.22 1.35 -7.39
N GLY A 381 -47.43 0.36 -6.95
CA GLY A 381 -45.98 0.49 -6.93
C GLY A 381 -45.50 1.42 -5.85
N VAL A 382 -46.03 2.64 -5.88
CA VAL A 382 -45.68 3.67 -4.91
C VAL A 382 -46.92 4.04 -4.11
N SER A 383 -46.82 3.88 -2.78
CA SER A 383 -47.91 4.23 -1.90
C SER A 383 -48.15 5.74 -1.96
N PRO A 384 -49.41 6.16 -1.78
CA PRO A 384 -49.73 7.59 -1.93
C PRO A 384 -48.87 8.53 -1.09
N THR A 385 -48.14 8.02 -0.10
CA THR A 385 -47.31 8.90 0.71
C THR A 385 -46.02 9.31 0.00
N LYS A 386 -45.46 8.44 -0.83
CA LYS A 386 -44.11 8.68 -1.36
C LYS A 386 -44.07 9.05 -2.83
N LEU A 387 -45.21 9.26 -3.50
CA LEU A 387 -45.15 9.89 -4.81
C LEU A 387 -44.50 11.27 -4.69
N ASN A 388 -44.68 11.92 -3.55
CA ASN A 388 -44.06 13.20 -3.26
C ASN A 388 -42.55 13.09 -3.04
N ASP A 389 -41.97 11.88 -3.10
CA ASP A 389 -40.53 11.73 -3.09
C ASP A 389 -39.99 10.93 -4.26
N LEU A 390 -40.83 10.21 -4.99
CA LEU A 390 -40.47 9.57 -6.25
C LEU A 390 -40.99 10.46 -7.36
N CYS A 391 -40.09 11.14 -8.06
CA CYS A 391 -40.46 12.26 -8.90
C CYS A 391 -40.43 11.82 -10.37
N PHE A 392 -41.52 12.06 -11.08
CA PHE A 392 -41.85 11.37 -12.30
C PHE A 392 -41.76 12.28 -13.53
N THR A 393 -41.57 11.65 -14.68
CA THR A 393 -41.38 12.38 -15.94
C THR A 393 -42.62 13.17 -16.35
N ASN A 394 -43.69 12.46 -16.73
CA ASN A 394 -44.95 13.05 -17.17
C ASN A 394 -46.09 12.24 -16.56
N VAL A 395 -47.28 12.83 -16.51
CA VAL A 395 -48.46 12.15 -15.99
C VAL A 395 -49.57 12.19 -17.03
N TYR A 396 -50.34 11.11 -17.09
CA TYR A 396 -51.51 11.00 -17.95
C TYR A 396 -52.71 10.66 -17.09
N ALA A 397 -53.75 11.48 -17.15
CA ALA A 397 -54.95 11.30 -16.34
C ALA A 397 -56.12 10.97 -17.26
N ASP A 398 -56.74 9.81 -17.04
CA ASP A 398 -57.87 9.34 -17.83
C ASP A 398 -59.13 9.32 -16.99
N SER A 399 -60.18 9.93 -17.51
CA SER A 399 -61.42 10.14 -16.76
C SER A 399 -62.58 9.53 -17.53
N PHE A 400 -63.45 8.85 -16.79
CA PHE A 400 -64.61 8.14 -17.36
C PHE A 400 -65.54 7.76 -16.22
N VAL A 401 -66.61 7.03 -16.52
CA VAL A 401 -67.64 6.68 -15.55
C VAL A 401 -67.99 5.22 -15.70
N ILE A 402 -68.24 4.55 -14.57
CA ILE A 402 -68.61 3.14 -14.58
C ILE A 402 -69.66 2.90 -13.50
N ARG A 403 -70.14 1.67 -13.45
CA ARG A 403 -71.00 1.22 -12.36
C ARG A 403 -70.12 0.74 -11.21
N GLY A 404 -70.70 0.70 -10.01
CA GLY A 404 -69.94 0.35 -8.82
C GLY A 404 -69.34 -1.04 -8.89
N ASP A 405 -70.00 -1.97 -9.58
CA ASP A 405 -69.44 -3.30 -9.76
C ASP A 405 -68.18 -3.26 -10.64
N GLU A 406 -68.02 -2.21 -11.42
CA GLU A 406 -66.90 -2.11 -12.36
C GLU A 406 -65.62 -1.58 -11.71
N VAL A 407 -65.67 -1.22 -10.43
CA VAL A 407 -64.49 -0.65 -9.76
C VAL A 407 -63.35 -1.65 -9.79
N ARG A 408 -63.66 -2.93 -9.74
CA ARG A 408 -62.63 -3.95 -9.76
C ARG A 408 -62.33 -4.48 -11.16
N GLN A 409 -62.91 -3.90 -12.20
CA GLN A 409 -62.53 -4.27 -13.56
C GLN A 409 -61.58 -3.26 -14.20
N ILE A 410 -61.26 -2.17 -13.52
CA ILE A 410 -60.20 -1.26 -13.98
C ILE A 410 -58.93 -1.72 -13.27
N ALA A 411 -58.29 -2.74 -13.84
CA ALA A 411 -57.13 -3.36 -13.21
C ALA A 411 -56.34 -4.10 -14.27
N PRO A 412 -55.02 -4.25 -14.09
CA PRO A 412 -54.25 -5.03 -15.06
C PRO A 412 -54.66 -6.49 -15.08
N GLY A 413 -55.23 -6.94 -16.19
CA GLY A 413 -55.74 -8.30 -16.26
C GLY A 413 -57.04 -8.51 -15.54
N GLN A 414 -57.87 -7.48 -15.41
CA GLN A 414 -59.15 -7.58 -14.73
C GLN A 414 -60.15 -8.37 -15.57
N THR A 415 -61.23 -8.78 -14.91
CA THR A 415 -62.25 -9.62 -15.53
C THR A 415 -63.49 -8.79 -15.81
N GLY A 416 -63.73 -8.52 -17.08
CA GLY A 416 -64.93 -7.80 -17.49
C GLY A 416 -64.75 -7.21 -18.88
N LYS A 417 -65.88 -6.78 -19.44
CA LYS A 417 -65.84 -6.06 -20.71
C LYS A 417 -65.09 -4.75 -20.58
N ILE A 418 -65.26 -4.07 -19.44
CA ILE A 418 -64.66 -2.75 -19.24
C ILE A 418 -63.13 -2.87 -19.25
N ALA A 419 -62.60 -4.02 -18.87
CA ALA A 419 -61.18 -4.30 -18.99
C ALA A 419 -60.78 -4.84 -20.35
N ASP A 420 -61.75 -5.16 -21.21
CA ASP A 420 -61.47 -5.79 -22.51
C ASP A 420 -61.55 -4.80 -23.67
N TYR A 421 -62.70 -4.14 -23.84
CA TYR A 421 -62.94 -3.29 -25.00
C TYR A 421 -63.19 -1.84 -24.62
N ASN A 422 -63.11 -1.51 -23.32
CA ASN A 422 -63.29 -0.14 -22.87
C ASN A 422 -62.00 0.49 -22.38
N TYR A 423 -61.29 -0.14 -21.44
CA TYR A 423 -60.06 0.44 -20.93
C TYR A 423 -59.16 -0.67 -20.44
N LYS A 424 -58.00 -0.84 -21.06
CA LYS A 424 -57.03 -1.85 -20.68
C LYS A 424 -55.84 -1.19 -20.00
N LEU A 425 -54.96 -2.02 -19.46
CA LEU A 425 -53.77 -1.56 -18.77
C LEU A 425 -52.76 -2.70 -18.72
N PRO A 426 -51.47 -2.40 -18.85
CA PRO A 426 -50.47 -3.46 -18.84
C PRO A 426 -50.34 -4.10 -17.47
N ASP A 427 -49.86 -5.34 -17.47
CA ASP A 427 -49.68 -6.11 -16.23
C ASP A 427 -48.43 -5.63 -15.51
N ASP A 428 -48.48 -4.38 -15.08
CA ASP A 428 -47.40 -3.73 -14.35
C ASP A 428 -48.01 -2.58 -13.56
N PHE A 429 -47.16 -1.71 -13.03
CA PHE A 429 -47.67 -0.58 -12.26
C PHE A 429 -48.22 0.49 -13.18
N THR A 430 -49.38 1.01 -12.81
CA THR A 430 -49.98 2.19 -13.42
C THR A 430 -49.83 3.32 -12.41
N GLY A 431 -50.16 4.54 -12.81
CA GLY A 431 -49.99 5.65 -11.90
C GLY A 431 -50.68 5.48 -10.57
N CYS A 432 -52.02 5.61 -10.53
CA CYS A 432 -52.81 5.27 -9.36
C CYS A 432 -54.28 5.56 -9.70
N VAL A 433 -55.21 4.82 -9.11
CA VAL A 433 -56.61 4.85 -9.51
C VAL A 433 -57.47 5.43 -8.39
N ILE A 434 -58.34 6.36 -8.76
CA ILE A 434 -59.28 7.00 -7.85
C ILE A 434 -60.69 6.83 -8.41
N ALA A 435 -61.64 6.55 -7.52
CA ALA A 435 -63.03 6.32 -7.91
C ALA A 435 -63.94 6.87 -6.83
N TRP A 436 -64.83 7.77 -7.23
CA TRP A 436 -65.76 8.40 -6.30
C TRP A 436 -67.16 8.40 -6.89
N ASN A 437 -68.15 8.13 -6.03
CA ASN A 437 -69.53 8.08 -6.49
C ASN A 437 -69.97 9.44 -7.03
N SER A 438 -70.62 9.42 -8.19
CA SER A 438 -71.17 10.62 -8.80
C SER A 438 -72.66 10.77 -8.52
N ASN A 439 -73.17 10.06 -7.52
CA ASN A 439 -74.60 9.94 -7.28
C ASN A 439 -75.23 11.23 -6.77
N ASN A 440 -74.43 12.20 -6.31
CA ASN A 440 -74.97 13.38 -5.66
C ASN A 440 -75.49 14.39 -6.69
N LEU A 441 -74.62 14.90 -7.54
CA LEU A 441 -74.96 15.99 -8.44
C LEU A 441 -74.91 15.64 -9.91
N ASP A 442 -74.68 14.38 -10.27
CA ASP A 442 -74.55 13.99 -11.67
C ASP A 442 -75.64 13.03 -12.12
N SER A 443 -75.81 11.90 -11.44
CA SER A 443 -76.86 10.95 -11.77
C SER A 443 -77.02 9.91 -10.67
N TYR A 449 -79.35 8.77 -19.07
CA TYR A 449 -78.82 7.56 -19.71
C TYR A 449 -77.66 7.92 -20.63
N ASN A 450 -77.22 9.18 -20.58
CA ASN A 450 -76.28 9.74 -21.54
C ASN A 450 -74.90 9.09 -21.48
N TYR A 451 -74.71 8.11 -20.61
CA TYR A 451 -73.40 7.49 -20.36
C TYR A 451 -73.47 6.05 -20.82
N LEU A 452 -72.53 5.64 -21.67
CA LEU A 452 -72.55 4.33 -22.32
C LEU A 452 -71.22 3.62 -22.15
N TYR A 453 -71.21 2.33 -22.47
CA TYR A 453 -69.99 1.55 -22.59
C TYR A 453 -69.97 0.88 -23.96
N ARG A 454 -68.81 0.86 -24.59
CA ARG A 454 -68.65 0.28 -25.93
C ARG A 454 -69.09 -1.17 -25.96
N PRO A 491 -71.44 -1.63 -30.90
CA PRO A 491 -71.27 -2.48 -29.72
C PRO A 491 -71.76 -1.80 -28.45
N LEU A 492 -72.27 -0.58 -28.59
CA LEU A 492 -72.63 0.26 -27.45
C LEU A 492 -73.96 -0.21 -26.86
N GLN A 493 -73.90 -0.86 -25.71
CA GLN A 493 -75.09 -1.20 -24.93
C GLN A 493 -75.18 -0.24 -23.75
N SER A 494 -76.31 0.44 -23.63
CA SER A 494 -76.45 1.48 -22.63
C SER A 494 -76.54 0.89 -21.22
N TYR A 495 -75.85 1.53 -20.29
CA TYR A 495 -76.01 1.27 -18.86
C TYR A 495 -77.12 2.17 -18.33
N GLY A 496 -77.99 1.62 -17.50
CA GLY A 496 -79.08 2.38 -16.92
C GLY A 496 -78.70 3.07 -15.63
N PHE A 497 -77.93 4.14 -15.72
CA PHE A 497 -77.55 4.90 -14.53
C PHE A 497 -78.75 5.72 -14.05
N GLN A 498 -79.39 5.27 -12.95
CA GLN A 498 -80.48 5.99 -12.31
C GLN A 498 -79.98 6.68 -11.04
N PRO A 499 -80.52 7.86 -10.72
CA PRO A 499 -80.09 8.56 -9.50
C PRO A 499 -80.42 7.83 -8.21
N THR A 500 -81.38 6.91 -8.24
CA THR A 500 -81.79 6.18 -7.04
C THR A 500 -81.92 4.68 -7.34
N VAL A 503 -76.01 1.79 -5.82
CA VAL A 503 -74.64 1.77 -5.32
C VAL A 503 -73.72 1.14 -6.35
N GLY A 504 -73.85 -0.17 -6.54
CA GLY A 504 -73.05 -0.85 -7.55
C GLY A 504 -73.48 -0.56 -8.97
N TYR A 505 -74.72 -0.12 -9.16
CA TYR A 505 -75.25 0.16 -10.49
C TYR A 505 -75.28 1.65 -10.82
N GLN A 506 -75.49 2.50 -9.82
CA GLN A 506 -75.51 3.94 -10.05
C GLN A 506 -74.11 4.44 -10.42
N PRO A 507 -74.03 5.57 -11.13
CA PRO A 507 -72.73 5.98 -11.69
C PRO A 507 -71.71 6.38 -10.65
N TYR A 508 -70.48 5.92 -10.86
CA TYR A 508 -69.30 6.36 -10.12
C TYR A 508 -68.27 6.86 -11.13
N ARG A 509 -67.74 8.06 -10.86
CA ARG A 509 -66.65 8.61 -11.67
C ARG A 509 -65.33 7.93 -11.31
N VAL A 510 -64.46 7.80 -12.32
CA VAL A 510 -63.18 7.12 -12.16
C VAL A 510 -62.11 7.90 -12.92
N VAL A 511 -60.96 8.11 -12.28
CA VAL A 511 -59.79 8.72 -12.91
C VAL A 511 -58.59 7.80 -12.64
N VAL A 512 -57.87 7.46 -13.71
CA VAL A 512 -56.72 6.58 -13.67
C VAL A 512 -55.49 7.40 -14.04
N LEU A 513 -54.44 7.28 -13.24
CA LEU A 513 -53.22 8.05 -13.44
C LEU A 513 -52.12 7.12 -13.91
N SER A 514 -51.31 7.58 -14.86
CA SER A 514 -50.16 6.84 -15.32
C SER A 514 -48.98 7.78 -15.47
N PHE A 515 -47.92 7.56 -14.69
CA PHE A 515 -46.70 8.34 -14.79
C PHE A 515 -45.69 7.60 -15.65
N GLU A 516 -45.04 8.33 -16.55
CA GLU A 516 -43.96 7.79 -17.35
C GLU A 516 -42.62 8.11 -16.71
N LEU A 517 -41.57 7.45 -17.20
CA LEU A 517 -40.21 7.68 -16.70
C LEU A 517 -39.19 7.43 -17.79
N LEU A 518 -38.12 8.23 -17.75
CA LEU A 518 -36.87 8.06 -18.50
C LEU A 518 -37.02 8.37 -19.98
N HIS A 519 -38.25 8.59 -20.46
CA HIS A 519 -38.43 9.08 -21.81
C HIS A 519 -37.98 10.53 -21.93
N ALA A 520 -38.43 11.37 -21.01
CA ALA A 520 -38.10 12.78 -20.92
C ALA A 520 -37.61 13.09 -19.51
N PRO A 521 -36.91 14.21 -19.30
CA PRO A 521 -36.43 14.54 -17.97
C PRO A 521 -37.58 14.65 -16.97
N ALA A 522 -37.26 14.31 -15.71
CA ALA A 522 -38.28 14.31 -14.67
C ALA A 522 -38.86 15.70 -14.48
N THR A 523 -40.18 15.81 -14.60
CA THR A 523 -40.81 17.13 -14.57
C THR A 523 -41.98 17.23 -13.60
N VAL A 524 -42.79 16.19 -13.44
CA VAL A 524 -44.01 16.26 -12.65
C VAL A 524 -43.85 15.41 -11.38
N CYS A 525 -44.04 16.04 -10.22
CA CYS A 525 -43.84 15.38 -8.94
C CYS A 525 -44.17 16.25 -7.73
N GLY A 526 -44.09 15.66 -6.54
CA GLY A 526 -44.58 16.26 -5.32
C GLY A 526 -43.87 17.54 -4.92
N PRO A 527 -44.46 18.26 -3.98
CA PRO A 527 -43.91 19.57 -3.60
C PRO A 527 -42.65 19.42 -2.75
N LYS A 528 -42.00 20.56 -2.50
CA LYS A 528 -40.79 20.64 -1.71
C LYS A 528 -41.17 21.15 -0.32
N LYS A 529 -41.25 20.22 0.64
CA LYS A 529 -41.60 20.55 2.02
C LYS A 529 -40.39 21.19 2.70
N SER A 530 -40.33 22.51 2.64
CA SER A 530 -39.22 23.27 3.18
C SER A 530 -39.63 23.97 4.47
N THR A 531 -38.65 24.18 5.35
CA THR A 531 -38.88 24.78 6.66
C THR A 531 -37.91 25.93 6.88
N ASN A 532 -37.92 26.46 8.10
CA ASN A 532 -37.17 27.65 8.45
C ASN A 532 -35.69 27.29 8.65
N LEU A 533 -34.84 28.31 8.60
CA LEU A 533 -33.42 28.18 8.85
C LEU A 533 -33.02 28.80 10.18
N VAL A 534 -31.79 28.52 10.61
CA VAL A 534 -31.31 28.90 11.93
C VAL A 534 -29.94 29.57 11.78
N LYS A 535 -29.70 30.57 12.64
CA LYS A 535 -28.46 31.33 12.64
C LYS A 535 -27.55 30.93 13.79
N ASN A 536 -26.26 30.79 13.48
CA ASN A 536 -25.19 30.76 14.48
C ASN A 536 -25.26 29.50 15.35
N LYS A 537 -25.67 28.38 14.78
CA LYS A 537 -25.68 27.12 15.50
C LYS A 537 -25.44 26.00 14.51
N CYS A 538 -24.61 25.02 14.89
CA CYS A 538 -24.29 23.93 13.98
C CYS A 538 -25.54 23.17 13.59
N VAL A 539 -25.92 23.28 12.33
CA VAL A 539 -27.14 22.67 11.80
C VAL A 539 -26.74 21.68 10.72
N ASN A 540 -27.43 20.55 10.70
CA ASN A 540 -27.38 19.61 9.59
C ASN A 540 -28.48 19.98 8.62
N PHE A 541 -28.12 20.63 7.52
CA PHE A 541 -29.09 21.14 6.57
C PHE A 541 -28.88 20.54 5.19
N ASN A 542 -29.95 20.02 4.61
CA ASN A 542 -29.98 19.50 3.25
C ASN A 542 -30.51 20.60 2.35
N PHE A 543 -29.61 21.40 1.80
CA PHE A 543 -29.95 22.69 1.23
C PHE A 543 -30.24 22.47 -0.25
N ASN A 544 -31.52 22.37 -0.60
CA ASN A 544 -32.05 22.13 -1.95
C ASN A 544 -31.12 21.28 -2.80
N GLY A 545 -30.65 20.17 -2.25
CA GLY A 545 -29.70 19.31 -2.93
C GLY A 545 -28.28 19.41 -2.43
N LEU A 546 -27.95 20.39 -1.60
CA LEU A 546 -26.65 20.48 -0.95
C LEU A 546 -26.81 19.98 0.48
N THR A 547 -26.27 18.81 0.77
CA THR A 547 -26.40 18.18 2.08
C THR A 547 -25.08 18.39 2.82
N GLY A 548 -24.95 19.55 3.45
CA GLY A 548 -23.78 19.84 4.26
C GLY A 548 -24.18 20.17 5.68
N THR A 549 -23.19 20.18 6.56
CA THR A 549 -23.40 20.51 7.96
C THR A 549 -22.47 21.65 8.36
N GLY A 550 -23.00 22.58 9.13
CA GLY A 550 -22.16 23.69 9.59
C GLY A 550 -23.00 24.74 10.28
N VAL A 551 -22.31 25.81 10.68
CA VAL A 551 -22.96 26.99 11.24
C VAL A 551 -23.17 27.99 10.12
N LEU A 552 -24.35 28.59 10.11
CA LEU A 552 -24.74 29.57 9.10
C LEU A 552 -24.69 30.96 9.72
N THR A 553 -24.03 31.89 9.04
CA THR A 553 -23.91 33.25 9.52
C THR A 553 -24.32 34.21 8.41
N GLU A 554 -24.60 35.44 8.80
CA GLU A 554 -24.89 36.48 7.81
C GLU A 554 -23.62 36.80 7.04
N SER A 555 -23.59 36.44 5.76
CA SER A 555 -22.38 36.64 4.96
C SER A 555 -22.38 38.04 4.37
N ASN A 556 -21.21 38.47 3.91
CA ASN A 556 -21.03 39.78 3.31
C ASN A 556 -20.57 39.72 1.86
N LYS A 557 -20.23 38.55 1.35
CA LYS A 557 -19.95 38.38 -0.07
C LYS A 557 -21.20 38.69 -0.89
N LYS A 558 -21.01 38.85 -2.20
CA LYS A 558 -22.07 39.30 -3.09
C LYS A 558 -22.20 38.37 -4.30
N PHE A 559 -23.25 37.56 -4.31
CA PHE A 559 -23.60 36.72 -5.46
C PHE A 559 -24.21 37.57 -6.57
N LEU A 560 -24.76 36.88 -7.56
CA LEU A 560 -25.57 37.42 -8.64
C LEU A 560 -26.92 36.72 -8.59
N PRO A 561 -27.98 37.38 -9.10
CA PRO A 561 -29.33 36.83 -8.92
C PRO A 561 -29.59 35.51 -9.63
N PHE A 562 -28.62 34.97 -10.35
CA PHE A 562 -28.79 33.71 -11.07
C PHE A 562 -27.92 32.60 -10.49
N GLN A 563 -27.11 32.92 -9.48
CA GLN A 563 -25.95 32.12 -9.12
C GLN A 563 -26.19 31.50 -7.75
N GLN A 564 -26.17 30.16 -7.68
CA GLN A 564 -26.79 29.46 -6.56
C GLN A 564 -25.91 29.47 -5.31
N PHE A 565 -24.78 28.78 -5.36
CA PHE A 565 -23.98 28.59 -4.16
C PHE A 565 -22.52 28.84 -4.48
N GLY A 566 -21.76 29.25 -3.47
CA GLY A 566 -20.39 29.67 -3.64
C GLY A 566 -19.39 28.63 -3.15
N ARG A 567 -18.15 28.82 -3.58
CA ARG A 567 -17.02 28.02 -3.12
C ARG A 567 -15.75 28.81 -3.39
N ASP A 568 -14.68 28.43 -2.68
CA ASP A 568 -13.41 29.13 -2.84
C ASP A 568 -12.32 28.23 -3.43
N ILE A 569 -11.99 27.12 -2.78
CA ILE A 569 -10.93 26.23 -3.25
C ILE A 569 -11.29 24.79 -2.92
N ALA A 570 -11.45 23.96 -3.96
CA ALA A 570 -11.59 22.52 -3.81
C ALA A 570 -12.81 22.15 -2.97
N ASP A 571 -13.99 22.47 -3.52
CA ASP A 571 -15.30 22.01 -3.06
C ASP A 571 -15.75 22.68 -1.77
N THR A 572 -15.03 23.66 -1.25
CA THR A 572 -15.45 24.29 -0.01
C THR A 572 -16.66 25.18 -0.22
N THR A 573 -17.86 24.62 -0.06
CA THR A 573 -19.07 25.42 -0.21
C THR A 573 -19.22 26.33 1.01
N ASP A 574 -18.91 27.61 0.83
CA ASP A 574 -18.87 28.57 1.93
C ASP A 574 -20.09 29.47 1.99
N ALA A 575 -20.48 30.08 0.88
CA ALA A 575 -21.63 30.96 0.85
C ALA A 575 -22.75 30.32 0.05
N VAL A 576 -23.96 30.38 0.60
CA VAL A 576 -25.14 29.77 0.00
C VAL A 576 -26.30 30.76 0.05
N ARG A 577 -27.09 30.79 -1.02
CA ARG A 577 -28.27 31.65 -1.10
C ARG A 577 -29.52 30.78 -0.97
N ASP A 578 -30.34 31.08 0.02
CA ASP A 578 -31.50 30.25 0.29
C ASP A 578 -32.61 30.55 -0.70
N PRO A 579 -33.29 29.53 -1.22
CA PRO A 579 -34.28 29.75 -2.29
C PRO A 579 -35.47 30.60 -1.91
N GLN A 580 -36.20 30.22 -0.86
CA GLN A 580 -37.52 30.79 -0.65
C GLN A 580 -37.44 32.15 0.04
N THR A 581 -36.24 32.69 0.19
CA THR A 581 -36.10 34.02 0.77
C THR A 581 -35.14 34.93 0.02
N LEU A 582 -34.19 34.40 -0.75
CA LEU A 582 -33.18 35.18 -1.44
C LEU A 582 -32.33 35.98 -0.44
N GLU A 583 -31.71 35.22 0.48
CA GLU A 583 -30.78 35.77 1.45
C GLU A 583 -29.44 35.05 1.26
N ILE A 584 -28.36 35.72 1.65
CA ILE A 584 -27.01 35.20 1.51
C ILE A 584 -26.54 34.71 2.88
N LEU A 585 -25.84 33.58 2.90
CA LEU A 585 -25.39 32.96 4.12
C LEU A 585 -23.95 32.46 3.95
N ASP A 586 -23.24 32.39 5.06
CA ASP A 586 -21.86 31.88 5.09
C ASP A 586 -21.83 30.60 5.91
N ILE A 587 -21.14 29.59 5.38
CA ILE A 587 -21.02 28.28 6.00
C ILE A 587 -19.67 28.19 6.70
N THR A 588 -19.67 27.76 7.96
CA THR A 588 -18.43 27.51 8.67
C THR A 588 -18.55 26.17 9.37
N PRO A 589 -17.57 25.27 9.23
CA PRO A 589 -17.64 24.01 9.95
C PRO A 589 -17.56 24.27 11.44
N CYS A 590 -18.55 23.76 12.18
CA CYS A 590 -18.59 24.04 13.61
C CYS A 590 -17.42 23.35 14.30
N SER A 591 -17.00 23.94 15.41
CA SER A 591 -15.71 23.66 16.05
C SER A 591 -15.45 22.17 16.22
N PHE A 592 -14.18 21.80 16.21
CA PHE A 592 -13.74 20.42 16.35
C PHE A 592 -12.28 20.42 16.74
N GLY A 593 -11.71 19.24 16.86
CA GLY A 593 -10.27 19.13 16.98
C GLY A 593 -9.87 17.99 17.86
N GLY A 594 -8.56 17.77 17.93
CA GLY A 594 -8.03 16.78 18.84
C GLY A 594 -8.04 17.30 20.26
N VAL A 595 -8.20 16.38 21.20
CA VAL A 595 -8.06 16.69 22.62
C VAL A 595 -6.77 16.10 23.10
N SER A 596 -6.03 16.85 23.91
CA SER A 596 -4.73 16.41 24.40
C SER A 596 -4.71 16.49 25.91
N VAL A 597 -3.74 15.81 26.52
CA VAL A 597 -3.63 15.79 27.96
C VAL A 597 -2.25 16.30 28.37
N ILE A 598 -2.20 16.90 29.55
CA ILE A 598 -0.96 17.25 30.22
C ILE A 598 -0.86 16.32 31.42
N THR A 599 0.17 15.48 31.43
CA THR A 599 0.26 14.43 32.42
C THR A 599 1.68 14.33 32.95
N PRO A 600 1.87 14.39 34.27
CA PRO A 600 3.21 14.36 34.85
C PRO A 600 3.75 12.98 35.16
N GLY A 601 3.02 11.91 34.83
CA GLY A 601 3.48 10.58 35.14
C GLY A 601 2.77 10.00 36.34
N THR A 602 2.26 8.77 36.22
CA THR A 602 1.41 8.20 37.25
C THR A 602 2.14 8.12 38.59
N ASN A 603 3.38 7.63 38.56
CA ASN A 603 4.12 7.46 39.81
C ASN A 603 4.55 8.77 40.42
N THR A 604 4.28 9.90 39.79
CA THR A 604 4.52 11.22 40.38
C THR A 604 3.25 11.82 40.96
N SER A 605 2.21 11.96 40.16
CA SER A 605 0.96 12.53 40.64
C SER A 605 -0.20 12.20 39.73
N ASN A 606 -1.36 11.89 40.31
CA ASN A 606 -2.54 11.53 39.54
C ASN A 606 -3.05 12.69 38.68
N GLN A 607 -2.88 13.93 39.16
CA GLN A 607 -3.50 15.08 38.51
C GLN A 607 -3.08 15.21 37.05
N VAL A 608 -4.04 15.55 36.20
CA VAL A 608 -3.81 15.77 34.79
C VAL A 608 -4.60 16.99 34.35
N ALA A 609 -4.35 17.44 33.13
CA ALA A 609 -5.08 18.55 32.54
C ALA A 609 -5.44 18.21 31.10
N VAL A 610 -6.39 18.95 30.54
CA VAL A 610 -6.88 18.69 29.19
C VAL A 610 -6.80 19.97 28.38
N LEU A 611 -6.28 19.85 27.16
CA LEU A 611 -6.18 20.94 26.19
C LEU A 611 -7.09 20.63 25.02
N TYR A 612 -8.08 21.48 24.79
CA TYR A 612 -8.90 21.42 23.59
C TYR A 612 -8.30 22.36 22.56
N GLN A 613 -7.83 21.81 21.45
CA GLN A 613 -7.16 22.63 20.45
C GLN A 613 -8.12 23.62 19.82
N ASP A 614 -7.60 24.82 19.51
CA ASP A 614 -8.27 25.91 18.81
C ASP A 614 -9.77 26.01 19.10
N VAL A 615 -10.13 26.16 20.37
CA VAL A 615 -11.52 26.35 20.75
C VAL A 615 -11.61 27.56 21.67
N ASN A 616 -12.43 28.53 21.28
CA ASN A 616 -12.66 29.71 22.10
C ASN A 616 -13.75 29.32 23.08
N CYS A 617 -13.37 28.56 24.10
CA CYS A 617 -14.31 27.71 24.82
C CYS A 617 -15.15 28.45 25.85
N THR A 618 -16.19 29.14 25.39
CA THR A 618 -17.29 29.43 26.28
C THR A 618 -18.08 28.17 26.60
N GLU A 619 -17.83 27.10 25.87
CA GLU A 619 -18.53 25.84 26.02
C GLU A 619 -17.53 24.70 26.15
N VAL A 620 -17.97 23.60 26.76
CA VAL A 620 -17.16 22.41 26.90
C VAL A 620 -16.72 21.88 25.55
N SER A 640 -13.76 24.04 36.17
CA SER A 640 -12.63 24.46 36.98
C SER A 640 -12.01 25.74 36.44
N ASN A 641 -10.71 25.92 36.70
CA ASN A 641 -10.00 27.06 36.17
C ASN A 641 -9.95 27.00 34.65
N VAL A 642 -9.97 28.17 34.02
CA VAL A 642 -9.97 28.28 32.57
C VAL A 642 -8.74 29.06 32.13
N PHE A 643 -7.98 28.47 31.21
CA PHE A 643 -6.88 29.15 30.55
C PHE A 643 -7.10 29.10 29.05
N GLN A 644 -7.09 30.27 28.41
CA GLN A 644 -7.25 30.38 26.97
C GLN A 644 -5.94 30.85 26.38
N THR A 645 -5.37 30.04 25.49
CA THR A 645 -4.13 30.37 24.80
C THR A 645 -4.39 30.35 23.30
N ARG A 646 -3.34 30.64 22.54
CA ARG A 646 -3.44 30.61 21.08
C ARG A 646 -3.27 29.21 20.53
N ALA A 647 -3.03 28.22 21.39
CA ALA A 647 -2.92 26.82 20.99
C ALA A 647 -4.13 26.03 21.44
N GLY A 648 -5.26 26.68 21.66
CA GLY A 648 -6.40 26.03 22.27
C GLY A 648 -6.46 26.30 23.75
N CYS A 649 -7.68 26.24 24.30
CA CYS A 649 -7.88 26.63 25.69
C CYS A 649 -7.61 25.45 26.61
N LEU A 650 -6.94 25.75 27.72
CA LEU A 650 -6.51 24.74 28.69
C LEU A 650 -7.48 24.69 29.86
N ILE A 651 -7.82 23.49 30.29
CA ILE A 651 -8.74 23.27 31.38
C ILE A 651 -8.11 22.32 32.39
N GLY A 652 -8.10 22.70 33.65
CA GLY A 652 -7.53 21.91 34.72
C GLY A 652 -6.16 22.35 35.17
N ALA A 653 -5.53 23.26 34.44
CA ALA A 653 -4.18 23.71 34.77
C ALA A 653 -4.23 25.09 35.40
N GLU A 654 -3.30 25.32 36.33
CA GLU A 654 -3.24 26.59 37.03
C GLU A 654 -2.51 27.64 36.18
N HIS A 655 -2.93 28.89 36.31
CA HIS A 655 -2.24 30.02 35.71
C HIS A 655 -1.21 30.60 36.68
N VAL A 656 -0.02 30.89 36.16
CA VAL A 656 1.02 31.55 36.91
C VAL A 656 1.54 32.72 36.08
N ASN A 657 1.98 33.77 36.77
CA ASN A 657 2.69 34.87 36.11
C ASN A 657 4.14 34.54 35.83
N ASN A 658 4.90 34.26 36.88
CA ASN A 658 6.34 34.14 36.74
C ASN A 658 6.71 32.94 35.85
N SER A 659 7.92 33.00 35.30
CA SER A 659 8.36 32.10 34.25
C SER A 659 9.36 31.09 34.78
N TYR A 660 9.59 30.05 33.98
CA TYR A 660 10.62 29.06 34.27
C TYR A 660 11.14 28.49 32.96
N GLU A 661 12.14 27.62 33.08
CA GLU A 661 12.57 26.76 31.98
C GLU A 661 11.67 25.53 32.00
N CYS A 662 10.62 25.55 31.18
CA CYS A 662 9.57 24.57 31.38
C CYS A 662 9.91 23.22 30.76
N ASP A 663 9.05 22.25 31.03
CA ASP A 663 9.28 20.85 30.71
C ASP A 663 8.33 20.31 29.65
N ILE A 664 7.04 20.56 29.81
CA ILE A 664 6.02 20.02 28.90
C ILE A 664 5.57 21.16 27.98
N PRO A 665 5.91 21.12 26.69
CA PRO A 665 5.50 22.19 25.78
C PRO A 665 4.06 22.01 25.35
N ILE A 666 3.38 23.14 25.12
CA ILE A 666 1.98 23.12 24.72
C ILE A 666 1.81 23.89 23.43
N GLY A 667 2.23 25.15 23.42
CA GLY A 667 2.13 25.95 22.21
C GLY A 667 2.30 27.43 22.44
N ALA A 668 2.67 28.16 21.39
CA ALA A 668 2.77 29.61 21.39
C ALA A 668 3.55 30.13 22.60
N GLY A 669 4.56 29.38 23.03
CA GLY A 669 5.33 29.81 24.18
C GLY A 669 4.61 29.64 25.48
N ILE A 670 3.53 28.87 25.50
CA ILE A 670 2.81 28.52 26.73
C ILE A 670 3.04 27.04 26.98
N CYS A 671 3.39 26.71 28.21
CA CYS A 671 3.95 25.39 28.49
C CYS A 671 3.97 25.06 29.98
N ALA A 672 3.51 23.87 30.33
CA ALA A 672 3.31 23.49 31.73
C ALA A 672 4.56 22.89 32.37
N VAL A 687 4.52 20.79 36.56
CA VAL A 687 3.87 20.57 37.85
C VAL A 687 4.80 20.94 38.99
N ALA A 688 4.25 21.61 40.00
CA ALA A 688 5.00 21.97 41.19
C ALA A 688 4.03 22.24 42.33
N SER A 689 4.37 21.79 43.54
CA SER A 689 3.52 21.94 44.72
C SER A 689 2.15 21.29 44.48
N GLN A 690 2.20 20.00 44.15
CA GLN A 690 1.03 19.13 43.94
C GLN A 690 -0.08 19.80 43.12
N SER A 691 0.33 20.52 42.08
CA SER A 691 -0.65 21.14 41.20
C SER A 691 -0.02 21.40 39.83
N ILE A 692 -0.82 21.22 38.78
CA ILE A 692 -0.38 21.48 37.41
C ILE A 692 -0.54 22.97 37.14
N ILE A 693 0.54 23.59 36.67
CA ILE A 693 0.53 25.02 36.37
C ILE A 693 0.94 25.23 34.92
N ALA A 694 0.49 26.34 34.36
CA ALA A 694 0.83 26.74 33.01
C ALA A 694 1.23 28.21 33.02
N TYR A 695 2.13 28.57 32.11
CA TYR A 695 2.75 29.87 32.14
C TYR A 695 3.51 30.10 30.84
N THR A 696 4.16 31.26 30.76
CA THR A 696 5.05 31.57 29.65
C THR A 696 6.44 31.06 29.97
N MET A 697 7.03 30.32 29.04
CA MET A 697 8.39 29.84 29.24
C MET A 697 9.36 31.02 29.27
N SER A 698 10.37 30.92 30.13
CA SER A 698 11.39 31.94 30.17
C SER A 698 12.46 31.65 29.12
N LEU A 699 13.31 32.65 28.90
CA LEU A 699 14.38 32.52 27.92
C LEU A 699 15.71 32.18 28.55
N GLY A 700 15.83 32.35 29.86
CA GLY A 700 17.09 32.15 30.53
C GLY A 700 17.34 33.30 31.49
N ALA A 701 18.37 33.14 32.31
CA ALA A 701 18.70 34.18 33.28
C ALA A 701 19.12 35.44 32.54
N GLU A 702 18.25 36.43 32.49
CA GLU A 702 18.53 37.64 31.73
C GLU A 702 19.58 38.47 32.46
N ASN A 703 20.63 38.85 31.74
CA ASN A 703 21.70 39.65 32.31
C ASN A 703 22.39 40.42 31.21
N SER A 704 23.09 41.48 31.61
CA SER A 704 23.84 42.31 30.68
C SER A 704 25.32 42.23 31.02
N VAL A 705 26.14 42.41 30.01
CA VAL A 705 27.59 42.36 30.18
C VAL A 705 28.11 43.77 30.39
N ALA A 706 29.08 43.89 31.30
CA ALA A 706 29.67 45.19 31.63
C ALA A 706 30.67 45.54 30.55
N TYR A 707 30.17 46.01 29.42
CA TYR A 707 31.00 46.34 28.27
C TYR A 707 31.58 47.74 28.44
N SER A 708 32.81 47.90 27.95
CA SER A 708 33.42 49.21 27.88
C SER A 708 34.48 49.17 26.81
N ASN A 709 34.89 50.35 26.37
CA ASN A 709 35.92 50.54 25.36
C ASN A 709 37.33 50.61 25.92
N ASN A 710 37.52 50.32 27.21
CA ASN A 710 38.87 50.09 27.69
C ASN A 710 38.98 48.99 28.74
N SER A 711 38.03 48.05 28.80
CA SER A 711 37.99 47.04 29.86
C SER A 711 38.00 45.65 29.26
N ILE A 712 38.87 44.79 29.80
CA ILE A 712 38.97 43.39 29.39
C ILE A 712 38.74 42.50 30.60
N ALA A 713 38.01 41.42 30.38
CA ALA A 713 37.74 40.43 31.42
C ALA A 713 38.51 39.17 31.10
N ILE A 714 39.47 38.83 31.94
CA ILE A 714 40.37 37.71 31.71
C ILE A 714 40.11 36.65 32.78
N PRO A 715 40.03 35.38 32.43
CA PRO A 715 39.85 34.34 33.45
C PRO A 715 41.12 34.15 34.26
N THR A 716 40.95 33.62 35.46
CA THR A 716 42.07 33.24 36.31
C THR A 716 42.04 31.79 36.72
N ASN A 717 41.00 31.05 36.37
CA ASN A 717 40.89 29.65 36.73
C ASN A 717 40.21 28.87 35.62
N PHE A 718 40.30 27.55 35.73
CA PHE A 718 39.71 26.66 34.76
C PHE A 718 39.02 25.51 35.46
N THR A 719 37.97 25.00 34.85
CA THR A 719 37.32 23.77 35.25
C THR A 719 37.41 22.82 34.07
N ILE A 720 37.94 21.63 34.30
CA ILE A 720 37.98 20.60 33.28
C ILE A 720 36.75 19.74 33.49
N SER A 721 35.83 19.80 32.54
CA SER A 721 34.56 19.12 32.66
C SER A 721 34.50 17.98 31.66
N VAL A 722 33.64 17.00 31.92
CA VAL A 722 33.41 15.90 31.01
C VAL A 722 31.92 15.84 30.71
N THR A 723 31.59 15.76 29.43
CA THR A 723 30.20 15.82 28.98
C THR A 723 29.90 14.62 28.10
N THR A 724 28.83 13.90 28.43
CA THR A 724 28.46 12.77 27.60
C THR A 724 27.63 13.24 26.41
N GLU A 725 27.59 12.40 25.38
CA GLU A 725 26.76 12.68 24.22
C GLU A 725 26.48 11.37 23.50
N ILE A 726 25.21 11.07 23.25
CA ILE A 726 24.76 9.74 22.85
C ILE A 726 24.23 9.80 21.43
N LEU A 727 24.68 8.88 20.57
CA LEU A 727 24.18 8.84 19.19
C LEU A 727 23.87 7.40 18.77
N PRO A 728 22.71 7.16 18.17
CA PRO A 728 22.44 5.86 17.58
C PRO A 728 23.28 5.66 16.34
N VAL A 729 23.59 4.39 16.04
CA VAL A 729 24.38 4.09 14.86
C VAL A 729 23.74 2.99 14.04
N SER A 730 22.79 2.26 14.61
CA SER A 730 22.24 1.12 13.89
C SER A 730 20.86 0.79 14.41
N MET A 731 20.03 0.26 13.52
CA MET A 731 18.71 -0.25 13.85
C MET A 731 18.76 -1.77 13.90
N THR A 732 17.71 -2.36 14.45
CA THR A 732 17.61 -3.81 14.49
C THR A 732 17.44 -4.35 13.07
N LYS A 733 18.27 -5.31 12.70
CA LYS A 733 18.28 -5.84 11.34
C LYS A 733 17.09 -6.75 11.09
N THR A 734 15.94 -6.19 10.73
CA THR A 734 14.74 -6.98 10.57
C THR A 734 14.61 -7.53 9.15
N SER A 735 13.71 -8.49 8.99
CA SER A 735 13.46 -9.11 7.70
C SER A 735 12.10 -9.81 7.73
N VAL A 736 11.28 -9.58 6.71
CA VAL A 736 9.99 -10.23 6.61
C VAL A 736 9.92 -10.99 5.30
N ASP A 737 9.01 -11.97 5.23
CA ASP A 737 8.90 -12.87 4.09
C ASP A 737 7.52 -12.74 3.47
N CYS A 738 7.49 -12.39 2.19
CA CYS A 738 6.27 -12.40 1.39
C CYS A 738 5.40 -13.63 1.54
N THR A 739 5.90 -14.76 1.07
CA THR A 739 5.03 -15.88 0.77
C THR A 739 4.39 -16.44 2.03
N MET A 740 4.99 -16.21 3.19
CA MET A 740 4.41 -16.77 4.39
C MET A 740 3.58 -15.72 5.13
N TYR A 741 4.05 -14.47 5.19
CA TYR A 741 3.25 -13.44 5.83
C TYR A 741 1.94 -13.23 5.10
N ILE A 742 2.01 -12.97 3.79
CA ILE A 742 0.81 -12.63 3.06
C ILE A 742 -0.13 -13.82 3.01
N CYS A 743 0.41 -15.02 2.93
CA CYS A 743 -0.37 -16.21 2.62
C CYS A 743 -0.47 -17.17 3.79
N GLY A 744 0.66 -17.73 4.21
CA GLY A 744 0.72 -18.64 5.33
C GLY A 744 0.53 -20.07 4.87
N ASP A 745 1.62 -20.80 4.68
CA ASP A 745 1.61 -22.25 4.42
C ASP A 745 0.45 -22.70 3.53
N SER A 746 0.12 -21.87 2.53
CA SER A 746 -1.06 -22.14 1.71
C SER A 746 -0.68 -22.02 0.24
N THR A 747 -0.91 -23.11 -0.50
CA THR A 747 -0.61 -23.09 -1.93
C THR A 747 -1.56 -22.20 -2.71
N GLU A 748 -2.85 -22.23 -2.37
CA GLU A 748 -3.82 -21.41 -3.09
C GLU A 748 -3.44 -19.95 -3.04
N CYS A 749 -3.21 -19.42 -1.85
CA CYS A 749 -2.95 -17.99 -1.72
C CYS A 749 -1.67 -17.60 -2.43
N SER A 750 -0.65 -18.47 -2.40
CA SER A 750 0.56 -18.20 -3.17
C SER A 750 0.25 -18.11 -4.65
N ASN A 751 -0.62 -19.00 -5.13
CA ASN A 751 -1.03 -18.92 -6.54
C ASN A 751 -1.64 -17.57 -6.86
N LEU A 752 -2.62 -17.13 -6.06
CA LEU A 752 -3.23 -15.83 -6.34
C LEU A 752 -2.24 -14.68 -6.15
N LEU A 753 -1.26 -14.85 -5.27
CA LEU A 753 -0.26 -13.80 -5.09
C LEU A 753 0.63 -13.68 -6.32
N LEU A 754 0.90 -14.79 -6.99
CA LEU A 754 1.78 -14.73 -8.15
C LEU A 754 1.23 -13.84 -9.27
N GLN A 755 -0.07 -13.56 -9.29
CA GLN A 755 -0.58 -12.62 -10.27
C GLN A 755 -0.04 -11.22 -10.04
N TYR A 756 0.04 -10.78 -8.79
CA TYR A 756 0.44 -9.40 -8.52
C TYR A 756 1.86 -9.10 -8.95
N GLY A 757 2.68 -10.10 -9.21
CA GLY A 757 3.95 -9.87 -9.86
C GLY A 757 5.16 -9.99 -8.98
N SER A 758 6.14 -9.11 -9.21
CA SER A 758 7.39 -9.10 -8.45
C SER A 758 7.38 -8.01 -7.39
N PHE A 759 6.22 -7.75 -6.78
CA PHE A 759 6.15 -6.74 -5.74
C PHE A 759 7.06 -7.09 -4.57
N CYS A 760 7.05 -8.34 -4.16
CA CYS A 760 7.72 -8.65 -2.92
C CYS A 760 9.12 -9.22 -3.11
N THR A 761 9.51 -9.56 -4.33
CA THR A 761 10.93 -9.58 -4.62
C THR A 761 11.52 -8.18 -4.41
N GLN A 762 10.81 -7.16 -4.89
CA GLN A 762 11.17 -5.77 -4.63
C GLN A 762 11.25 -5.50 -3.13
N LEU A 763 10.23 -5.93 -2.39
CA LEU A 763 10.18 -5.64 -0.95
C LEU A 763 11.32 -6.31 -0.21
N ASN A 764 11.56 -7.59 -0.51
CA ASN A 764 12.66 -8.30 0.13
C ASN A 764 13.99 -7.67 -0.24
N ARG A 765 14.14 -7.20 -1.48
CA ARG A 765 15.37 -6.51 -1.87
C ARG A 765 15.58 -5.25 -1.07
N ALA A 766 14.53 -4.46 -0.86
CA ALA A 766 14.68 -3.22 -0.10
C ALA A 766 15.06 -3.48 1.36
N LEU A 767 14.37 -4.43 1.98
CA LEU A 767 14.70 -4.73 3.38
C LEU A 767 16.10 -5.30 3.51
N THR A 768 16.53 -6.14 2.56
CA THR A 768 17.91 -6.58 2.55
C THR A 768 18.86 -5.41 2.38
N GLY A 769 18.48 -4.45 1.54
CA GLY A 769 19.34 -3.30 1.31
C GLY A 769 19.59 -2.48 2.55
N ILE A 770 18.61 -2.35 3.42
CA ILE A 770 18.88 -1.62 4.66
C ILE A 770 19.55 -2.51 5.71
N ALA A 771 19.18 -3.79 5.76
CA ALA A 771 19.77 -4.68 6.75
C ALA A 771 21.25 -4.89 6.51
N VAL A 772 21.71 -4.79 5.26
CA VAL A 772 23.14 -4.87 4.99
C VAL A 772 23.80 -3.50 5.12
N GLU A 773 23.04 -2.42 5.04
CA GLU A 773 23.61 -1.10 5.32
C GLU A 773 23.94 -0.93 6.79
N GLN A 774 23.17 -1.55 7.68
CA GLN A 774 23.42 -1.35 9.11
C GLN A 774 24.79 -1.88 9.54
N ASP A 775 25.18 -3.05 9.02
CA ASP A 775 26.50 -3.57 9.30
C ASP A 775 27.57 -2.60 8.86
N LYS A 776 27.39 -1.97 7.70
CA LYS A 776 28.36 -0.99 7.21
C LYS A 776 28.36 0.25 8.09
N ASN A 777 27.19 0.64 8.61
CA ASN A 777 27.14 1.74 9.57
C ASN A 777 28.04 1.48 10.75
N THR A 778 27.89 0.32 11.38
CA THR A 778 28.71 0.00 12.53
C THR A 778 30.19 -0.09 12.14
N GLN A 779 30.49 -0.72 11.02
CA GLN A 779 31.89 -0.87 10.60
C GLN A 779 32.53 0.49 10.35
N GLU A 780 31.79 1.43 9.78
CA GLU A 780 32.31 2.76 9.51
C GLU A 780 32.46 3.59 10.77
N VAL A 781 31.55 3.46 11.73
CA VAL A 781 31.69 4.20 12.98
C VAL A 781 32.91 3.72 13.74
N PHE A 782 33.06 2.40 13.88
CA PHE A 782 34.03 1.88 14.85
C PHE A 782 35.37 1.53 14.21
N ALA A 783 35.36 0.78 13.10
CA ALA A 783 36.58 0.20 12.56
C ALA A 783 37.42 1.28 11.87
N GLN A 784 38.07 2.11 12.68
CA GLN A 784 39.03 3.06 12.17
C GLN A 784 40.44 2.81 12.70
N VAL A 785 40.59 1.94 13.69
CA VAL A 785 41.91 1.52 14.15
C VAL A 785 42.44 0.45 13.20
N LYS A 786 43.61 0.69 12.61
CA LYS A 786 44.19 -0.28 11.69
C LYS A 786 44.48 -1.59 12.41
N GLN A 787 45.22 -1.51 13.51
CA GLN A 787 45.55 -2.67 14.32
C GLN A 787 45.12 -2.43 15.75
N ILE A 788 44.51 -3.44 16.35
CA ILE A 788 43.96 -3.35 17.70
C ILE A 788 45.11 -3.12 18.67
N TYR A 789 45.08 -2.00 19.37
CA TYR A 789 46.11 -1.73 20.36
C TYR A 789 45.78 -2.44 21.66
N LYS A 790 46.56 -2.16 22.69
CA LYS A 790 46.33 -2.77 23.98
C LYS A 790 46.94 -1.87 25.06
N THR A 791 46.18 -1.68 26.13
CA THR A 791 46.64 -0.82 27.22
C THR A 791 47.87 -1.42 27.89
N PRO A 792 48.80 -0.58 28.36
CA PRO A 792 49.92 -1.11 29.14
C PRO A 792 49.44 -1.62 30.47
N PRO A 793 50.10 -2.64 31.04
CA PRO A 793 49.66 -3.15 32.35
C PRO A 793 49.77 -2.13 33.46
N ILE A 794 50.73 -1.21 33.39
CA ILE A 794 50.93 -0.22 34.44
C ILE A 794 50.15 1.04 34.09
N LYS A 795 49.37 1.53 35.04
CA LYS A 795 48.51 2.71 34.86
C LYS A 795 48.99 3.80 35.81
N ASP A 796 49.93 4.63 35.33
CA ASP A 796 50.56 5.69 36.08
C ASP A 796 50.53 7.00 35.27
N PHE A 797 49.35 7.32 34.74
CA PHE A 797 49.18 8.38 33.76
C PHE A 797 49.30 9.73 34.43
N GLY A 798 50.51 10.02 34.93
CA GLY A 798 50.86 11.32 35.47
C GLY A 798 49.90 11.88 36.51
N GLY A 799 49.01 11.04 37.04
CA GLY A 799 48.02 11.46 38.01
C GLY A 799 46.60 11.09 37.62
N PHE A 800 46.29 11.08 36.33
CA PHE A 800 44.96 10.74 35.88
C PHE A 800 44.66 9.26 36.16
N ASN A 801 43.39 8.97 36.41
CA ASN A 801 42.93 7.62 36.75
C ASN A 801 41.89 7.15 35.73
N PHE A 802 42.34 6.39 34.73
CA PHE A 802 41.46 5.86 33.70
C PHE A 802 41.11 4.40 33.92
N SER A 803 41.37 3.87 35.11
CA SER A 803 40.92 2.51 35.39
C SER A 803 39.41 2.42 35.47
N GLN A 804 38.70 3.52 35.25
CA GLN A 804 37.25 3.55 35.28
C GLN A 804 36.62 3.29 33.91
N ILE A 805 37.38 3.45 32.82
CA ILE A 805 36.81 3.30 31.49
C ILE A 805 37.62 2.29 30.69
N LEU A 806 38.85 2.05 31.12
CA LEU A 806 39.67 1.01 30.51
C LEU A 806 39.06 -0.35 30.82
N PRO A 807 39.27 -1.34 29.97
CA PRO A 807 38.60 -2.63 30.18
C PRO A 807 39.10 -3.32 31.44
N ASP A 808 38.22 -4.13 32.02
CA ASP A 808 38.51 -4.91 33.22
C ASP A 808 38.32 -6.39 32.93
N PRO A 809 39.12 -7.27 33.54
CA PRO A 809 39.04 -8.70 33.21
C PRO A 809 37.74 -9.37 33.62
N SER A 810 36.96 -8.77 34.52
CA SER A 810 35.80 -9.45 35.07
C SER A 810 34.76 -9.74 33.99
N LYS A 811 34.50 -8.76 33.13
CA LYS A 811 33.47 -8.92 32.10
C LYS A 811 33.89 -8.32 30.77
N ARG A 815 34.55 -5.82 28.64
CA ARG A 815 33.94 -4.50 28.57
C ARG A 815 34.49 -3.59 29.66
N SER A 816 33.78 -2.50 29.94
CA SER A 816 34.20 -1.53 30.93
C SER A 816 32.97 -1.09 31.73
N PHE A 817 33.22 -0.48 32.89
CA PHE A 817 32.15 -0.27 33.86
C PHE A 817 31.05 0.63 33.29
N ILE A 818 31.44 1.78 32.77
CA ILE A 818 30.45 2.72 32.25
C ILE A 818 29.63 2.07 31.15
N GLU A 819 30.28 1.26 30.31
CA GLU A 819 29.54 0.52 29.29
C GLU A 819 28.54 -0.43 29.92
N ASP A 820 28.88 -1.03 31.07
CA ASP A 820 27.95 -1.91 31.76
C ASP A 820 26.74 -1.14 32.26
N LEU A 821 26.95 0.05 32.83
CA LEU A 821 25.80 0.86 33.23
C LEU A 821 24.93 1.22 32.03
N LEU A 822 25.55 1.55 30.90
CA LEU A 822 24.76 1.78 29.69
C LEU A 822 23.93 0.56 29.33
N PHE A 823 24.54 -0.61 29.35
CA PHE A 823 23.83 -1.83 28.97
C PHE A 823 22.63 -2.06 29.89
N ASN A 824 22.85 -1.89 31.19
CA ASN A 824 21.76 -2.10 32.14
C ASN A 824 20.72 -1.00 32.09
N LYS A 825 21.04 0.16 31.50
CA LYS A 825 20.13 1.30 31.50
C LYS A 825 19.19 1.32 30.29
N VAL A 826 19.34 0.40 29.36
CA VAL A 826 18.46 0.32 28.20
C VAL A 826 17.50 -0.85 28.41
N THR A 827 16.30 -0.72 27.86
CA THR A 827 15.23 -1.68 28.12
C THR A 827 14.76 -2.27 26.79
N LEU A 828 15.71 -2.74 26.00
CA LEU A 828 15.41 -3.52 24.80
C LEU A 828 14.66 -4.80 25.16
N GLN A 853 7.88 -9.89 17.52
CA GLN A 853 9.22 -10.48 17.53
C GLN A 853 9.41 -11.38 16.32
N LYS A 854 9.65 -12.67 16.54
CA LYS A 854 9.81 -13.63 15.45
C LYS A 854 8.80 -14.73 15.72
N PHE A 855 7.60 -14.57 15.17
CA PHE A 855 6.55 -15.57 15.33
C PHE A 855 6.11 -16.09 13.99
N ASN A 856 5.89 -15.19 13.02
CA ASN A 856 5.38 -15.59 11.71
C ASN A 856 5.94 -14.63 10.65
N GLY A 857 7.03 -15.04 10.02
CA GLY A 857 7.61 -14.30 8.92
C GLY A 857 8.53 -13.17 9.31
N LEU A 858 8.26 -12.48 10.41
CA LEU A 858 9.15 -11.42 10.86
C LEU A 858 10.30 -12.03 11.64
N THR A 859 11.51 -11.55 11.36
CA THR A 859 12.70 -12.13 11.95
C THR A 859 13.70 -11.00 12.16
N VAL A 860 14.60 -11.20 13.12
CA VAL A 860 15.67 -10.25 13.38
C VAL A 860 16.99 -11.00 13.20
N LEU A 861 17.73 -10.64 12.16
CA LEU A 861 19.04 -11.22 11.95
C LEU A 861 20.00 -10.67 13.00
N PRO A 862 20.87 -11.50 13.56
CA PRO A 862 21.86 -10.97 14.49
C PRO A 862 22.82 -10.05 13.77
N PRO A 863 23.30 -9.01 14.44
CA PRO A 863 24.19 -8.06 13.78
C PRO A 863 25.53 -8.71 13.44
N LEU A 864 26.26 -8.07 12.54
CA LEU A 864 27.55 -8.61 12.11
C LEU A 864 28.61 -8.52 13.19
N LEU A 865 28.49 -7.59 14.13
CA LEU A 865 29.48 -7.39 15.19
C LEU A 865 28.82 -7.64 16.54
N THR A 866 29.29 -8.65 17.25
CA THR A 866 28.81 -8.90 18.59
C THR A 866 29.35 -7.84 19.54
N ASP A 867 28.62 -7.61 20.64
CA ASP A 867 28.93 -6.51 21.54
C ASP A 867 30.34 -6.58 22.09
N GLU A 868 30.83 -7.79 22.38
CA GLU A 868 32.21 -7.91 22.86
C GLU A 868 33.20 -7.47 21.79
N MET A 869 32.92 -7.80 20.53
CA MET A 869 33.81 -7.41 19.47
C MET A 869 33.87 -5.89 19.32
N ILE A 870 32.72 -5.22 19.45
CA ILE A 870 32.72 -3.76 19.43
C ILE A 870 33.45 -3.21 20.64
N ALA A 871 33.31 -3.86 21.79
CA ALA A 871 34.02 -3.43 22.99
C ALA A 871 35.52 -3.50 22.77
N GLN A 872 35.99 -4.48 22.01
CA GLN A 872 37.41 -4.52 21.67
C GLN A 872 37.82 -3.31 20.86
N TYR A 873 36.99 -2.89 19.90
CA TYR A 873 37.29 -1.70 19.11
C TYR A 873 37.38 -0.46 20.00
N THR A 874 36.41 -0.29 20.90
CA THR A 874 36.46 0.88 21.76
C THR A 874 37.64 0.83 22.72
N SER A 875 38.00 -0.37 23.19
CA SER A 875 39.19 -0.50 24.02
C SER A 875 40.44 -0.09 23.26
N ALA A 876 40.56 -0.51 22.00
CA ALA A 876 41.69 -0.09 21.20
C ALA A 876 41.70 1.42 21.00
N LEU A 877 40.53 1.99 20.69
CA LEU A 877 40.45 3.42 20.44
C LEU A 877 40.87 4.23 21.66
N LEU A 878 40.33 3.88 22.83
CA LEU A 878 40.65 4.66 24.02
C LEU A 878 41.89 4.16 24.73
N ALA A 879 42.57 3.15 24.20
CA ALA A 879 43.90 2.80 24.68
C ALA A 879 44.99 3.25 23.72
N GLY A 880 44.62 3.75 22.56
CA GLY A 880 45.60 4.37 21.67
C GLY A 880 45.63 5.87 21.86
N THR A 881 44.47 6.47 22.06
CA THR A 881 44.40 7.91 22.28
C THR A 881 44.97 8.32 23.63
N ILE A 882 45.27 7.36 24.49
CA ILE A 882 45.95 7.64 25.74
C ILE A 882 47.45 7.72 25.55
N THR A 883 48.06 6.63 25.08
CA THR A 883 49.50 6.57 24.95
C THR A 883 50.03 7.33 23.75
N SER A 884 49.28 7.36 22.65
CA SER A 884 49.81 7.91 21.41
C SER A 884 49.22 9.25 21.03
N GLY A 885 48.11 9.66 21.63
CA GLY A 885 47.47 10.89 21.18
C GLY A 885 46.77 10.68 19.85
N TRP A 886 46.93 11.66 18.96
CA TRP A 886 46.37 11.56 17.63
C TRP A 886 47.29 10.89 16.63
N THR A 887 48.56 10.70 16.97
CA THR A 887 49.51 10.25 15.95
C THR A 887 49.18 8.86 15.45
N PHE A 888 48.53 8.04 16.27
CA PHE A 888 48.18 6.71 15.79
C PHE A 888 47.08 6.76 14.75
N GLY A 889 46.30 7.83 14.71
CA GLY A 889 45.31 8.01 13.67
C GLY A 889 45.86 8.42 12.34
N ALA A 890 47.15 8.74 12.26
CA ALA A 890 47.77 9.13 11.00
C ALA A 890 48.80 8.10 10.54
N GLY A 891 49.81 7.81 11.36
CA GLY A 891 50.78 6.80 11.02
C GLY A 891 50.77 5.67 12.03
N ALA A 892 51.92 5.08 12.28
CA ALA A 892 52.02 4.11 13.36
C ALA A 892 52.01 4.84 14.70
N ALA A 893 51.53 4.14 15.73
CA ALA A 893 51.41 4.77 17.04
C ALA A 893 52.79 5.14 17.58
N LEU A 894 52.88 6.33 18.16
CA LEU A 894 54.12 6.86 18.71
C LEU A 894 53.87 7.13 20.19
N GLN A 895 54.37 6.26 21.06
CA GLN A 895 54.12 6.41 22.49
C GLN A 895 54.66 7.74 22.98
N ILE A 896 53.89 8.38 23.86
CA ILE A 896 54.25 9.68 24.40
C ILE A 896 53.67 9.76 25.81
N PRO A 897 54.41 10.23 26.80
CA PRO A 897 53.86 10.27 28.16
C PRO A 897 52.62 11.15 28.20
N PHE A 898 51.60 10.67 28.93
CA PHE A 898 50.30 11.31 28.88
C PHE A 898 50.33 12.74 29.39
N ALA A 899 51.26 13.04 30.30
CA ALA A 899 51.42 14.41 30.75
C ALA A 899 51.77 15.32 29.59
N MET A 900 52.70 14.89 28.74
CA MET A 900 53.06 15.70 27.58
C MET A 900 51.91 15.80 26.59
N GLN A 901 51.11 14.73 26.46
CA GLN A 901 49.91 14.81 25.65
C GLN A 901 48.98 15.92 26.11
N MET A 902 48.59 15.90 27.38
CA MET A 902 47.67 16.94 27.83
C MET A 902 48.32 18.31 27.79
N ALA A 903 49.64 18.36 28.00
CA ALA A 903 50.33 19.65 27.94
C ALA A 903 50.22 20.25 26.55
N TYR A 904 50.53 19.47 25.52
CA TYR A 904 50.47 20.07 24.20
C TYR A 904 49.04 20.30 23.77
N ARG A 905 48.08 19.48 24.25
CA ARG A 905 46.70 19.75 23.89
C ARG A 905 46.21 21.04 24.53
N PHE A 906 46.70 21.36 25.72
CA PHE A 906 46.51 22.70 26.25
C PHE A 906 47.11 23.74 25.31
N ASN A 907 48.34 23.51 24.88
CA ASN A 907 48.99 24.46 24.00
C ASN A 907 48.16 24.71 22.76
N GLY A 908 47.45 23.68 22.28
CA GLY A 908 46.70 23.80 21.05
C GLY A 908 45.41 24.59 21.16
N ILE A 909 44.99 24.92 22.39
CA ILE A 909 43.74 25.66 22.59
C ILE A 909 43.97 27.09 23.03
N GLY A 910 45.19 27.60 22.93
CA GLY A 910 45.46 28.99 23.22
C GLY A 910 46.04 29.27 24.59
N VAL A 911 46.38 28.25 25.35
CA VAL A 911 47.01 28.41 26.67
C VAL A 911 48.37 27.74 26.63
N THR A 912 49.40 28.47 27.05
CA THR A 912 50.75 27.95 26.98
C THR A 912 50.90 26.71 27.85
N GLN A 913 51.93 25.92 27.54
CA GLN A 913 52.11 24.62 28.19
C GLN A 913 52.26 24.78 29.69
N ASN A 914 53.05 25.76 30.11
CA ASN A 914 53.40 25.92 31.52
C ASN A 914 52.21 25.90 32.45
N VAL A 915 51.02 26.29 31.97
CA VAL A 915 49.84 26.32 32.84
C VAL A 915 49.50 24.94 33.35
N LEU A 916 49.57 23.91 32.50
CA LEU A 916 49.34 22.55 32.98
C LEU A 916 50.41 22.12 33.95
N TYR A 917 51.67 22.27 33.55
CA TYR A 917 52.76 21.73 34.34
C TYR A 917 52.79 22.36 35.74
N GLU A 918 52.45 23.64 35.84
CA GLU A 918 52.34 24.26 37.16
C GLU A 918 51.21 23.63 37.96
N ASN A 919 50.07 23.39 37.32
CA ASN A 919 48.84 23.01 38.01
C ASN A 919 48.41 21.59 37.66
N GLN A 920 49.36 20.66 37.60
CA GLN A 920 49.03 19.31 37.14
C GLN A 920 48.14 18.58 38.13
N LYS A 921 48.51 18.60 39.42
CA LYS A 921 47.75 17.84 40.41
C LYS A 921 46.31 18.32 40.48
N LEU A 922 46.10 19.63 40.40
CA LEU A 922 44.75 20.17 40.36
C LEU A 922 43.98 19.63 39.16
N ILE A 923 44.64 19.57 38.00
CA ILE A 923 43.99 19.06 36.79
C ILE A 923 43.58 17.61 36.99
N ALA A 924 44.48 16.80 37.53
CA ALA A 924 44.17 15.39 37.75
C ALA A 924 43.00 15.25 38.71
N ASN A 925 42.99 16.02 39.80
CA ASN A 925 41.90 15.93 40.75
C ASN A 925 40.58 16.29 40.08
N GLN A 926 40.57 17.38 39.32
CA GLN A 926 39.33 17.80 38.67
C GLN A 926 38.84 16.75 37.69
N PHE A 927 39.77 16.14 36.94
CA PHE A 927 39.36 15.17 35.94
C PHE A 927 38.77 13.92 36.59
N ASN A 928 39.44 13.39 37.61
CA ASN A 928 38.92 12.21 38.29
C ASN A 928 37.57 12.52 38.92
N SER A 929 37.43 13.70 39.53
CA SER A 929 36.15 14.07 40.11
C SER A 929 35.06 14.13 39.05
N ALA A 930 35.37 14.67 37.88
CA ALA A 930 34.37 14.75 36.81
C ALA A 930 33.92 13.37 36.38
N ILE A 931 34.87 12.45 36.21
CA ILE A 931 34.51 11.08 35.82
C ILE A 931 33.63 10.46 36.88
N GLY A 932 33.95 10.69 38.16
CA GLY A 932 33.12 10.16 39.23
C GLY A 932 31.71 10.69 39.20
N LYS A 933 31.56 11.99 38.96
CA LYS A 933 30.21 12.55 38.88
C LYS A 933 29.44 11.94 37.72
N ILE A 934 30.09 11.74 36.58
CA ILE A 934 29.38 11.16 35.44
C ILE A 934 28.93 9.74 35.75
N GLN A 935 29.81 8.95 36.36
CA GLN A 935 29.41 7.58 36.70
C GLN A 935 28.26 7.57 37.70
N ASP A 936 28.31 8.44 38.70
CA ASP A 936 27.23 8.49 39.68
C ASP A 936 25.92 8.92 39.05
N SER A 937 25.95 9.89 38.13
CA SER A 937 24.73 10.29 37.44
C SER A 937 24.18 9.17 36.58
N LEU A 938 25.06 8.45 35.89
CA LEU A 938 24.61 7.35 35.05
C LEU A 938 23.97 6.25 35.87
N SER A 939 24.54 5.95 37.05
CA SER A 939 24.02 4.84 37.86
C SER A 939 22.59 5.10 38.30
N SER A 940 22.29 6.31 38.76
CA SER A 940 21.00 6.62 39.34
C SER A 940 20.04 7.33 38.39
N THR A 941 20.49 8.40 37.72
CA THR A 941 19.63 9.17 36.84
C THR A 941 19.51 8.45 35.51
N ALA A 942 18.38 7.82 35.27
CA ALA A 942 18.08 7.19 33.99
C ALA A 942 17.60 8.27 33.02
N SER A 943 17.05 7.84 31.89
CA SER A 943 16.45 8.71 30.88
C SER A 943 17.47 9.63 30.22
N ALA A 944 18.76 9.47 30.52
CA ALA A 944 19.77 10.16 29.73
C ALA A 944 19.93 9.52 28.37
N LEU A 945 19.45 8.28 28.21
CA LEU A 945 19.57 7.53 26.98
C LEU A 945 18.29 7.54 26.16
N GLY A 946 17.57 8.67 26.17
CA GLY A 946 16.31 8.73 25.44
C GLY A 946 16.51 8.59 23.94
N LYS A 947 17.54 9.25 23.39
CA LYS A 947 17.82 9.16 21.97
C LYS A 947 18.08 7.72 21.56
N LEU A 948 18.91 7.03 22.34
CA LEU A 948 19.27 5.66 22.03
C LEU A 948 18.14 4.68 22.27
N GLN A 949 17.20 5.00 23.15
CA GLN A 949 16.05 4.17 23.41
C GLN A 949 14.95 4.38 22.38
N ASP A 950 14.88 5.57 21.78
CA ASP A 950 13.73 5.91 20.97
C ASP A 950 13.73 5.18 19.64
N VAL A 951 14.91 4.86 19.10
CA VAL A 951 14.93 4.08 17.85
C VAL A 951 14.41 2.67 18.09
N VAL A 952 14.82 2.05 19.19
CA VAL A 952 14.29 0.73 19.53
C VAL A 952 12.79 0.81 19.75
N ASN A 953 12.34 1.87 20.43
CA ASN A 953 10.91 2.05 20.67
C ASN A 953 10.16 2.13 19.34
N GLN A 954 10.67 2.92 18.40
CA GLN A 954 10.00 3.06 17.12
C GLN A 954 9.95 1.75 16.37
N ASN A 955 11.06 1.01 16.36
CA ASN A 955 11.09 -0.23 15.59
C ASN A 955 10.14 -1.27 16.20
N ALA A 956 10.12 -1.36 17.53
CA ALA A 956 9.16 -2.26 18.17
C ALA A 956 7.73 -1.84 17.87
N GLN A 957 7.46 -0.53 17.85
CA GLN A 957 6.11 -0.07 17.53
C GLN A 957 5.73 -0.45 16.11
N ALA A 958 6.66 -0.29 15.17
CA ALA A 958 6.37 -0.61 13.77
C ALA A 958 6.09 -2.10 13.60
N LEU A 959 6.94 -2.95 14.17
CA LEU A 959 6.70 -4.38 14.07
C LEU A 959 5.41 -4.78 14.79
N ASN A 960 5.11 -4.13 15.91
CA ASN A 960 3.90 -4.44 16.64
C ASN A 960 2.68 -4.14 15.80
N THR A 961 2.64 -2.96 15.17
CA THR A 961 1.48 -2.64 14.35
C THR A 961 1.42 -3.52 13.11
N LEU A 962 2.57 -3.87 12.54
CA LEU A 962 2.57 -4.75 11.38
C LEU A 962 1.96 -6.11 11.73
N VAL A 963 2.38 -6.68 12.86
CA VAL A 963 1.83 -7.96 13.28
C VAL A 963 0.35 -7.83 13.59
N LYS A 964 -0.02 -6.77 14.30
CA LYS A 964 -1.42 -6.61 14.72
C LYS A 964 -2.33 -6.41 13.51
N GLN A 965 -1.78 -5.97 12.39
CA GLN A 965 -2.59 -5.85 11.18
C GLN A 965 -3.07 -7.20 10.66
N LEU A 966 -2.52 -8.31 11.14
CA LEU A 966 -2.96 -9.61 10.65
C LEU A 966 -4.36 -9.96 11.10
N SER A 967 -4.79 -9.48 12.27
CA SER A 967 -6.11 -9.80 12.80
C SER A 967 -7.21 -9.00 12.14
N SER A 968 -6.93 -8.38 11.01
CA SER A 968 -7.83 -7.44 10.36
C SER A 968 -8.56 -8.06 9.19
N ASN A 969 -9.87 -7.82 9.11
CA ASN A 969 -10.69 -8.42 8.06
C ASN A 969 -10.47 -7.80 6.71
N PHE A 970 -10.32 -6.47 6.63
CA PHE A 970 -10.05 -5.76 5.37
C PHE A 970 -11.14 -5.99 4.34
N GLY A 971 -12.40 -6.08 4.78
CA GLY A 971 -13.49 -6.31 3.86
C GLY A 971 -13.73 -7.76 3.49
N ALA A 972 -13.08 -8.68 4.18
CA ALA A 972 -13.28 -10.11 3.95
C ALA A 972 -14.16 -10.69 5.05
N ILE A 973 -14.58 -11.94 4.83
CA ILE A 973 -15.50 -12.57 5.77
C ILE A 973 -14.80 -12.90 7.08
N SER A 974 -13.54 -13.34 7.04
CA SER A 974 -12.81 -13.64 8.26
C SER A 974 -11.34 -13.40 8.05
N SER A 975 -10.67 -12.94 9.12
CA SER A 975 -9.29 -12.49 9.02
C SER A 975 -8.32 -13.62 8.68
N VAL A 976 -8.48 -14.80 9.27
CA VAL A 976 -7.55 -15.90 9.07
C VAL A 976 -7.88 -16.58 7.76
N LEU A 977 -6.85 -16.80 6.94
CA LEU A 977 -7.07 -17.19 5.55
C LEU A 977 -7.55 -18.64 5.44
N ASN A 978 -7.01 -19.52 6.27
CA ASN A 978 -7.41 -20.92 6.19
C ASN A 978 -8.91 -21.10 6.47
N ASP A 979 -9.48 -20.26 7.32
CA ASP A 979 -10.91 -20.27 7.59
C ASP A 979 -11.68 -20.06 6.29
N ILE A 980 -11.48 -18.90 5.65
CA ILE A 980 -12.22 -18.56 4.45
C ILE A 980 -11.91 -19.52 3.32
N LEU A 981 -10.73 -20.12 3.30
CA LEU A 981 -10.42 -21.11 2.27
C LEU A 981 -11.06 -22.45 2.57
N SER A 982 -11.40 -22.71 3.83
CA SER A 982 -12.05 -23.96 4.20
C SER A 982 -13.57 -23.89 4.10
N ARG A 983 -14.16 -22.71 4.22
CA ARG A 983 -15.62 -22.58 4.16
C ARG A 983 -16.09 -22.00 2.84
N LEU A 984 -15.25 -22.01 1.81
CA LEU A 984 -15.67 -21.51 0.51
C LEU A 984 -15.11 -22.38 -0.61
N ASP A 985 -15.82 -22.39 -1.72
CA ASP A 985 -15.30 -22.97 -2.95
C ASP A 985 -14.22 -22.08 -3.52
N PRO A 986 -13.36 -22.61 -4.38
CA PRO A 986 -12.29 -21.80 -4.98
C PRO A 986 -12.81 -20.56 -5.69
N PRO A 987 -13.93 -20.61 -6.42
CA PRO A 987 -14.36 -19.41 -7.16
C PRO A 987 -14.62 -18.17 -6.31
N GLU A 988 -15.15 -18.30 -5.10
CA GLU A 988 -15.40 -17.14 -4.25
C GLU A 988 -14.33 -16.95 -3.17
N ALA A 989 -13.73 -18.05 -2.71
CA ALA A 989 -12.54 -17.91 -1.88
C ALA A 989 -11.47 -17.15 -2.64
N GLU A 990 -11.48 -17.22 -3.97
CA GLU A 990 -10.52 -16.44 -4.74
C GLU A 990 -10.77 -14.95 -4.53
N VAL A 991 -12.02 -14.51 -4.53
CA VAL A 991 -12.32 -13.10 -4.30
C VAL A 991 -11.94 -12.69 -2.89
N GLN A 992 -12.33 -13.50 -1.91
CA GLN A 992 -12.02 -13.14 -0.52
C GLN A 992 -10.52 -13.05 -0.29
N ILE A 993 -9.78 -14.07 -0.74
CA ILE A 993 -8.33 -14.06 -0.61
C ILE A 993 -7.73 -12.91 -1.40
N ASP A 994 -8.33 -12.55 -2.53
CA ASP A 994 -7.80 -11.43 -3.30
C ASP A 994 -7.90 -10.14 -2.51
N ARG A 995 -9.04 -9.90 -1.86
CA ARG A 995 -9.16 -8.70 -1.05
C ARG A 995 -8.17 -8.72 0.11
N LEU A 996 -8.03 -9.87 0.76
CA LEU A 996 -7.07 -9.99 1.85
C LEU A 996 -5.65 -9.69 1.39
N ILE A 997 -5.25 -10.28 0.26
CA ILE A 997 -3.90 -10.07 -0.23
C ILE A 997 -3.67 -8.62 -0.60
N THR A 998 -4.65 -8.00 -1.26
CA THR A 998 -4.52 -6.59 -1.62
C THR A 998 -4.25 -5.75 -0.38
N GLY A 999 -5.06 -5.95 0.66
CA GLY A 999 -4.88 -5.14 1.86
C GLY A 999 -3.57 -5.42 2.58
N ARG A 1000 -3.22 -6.69 2.74
CA ARG A 1000 -1.99 -7.03 3.45
C ARG A 1000 -0.77 -6.53 2.71
N LEU A 1001 -0.78 -6.62 1.38
CA LEU A 1001 0.30 -6.04 0.59
C LEU A 1001 0.38 -4.54 0.80
N GLN A 1002 -0.76 -3.86 0.82
CA GLN A 1002 -0.76 -2.43 1.11
C GLN A 1002 -0.07 -2.15 2.45
N SER A 1003 -0.47 -2.88 3.49
CA SER A 1003 0.09 -2.62 4.82
C SER A 1003 1.58 -2.89 4.87
N LEU A 1004 2.02 -4.00 4.27
CA LEU A 1004 3.43 -4.35 4.35
C LEU A 1004 4.27 -3.36 3.55
N GLN A 1005 3.73 -2.88 2.42
CA GLN A 1005 4.41 -1.84 1.67
C GLN A 1005 4.56 -0.57 2.49
N THR A 1006 3.51 -0.20 3.22
CA THR A 1006 3.61 0.97 4.09
C THR A 1006 4.71 0.80 5.12
N TYR A 1007 4.77 -0.39 5.73
CA TYR A 1007 5.83 -0.64 6.70
C TYR A 1007 7.20 -0.51 6.07
N VAL A 1008 7.38 -1.06 4.86
CA VAL A 1008 8.68 -1.00 4.22
C VAL A 1008 9.09 0.43 3.93
N THR A 1009 8.16 1.25 3.45
CA THR A 1009 8.51 2.65 3.17
C THR A 1009 8.90 3.38 4.44
N GLN A 1010 8.16 3.17 5.53
CA GLN A 1010 8.51 3.85 6.76
C GLN A 1010 9.87 3.38 7.27
N GLN A 1011 10.17 2.09 7.13
CA GLN A 1011 11.49 1.60 7.51
C GLN A 1011 12.58 2.23 6.66
N LEU A 1012 12.32 2.42 5.37
CA LEU A 1012 13.32 3.05 4.51
C LEU A 1012 13.64 4.45 4.99
N ILE A 1013 12.61 5.24 5.28
CA ILE A 1013 12.86 6.61 5.72
C ILE A 1013 13.58 6.63 7.07
N ARG A 1014 13.17 5.76 7.99
CA ARG A 1014 13.86 5.71 9.27
C ARG A 1014 15.30 5.29 9.11
N ALA A 1015 15.58 4.37 8.18
CA ALA A 1015 16.96 3.96 7.95
C ALA A 1015 17.78 5.08 7.36
N ALA A 1016 17.19 5.91 6.49
CA ALA A 1016 17.92 7.07 5.98
C ALA A 1016 18.26 8.04 7.11
N GLU A 1017 17.31 8.25 8.03
CA GLU A 1017 17.59 9.13 9.16
C GLU A 1017 18.72 8.57 10.03
N ILE A 1018 18.68 7.26 10.30
CA ILE A 1018 19.73 6.64 11.10
C ILE A 1018 21.06 6.68 10.37
N ARG A 1019 21.04 6.57 9.04
CA ARG A 1019 22.27 6.76 8.29
C ARG A 1019 22.86 8.14 8.51
N ALA A 1020 22.02 9.17 8.48
CA ALA A 1020 22.53 10.51 8.75
C ALA A 1020 23.14 10.59 10.14
N SER A 1021 22.45 10.03 11.14
CA SER A 1021 22.95 10.09 12.50
C SER A 1021 24.25 9.32 12.67
N ALA A 1022 24.35 8.13 12.09
CA ALA A 1022 25.55 7.32 12.24
C ALA A 1022 26.71 7.90 11.46
N ASN A 1023 26.45 8.52 10.32
CA ASN A 1023 27.50 9.22 9.60
C ASN A 1023 28.03 10.38 10.43
N LEU A 1024 27.13 11.12 11.09
CA LEU A 1024 27.58 12.18 11.99
C LEU A 1024 28.42 11.61 13.13
N ALA A 1025 28.00 10.47 13.67
CA ALA A 1025 28.77 9.85 14.75
C ALA A 1025 30.14 9.42 14.27
N ALA A 1026 30.23 8.90 13.05
CA ALA A 1026 31.52 8.51 12.50
C ALA A 1026 32.42 9.72 12.32
N THR A 1027 31.86 10.82 11.81
CA THR A 1027 32.64 12.05 11.69
C THR A 1027 33.15 12.49 13.05
N LYS A 1028 32.30 12.42 14.07
CA LYS A 1028 32.72 12.80 15.41
C LYS A 1028 33.82 11.88 15.93
N MET A 1029 33.68 10.58 15.72
CA MET A 1029 34.70 9.64 16.19
C MET A 1029 36.04 9.89 15.52
N SER A 1030 36.03 10.29 14.25
CA SER A 1030 37.29 10.60 13.58
C SER A 1030 37.86 11.92 14.04
N GLU A 1031 37.01 12.93 14.25
CA GLU A 1031 37.45 14.30 14.39
C GLU A 1031 37.63 14.76 15.82
N CYS A 1032 37.17 14.00 16.81
CA CYS A 1032 37.35 14.39 18.19
C CYS A 1032 38.01 13.31 19.03
N VAL A 1033 37.96 12.07 18.59
CA VAL A 1033 38.65 11.00 19.31
C VAL A 1033 40.03 10.80 18.71
N LEU A 1034 40.08 10.65 17.39
CA LEU A 1034 41.34 10.43 16.69
C LEU A 1034 42.22 11.67 16.64
N GLY A 1035 41.72 12.82 17.05
CA GLY A 1035 42.49 14.03 17.02
C GLY A 1035 41.90 15.08 17.92
N GLN A 1036 42.23 16.33 17.64
CA GLN A 1036 41.70 17.46 18.37
C GLN A 1036 40.83 18.31 17.45
N SER A 1037 39.73 18.82 17.99
CA SER A 1037 38.75 19.58 17.21
C SER A 1037 38.95 21.06 17.47
N LYS A 1038 39.24 21.81 16.42
CA LYS A 1038 39.30 23.25 16.48
C LYS A 1038 37.99 23.92 16.10
N ARG A 1039 36.95 23.13 15.80
CA ARG A 1039 35.67 23.70 15.40
C ARG A 1039 34.81 23.86 16.65
N VAL A 1040 34.56 25.11 17.04
CA VAL A 1040 33.97 25.39 18.34
C VAL A 1040 32.56 24.78 18.42
N ASP A 1041 32.20 24.32 19.61
CA ASP A 1041 30.94 23.64 19.86
C ASP A 1041 30.71 22.59 18.79
N PHE A 1042 31.60 21.60 18.78
CA PHE A 1042 31.40 20.35 18.06
C PHE A 1042 31.33 19.19 19.05
N CYS A 1043 32.37 19.02 19.83
CA CYS A 1043 32.44 17.99 20.85
C CYS A 1043 32.66 18.68 22.20
N GLY A 1044 31.59 18.73 22.99
CA GLY A 1044 31.65 19.29 24.32
C GLY A 1044 31.55 20.80 24.37
N LYS A 1045 30.85 21.32 25.36
CA LYS A 1045 30.81 22.76 25.58
C LYS A 1045 32.20 23.29 25.88
N GLY A 1046 32.46 24.51 25.45
CA GLY A 1046 33.73 25.12 25.75
C GLY A 1046 34.83 24.60 24.85
N TYR A 1047 36.04 25.04 25.14
CA TYR A 1047 37.20 24.56 24.40
C TYR A 1047 37.36 23.07 24.60
N HIS A 1048 37.66 22.36 23.52
CA HIS A 1048 37.73 20.92 23.54
C HIS A 1048 39.15 20.45 23.78
N LEU A 1049 39.29 19.39 24.57
CA LEU A 1049 40.58 18.83 24.91
C LEU A 1049 40.79 17.44 24.34
N MET A 1050 39.85 16.52 24.58
CA MET A 1050 39.94 15.18 24.00
C MET A 1050 38.62 14.48 24.21
N SER A 1051 38.58 13.19 23.87
CA SER A 1051 37.34 12.44 24.02
C SER A 1051 37.63 10.97 24.20
N PHE A 1052 36.65 10.27 24.76
CA PHE A 1052 36.72 8.82 24.91
C PHE A 1052 35.42 8.21 24.39
N PRO A 1053 35.47 7.34 23.39
CA PRO A 1053 34.28 6.60 22.99
C PRO A 1053 33.95 5.52 23.99
N GLN A 1054 32.66 5.17 24.03
CA GLN A 1054 32.18 4.05 24.83
C GLN A 1054 31.05 3.39 24.07
N SER A 1055 31.13 2.08 23.93
CA SER A 1055 30.12 1.34 23.20
C SER A 1055 28.79 1.42 23.92
N ALA A 1056 27.74 1.17 23.17
CA ALA A 1056 26.37 1.19 23.70
C ALA A 1056 25.63 0.04 23.07
N PRO A 1057 24.48 -0.35 23.63
CA PRO A 1057 23.73 -1.47 23.06
C PRO A 1057 23.51 -1.33 21.56
N HIS A 1058 22.94 -0.21 21.12
CA HIS A 1058 22.76 0.04 19.70
C HIS A 1058 23.19 1.46 19.36
N GLY A 1059 24.37 1.87 19.84
CA GLY A 1059 24.83 3.21 19.57
C GLY A 1059 26.22 3.42 20.13
N VAL A 1060 26.60 4.68 20.26
CA VAL A 1060 27.89 5.04 20.83
C VAL A 1060 27.72 6.28 21.68
N VAL A 1061 28.40 6.34 22.82
CA VAL A 1061 28.38 7.52 23.67
C VAL A 1061 29.80 8.06 23.77
N PHE A 1062 29.94 9.36 23.63
CA PHE A 1062 31.22 10.02 23.79
C PHE A 1062 31.28 10.68 25.16
N LEU A 1063 32.45 10.59 25.78
CA LEU A 1063 32.81 11.43 26.91
C LEU A 1063 33.76 12.48 26.39
N HIS A 1064 33.26 13.70 26.23
CA HIS A 1064 34.06 14.83 25.77
C HIS A 1064 34.72 15.49 26.96
N VAL A 1065 36.03 15.43 27.03
CA VAL A 1065 36.80 16.08 28.08
C VAL A 1065 37.15 17.46 27.56
N THR A 1066 36.59 18.49 28.20
CA THR A 1066 36.67 19.86 27.73
C THR A 1066 37.20 20.77 28.82
N TYR A 1067 37.66 21.94 28.40
CA TYR A 1067 38.29 22.94 29.24
C TYR A 1067 37.40 24.18 29.24
N VAL A 1068 37.06 24.70 30.43
CA VAL A 1068 36.13 25.81 30.55
C VAL A 1068 36.69 26.85 31.51
N PRO A 1069 36.91 28.09 31.09
CA PRO A 1069 37.43 29.10 32.00
C PRO A 1069 36.40 29.56 33.02
N ALA A 1070 36.90 30.14 34.10
CA ALA A 1070 36.05 30.63 35.19
C ALA A 1070 36.88 31.50 36.12
N GLN A 1071 36.19 32.19 37.02
CA GLN A 1071 36.78 33.14 37.95
C GLN A 1071 37.54 34.23 37.20
N GLU A 1072 36.78 35.01 36.43
CA GLU A 1072 37.32 36.08 35.62
C GLU A 1072 37.65 37.29 36.47
N LYS A 1073 38.19 38.32 35.82
CA LYS A 1073 38.50 39.56 36.50
C LYS A 1073 38.61 40.71 35.50
N ASN A 1074 38.22 41.89 35.97
CA ASN A 1074 38.30 43.15 35.23
C ASN A 1074 39.73 43.66 35.18
N PHE A 1075 40.12 44.23 34.04
CA PHE A 1075 41.35 45.00 33.97
C PHE A 1075 41.20 46.06 32.88
N THR A 1076 42.03 47.10 32.95
CA THR A 1076 41.99 48.16 31.96
C THR A 1076 42.98 47.87 30.84
N THR A 1077 42.50 47.86 29.61
CA THR A 1077 43.32 47.42 28.49
C THR A 1077 43.51 48.52 27.47
N ALA A 1078 44.61 48.41 26.72
CA ALA A 1078 44.94 49.33 25.65
C ALA A 1078 45.48 48.55 24.47
N PRO A 1079 45.00 48.79 23.25
CA PRO A 1079 45.42 47.98 22.11
C PRO A 1079 46.89 48.08 21.80
N ALA A 1080 47.58 49.12 22.25
CA ALA A 1080 49.01 49.26 21.99
C ALA A 1080 49.59 50.19 23.04
N ILE A 1081 50.92 50.31 23.04
CA ILE A 1081 51.59 51.24 23.94
C ILE A 1081 52.61 52.03 23.15
N CYS A 1082 52.64 53.35 23.31
CA CYS A 1082 53.61 54.20 22.63
C CYS A 1082 54.83 54.35 23.53
N HIS A 1083 56.00 54.01 23.01
CA HIS A 1083 57.25 54.17 23.73
C HIS A 1083 58.30 54.70 22.76
N ASP A 1084 59.03 55.72 23.20
CA ASP A 1084 59.85 56.56 22.32
C ASP A 1084 59.13 56.83 20.99
N GLY A 1085 57.89 57.28 21.07
CA GLY A 1085 57.16 57.67 19.89
C GLY A 1085 56.74 56.54 18.98
N LYS A 1086 57.22 55.33 19.21
CA LYS A 1086 56.89 54.20 18.35
C LYS A 1086 55.89 53.29 19.04
N ALA A 1087 54.95 52.76 18.25
CA ALA A 1087 53.90 51.91 18.78
C ALA A 1087 54.42 50.52 19.07
N HIS A 1088 53.80 49.86 20.05
CA HIS A 1088 54.15 48.51 20.43
C HIS A 1088 52.87 47.71 20.59
N PHE A 1089 52.79 46.57 19.92
CA PHE A 1089 51.70 45.61 20.03
C PHE A 1089 52.25 44.30 20.56
N PRO A 1090 51.41 43.43 21.13
CA PRO A 1090 51.90 42.16 21.65
C PRO A 1090 52.00 41.08 20.58
N ARG A 1091 53.04 40.26 20.68
CA ARG A 1091 53.18 39.14 19.75
C ARG A 1091 51.99 38.19 19.86
N GLU A 1092 51.59 37.85 21.08
CA GLU A 1092 50.38 37.07 21.31
C GLU A 1092 49.81 37.53 22.63
N GLY A 1093 48.52 37.27 22.83
CA GLY A 1093 47.90 37.72 24.06
C GLY A 1093 47.63 39.20 24.04
N VAL A 1094 47.24 39.75 25.18
CA VAL A 1094 46.70 41.10 25.24
C VAL A 1094 47.40 41.88 26.36
N PHE A 1095 47.58 43.18 26.12
CA PHE A 1095 47.99 44.09 27.17
C PHE A 1095 46.86 44.29 28.18
N VAL A 1096 47.21 44.31 29.45
CA VAL A 1096 46.27 44.63 30.52
C VAL A 1096 46.97 45.56 31.50
N SER A 1097 46.18 46.13 32.39
CA SER A 1097 46.71 47.01 33.42
C SER A 1097 45.81 46.87 34.64
N ASN A 1098 46.43 46.62 35.78
CA ASN A 1098 45.71 46.59 37.06
C ASN A 1098 45.83 47.94 37.77
N GLY A 1099 45.48 48.99 37.05
CA GLY A 1099 45.49 50.34 37.58
C GLY A 1099 46.77 51.10 37.31
N THR A 1100 47.88 50.63 37.87
CA THR A 1100 49.17 51.30 37.75
C THR A 1100 50.22 50.47 36.99
N HIS A 1101 50.09 49.16 37.00
CA HIS A 1101 51.03 48.28 36.33
C HIS A 1101 50.41 47.70 35.07
N TRP A 1102 51.23 47.61 34.02
CA TRP A 1102 50.82 47.07 32.72
C TRP A 1102 51.57 45.78 32.42
N PHE A 1103 50.82 44.74 32.08
CA PHE A 1103 51.36 43.43 31.80
C PHE A 1103 50.84 42.95 30.45
N VAL A 1104 51.41 41.83 29.98
CA VAL A 1104 50.93 41.12 28.81
C VAL A 1104 50.58 39.71 29.22
N THR A 1105 49.36 39.28 28.89
CA THR A 1105 48.91 37.96 29.31
C THR A 1105 48.21 37.26 28.15
N GLN A 1106 48.35 35.94 28.10
CA GLN A 1106 47.58 35.16 27.14
C GLN A 1106 46.09 35.25 27.46
N ARG A 1107 45.27 35.27 26.43
CA ARG A 1107 43.89 35.70 26.57
C ARG A 1107 43.02 34.72 27.35
N ASN A 1108 43.51 33.52 27.64
CA ASN A 1108 42.68 32.51 28.27
C ASN A 1108 43.18 32.13 29.67
N PHE A 1109 44.17 32.85 30.18
CA PHE A 1109 44.65 32.63 31.53
C PHE A 1109 45.41 33.86 31.97
N TYR A 1110 45.19 34.29 33.21
CA TYR A 1110 45.94 35.41 33.73
C TYR A 1110 47.30 34.92 34.22
N GLU A 1111 48.35 35.40 33.58
CA GLU A 1111 49.73 35.03 33.91
C GLU A 1111 50.59 36.21 33.49
N PRO A 1112 50.77 37.18 34.37
CA PRO A 1112 51.34 38.46 33.95
C PRO A 1112 52.84 38.39 33.72
N GLN A 1113 53.29 39.05 32.66
CA GLN A 1113 54.71 39.18 32.38
C GLN A 1113 55.00 40.64 32.02
N ILE A 1114 56.13 41.15 32.50
CA ILE A 1114 56.46 42.55 32.26
C ILE A 1114 56.67 42.78 30.77
N ILE A 1115 56.51 44.04 30.35
CA ILE A 1115 56.48 44.39 28.93
C ILE A 1115 57.93 44.45 28.45
N THR A 1116 58.42 43.36 27.88
CA THR A 1116 59.77 43.30 27.37
C THR A 1116 59.76 43.43 25.85
N THR A 1117 60.93 43.69 25.29
CA THR A 1117 61.05 43.80 23.84
C THR A 1117 60.94 42.44 23.16
N ASP A 1118 61.10 41.35 23.91
CA ASP A 1118 61.10 40.01 23.36
C ASP A 1118 59.70 39.41 23.26
N ASN A 1119 58.66 40.17 23.59
CA ASN A 1119 57.30 39.69 23.41
C ASN A 1119 56.38 40.78 22.86
N THR A 1120 56.95 41.84 22.31
CA THR A 1120 56.18 42.90 21.67
C THR A 1120 56.85 43.31 20.37
N PHE A 1121 56.05 43.56 19.34
CA PHE A 1121 56.56 44.01 18.05
C PHE A 1121 56.10 45.42 17.77
N VAL A 1122 56.73 46.02 16.76
CA VAL A 1122 56.63 47.45 16.49
C VAL A 1122 56.30 47.68 15.03
N SER A 1123 55.41 48.64 14.76
CA SER A 1123 55.12 49.04 13.39
C SER A 1123 54.51 50.43 13.41
N GLY A 1124 55.25 51.42 12.93
CA GLY A 1124 54.74 52.77 12.81
C GLY A 1124 54.62 53.51 14.13
N ASN A 1125 54.55 54.84 14.06
CA ASN A 1125 54.46 55.67 15.25
C ASN A 1125 53.03 55.63 15.80
N CYS A 1126 52.75 56.40 16.84
CA CYS A 1126 51.50 56.29 17.59
C CYS A 1126 50.58 57.48 17.34
N ASP A 1127 50.49 57.94 16.09
CA ASP A 1127 49.56 59.00 15.76
C ASP A 1127 48.23 58.49 15.23
N VAL A 1128 48.19 57.30 14.64
CA VAL A 1128 47.03 56.79 13.96
C VAL A 1128 46.23 55.82 14.83
N VAL A 1129 46.92 54.98 15.60
CA VAL A 1129 46.24 53.97 16.40
C VAL A 1129 45.55 54.66 17.57
N ILE A 1130 44.23 54.55 17.65
CA ILE A 1130 43.50 55.20 18.72
C ILE A 1130 43.53 54.33 19.97
N GLY A 1131 43.32 54.95 21.13
CA GLY A 1131 43.29 54.24 22.38
C GLY A 1131 44.64 53.89 22.95
N ILE A 1132 45.72 54.11 22.21
CA ILE A 1132 47.04 53.73 22.65
C ILE A 1132 47.43 54.62 23.83
N VAL A 1133 48.23 54.09 24.74
CA VAL A 1133 48.72 54.82 25.90
C VAL A 1133 50.24 54.69 25.94
N ASN A 1134 50.87 55.45 26.83
CA ASN A 1134 52.30 55.27 27.04
C ASN A 1134 52.60 54.49 28.31
N ASN A 1135 53.77 53.88 28.28
CA ASN A 1135 54.38 53.14 29.38
C ASN A 1135 55.85 53.07 28.97
N THR A 1136 56.64 52.25 29.65
CA THR A 1136 57.99 51.97 29.21
C THR A 1136 58.12 50.48 28.87
N VAL A 1137 59.21 50.13 28.21
CA VAL A 1137 59.51 48.75 27.87
C VAL A 1137 60.93 48.46 28.34
N TYR A 1138 61.18 47.24 28.76
CA TYR A 1138 62.50 46.85 29.25
C TYR A 1138 63.10 45.80 28.34
N ASP A 1139 64.29 46.11 27.81
CA ASP A 1139 65.01 45.19 26.95
C ASP A 1139 66.25 44.64 27.63
N PRO A 1140 66.22 43.38 28.09
CA PRO A 1140 67.30 42.82 28.90
C PRO A 1140 68.70 43.00 28.31
N LEU A 1141 68.75 43.30 27.00
CA LEU A 1141 70.02 43.65 26.37
C LEU A 1141 70.67 44.86 27.06
N GLN A 1142 69.86 45.80 27.54
CA GLN A 1142 70.40 47.00 28.16
C GLN A 1142 70.95 46.72 29.56
N PRO A 1143 70.16 46.14 30.49
CA PRO A 1143 70.75 45.81 31.80
C PRO A 1143 71.85 44.78 31.74
N GLU A 1144 71.88 43.91 30.73
CA GLU A 1144 72.99 42.98 30.59
C GLU A 1144 74.28 43.72 30.29
N LEU A 1145 74.23 44.71 29.40
CA LEU A 1145 75.47 45.36 28.97
C LEU A 1145 75.96 46.40 29.96
N ASP A 1146 75.24 46.64 31.04
CA ASP A 1146 75.81 47.30 32.23
C ASP A 1146 75.73 46.35 33.43
N ALA B 27 -18.70 35.06 -46.24
CA ALA B 27 -18.09 36.13 -45.48
C ALA B 27 -17.57 35.62 -44.14
N TYR B 28 -16.25 35.48 -44.03
CA TYR B 28 -15.62 35.00 -42.82
C TYR B 28 -15.12 36.18 -41.99
N THR B 29 -15.31 36.09 -40.68
CA THR B 29 -14.82 37.09 -39.76
C THR B 29 -14.05 36.38 -38.66
N ASN B 30 -13.08 37.07 -38.08
CA ASN B 30 -12.28 36.52 -36.98
C ASN B 30 -12.95 36.90 -35.67
N SER B 31 -13.47 35.91 -34.96
CA SER B 31 -13.91 36.08 -33.58
C SER B 31 -12.66 36.09 -32.71
N PHE B 32 -12.28 37.27 -32.22
CA PHE B 32 -11.00 37.43 -31.55
C PHE B 32 -10.90 36.58 -30.29
N THR B 33 -11.69 36.91 -29.27
CA THR B 33 -11.60 36.16 -28.02
C THR B 33 -12.96 35.95 -27.36
N ARG B 34 -14.06 36.21 -28.07
CA ARG B 34 -15.39 36.09 -27.49
C ARG B 34 -15.88 34.65 -27.59
N GLY B 35 -16.86 34.32 -26.75
CA GLY B 35 -17.38 32.98 -26.67
C GLY B 35 -17.22 32.29 -25.33
N VAL B 36 -17.12 33.04 -24.24
CA VAL B 36 -16.99 32.48 -22.91
C VAL B 36 -18.26 32.79 -22.12
N TYR B 37 -18.68 31.84 -21.29
CA TYR B 37 -19.90 32.02 -20.53
C TYR B 37 -19.70 31.44 -19.14
N TYR B 38 -20.58 31.81 -18.22
CA TYR B 38 -20.48 31.30 -16.86
C TYR B 38 -20.77 29.81 -16.90
N PRO B 39 -19.76 28.95 -16.73
CA PRO B 39 -19.98 27.52 -16.98
C PRO B 39 -21.01 26.89 -16.07
N ASP B 40 -21.10 27.32 -14.81
CA ASP B 40 -22.00 26.71 -13.84
C ASP B 40 -22.67 27.81 -13.03
N LYS B 41 -23.52 27.41 -12.10
CA LYS B 41 -24.20 28.31 -11.19
C LYS B 41 -23.40 28.57 -9.92
N VAL B 42 -22.17 28.07 -9.85
CA VAL B 42 -21.35 28.19 -8.65
C VAL B 42 -20.83 29.61 -8.54
N PHE B 43 -20.29 29.95 -7.37
CA PHE B 43 -19.74 31.28 -7.13
C PHE B 43 -18.31 31.15 -6.62
N ARG B 44 -17.44 32.02 -7.11
CA ARG B 44 -16.05 32.08 -6.71
C ARG B 44 -15.63 33.54 -6.65
N SER B 45 -14.38 33.79 -6.24
CA SER B 45 -13.89 35.16 -6.12
C SER B 45 -12.38 35.17 -6.20
N SER B 46 -11.83 35.90 -7.16
CA SER B 46 -10.38 36.06 -7.31
C SER B 46 -9.67 34.71 -7.38
N VAL B 47 -10.22 33.82 -8.20
CA VAL B 47 -9.62 32.51 -8.41
C VAL B 47 -9.44 32.28 -9.90
N LEU B 48 -8.60 31.30 -10.23
CA LEU B 48 -8.25 30.98 -11.60
C LEU B 48 -8.67 29.53 -11.82
N HIS B 49 -9.85 29.32 -12.40
CA HIS B 49 -10.40 27.98 -12.51
C HIS B 49 -10.21 27.45 -13.92
N SER B 50 -9.62 26.25 -14.03
CA SER B 50 -9.38 25.60 -15.32
C SER B 50 -10.39 24.47 -15.48
N THR B 51 -11.52 24.79 -16.10
CA THR B 51 -12.60 23.85 -16.32
C THR B 51 -12.54 23.32 -17.75
N GLN B 52 -13.46 22.41 -18.06
CA GLN B 52 -13.54 21.77 -19.37
C GLN B 52 -14.99 21.70 -19.76
N ASP B 53 -15.33 22.21 -20.94
CA ASP B 53 -16.69 22.08 -21.44
C ASP B 53 -16.70 22.51 -22.90
N LEU B 54 -17.89 22.67 -23.46
CA LEU B 54 -18.05 23.07 -24.85
C LEU B 54 -17.95 24.59 -24.96
N PHE B 55 -16.94 25.07 -25.69
CA PHE B 55 -16.81 26.51 -25.90
C PHE B 55 -16.38 26.79 -27.34
N LEU B 56 -16.41 28.07 -27.69
CA LEU B 56 -15.96 28.53 -28.99
C LEU B 56 -14.57 29.16 -28.84
N PRO B 57 -13.57 28.74 -29.60
CA PRO B 57 -12.19 29.15 -29.32
C PRO B 57 -11.98 30.63 -29.61
N PHE B 58 -10.89 31.17 -29.09
CA PHE B 58 -10.49 32.50 -29.51
C PHE B 58 -10.00 32.47 -30.95
N PHE B 59 -10.10 33.63 -31.61
CA PHE B 59 -9.61 33.80 -32.97
C PHE B 59 -10.22 32.76 -33.90
N SER B 60 -11.48 32.42 -33.66
CA SER B 60 -12.13 31.42 -34.49
C SER B 60 -12.68 32.07 -35.76
N ASN B 61 -13.09 31.23 -36.71
CA ASN B 61 -13.66 31.68 -37.95
C ASN B 61 -15.18 31.65 -37.84
N VAL B 62 -15.79 32.81 -37.77
CA VAL B 62 -17.23 32.95 -37.61
C VAL B 62 -17.84 33.33 -38.96
N THR B 63 -19.04 32.82 -39.22
CA THR B 63 -19.73 33.08 -40.48
C THR B 63 -20.66 34.28 -40.30
N TRP B 64 -20.51 35.27 -41.17
CA TRP B 64 -21.22 36.55 -41.04
C TRP B 64 -22.30 36.60 -42.12
N PHE B 65 -23.51 36.26 -41.74
CA PHE B 65 -24.64 36.25 -42.65
C PHE B 65 -25.33 37.60 -42.66
N HIS B 66 -25.90 37.96 -43.80
CA HIS B 66 -26.53 39.27 -43.96
C HIS B 66 -28.01 39.16 -44.26
N ASN B 81 -31.14 33.96 -44.99
CA ASN B 81 -31.26 33.20 -43.75
C ASN B 81 -31.53 31.72 -44.03
N PRO B 82 -30.49 30.99 -44.41
CA PRO B 82 -30.67 29.57 -44.72
C PRO B 82 -30.54 28.66 -43.50
N VAL B 83 -30.62 27.36 -43.72
CA VAL B 83 -30.57 26.38 -42.65
C VAL B 83 -29.12 26.08 -42.29
N LEU B 84 -28.89 25.64 -41.05
CA LEU B 84 -27.56 25.34 -40.57
C LEU B 84 -27.58 24.12 -39.66
N PRO B 85 -26.46 23.41 -39.53
CA PRO B 85 -26.40 22.28 -38.60
C PRO B 85 -26.31 22.73 -37.16
N PHE B 86 -26.22 21.75 -36.25
CA PHE B 86 -26.07 22.01 -34.83
C PHE B 86 -24.66 21.74 -34.33
N ASN B 87 -24.19 20.49 -34.47
CA ASN B 87 -22.87 20.05 -34.01
C ASN B 87 -22.56 20.52 -32.58
N ASP B 88 -23.40 20.05 -31.65
CA ASP B 88 -23.19 20.23 -30.21
C ASP B 88 -23.10 21.72 -29.83
N GLY B 89 -24.22 22.39 -30.02
CA GLY B 89 -24.32 23.75 -29.53
C GLY B 89 -24.05 24.76 -30.62
N VAL B 90 -24.69 25.93 -30.50
CA VAL B 90 -24.54 27.01 -31.47
C VAL B 90 -24.22 28.31 -30.74
N TYR B 91 -23.18 28.99 -31.21
CA TYR B 91 -23.01 30.40 -30.91
C TYR B 91 -23.94 31.21 -31.81
N PHE B 92 -24.28 32.42 -31.36
CA PHE B 92 -25.11 33.29 -32.16
C PHE B 92 -24.87 34.71 -31.68
N ALA B 93 -24.77 35.65 -32.62
CA ALA B 93 -24.57 37.04 -32.21
C ALA B 93 -25.23 37.96 -33.22
N SER B 94 -25.70 39.11 -32.74
CA SER B 94 -26.36 40.06 -33.60
C SER B 94 -26.02 41.48 -33.20
N THR B 95 -25.49 42.26 -34.15
CA THR B 95 -25.29 43.69 -34.01
C THR B 95 -26.49 44.50 -34.49
N GLU B 96 -27.67 43.91 -34.47
CA GLU B 96 -28.85 44.51 -35.08
C GLU B 96 -29.29 45.75 -34.32
N LYS B 97 -30.00 46.63 -35.04
CA LYS B 97 -30.51 47.89 -34.49
C LYS B 97 -32.04 47.93 -34.55
N SER B 98 -32.67 46.78 -34.69
CA SER B 98 -34.13 46.69 -34.78
C SER B 98 -34.52 45.24 -34.54
N ASN B 99 -35.80 44.95 -34.76
CA ASN B 99 -36.31 43.60 -34.66
C ASN B 99 -36.18 42.81 -35.96
N ILE B 100 -35.24 43.20 -36.83
CA ILE B 100 -35.04 42.48 -38.09
C ILE B 100 -34.75 41.01 -37.81
N ILE B 101 -33.91 40.75 -36.82
CA ILE B 101 -33.73 39.41 -36.27
C ILE B 101 -34.61 39.30 -35.03
N ARG B 102 -35.58 38.43 -35.07
CA ARG B 102 -36.49 38.31 -33.94
C ARG B 102 -36.65 36.88 -33.44
N GLY B 103 -36.67 35.90 -34.34
CA GLY B 103 -37.04 34.57 -33.94
C GLY B 103 -36.04 33.46 -34.24
N TRP B 104 -36.44 32.23 -33.94
CA TRP B 104 -35.61 31.05 -34.16
C TRP B 104 -36.53 29.89 -34.50
N ILE B 105 -35.93 28.81 -35.01
CA ILE B 105 -36.65 27.57 -35.26
C ILE B 105 -35.67 26.41 -35.19
N PHE B 106 -35.99 25.41 -34.37
CA PHE B 106 -35.10 24.29 -34.12
C PHE B 106 -35.81 22.98 -34.42
N GLY B 107 -35.04 21.94 -34.66
CA GLY B 107 -35.57 20.61 -34.84
C GLY B 107 -34.65 19.76 -35.69
N THR B 108 -35.00 18.47 -35.74
CA THR B 108 -34.24 17.52 -36.56
C THR B 108 -34.78 17.39 -37.96
N THR B 109 -36.10 17.45 -38.13
CA THR B 109 -36.74 17.35 -39.43
C THR B 109 -37.50 18.60 -39.84
N LEU B 110 -37.93 19.41 -38.87
CA LEU B 110 -38.70 20.63 -39.13
C LEU B 110 -39.95 20.32 -39.96
N ASP B 111 -40.83 19.52 -39.37
CA ASP B 111 -42.13 19.24 -39.96
C ASP B 111 -43.05 18.74 -38.84
N SER B 112 -44.22 18.23 -39.23
CA SER B 112 -45.22 17.81 -38.25
C SER B 112 -44.80 16.57 -37.46
N LYS B 113 -43.84 15.80 -37.95
CA LYS B 113 -43.53 14.51 -37.33
C LYS B 113 -42.74 14.66 -36.04
N THR B 114 -41.93 15.71 -35.90
CA THR B 114 -41.01 15.85 -34.79
C THR B 114 -41.14 17.23 -34.18
N GLN B 115 -40.73 17.34 -32.91
CA GLN B 115 -40.92 18.56 -32.15
C GLN B 115 -40.08 19.70 -32.72
N SER B 116 -40.48 20.93 -32.40
CA SER B 116 -39.85 22.11 -32.98
C SER B 116 -39.97 23.31 -32.05
N LEU B 117 -38.85 23.94 -31.70
CA LEU B 117 -38.84 25.07 -30.77
C LEU B 117 -38.90 26.37 -31.55
N LEU B 118 -40.03 27.06 -31.46
CA LEU B 118 -40.22 28.35 -32.11
C LEU B 118 -40.03 29.48 -31.10
N ILE B 119 -38.78 29.73 -30.69
CA ILE B 119 -38.51 30.87 -29.84
C ILE B 119 -38.60 32.13 -30.70
N VAL B 120 -39.63 32.95 -30.46
CA VAL B 120 -39.92 34.11 -31.28
C VAL B 120 -40.12 35.32 -30.39
N ASN B 121 -39.39 36.40 -30.68
CA ASN B 121 -39.72 37.70 -30.13
C ASN B 121 -41.01 38.14 -30.82
N ASN B 122 -42.13 37.96 -30.13
CA ASN B 122 -43.45 38.16 -30.70
C ASN B 122 -43.88 39.64 -30.65
N ALA B 123 -42.87 40.52 -30.56
CA ALA B 123 -42.92 41.97 -30.59
C ALA B 123 -43.43 42.60 -29.30
N THR B 124 -43.90 41.81 -28.34
CA THR B 124 -44.15 42.27 -26.98
C THR B 124 -43.67 41.27 -25.95
N ASN B 125 -43.34 40.05 -26.36
CA ASN B 125 -43.04 38.96 -25.45
C ASN B 125 -42.40 37.83 -26.26
N VAL B 126 -41.49 37.11 -25.64
CA VAL B 126 -40.87 35.97 -26.32
C VAL B 126 -41.74 34.74 -26.06
N VAL B 127 -42.16 34.09 -27.13
CA VAL B 127 -43.03 32.92 -27.05
C VAL B 127 -42.20 31.69 -27.39
N ILE B 128 -42.34 30.64 -26.58
CA ILE B 128 -41.62 29.39 -26.75
C ILE B 128 -42.66 28.28 -26.86
N LYS B 129 -42.56 27.49 -27.92
CA LYS B 129 -43.49 26.39 -28.13
C LYS B 129 -42.73 25.23 -28.76
N VAL B 130 -42.94 24.04 -28.24
CA VAL B 130 -42.38 22.84 -28.84
C VAL B 130 -43.40 22.14 -29.74
N CYS B 131 -44.43 22.88 -30.17
CA CYS B 131 -45.38 22.36 -31.15
C CYS B 131 -44.62 21.81 -32.36
N GLU B 132 -45.07 20.68 -32.88
CA GLU B 132 -44.48 20.17 -34.11
C GLU B 132 -45.09 20.91 -35.31
N PHE B 133 -44.58 22.11 -35.58
CA PHE B 133 -45.11 22.89 -36.69
C PHE B 133 -44.76 22.22 -38.01
N GLN B 134 -45.60 22.44 -39.02
CA GLN B 134 -45.30 21.92 -40.34
C GLN B 134 -44.13 22.69 -40.96
N PHE B 135 -43.52 22.07 -41.97
CA PHE B 135 -42.33 22.63 -42.59
C PHE B 135 -42.60 24.01 -43.16
N CYS B 136 -41.67 24.92 -42.92
CA CYS B 136 -41.75 26.31 -43.41
C CYS B 136 -40.58 26.57 -44.33
N ASN B 137 -40.87 26.85 -45.60
CA ASN B 137 -39.82 27.12 -46.57
C ASN B 137 -39.51 28.60 -46.73
N ASP B 138 -40.28 29.48 -46.09
CA ASP B 138 -40.03 30.91 -46.20
C ASP B 138 -40.56 31.72 -45.00
N PRO B 139 -40.24 31.32 -43.76
CA PRO B 139 -40.84 31.98 -42.60
C PRO B 139 -40.26 33.37 -42.39
N PHE B 140 -41.06 34.39 -42.66
CA PHE B 140 -40.62 35.77 -42.55
C PHE B 140 -41.11 36.38 -41.23
N LEU B 141 -40.70 37.61 -40.97
CA LEU B 141 -41.14 38.36 -39.81
C LEU B 141 -40.81 39.84 -39.96
N SER B 155 -44.54 43.13 -40.09
CA SER B 155 -45.39 42.65 -39.01
C SER B 155 -46.39 41.62 -39.52
N GLU B 156 -45.88 40.51 -40.04
CA GLU B 156 -46.73 39.43 -40.55
C GLU B 156 -45.93 38.14 -40.57
N PHE B 157 -46.31 37.19 -39.72
CA PHE B 157 -45.65 35.90 -39.64
C PHE B 157 -46.69 34.79 -39.59
N ARG B 158 -46.41 33.68 -40.26
CA ARG B 158 -47.28 32.51 -40.28
C ARG B 158 -46.45 31.24 -40.11
N VAL B 159 -45.44 31.31 -39.24
CA VAL B 159 -44.57 30.16 -38.99
C VAL B 159 -45.33 29.05 -38.30
N TYR B 160 -46.25 29.40 -37.40
CA TYR B 160 -47.02 28.41 -36.65
C TYR B 160 -48.08 27.76 -37.53
N SER B 161 -47.72 26.68 -38.22
CA SER B 161 -48.63 26.02 -39.14
C SER B 161 -49.38 24.85 -38.51
N SER B 162 -49.10 24.49 -37.26
CA SER B 162 -49.73 23.33 -36.66
C SER B 162 -49.68 23.45 -35.14
N ALA B 163 -50.58 22.73 -34.48
CA ALA B 163 -50.59 22.63 -33.02
C ALA B 163 -50.93 21.23 -32.56
N ASN B 164 -50.73 20.23 -33.42
CA ASN B 164 -51.06 18.86 -33.09
C ASN B 164 -50.03 18.29 -32.13
N ASN B 165 -50.50 17.77 -30.98
CA ASN B 165 -49.64 17.15 -29.99
C ASN B 165 -48.55 18.09 -29.47
N CYS B 166 -48.94 19.29 -29.07
CA CYS B 166 -48.00 20.25 -28.49
C CYS B 166 -47.86 19.97 -26.99
N THR B 167 -46.62 19.95 -26.50
CA THR B 167 -46.37 19.53 -25.13
C THR B 167 -45.59 20.56 -24.31
N PHE B 168 -45.44 21.79 -24.81
CA PHE B 168 -44.84 22.87 -24.02
C PHE B 168 -45.14 24.23 -24.62
N GLU B 169 -45.77 25.10 -23.84
CA GLU B 169 -46.04 26.47 -24.25
C GLU B 169 -45.60 27.41 -23.15
N TYR B 170 -45.04 28.55 -23.52
CA TYR B 170 -44.45 29.44 -22.52
C TYR B 170 -44.41 30.84 -23.12
N VAL B 171 -44.74 31.83 -22.30
CA VAL B 171 -44.62 33.23 -22.67
C VAL B 171 -43.74 33.93 -21.63
N SER B 172 -42.74 34.67 -22.10
CA SER B 172 -41.76 35.25 -21.19
C SER B 172 -41.43 36.66 -21.66
N GLN B 173 -40.63 37.35 -20.83
CA GLN B 173 -40.37 38.76 -21.04
C GLN B 173 -39.49 38.97 -22.27
N PRO B 174 -39.77 39.99 -23.07
CA PRO B 174 -38.97 40.26 -24.27
C PRO B 174 -37.56 40.70 -23.93
N PHE B 175 -36.77 40.93 -24.99
CA PHE B 175 -35.33 41.15 -24.86
C PHE B 175 -34.95 42.63 -24.90
N LEU B 176 -35.43 43.34 -25.93
CA LEU B 176 -35.12 44.77 -26.10
C LEU B 176 -33.62 45.02 -26.19
N LYS B 187 -24.42 49.06 -33.03
CA LYS B 187 -24.10 49.68 -31.76
C LYS B 187 -24.87 49.02 -30.61
N ASN B 188 -25.47 47.88 -30.90
CA ASN B 188 -26.23 47.12 -29.90
C ASN B 188 -26.02 45.65 -30.18
N LEU B 189 -25.31 44.96 -29.29
CA LEU B 189 -24.89 43.58 -29.49
C LEU B 189 -25.67 42.67 -28.56
N ARG B 190 -26.38 41.70 -29.14
CA ARG B 190 -27.05 40.65 -28.41
C ARG B 190 -26.32 39.34 -28.69
N GLU B 191 -25.86 38.69 -27.64
CA GLU B 191 -24.99 37.53 -27.74
C GLU B 191 -25.68 36.34 -27.09
N PHE B 192 -25.66 35.19 -27.77
CA PHE B 192 -26.35 34.01 -27.30
C PHE B 192 -25.48 32.77 -27.53
N VAL B 193 -25.62 31.82 -26.61
CA VAL B 193 -25.08 30.47 -26.77
C VAL B 193 -26.18 29.49 -26.40
N PHE B 194 -26.54 28.62 -27.34
CA PHE B 194 -27.54 27.59 -27.11
C PHE B 194 -26.86 26.23 -27.07
N LYS B 195 -27.30 25.40 -26.12
CA LYS B 195 -26.71 24.07 -26.01
C LYS B 195 -27.78 23.09 -25.56
N ASN B 196 -27.52 21.81 -25.78
CA ASN B 196 -28.38 20.73 -25.30
C ASN B 196 -27.52 19.68 -24.63
N ILE B 197 -27.96 19.22 -23.47
CA ILE B 197 -27.25 18.20 -22.71
C ILE B 197 -28.21 17.49 -21.77
N ASP B 198 -28.14 16.15 -21.75
CA ASP B 198 -28.97 15.33 -20.87
C ASP B 198 -30.45 15.65 -21.02
N GLY B 199 -30.88 15.88 -22.26
CA GLY B 199 -32.26 16.25 -22.52
C GLY B 199 -32.52 17.72 -22.32
N TYR B 200 -31.89 18.31 -21.30
CA TYR B 200 -32.09 19.72 -21.02
C TYR B 200 -31.55 20.57 -22.16
N PHE B 201 -32.17 21.71 -22.39
CA PHE B 201 -31.75 22.67 -23.41
C PHE B 201 -31.50 24.00 -22.72
N LYS B 202 -30.26 24.46 -22.76
CA LYS B 202 -29.82 25.62 -22.00
C LYS B 202 -29.56 26.79 -22.93
N ILE B 203 -29.88 28.00 -22.45
CA ILE B 203 -29.61 29.21 -23.21
C ILE B 203 -28.76 30.14 -22.35
N TYR B 204 -27.87 30.90 -22.99
CA TYR B 204 -27.09 31.94 -22.34
C TYR B 204 -27.13 33.18 -23.22
N SER B 205 -27.26 34.35 -22.61
CA SER B 205 -27.40 35.57 -23.39
C SER B 205 -26.75 36.74 -22.68
N LYS B 206 -26.54 37.81 -23.43
CA LYS B 206 -26.02 39.06 -22.89
C LYS B 206 -26.31 40.18 -23.87
N HIS B 207 -26.39 41.40 -23.35
CA HIS B 207 -26.60 42.60 -24.14
C HIS B 207 -25.54 43.64 -23.80
N THR B 208 -25.00 44.28 -24.83
CA THR B 208 -24.04 45.35 -24.62
C THR B 208 -24.26 46.44 -25.65
N PRO B 209 -23.84 47.68 -25.37
CA PRO B 209 -23.87 48.72 -26.41
C PRO B 209 -22.93 48.40 -27.56
N PRO B 217 -16.69 43.76 -33.40
CA PRO B 217 -16.86 43.22 -32.05
C PRO B 217 -15.54 42.85 -31.40
N GLN B 218 -14.87 43.82 -30.81
CA GLN B 218 -13.58 43.61 -30.18
C GLN B 218 -13.68 43.80 -28.67
N GLY B 219 -12.92 43.00 -27.94
CA GLY B 219 -12.84 43.10 -26.50
C GLY B 219 -13.17 41.78 -25.85
N PHE B 220 -13.45 41.85 -24.54
CA PHE B 220 -13.78 40.67 -23.76
C PHE B 220 -15.04 40.94 -22.94
N SER B 221 -15.91 39.94 -22.86
CA SER B 221 -17.09 40.02 -22.01
C SER B 221 -17.42 38.60 -21.54
N ALA B 222 -18.45 38.48 -20.72
CA ALA B 222 -18.82 37.20 -20.13
C ALA B 222 -20.31 36.98 -20.30
N LEU B 223 -20.68 35.75 -20.65
CA LEU B 223 -22.07 35.44 -20.96
C LEU B 223 -22.77 34.86 -19.73
N GLU B 224 -23.94 35.41 -19.41
CA GLU B 224 -24.76 34.86 -18.34
C GLU B 224 -25.82 33.93 -18.90
N PRO B 225 -26.26 32.95 -18.12
CA PRO B 225 -27.38 32.12 -18.53
C PRO B 225 -28.71 32.82 -18.27
N LEU B 226 -29.74 32.31 -18.93
CA LEU B 226 -31.11 32.72 -18.64
C LEU B 226 -31.96 31.56 -18.15
N VAL B 227 -32.00 30.45 -18.87
CA VAL B 227 -32.90 29.37 -18.50
C VAL B 227 -32.49 28.04 -19.13
N ASP B 228 -32.80 26.96 -18.41
CA ASP B 228 -32.75 25.61 -18.93
C ASP B 228 -34.18 25.11 -19.05
N LEU B 229 -34.50 24.57 -20.22
CA LEU B 229 -35.81 23.96 -20.47
C LEU B 229 -35.63 22.45 -20.49
N PRO B 230 -36.27 21.70 -19.60
CA PRO B 230 -36.08 20.24 -19.60
C PRO B 230 -36.92 19.57 -20.68
N ILE B 231 -36.56 19.86 -21.94
CA ILE B 231 -37.40 19.48 -23.06
C ILE B 231 -37.05 18.08 -23.53
N GLY B 232 -35.81 17.88 -23.97
CA GLY B 232 -35.39 16.58 -24.46
C GLY B 232 -35.74 16.34 -25.91
N ILE B 233 -35.27 17.21 -26.79
CA ILE B 233 -35.54 17.13 -28.22
C ILE B 233 -34.24 16.84 -28.97
N ASN B 234 -34.28 15.85 -29.85
CA ASN B 234 -33.16 15.57 -30.74
C ASN B 234 -33.00 16.74 -31.71
N ILE B 235 -31.83 17.37 -31.69
CA ILE B 235 -31.62 18.65 -32.34
C ILE B 235 -30.45 18.56 -33.31
N THR B 236 -30.68 18.99 -34.56
CA THR B 236 -29.63 19.13 -35.56
C THR B 236 -29.67 20.43 -36.33
N ARG B 237 -30.81 21.11 -36.39
CA ARG B 237 -31.00 22.27 -37.25
C ARG B 237 -31.53 23.43 -36.43
N PHE B 238 -31.10 24.65 -36.75
CA PHE B 238 -31.53 25.83 -36.00
C PHE B 238 -31.92 26.97 -36.95
N GLN B 239 -32.79 26.64 -37.90
CA GLN B 239 -33.32 27.62 -38.85
C GLN B 239 -33.72 28.91 -38.14
N THR B 240 -33.10 30.02 -38.54
CA THR B 240 -33.41 31.30 -37.95
C THR B 240 -34.54 31.99 -38.70
N LEU B 241 -35.06 33.07 -38.11
CA LEU B 241 -36.15 33.83 -38.68
C LEU B 241 -35.75 35.29 -38.85
N LEU B 242 -36.14 35.87 -39.98
CA LEU B 242 -35.81 37.25 -40.30
C LEU B 242 -36.97 38.17 -39.89
N ALA B 263 -28.05 44.82 -39.64
CA ALA B 263 -29.05 43.89 -40.16
C ALA B 263 -28.42 42.57 -40.55
N ALA B 264 -27.37 42.19 -39.82
CA ALA B 264 -26.62 40.97 -40.07
C ALA B 264 -26.51 40.18 -38.78
N TYR B 265 -25.84 39.04 -38.84
CA TYR B 265 -25.65 38.22 -37.66
C TYR B 265 -24.51 37.24 -37.87
N TYR B 266 -23.81 36.94 -36.79
CA TYR B 266 -22.67 36.04 -36.80
C TYR B 266 -23.03 34.70 -36.18
N VAL B 267 -22.51 33.63 -36.78
CA VAL B 267 -22.70 32.26 -36.29
C VAL B 267 -21.34 31.60 -36.11
N GLY B 268 -21.07 31.12 -34.90
CA GLY B 268 -19.91 30.31 -34.62
C GLY B 268 -20.34 29.00 -33.98
N TYR B 269 -19.34 28.16 -33.71
CA TYR B 269 -19.61 26.82 -33.23
C TYR B 269 -18.73 26.52 -32.01
N LEU B 270 -19.11 25.48 -31.28
CA LEU B 270 -18.40 25.11 -30.07
C LEU B 270 -17.83 23.70 -30.19
N GLN B 271 -16.70 23.49 -29.52
CA GLN B 271 -16.02 22.21 -29.45
C GLN B 271 -15.63 21.96 -28.00
N PRO B 272 -15.31 20.70 -27.64
CA PRO B 272 -14.97 20.39 -26.25
C PRO B 272 -13.60 20.88 -25.84
N ARG B 273 -13.52 22.12 -25.41
CA ARG B 273 -12.25 22.76 -25.07
C ARG B 273 -12.09 22.83 -23.55
N THR B 274 -10.86 23.09 -23.12
CA THR B 274 -10.53 23.29 -21.70
C THR B 274 -10.11 24.75 -21.54
N PHE B 275 -10.76 25.45 -20.63
CA PHE B 275 -10.58 26.88 -20.45
C PHE B 275 -10.05 27.21 -19.06
N LEU B 276 -9.39 28.36 -18.97
CA LEU B 276 -8.98 28.95 -17.70
C LEU B 276 -9.68 30.29 -17.58
N LEU B 277 -10.51 30.43 -16.56
CA LEU B 277 -11.28 31.64 -16.34
C LEU B 277 -10.82 32.32 -15.06
N LYS B 278 -10.65 33.64 -15.13
CA LYS B 278 -10.19 34.44 -14.01
C LYS B 278 -11.38 35.18 -13.42
N TYR B 279 -11.82 34.75 -12.23
CA TYR B 279 -12.86 35.47 -11.53
C TYR B 279 -12.26 36.65 -10.79
N ASN B 280 -13.13 37.57 -10.39
CA ASN B 280 -12.71 38.81 -9.77
C ASN B 280 -13.30 38.89 -8.36
N GLU B 281 -13.01 40.01 -7.68
CA GLU B 281 -13.61 40.24 -6.37
C GLU B 281 -15.12 40.34 -6.48
N ASN B 282 -15.62 40.92 -7.57
CA ASN B 282 -17.04 41.06 -7.78
C ASN B 282 -17.72 39.71 -7.90
N GLY B 283 -16.98 38.67 -8.29
CA GLY B 283 -17.56 37.42 -8.72
C GLY B 283 -17.65 37.24 -10.21
N THR B 284 -17.05 38.14 -10.99
CA THR B 284 -17.19 38.12 -12.44
C THR B 284 -15.91 37.63 -13.12
N ILE B 285 -16.06 37.10 -14.33
CA ILE B 285 -14.94 36.78 -15.20
C ILE B 285 -14.46 38.03 -15.91
N THR B 286 -13.16 38.24 -15.90
CA THR B 286 -12.55 39.31 -16.67
C THR B 286 -11.65 38.81 -17.80
N ASP B 287 -10.96 37.68 -17.61
CA ASP B 287 -10.07 37.16 -18.63
C ASP B 287 -10.22 35.65 -18.72
N ALA B 288 -9.96 35.13 -19.92
CA ALA B 288 -10.00 33.70 -20.18
C ALA B 288 -8.81 33.31 -21.05
N VAL B 289 -8.39 32.06 -20.92
CA VAL B 289 -7.21 31.54 -21.61
C VAL B 289 -7.51 30.13 -22.10
N ASP B 290 -7.20 29.85 -23.36
CA ASP B 290 -7.41 28.53 -23.90
C ASP B 290 -6.28 27.62 -23.41
N CYS B 291 -6.59 26.34 -23.26
CA CYS B 291 -5.60 25.35 -22.85
C CYS B 291 -4.94 24.67 -24.05
N ALA B 292 -5.33 25.02 -25.28
CA ALA B 292 -4.76 24.35 -26.44
C ALA B 292 -4.51 25.28 -27.62
N LEU B 293 -4.48 26.59 -27.42
CA LEU B 293 -4.38 27.50 -28.56
C LEU B 293 -2.94 27.69 -29.00
N ASP B 294 -2.07 28.20 -28.12
CA ASP B 294 -0.68 28.43 -28.44
C ASP B 294 0.17 27.75 -27.37
N PRO B 295 1.22 27.02 -27.76
CA PRO B 295 2.13 26.45 -26.77
C PRO B 295 2.58 27.41 -25.67
N LEU B 296 2.52 28.73 -25.88
CA LEU B 296 2.62 29.64 -24.73
C LEU B 296 1.44 29.44 -23.80
N SER B 297 0.23 29.38 -24.37
CA SER B 297 -0.98 29.38 -23.55
C SER B 297 -1.10 28.10 -22.74
N GLU B 298 -0.71 26.95 -23.30
CA GLU B 298 -0.93 25.70 -22.57
C GLU B 298 -0.12 25.61 -21.29
N THR B 299 0.88 26.48 -21.09
CA THR B 299 1.60 26.50 -19.83
C THR B 299 0.91 27.35 -18.79
N LYS B 300 0.22 28.42 -19.22
CA LYS B 300 -0.65 29.16 -18.32
C LYS B 300 -1.71 28.27 -17.72
N CYS B 301 -2.07 27.20 -18.42
CA CYS B 301 -3.06 26.26 -17.92
C CYS B 301 -2.47 25.37 -16.83
N THR B 302 -1.22 24.93 -17.00
CA THR B 302 -0.60 24.10 -15.97
C THR B 302 -0.26 24.91 -14.73
N LEU B 303 0.23 26.15 -14.90
CA LEU B 303 0.63 26.97 -13.77
C LEU B 303 -0.50 27.78 -13.16
N LYS B 304 -1.70 27.73 -13.72
CA LYS B 304 -2.85 28.45 -13.18
C LYS B 304 -2.53 29.92 -12.99
N SER B 305 -2.02 30.56 -14.05
CA SER B 305 -1.67 31.96 -13.95
C SER B 305 -1.66 32.58 -15.34
N PHE B 306 -1.75 33.91 -15.36
CA PHE B 306 -1.72 34.68 -16.59
C PHE B 306 -0.38 35.35 -16.84
N THR B 307 0.53 35.29 -15.87
CA THR B 307 1.90 35.76 -16.07
C THR B 307 2.81 34.69 -15.50
N VAL B 308 3.67 34.13 -16.34
CA VAL B 308 4.56 33.05 -15.97
C VAL B 308 5.98 33.57 -16.02
N GLU B 309 6.72 33.37 -14.94
CA GLU B 309 8.06 33.90 -14.85
C GLU B 309 8.99 33.17 -15.82
N LYS B 310 10.19 33.72 -15.97
CA LYS B 310 11.18 33.14 -16.86
C LYS B 310 11.54 31.73 -16.40
N GLY B 311 11.75 30.84 -17.37
CA GLY B 311 12.08 29.47 -17.07
C GLY B 311 11.63 28.55 -18.18
N ILE B 312 11.72 27.26 -17.91
CA ILE B 312 11.29 26.19 -18.82
C ILE B 312 10.24 25.36 -18.13
N TYR B 313 9.15 25.07 -18.83
CA TYR B 313 8.05 24.34 -18.22
C TYR B 313 7.59 23.23 -19.14
N GLN B 314 7.48 22.02 -18.60
CA GLN B 314 7.04 20.86 -19.36
C GLN B 314 5.52 20.78 -19.27
N THR B 315 4.85 20.86 -20.41
CA THR B 315 3.40 20.94 -20.44
C THR B 315 2.72 19.61 -20.68
N SER B 316 3.14 18.87 -21.70
CA SER B 316 2.38 17.69 -22.11
C SER B 316 3.28 16.76 -22.90
N ASN B 317 2.68 15.71 -23.44
CA ASN B 317 3.33 14.78 -24.34
C ASN B 317 2.66 14.89 -25.71
N PHE B 318 3.45 14.72 -26.77
CA PHE B 318 2.87 14.62 -28.10
C PHE B 318 3.25 13.27 -28.70
N ARG B 319 2.34 12.75 -29.51
CA ARG B 319 2.53 11.47 -30.18
C ARG B 319 2.14 11.62 -31.64
N VAL B 320 2.90 10.99 -32.52
CA VAL B 320 2.58 11.04 -33.94
C VAL B 320 1.36 10.16 -34.19
N GLN B 321 0.21 10.79 -34.37
CA GLN B 321 -1.01 10.04 -34.55
C GLN B 321 -0.97 9.30 -35.88
N PRO B 322 -1.26 8.00 -35.89
CA PRO B 322 -1.06 7.20 -37.11
C PRO B 322 -2.15 7.45 -38.14
N THR B 323 -1.87 7.04 -39.36
CA THR B 323 -2.79 7.17 -40.49
C THR B 323 -2.89 5.85 -41.24
N GLU B 324 -4.00 5.68 -41.96
CA GLU B 324 -4.19 4.57 -42.89
C GLU B 324 -4.09 3.23 -42.14
N SER B 325 -5.10 2.99 -41.32
CA SER B 325 -5.22 1.72 -40.61
C SER B 325 -5.22 0.55 -41.57
N ILE B 326 -4.47 -0.49 -41.22
CA ILE B 326 -4.36 -1.68 -42.05
C ILE B 326 -4.94 -2.86 -41.29
N VAL B 327 -5.50 -3.81 -42.03
CA VAL B 327 -6.09 -5.02 -41.46
C VAL B 327 -5.56 -6.22 -42.23
N ARG B 328 -5.01 -7.19 -41.51
CA ARG B 328 -4.40 -8.37 -42.12
C ARG B 328 -5.04 -9.62 -41.51
N PHE B 329 -5.73 -10.37 -42.35
CA PHE B 329 -6.45 -11.56 -41.93
C PHE B 329 -5.99 -12.74 -42.79
N PRO B 330 -6.40 -13.98 -42.49
CA PRO B 330 -5.88 -15.11 -43.28
C PRO B 330 -6.35 -15.07 -44.73
N ASN B 331 -5.91 -16.07 -45.49
CA ASN B 331 -6.06 -16.06 -46.95
C ASN B 331 -7.30 -16.77 -47.45
N ILE B 332 -7.90 -17.64 -46.64
CA ILE B 332 -8.94 -18.56 -47.09
C ILE B 332 -10.26 -18.18 -46.46
N THR B 333 -11.31 -18.11 -47.29
CA THR B 333 -12.67 -17.85 -46.84
C THR B 333 -13.57 -18.98 -47.31
N ASN B 334 -14.27 -19.61 -46.38
CA ASN B 334 -15.24 -20.66 -46.68
C ASN B 334 -16.40 -20.51 -45.72
N LEU B 335 -17.63 -20.61 -46.24
CA LEU B 335 -18.82 -20.60 -45.38
C LEU B 335 -18.85 -21.95 -44.67
N CYS B 336 -18.04 -22.04 -43.62
CA CYS B 336 -17.72 -23.33 -43.03
C CYS B 336 -18.88 -23.88 -42.22
N PRO B 337 -18.94 -25.21 -42.08
CA PRO B 337 -20.19 -25.85 -41.67
C PRO B 337 -20.61 -25.62 -40.23
N PHE B 338 -21.14 -24.43 -39.95
CA PHE B 338 -22.00 -24.29 -38.78
C PHE B 338 -23.40 -24.80 -39.05
N GLY B 339 -23.82 -24.79 -40.32
CA GLY B 339 -25.18 -25.21 -40.64
C GLY B 339 -25.43 -26.67 -40.34
N GLU B 340 -24.52 -27.55 -40.74
CA GLU B 340 -24.75 -28.96 -40.53
C GLU B 340 -24.55 -29.39 -39.08
N VAL B 341 -23.97 -28.53 -38.25
CA VAL B 341 -23.91 -28.77 -36.81
C VAL B 341 -25.16 -28.26 -36.12
N PHE B 342 -25.62 -27.07 -36.50
CA PHE B 342 -26.81 -26.51 -35.88
C PHE B 342 -28.10 -27.06 -36.46
N ASN B 343 -28.08 -27.53 -37.70
CA ASN B 343 -29.19 -28.25 -38.31
C ASN B 343 -28.83 -29.71 -38.52
N ALA B 344 -28.02 -30.27 -37.62
CA ALA B 344 -27.65 -31.67 -37.73
C ALA B 344 -28.91 -32.54 -37.74
N THR B 345 -28.89 -33.58 -38.56
CA THR B 345 -30.05 -34.43 -38.74
C THR B 345 -30.53 -35.01 -37.41
N ARG B 346 -29.61 -35.56 -36.63
CA ARG B 346 -29.92 -36.16 -35.35
C ARG B 346 -28.71 -35.98 -34.44
N PHE B 347 -28.93 -35.43 -33.25
CA PHE B 347 -27.84 -35.19 -32.31
C PHE B 347 -27.41 -36.51 -31.67
N ALA B 348 -26.60 -36.39 -30.63
CA ALA B 348 -26.10 -37.53 -29.87
C ALA B 348 -26.48 -37.39 -28.41
N SER B 349 -26.52 -38.52 -27.72
CA SER B 349 -26.88 -38.53 -26.31
C SER B 349 -25.83 -37.77 -25.49
N VAL B 350 -26.27 -37.23 -24.36
CA VAL B 350 -25.39 -36.38 -23.57
C VAL B 350 -24.19 -37.15 -23.02
N TYR B 351 -24.40 -38.39 -22.56
CA TYR B 351 -23.28 -39.14 -22.01
C TYR B 351 -22.19 -39.40 -23.04
N ALA B 352 -22.55 -39.36 -24.32
CA ALA B 352 -21.58 -39.49 -25.39
C ALA B 352 -21.61 -38.24 -26.27
N TRP B 353 -21.60 -37.08 -25.63
CA TRP B 353 -21.70 -35.80 -26.35
C TRP B 353 -20.74 -35.74 -27.52
N ASN B 354 -21.27 -35.43 -28.70
CA ASN B 354 -20.44 -35.52 -29.88
C ASN B 354 -19.58 -34.27 -30.01
N ARG B 355 -18.47 -34.40 -30.73
CA ARG B 355 -17.48 -33.34 -30.87
C ARG B 355 -17.09 -33.18 -32.32
N LYS B 356 -16.89 -31.94 -32.76
CA LYS B 356 -16.43 -31.67 -34.11
C LYS B 356 -15.43 -30.53 -34.09
N ARG B 357 -14.44 -30.61 -34.97
CA ARG B 357 -13.39 -29.60 -35.09
C ARG B 357 -13.73 -28.61 -36.18
N ILE B 358 -13.65 -27.32 -35.86
CA ILE B 358 -13.81 -26.24 -36.83
C ILE B 358 -12.45 -25.60 -37.02
N SER B 359 -12.00 -25.61 -38.28
CA SER B 359 -10.67 -25.15 -38.67
C SER B 359 -10.71 -24.71 -40.13
N ASN B 360 -9.90 -23.70 -40.45
CA ASN B 360 -9.67 -23.25 -41.83
C ASN B 360 -10.98 -22.83 -42.50
N CYS B 361 -11.57 -21.78 -41.96
CA CYS B 361 -12.81 -21.26 -42.52
C CYS B 361 -13.00 -19.81 -42.06
N VAL B 362 -13.93 -19.14 -42.73
CA VAL B 362 -14.46 -17.88 -42.23
C VAL B 362 -15.70 -18.21 -41.41
N ALA B 363 -15.84 -17.57 -40.26
CA ALA B 363 -16.91 -17.87 -39.33
C ALA B 363 -17.76 -16.64 -39.13
N ASP B 364 -19.02 -16.71 -39.56
CA ASP B 364 -19.95 -15.59 -39.44
C ASP B 364 -20.87 -15.90 -38.26
N TYR B 365 -20.61 -15.27 -37.13
CA TYR B 365 -21.43 -15.43 -35.94
C TYR B 365 -22.59 -14.44 -35.86
N SER B 366 -22.70 -13.53 -36.82
CA SER B 366 -23.85 -12.63 -36.83
C SER B 366 -25.15 -13.41 -37.02
N VAL B 367 -25.13 -14.42 -37.89
CA VAL B 367 -26.34 -15.21 -38.12
C VAL B 367 -26.77 -15.95 -36.87
N LEU B 368 -25.84 -16.59 -36.18
CA LEU B 368 -26.18 -17.27 -34.93
C LEU B 368 -26.67 -16.28 -33.87
N TYR B 369 -26.02 -15.14 -33.77
CA TYR B 369 -26.40 -14.22 -32.69
C TYR B 369 -27.73 -13.55 -32.96
N ASN B 370 -28.05 -13.23 -34.21
CA ASN B 370 -29.27 -12.53 -34.57
C ASN B 370 -30.36 -13.45 -35.11
N SER B 371 -30.15 -14.77 -35.06
CA SER B 371 -31.21 -15.67 -35.48
C SER B 371 -32.43 -15.52 -34.59
N ALA B 372 -32.24 -15.12 -33.33
CA ALA B 372 -33.31 -14.79 -32.39
C ALA B 372 -34.23 -15.96 -32.11
N SER B 373 -33.82 -17.18 -32.45
CA SER B 373 -34.59 -18.38 -32.15
C SER B 373 -33.89 -19.23 -31.09
N PHE B 374 -33.07 -18.60 -30.26
CA PHE B 374 -32.27 -19.29 -29.24
C PHE B 374 -32.77 -18.90 -27.86
N SER B 375 -33.19 -19.91 -27.08
CA SER B 375 -33.61 -19.63 -25.72
C SER B 375 -32.45 -19.14 -24.86
N THR B 376 -31.26 -19.69 -25.06
CA THR B 376 -30.09 -19.30 -24.29
C THR B 376 -28.90 -19.16 -25.21
N PHE B 377 -28.21 -18.03 -25.14
CA PHE B 377 -26.99 -17.80 -25.90
C PHE B 377 -26.12 -16.94 -24.99
N LYS B 378 -25.23 -17.58 -24.24
CA LYS B 378 -24.43 -16.85 -23.28
C LYS B 378 -22.96 -17.18 -23.48
N CYS B 379 -22.11 -16.17 -23.38
CA CYS B 379 -20.71 -16.36 -23.71
C CYS B 379 -19.82 -16.04 -22.52
N TYR B 380 -18.77 -16.84 -22.36
CA TYR B 380 -17.84 -16.75 -21.24
C TYR B 380 -16.47 -16.35 -21.80
N GLY B 381 -15.90 -15.28 -21.27
CA GLY B 381 -14.58 -14.83 -21.68
C GLY B 381 -14.56 -13.92 -22.89
N VAL B 382 -15.70 -13.67 -23.52
CA VAL B 382 -15.77 -12.76 -24.66
C VAL B 382 -17.20 -12.28 -24.84
N SER B 383 -17.37 -10.98 -25.03
CA SER B 383 -18.70 -10.45 -25.26
C SER B 383 -19.26 -10.99 -26.57
N PRO B 384 -20.52 -11.44 -26.60
CA PRO B 384 -21.03 -12.13 -27.79
C PRO B 384 -21.01 -11.29 -29.05
N THR B 385 -21.23 -9.99 -28.94
CA THR B 385 -21.32 -9.16 -30.14
C THR B 385 -19.95 -8.98 -30.80
N LYS B 386 -18.90 -8.83 -29.99
CA LYS B 386 -17.60 -8.49 -30.55
C LYS B 386 -16.81 -9.72 -30.97
N LEU B 387 -17.27 -10.91 -30.57
CA LEU B 387 -16.50 -12.12 -30.86
C LEU B 387 -16.39 -12.36 -32.36
N ASN B 388 -17.36 -11.86 -33.13
CA ASN B 388 -17.32 -12.05 -34.56
C ASN B 388 -16.06 -11.45 -35.16
N ASP B 389 -15.64 -10.30 -34.65
CA ASP B 389 -14.49 -9.56 -35.18
C ASP B 389 -13.20 -9.96 -34.46
N LEU B 390 -12.90 -11.25 -34.39
CA LEU B 390 -11.80 -11.73 -33.57
C LEU B 390 -11.33 -13.07 -34.14
N CYS B 391 -10.03 -13.34 -34.01
CA CYS B 391 -9.45 -14.52 -34.63
C CYS B 391 -9.14 -15.61 -33.60
N PHE B 392 -9.61 -16.83 -33.88
CA PHE B 392 -9.45 -17.98 -33.00
C PHE B 392 -8.53 -19.00 -33.66
N THR B 393 -7.73 -19.69 -32.86
CA THR B 393 -6.83 -20.67 -33.43
C THR B 393 -7.62 -21.87 -33.93
N ASN B 394 -8.29 -22.57 -33.01
CA ASN B 394 -9.17 -23.68 -33.36
C ASN B 394 -10.47 -23.56 -32.58
N VAL B 395 -11.52 -24.16 -33.13
CA VAL B 395 -12.82 -24.16 -32.49
C VAL B 395 -13.28 -25.61 -32.33
N TYR B 396 -13.90 -25.92 -31.21
CA TYR B 396 -14.47 -27.24 -31.00
C TYR B 396 -15.95 -27.06 -30.70
N ALA B 397 -16.80 -27.59 -31.57
CA ALA B 397 -18.24 -27.52 -31.38
C ALA B 397 -18.70 -28.87 -30.85
N ASP B 398 -19.24 -28.87 -29.64
CA ASP B 398 -19.69 -30.09 -28.99
C ASP B 398 -21.20 -30.04 -28.83
N SER B 399 -21.87 -31.08 -29.31
CA SER B 399 -23.32 -31.06 -29.43
C SER B 399 -23.95 -32.22 -28.65
N PHE B 400 -25.10 -31.93 -28.04
CA PHE B 400 -25.89 -32.94 -27.35
C PHE B 400 -27.25 -32.33 -27.00
N VAL B 401 -28.05 -33.07 -26.23
CA VAL B 401 -29.41 -32.67 -25.87
C VAL B 401 -29.62 -32.91 -24.38
N ILE B 402 -30.38 -32.03 -23.72
CA ILE B 402 -30.64 -32.15 -22.29
C ILE B 402 -32.07 -31.72 -21.99
N ARG B 403 -32.43 -31.81 -20.70
CA ARG B 403 -33.73 -31.34 -20.23
C ARG B 403 -33.71 -29.82 -20.13
N GLY B 404 -34.71 -29.28 -19.45
CA GLY B 404 -34.75 -27.86 -19.16
C GLY B 404 -33.98 -27.48 -17.93
N ASP B 405 -34.30 -28.13 -16.81
CA ASP B 405 -33.72 -27.76 -15.52
C ASP B 405 -32.21 -27.90 -15.51
N GLU B 406 -31.64 -28.64 -16.45
CA GLU B 406 -30.22 -28.88 -16.49
C GLU B 406 -29.47 -27.93 -17.43
N VAL B 407 -30.18 -27.08 -18.17
CA VAL B 407 -29.49 -26.15 -19.06
C VAL B 407 -28.71 -25.11 -18.28
N ARG B 408 -29.21 -24.67 -17.13
CA ARG B 408 -28.43 -23.79 -16.28
C ARG B 408 -27.11 -24.44 -15.88
N GLN B 409 -27.06 -25.77 -15.95
CA GLN B 409 -25.95 -26.51 -15.38
C GLN B 409 -24.78 -26.63 -16.35
N ILE B 410 -24.91 -26.18 -17.57
CA ILE B 410 -23.79 -26.15 -18.53
C ILE B 410 -23.12 -24.80 -18.35
N ALA B 411 -22.23 -24.72 -17.37
CA ALA B 411 -21.51 -23.51 -17.03
C ALA B 411 -20.37 -23.86 -16.11
N PRO B 412 -19.24 -23.15 -16.18
CA PRO B 412 -18.12 -23.48 -15.30
C PRO B 412 -18.51 -23.38 -13.83
N GLY B 413 -17.96 -24.28 -13.03
CA GLY B 413 -18.25 -24.30 -11.61
C GLY B 413 -19.69 -24.62 -11.26
N GLN B 414 -20.29 -25.60 -11.92
CA GLN B 414 -21.67 -25.98 -11.64
C GLN B 414 -21.72 -27.42 -11.18
N THR B 415 -22.66 -27.72 -10.30
CA THR B 415 -22.81 -29.04 -9.71
C THR B 415 -24.09 -29.69 -10.19
N GLY B 416 -24.19 -30.99 -9.95
CA GLY B 416 -25.35 -31.77 -10.35
C GLY B 416 -25.02 -32.79 -11.42
N LYS B 417 -26.06 -33.51 -11.84
CA LYS B 417 -25.86 -34.73 -12.60
C LYS B 417 -25.11 -34.48 -13.90
N ILE B 418 -25.53 -33.47 -14.67
CA ILE B 418 -24.88 -33.22 -15.96
C ILE B 418 -23.45 -32.79 -15.76
N ALA B 419 -23.22 -31.84 -14.84
CA ALA B 419 -21.89 -31.27 -14.70
C ALA B 419 -20.98 -32.10 -13.81
N ASP B 420 -21.45 -33.23 -13.28
CA ASP B 420 -20.57 -34.08 -12.50
C ASP B 420 -20.40 -35.47 -13.08
N TYR B 421 -21.42 -36.05 -13.71
CA TYR B 421 -21.31 -37.39 -14.26
C TYR B 421 -21.39 -37.48 -15.78
N ASN B 422 -21.80 -36.41 -16.47
CA ASN B 422 -21.99 -36.49 -17.92
C ASN B 422 -21.06 -35.58 -18.71
N TYR B 423 -21.03 -34.28 -18.43
CA TYR B 423 -20.28 -33.35 -19.27
C TYR B 423 -19.86 -32.15 -18.41
N LYS B 424 -18.59 -32.10 -18.05
CA LYS B 424 -18.08 -31.13 -17.08
C LYS B 424 -17.31 -30.05 -17.81
N LEU B 425 -17.69 -28.80 -17.58
CA LEU B 425 -17.04 -27.64 -18.19
C LEU B 425 -15.92 -27.13 -17.28
N PRO B 426 -14.75 -26.83 -17.82
CA PRO B 426 -13.66 -26.34 -16.98
C PRO B 426 -14.00 -24.97 -16.41
N ASP B 427 -13.48 -24.71 -15.21
CA ASP B 427 -13.74 -23.43 -14.56
C ASP B 427 -13.11 -22.26 -15.31
N ASP B 428 -12.02 -22.49 -16.01
CA ASP B 428 -11.38 -21.47 -16.85
C ASP B 428 -11.86 -21.56 -18.29
N PHE B 429 -13.17 -21.51 -18.49
CA PHE B 429 -13.75 -21.72 -19.80
C PHE B 429 -13.45 -20.51 -20.69
N THR B 430 -13.42 -20.74 -22.00
CA THR B 430 -13.24 -19.67 -22.97
C THR B 430 -14.29 -19.66 -24.09
N GLY B 431 -14.87 -20.80 -24.45
CA GLY B 431 -15.93 -20.86 -25.42
C GLY B 431 -17.25 -20.46 -24.79
N CYS B 432 -18.35 -20.79 -25.46
CA CYS B 432 -19.61 -20.31 -24.91
C CYS B 432 -20.78 -21.14 -25.42
N VAL B 433 -21.90 -21.01 -24.72
CA VAL B 433 -22.97 -22.00 -24.70
C VAL B 433 -24.17 -21.49 -25.49
N ILE B 434 -24.72 -22.36 -26.34
CA ILE B 434 -25.92 -22.09 -27.13
C ILE B 434 -26.91 -23.21 -26.83
N ALA B 435 -28.17 -22.85 -26.58
CA ALA B 435 -29.18 -23.85 -26.30
C ALA B 435 -30.52 -23.34 -26.80
N TRP B 436 -31.24 -24.19 -27.53
CA TRP B 436 -32.55 -23.81 -28.02
C TRP B 436 -33.52 -24.97 -27.88
N ASN B 437 -34.81 -24.64 -27.76
CA ASN B 437 -35.83 -25.66 -27.58
C ASN B 437 -36.02 -26.43 -28.88
N SER B 438 -36.10 -27.75 -28.78
CA SER B 438 -36.37 -28.63 -29.90
C SER B 438 -37.40 -29.68 -29.50
N ASN B 439 -38.47 -29.22 -28.84
CA ASN B 439 -39.51 -30.14 -28.40
C ASN B 439 -40.17 -30.84 -29.57
N ASN B 440 -40.40 -30.12 -30.67
CA ASN B 440 -41.11 -30.67 -31.80
C ASN B 440 -40.30 -31.66 -32.61
N LEU B 441 -38.96 -31.56 -32.59
CA LEU B 441 -38.12 -32.43 -33.42
C LEU B 441 -37.65 -33.69 -32.71
N ASP B 442 -37.40 -33.63 -31.40
CA ASP B 442 -36.74 -34.72 -30.69
C ASP B 442 -37.71 -35.67 -30.02
N SER B 443 -39.01 -35.49 -30.17
CA SER B 443 -40.00 -36.30 -29.47
C SER B 443 -40.90 -37.03 -30.47
N LYS B 444 -41.88 -37.74 -29.93
CA LYS B 444 -42.95 -38.36 -30.70
C LYS B 444 -44.04 -38.80 -29.74
N VAL B 445 -45.25 -39.02 -30.25
CA VAL B 445 -46.34 -39.40 -29.37
C VAL B 445 -46.06 -40.76 -28.76
N GLY B 446 -46.32 -40.89 -27.47
CA GLY B 446 -46.03 -42.09 -26.72
C GLY B 446 -44.71 -42.06 -25.97
N GLY B 447 -43.69 -41.44 -26.55
CA GLY B 447 -42.42 -41.31 -25.86
C GLY B 447 -41.21 -41.63 -26.71
N ASN B 448 -40.16 -40.82 -26.58
CA ASN B 448 -38.90 -41.07 -27.27
C ASN B 448 -37.89 -41.55 -26.23
N TYR B 449 -37.22 -42.65 -26.57
CA TYR B 449 -36.30 -43.28 -25.62
C TYR B 449 -34.97 -43.58 -26.27
N ASN B 450 -34.46 -42.65 -27.07
CA ASN B 450 -33.18 -42.85 -27.77
C ASN B 450 -32.03 -42.21 -27.00
N TYR B 451 -32.22 -41.05 -26.40
CA TYR B 451 -31.15 -40.36 -25.70
C TYR B 451 -31.05 -40.87 -24.27
N LEU B 452 -29.83 -41.21 -23.86
CA LEU B 452 -29.53 -41.65 -22.51
C LEU B 452 -28.88 -40.52 -21.75
N TYR B 453 -28.60 -40.77 -20.47
CA TYR B 453 -27.79 -39.87 -19.66
C TYR B 453 -27.32 -40.66 -18.45
N ARG B 454 -26.15 -40.30 -17.93
CA ARG B 454 -25.53 -41.08 -16.86
C ARG B 454 -25.96 -40.55 -15.51
N LEU B 455 -26.31 -41.46 -14.60
CA LEU B 455 -26.78 -41.11 -13.27
C LEU B 455 -25.92 -41.60 -12.13
N PHE B 456 -25.17 -42.69 -12.29
CA PHE B 456 -24.38 -43.26 -11.21
C PHE B 456 -22.92 -43.33 -11.64
N ARG B 457 -22.08 -42.52 -11.00
CA ARG B 457 -20.64 -42.61 -11.23
C ARG B 457 -19.94 -42.55 -9.88
N LYS B 458 -18.84 -43.29 -9.77
CA LYS B 458 -18.09 -43.30 -8.52
C LYS B 458 -17.51 -41.93 -8.22
N SER B 459 -16.98 -41.24 -9.22
CA SER B 459 -16.26 -39.99 -8.99
C SER B 459 -16.59 -39.02 -10.12
N ASN B 460 -16.45 -37.74 -9.82
CA ASN B 460 -16.80 -36.70 -10.78
C ASN B 460 -15.87 -36.76 -12.00
N LEU B 461 -16.29 -36.06 -13.05
CA LEU B 461 -15.52 -36.01 -14.28
C LEU B 461 -14.57 -34.82 -14.24
N LYS B 462 -13.33 -35.06 -14.67
CA LYS B 462 -12.43 -33.95 -14.92
C LYS B 462 -12.96 -33.21 -16.15
N PRO B 463 -12.63 -31.94 -16.31
CA PRO B 463 -13.24 -31.15 -17.39
C PRO B 463 -13.01 -31.78 -18.76
N PHE B 464 -14.04 -31.72 -19.60
CA PHE B 464 -13.95 -32.18 -20.98
C PHE B 464 -13.59 -33.66 -21.07
N GLU B 465 -14.11 -34.47 -20.16
CA GLU B 465 -13.84 -35.90 -20.15
C GLU B 465 -15.12 -36.64 -20.48
N ARG B 466 -15.04 -37.57 -21.43
CA ARG B 466 -16.19 -38.32 -21.91
C ARG B 466 -15.98 -39.79 -21.60
N ASP B 467 -16.93 -40.40 -20.91
CA ASP B 467 -16.87 -41.82 -20.58
C ASP B 467 -18.11 -42.47 -21.17
N ILE B 468 -17.91 -43.51 -21.97
CA ILE B 468 -18.99 -44.19 -22.66
C ILE B 468 -19.08 -45.66 -22.27
N SER B 469 -18.54 -46.02 -21.11
CA SER B 469 -18.62 -47.41 -20.68
C SER B 469 -20.04 -47.77 -20.27
N THR B 470 -20.30 -49.07 -20.21
CA THR B 470 -21.63 -49.60 -19.93
C THR B 470 -21.58 -50.56 -18.74
N GLU B 471 -20.57 -50.43 -17.90
CA GLU B 471 -20.36 -51.36 -16.81
C GLU B 471 -21.26 -51.01 -15.62
N ILE B 472 -21.71 -52.05 -14.91
CA ILE B 472 -22.74 -51.90 -13.89
C ILE B 472 -22.19 -51.08 -12.71
N TYR B 473 -23.08 -50.35 -12.05
CA TYR B 473 -22.70 -49.50 -10.94
C TYR B 473 -22.86 -50.27 -9.63
N GLN B 474 -22.01 -49.96 -8.65
CA GLN B 474 -22.00 -50.66 -7.37
C GLN B 474 -22.85 -49.90 -6.35
N ALA B 475 -24.15 -49.84 -6.62
CA ALA B 475 -25.07 -49.25 -5.65
C ALA B 475 -25.08 -50.01 -4.34
N GLY B 476 -24.75 -51.30 -4.38
CA GLY B 476 -24.57 -52.10 -3.18
C GLY B 476 -23.12 -52.23 -2.81
N SER B 477 -22.81 -53.33 -2.12
CA SER B 477 -21.45 -53.60 -1.66
C SER B 477 -20.87 -54.87 -2.25
N THR B 478 -21.65 -55.94 -2.31
CA THR B 478 -21.14 -57.19 -2.86
C THR B 478 -20.85 -57.02 -4.35
N PRO B 479 -19.74 -57.58 -4.86
CA PRO B 479 -19.51 -57.55 -6.31
C PRO B 479 -20.60 -58.30 -7.04
N CYS B 480 -21.39 -57.59 -7.84
CA CYS B 480 -22.37 -58.27 -8.68
C CYS B 480 -21.78 -58.80 -9.97
N ASN B 481 -20.51 -58.53 -10.23
CA ASN B 481 -19.74 -59.18 -11.28
C ASN B 481 -20.22 -58.77 -12.68
N GLY B 482 -20.43 -57.48 -12.90
CA GLY B 482 -20.74 -57.00 -14.22
C GLY B 482 -22.08 -57.50 -14.75
N VAL B 483 -22.95 -57.97 -13.86
CA VAL B 483 -24.30 -58.39 -14.21
C VAL B 483 -25.24 -57.65 -13.26
N GLU B 484 -26.45 -57.40 -13.73
CA GLU B 484 -27.43 -56.68 -12.93
C GLU B 484 -27.97 -57.58 -11.83
N GLY B 485 -27.99 -57.03 -10.62
CA GLY B 485 -28.47 -57.75 -9.46
C GLY B 485 -28.95 -56.74 -8.44
N PHE B 486 -29.26 -57.24 -7.25
CA PHE B 486 -29.74 -56.38 -6.17
C PHE B 486 -28.74 -55.28 -5.89
N ASN B 487 -29.23 -54.03 -5.86
CA ASN B 487 -28.41 -52.84 -5.61
C ASN B 487 -27.25 -52.73 -6.59
N CYS B 488 -27.46 -53.18 -7.82
CA CYS B 488 -26.53 -52.96 -8.94
C CYS B 488 -27.33 -52.48 -10.13
N TYR B 489 -27.51 -51.18 -10.26
CA TYR B 489 -28.33 -50.61 -11.31
C TYR B 489 -27.51 -50.30 -12.55
N PHE B 490 -28.16 -49.85 -13.54
CA PHE B 490 -27.52 -49.44 -14.79
C PHE B 490 -27.26 -47.94 -14.77
N PRO B 491 -26.04 -47.52 -15.10
CA PRO B 491 -25.67 -46.10 -15.01
C PRO B 491 -26.05 -45.26 -16.23
N LEU B 492 -26.79 -45.78 -17.19
CA LEU B 492 -27.38 -44.96 -18.25
C LEU B 492 -28.89 -45.02 -18.12
N GLN B 493 -29.47 -43.99 -17.52
CA GLN B 493 -30.93 -43.87 -17.43
C GLN B 493 -31.44 -43.16 -18.67
N SER B 494 -32.59 -43.58 -19.15
CA SER B 494 -33.09 -43.09 -20.42
C SER B 494 -33.93 -41.83 -20.24
N TYR B 495 -33.68 -40.86 -21.12
CA TYR B 495 -34.56 -39.74 -21.28
C TYR B 495 -35.82 -40.18 -22.01
N GLY B 496 -36.96 -39.66 -21.55
CA GLY B 496 -38.20 -39.95 -22.23
C GLY B 496 -38.84 -38.68 -22.75
N PHE B 497 -39.22 -38.65 -24.02
CA PHE B 497 -39.73 -37.42 -24.61
C PHE B 497 -41.02 -37.69 -25.35
N GLN B 498 -42.11 -37.11 -24.84
CA GLN B 498 -43.44 -37.02 -25.40
C GLN B 498 -43.75 -35.57 -25.73
N PRO B 499 -44.58 -35.30 -26.74
CA PRO B 499 -44.92 -33.91 -27.06
C PRO B 499 -45.72 -33.20 -25.98
N THR B 500 -46.26 -33.95 -25.00
CA THR B 500 -47.14 -33.35 -24.01
C THR B 500 -46.44 -32.90 -22.75
N ASN B 501 -45.13 -33.13 -22.62
CA ASN B 501 -44.45 -32.85 -21.36
C ASN B 501 -44.37 -31.34 -21.10
N GLY B 502 -44.16 -31.00 -19.84
CA GLY B 502 -44.04 -29.61 -19.46
C GLY B 502 -42.74 -28.99 -19.98
N VAL B 503 -42.62 -27.69 -19.75
CA VAL B 503 -41.46 -26.96 -20.24
C VAL B 503 -40.18 -27.50 -19.63
N GLY B 504 -40.22 -27.86 -18.34
CA GLY B 504 -39.03 -28.31 -17.65
C GLY B 504 -38.45 -29.60 -18.19
N TYR B 505 -39.23 -30.37 -18.95
CA TYR B 505 -38.79 -31.66 -19.44
C TYR B 505 -38.68 -31.71 -20.96
N GLN B 506 -38.88 -30.59 -21.65
CA GLN B 506 -38.72 -30.58 -23.09
C GLN B 506 -37.25 -30.75 -23.46
N PRO B 507 -36.96 -31.23 -24.68
CA PRO B 507 -35.57 -31.38 -25.09
C PRO B 507 -35.00 -30.06 -25.57
N TYR B 508 -33.94 -29.59 -24.92
CA TYR B 508 -33.15 -28.48 -25.42
C TYR B 508 -31.92 -29.03 -26.12
N ARG B 509 -31.78 -28.68 -27.38
CA ARG B 509 -30.57 -28.97 -28.14
C ARG B 509 -29.51 -27.95 -27.74
N VAL B 510 -28.33 -28.45 -27.38
CA VAL B 510 -27.28 -27.60 -26.83
C VAL B 510 -25.99 -27.84 -27.60
N VAL B 511 -25.26 -26.75 -27.85
CA VAL B 511 -23.99 -26.74 -28.54
C VAL B 511 -23.03 -25.84 -27.76
N VAL B 512 -21.88 -26.39 -27.41
CA VAL B 512 -20.83 -25.67 -26.72
C VAL B 512 -19.78 -25.33 -27.76
N LEU B 513 -19.54 -24.03 -27.97
CA LEU B 513 -18.56 -23.56 -28.93
C LEU B 513 -17.32 -23.19 -28.15
N SER B 514 -16.47 -24.18 -27.88
CA SER B 514 -15.25 -23.91 -27.13
C SER B 514 -14.18 -23.44 -28.12
N PHE B 515 -13.93 -22.13 -28.14
CA PHE B 515 -12.79 -21.64 -28.89
C PHE B 515 -11.52 -22.00 -28.14
N GLU B 516 -10.38 -21.64 -28.72
CA GLU B 516 -9.23 -21.36 -27.87
C GLU B 516 -8.54 -20.10 -28.37
N LEU B 517 -8.64 -19.03 -27.58
CA LEU B 517 -8.03 -17.75 -27.88
C LEU B 517 -6.63 -17.76 -27.32
N LEU B 518 -5.64 -17.68 -28.20
CA LEU B 518 -4.31 -18.14 -27.82
C LEU B 518 -3.31 -17.63 -28.85
N HIS B 519 -2.04 -18.01 -28.69
CA HIS B 519 -0.97 -17.54 -29.54
C HIS B 519 -1.02 -18.13 -30.94
N ALA B 520 -1.49 -19.37 -31.07
CA ALA B 520 -1.25 -20.16 -32.27
C ALA B 520 -1.84 -19.50 -33.51
N PRO B 521 -1.29 -19.80 -34.69
CA PRO B 521 -1.83 -19.22 -35.92
C PRO B 521 -3.31 -19.46 -36.08
N ALA B 522 -4.09 -18.39 -36.09
CA ALA B 522 -5.54 -18.50 -36.16
C ALA B 522 -5.97 -19.07 -37.50
N THR B 523 -6.95 -19.96 -37.46
CA THR B 523 -7.48 -20.56 -38.68
C THR B 523 -8.96 -20.24 -38.92
N VAL B 524 -9.68 -19.81 -37.88
CA VAL B 524 -11.11 -19.55 -37.97
C VAL B 524 -11.36 -18.16 -37.42
N CYS B 525 -11.83 -17.25 -38.27
CA CYS B 525 -12.22 -15.92 -37.80
C CYS B 525 -12.95 -15.15 -38.89
N GLY B 526 -13.37 -13.95 -38.52
CA GLY B 526 -14.44 -13.25 -39.20
C GLY B 526 -14.12 -12.77 -40.60
N PRO B 527 -15.15 -12.26 -41.29
CA PRO B 527 -15.04 -11.89 -42.70
C PRO B 527 -14.60 -10.45 -42.94
N LYS B 528 -13.36 -10.13 -42.55
CA LYS B 528 -12.81 -8.82 -42.84
C LYS B 528 -12.42 -8.73 -44.32
N LYS B 529 -12.22 -7.51 -44.78
CA LYS B 529 -11.72 -7.28 -46.13
C LYS B 529 -10.25 -7.59 -46.27
N SER B 530 -9.46 -7.46 -45.19
CA SER B 530 -8.04 -7.80 -45.18
C SER B 530 -7.27 -6.98 -46.21
N THR B 531 -7.26 -5.67 -45.99
CA THR B 531 -6.58 -4.75 -46.90
C THR B 531 -5.08 -4.96 -46.91
N ASN B 532 -4.38 -4.22 -47.77
CA ASN B 532 -2.93 -4.32 -47.88
C ASN B 532 -2.24 -3.48 -46.82
N LEU B 533 -0.98 -3.82 -46.55
CA LEU B 533 -0.24 -3.18 -45.47
C LEU B 533 0.40 -1.88 -45.96
N VAL B 534 0.94 -1.11 -45.00
CA VAL B 534 1.77 0.05 -45.27
C VAL B 534 2.98 -0.06 -44.37
N LYS B 535 4.14 0.41 -44.86
CA LYS B 535 5.39 0.10 -44.19
C LYS B 535 6.26 1.35 -44.13
N ASN B 536 6.98 1.50 -43.01
CA ASN B 536 7.84 2.62 -42.62
C ASN B 536 7.08 3.88 -42.21
N LYS B 537 5.75 3.84 -42.15
CA LYS B 537 4.97 4.95 -41.62
C LYS B 537 3.95 4.39 -40.64
N CYS B 538 3.99 4.87 -39.40
CA CYS B 538 3.31 4.16 -38.33
C CYS B 538 1.80 4.27 -38.49
N VAL B 539 1.15 3.11 -38.45
CA VAL B 539 -0.28 2.96 -38.66
C VAL B 539 -0.91 2.36 -37.40
N ASN B 540 -2.21 2.16 -37.44
CA ASN B 540 -2.92 1.43 -36.38
C ASN B 540 -3.56 0.21 -37.01
N PHE B 541 -2.99 -0.96 -36.75
CA PHE B 541 -3.37 -2.21 -37.39
C PHE B 541 -4.26 -3.04 -36.48
N ASN B 542 -5.01 -3.95 -37.12
CA ASN B 542 -5.82 -4.95 -36.45
C ASN B 542 -5.17 -6.23 -36.93
N PHE B 543 -3.85 -6.28 -36.76
CA PHE B 543 -2.96 -7.20 -37.45
C PHE B 543 -3.21 -8.61 -36.94
N ASN B 544 -4.26 -9.23 -37.48
CA ASN B 544 -4.72 -10.56 -37.08
C ASN B 544 -5.16 -10.56 -35.61
N GLY B 545 -5.91 -9.53 -35.25
CA GLY B 545 -6.45 -9.42 -33.92
C GLY B 545 -5.53 -8.83 -32.88
N LEU B 546 -4.28 -8.53 -33.24
CA LEU B 546 -3.31 -7.92 -32.34
C LEU B 546 -3.35 -6.41 -32.59
N THR B 547 -4.52 -5.82 -32.34
CA THR B 547 -4.73 -4.42 -32.65
C THR B 547 -3.77 -3.54 -31.87
N GLY B 548 -3.16 -2.60 -32.57
CA GLY B 548 -2.16 -1.73 -31.94
C GLY B 548 -1.56 -0.82 -32.98
N THR B 549 -0.85 0.20 -32.49
CA THR B 549 -0.27 1.21 -33.36
C THR B 549 1.26 1.13 -33.33
N GLY B 550 1.86 1.44 -34.47
CA GLY B 550 3.30 1.40 -34.59
C GLY B 550 3.71 1.42 -36.04
N VAL B 551 5.03 1.51 -36.23
CA VAL B 551 5.64 1.53 -37.55
C VAL B 551 6.23 0.15 -37.81
N LEU B 552 6.00 -0.36 -39.02
CA LEU B 552 6.30 -1.75 -39.35
C LEU B 552 7.58 -1.82 -40.16
N THR B 553 8.55 -2.59 -39.68
CA THR B 553 9.79 -2.81 -40.40
C THR B 553 10.00 -4.30 -40.61
N GLU B 554 10.97 -4.65 -41.44
CA GLU B 554 11.23 -6.04 -41.79
C GLU B 554 12.22 -6.63 -40.79
N SER B 555 11.95 -7.86 -40.35
CA SER B 555 12.67 -8.46 -39.24
C SER B 555 13.82 -9.33 -39.71
N ASN B 556 14.94 -9.22 -38.99
CA ASN B 556 15.99 -10.21 -39.11
C ASN B 556 15.66 -11.48 -38.35
N LYS B 557 14.93 -11.35 -37.25
CA LYS B 557 14.58 -12.52 -36.44
C LYS B 557 13.68 -13.46 -37.22
N LYS B 558 14.00 -14.75 -37.18
CA LYS B 558 13.28 -15.76 -37.96
C LYS B 558 12.47 -16.63 -37.01
N PHE B 559 11.15 -16.60 -37.18
CA PHE B 559 10.24 -17.39 -36.36
C PHE B 559 10.44 -18.88 -36.65
N LEU B 560 10.09 -19.69 -35.67
CA LEU B 560 9.95 -21.12 -35.91
C LEU B 560 8.56 -21.42 -36.44
N PRO B 561 8.38 -22.53 -37.17
CA PRO B 561 7.18 -22.70 -37.99
C PRO B 561 5.86 -22.79 -37.22
N PHE B 562 5.89 -22.62 -35.90
CA PHE B 562 4.68 -22.81 -35.12
C PHE B 562 4.35 -21.61 -34.25
N GLN B 563 5.14 -20.55 -34.32
CA GLN B 563 4.89 -19.35 -33.53
C GLN B 563 4.27 -18.28 -34.40
N GLN B 564 3.37 -17.49 -33.79
CA GLN B 564 2.64 -16.46 -34.53
C GLN B 564 3.18 -15.06 -34.28
N PHE B 565 3.35 -14.68 -33.01
CA PHE B 565 3.78 -13.33 -32.71
C PHE B 565 4.68 -13.36 -31.49
N GLY B 566 5.69 -12.50 -31.48
CA GLY B 566 6.63 -12.46 -30.39
C GLY B 566 6.43 -11.25 -29.51
N ARG B 567 6.53 -11.46 -28.20
CA ARG B 567 6.47 -10.38 -27.24
C ARG B 567 7.84 -10.23 -26.61
N ASP B 568 8.22 -8.98 -26.35
CA ASP B 568 9.60 -8.71 -25.97
C ASP B 568 9.84 -8.78 -24.46
N ILE B 569 9.15 -7.95 -23.69
CA ILE B 569 9.26 -7.96 -22.24
C ILE B 569 8.11 -7.12 -21.71
N ALA B 570 7.56 -7.50 -20.57
CA ALA B 570 6.40 -6.83 -20.00
C ALA B 570 5.17 -6.91 -20.90
N ASP B 571 5.12 -7.93 -21.75
CA ASP B 571 3.94 -8.23 -22.58
C ASP B 571 3.57 -7.06 -23.51
N THR B 572 4.47 -6.78 -24.44
CA THR B 572 4.18 -5.91 -25.57
C THR B 572 4.61 -6.61 -26.85
N THR B 573 3.69 -6.73 -27.81
CA THR B 573 3.98 -7.46 -29.03
C THR B 573 5.02 -6.72 -29.86
N ASP B 574 6.22 -7.26 -29.90
CA ASP B 574 7.34 -6.62 -30.59
C ASP B 574 7.49 -7.07 -32.03
N ALA B 575 7.21 -8.33 -32.34
CA ALA B 575 7.30 -8.82 -33.70
C ALA B 575 6.06 -9.64 -34.01
N VAL B 576 5.64 -9.61 -35.27
CA VAL B 576 4.46 -10.33 -35.70
C VAL B 576 4.68 -10.88 -37.10
N ARG B 577 4.16 -12.07 -37.34
CA ARG B 577 4.16 -12.68 -38.66
C ARG B 577 2.85 -12.35 -39.34
N ASP B 578 2.94 -11.73 -40.52
CA ASP B 578 1.71 -11.42 -41.24
C ASP B 578 1.08 -12.71 -41.76
N PRO B 579 -0.25 -12.76 -41.85
CA PRO B 579 -0.89 -14.03 -42.22
C PRO B 579 -0.89 -14.30 -43.72
N GLN B 580 -0.89 -13.26 -44.55
CA GLN B 580 -1.04 -13.43 -45.99
C GLN B 580 0.27 -13.60 -46.73
N THR B 581 1.41 -13.45 -46.07
CA THR B 581 2.70 -13.57 -46.75
C THR B 581 3.73 -14.39 -45.97
N LEU B 582 3.53 -14.62 -44.68
CA LEU B 582 4.44 -15.38 -43.82
C LEU B 582 5.76 -14.66 -43.59
N GLU B 583 5.79 -13.35 -43.83
CA GLU B 583 6.94 -12.54 -43.48
C GLU B 583 6.88 -12.19 -41.99
N ILE B 584 7.98 -11.65 -41.47
CA ILE B 584 8.09 -11.27 -40.07
C ILE B 584 8.40 -9.79 -39.99
N LEU B 585 7.59 -9.05 -39.24
CA LEU B 585 7.68 -7.60 -39.16
C LEU B 585 7.87 -7.18 -37.71
N ASP B 586 8.86 -6.34 -37.47
CA ASP B 586 8.97 -5.66 -36.19
C ASP B 586 8.00 -4.51 -36.10
N ILE B 587 7.47 -4.31 -34.91
CA ILE B 587 6.46 -3.31 -34.63
C ILE B 587 7.13 -2.32 -33.68
N THR B 588 7.59 -1.22 -34.19
CA THR B 588 8.16 -0.37 -33.18
C THR B 588 7.30 0.86 -32.96
N PRO B 589 7.23 1.40 -31.74
CA PRO B 589 6.45 2.63 -31.54
C PRO B 589 7.09 3.79 -32.28
N CYS B 590 6.29 4.58 -32.97
CA CYS B 590 6.88 5.72 -33.65
C CYS B 590 7.06 6.87 -32.67
N SER B 591 7.70 7.93 -33.16
CA SER B 591 8.22 8.97 -32.29
C SER B 591 7.14 9.60 -31.42
N PHE B 592 7.46 9.78 -30.15
CA PHE B 592 6.60 10.49 -29.22
C PHE B 592 7.48 10.98 -28.08
N GLY B 593 6.98 11.96 -27.34
CA GLY B 593 7.73 12.44 -26.21
C GLY B 593 7.20 13.75 -25.69
N GLY B 594 7.84 14.23 -24.63
CA GLY B 594 7.41 15.43 -23.97
C GLY B 594 7.61 16.67 -24.83
N VAL B 595 6.91 17.73 -24.44
CA VAL B 595 7.07 19.04 -25.05
C VAL B 595 7.23 20.05 -23.94
N SER B 596 8.22 20.91 -24.06
CA SER B 596 8.43 21.99 -23.10
C SER B 596 8.47 23.31 -23.85
N VAL B 597 8.26 24.40 -23.13
CA VAL B 597 8.32 25.72 -23.72
C VAL B 597 9.46 26.50 -23.09
N ILE B 598 10.03 27.40 -23.85
CA ILE B 598 11.09 28.28 -23.40
C ILE B 598 10.55 29.68 -23.45
N THR B 599 10.42 30.32 -22.28
CA THR B 599 9.87 31.65 -22.27
C THR B 599 10.77 32.59 -21.46
N PRO B 600 10.90 33.82 -21.89
CA PRO B 600 11.70 34.78 -21.12
C PRO B 600 10.89 35.40 -19.99
N GLY B 601 9.72 34.84 -19.73
CA GLY B 601 8.80 35.39 -18.76
C GLY B 601 7.69 36.17 -19.46
N THR B 602 6.49 36.13 -18.89
CA THR B 602 5.39 36.85 -19.51
C THR B 602 5.64 38.35 -19.52
N ASN B 603 6.17 38.89 -18.43
CA ASN B 603 6.30 40.33 -18.31
C ASN B 603 7.30 40.91 -19.31
N THR B 604 8.34 40.16 -19.66
CA THR B 604 9.34 40.68 -20.59
C THR B 604 8.77 40.79 -22.00
N SER B 605 8.27 39.69 -22.55
CA SER B 605 7.75 39.66 -23.91
C SER B 605 6.76 38.52 -24.02
N ASN B 606 6.38 38.19 -25.25
CA ASN B 606 5.45 37.10 -25.51
C ASN B 606 5.96 36.05 -26.47
N GLN B 607 6.97 36.34 -27.29
CA GLN B 607 7.52 35.32 -28.16
C GLN B 607 8.20 34.24 -27.32
N VAL B 608 7.94 32.98 -27.65
CA VAL B 608 8.47 31.85 -26.90
C VAL B 608 8.96 30.79 -27.88
N ALA B 609 9.76 29.88 -27.37
CA ALA B 609 10.24 28.76 -28.16
C ALA B 609 9.63 27.46 -27.65
N VAL B 610 9.77 26.40 -28.42
CA VAL B 610 9.25 25.10 -28.06
C VAL B 610 10.34 24.06 -28.25
N LEU B 611 10.44 23.14 -27.30
CA LEU B 611 11.40 22.05 -27.37
C LEU B 611 10.64 20.74 -27.32
N TYR B 612 10.69 19.99 -28.41
CA TYR B 612 10.21 18.62 -28.45
C TYR B 612 11.32 17.73 -27.92
N GLN B 613 11.00 16.88 -26.96
CA GLN B 613 12.01 16.18 -26.19
C GLN B 613 12.45 14.92 -26.91
N ASP B 614 13.77 14.77 -27.08
CA ASP B 614 14.42 13.61 -27.71
C ASP B 614 13.64 13.10 -28.93
N VAL B 615 13.47 13.98 -29.93
CA VAL B 615 12.88 13.62 -31.22
C VAL B 615 13.66 14.34 -32.32
N ASN B 616 13.89 13.65 -33.44
CA ASN B 616 14.23 14.37 -34.66
C ASN B 616 13.17 15.35 -35.13
N CYS B 617 13.66 16.39 -35.80
CA CYS B 617 12.83 17.36 -36.50
C CYS B 617 12.45 16.91 -37.90
N THR B 618 12.72 15.65 -38.26
CA THR B 618 12.14 15.09 -39.46
C THR B 618 10.63 14.93 -39.33
N GLU B 619 10.11 15.06 -38.11
CA GLU B 619 8.70 15.12 -37.83
C GLU B 619 8.44 16.45 -37.15
N VAL B 620 7.27 17.03 -37.44
CA VAL B 620 6.86 18.32 -36.90
C VAL B 620 7.10 18.41 -35.39
N THR B 638 5.65 30.15 -34.77
CA THR B 638 5.60 28.70 -34.91
C THR B 638 6.32 28.25 -36.18
N GLY B 639 7.47 27.61 -36.01
CA GLY B 639 8.20 27.08 -37.14
C GLY B 639 9.15 28.05 -37.81
N SER B 640 9.60 29.09 -37.10
CA SER B 640 10.50 30.08 -37.70
C SER B 640 11.86 29.46 -38.01
N ASN B 641 12.56 28.99 -36.98
CA ASN B 641 13.86 28.36 -37.15
C ASN B 641 13.90 27.08 -36.32
N VAL B 642 14.43 26.03 -36.92
CA VAL B 642 14.53 24.72 -36.28
C VAL B 642 16.00 24.40 -36.06
N PHE B 643 16.26 23.66 -35.00
CA PHE B 643 17.62 23.19 -34.75
C PHE B 643 17.54 21.88 -33.98
N GLN B 644 18.41 20.94 -34.33
CA GLN B 644 18.42 19.64 -33.65
C GLN B 644 19.54 19.62 -32.62
N THR B 645 19.17 19.57 -31.34
CA THR B 645 20.12 19.48 -30.25
C THR B 645 20.00 18.12 -29.62
N ARG B 646 20.96 17.79 -28.75
CA ARG B 646 20.92 16.51 -28.07
C ARG B 646 19.69 16.37 -27.17
N ALA B 647 19.07 17.48 -26.79
CA ALA B 647 17.81 17.42 -26.06
C ALA B 647 16.63 17.09 -26.95
N GLY B 648 16.69 17.46 -28.22
CA GLY B 648 15.59 17.17 -29.11
C GLY B 648 15.50 18.22 -30.21
N CYS B 649 14.28 18.66 -30.46
CA CYS B 649 13.99 19.65 -31.50
C CYS B 649 13.73 20.99 -30.86
N LEU B 650 14.44 22.02 -31.29
CA LEU B 650 14.23 23.37 -30.79
C LEU B 650 13.64 24.21 -31.92
N ILE B 651 12.42 24.70 -31.72
CA ILE B 651 11.70 25.51 -32.69
C ILE B 651 11.49 26.89 -32.10
N GLY B 652 11.80 27.91 -32.87
CA GLY B 652 11.56 29.28 -32.47
C GLY B 652 12.78 30.02 -31.94
N ALA B 653 13.94 29.40 -31.96
CA ALA B 653 15.16 30.05 -31.50
C ALA B 653 16.26 29.87 -32.54
N GLU B 654 17.02 30.94 -32.77
CA GLU B 654 18.10 30.94 -33.76
C GLU B 654 19.42 30.63 -33.07
N HIS B 655 20.13 29.62 -33.58
CA HIS B 655 21.44 29.27 -33.04
C HIS B 655 22.41 30.41 -33.23
N VAL B 656 23.14 30.73 -32.16
CA VAL B 656 24.20 31.74 -32.21
C VAL B 656 25.51 31.09 -31.78
N ASN B 657 26.62 31.52 -32.35
CA ASN B 657 27.92 30.93 -32.06
C ASN B 657 28.52 31.41 -30.74
N ASN B 658 28.53 32.73 -30.52
CA ASN B 658 29.13 33.26 -29.30
C ASN B 658 28.33 32.82 -28.07
N SER B 659 29.00 32.77 -26.93
CA SER B 659 28.43 32.16 -25.75
C SER B 659 28.57 33.07 -24.53
N TYR B 660 27.59 32.96 -23.64
CA TYR B 660 27.53 33.79 -22.43
C TYR B 660 27.22 32.87 -21.27
N GLU B 661 26.87 33.46 -20.13
CA GLU B 661 26.25 32.71 -19.04
C GLU B 661 24.75 32.65 -19.28
N CYS B 662 24.21 31.45 -19.36
CA CYS B 662 22.86 31.25 -19.88
C CYS B 662 21.83 31.22 -18.76
N ASP B 663 20.65 31.74 -19.07
CA ASP B 663 19.57 31.92 -18.11
C ASP B 663 18.59 30.76 -18.11
N ILE B 664 18.47 30.03 -19.21
CA ILE B 664 17.43 29.01 -19.33
C ILE B 664 18.07 27.67 -19.63
N PRO B 665 18.18 26.77 -18.67
CA PRO B 665 18.76 25.46 -18.95
C PRO B 665 17.91 24.68 -19.94
N ILE B 666 18.58 23.92 -20.81
CA ILE B 666 17.89 23.12 -21.80
C ILE B 666 18.33 21.67 -21.67
N GLY B 667 19.61 21.42 -21.89
CA GLY B 667 20.12 20.07 -21.91
C GLY B 667 21.39 20.01 -22.73
N ALA B 668 22.31 19.11 -22.34
CA ALA B 668 23.58 18.94 -23.03
C ALA B 668 24.34 20.25 -23.14
N GLY B 669 24.06 21.18 -22.24
CA GLY B 669 24.74 22.45 -22.19
C GLY B 669 24.07 23.57 -22.94
N ILE B 670 23.17 23.26 -23.87
CA ILE B 670 22.47 24.32 -24.60
C ILE B 670 21.59 25.09 -23.64
N CYS B 671 21.35 26.36 -23.96
CA CYS B 671 20.51 27.21 -23.13
C CYS B 671 19.72 28.14 -24.05
N ALA B 672 19.10 29.15 -23.46
CA ALA B 672 18.32 30.13 -24.22
C ALA B 672 18.20 31.44 -23.46
N VAL B 687 16.35 35.52 -23.75
CA VAL B 687 16.05 36.58 -24.71
C VAL B 687 17.16 37.61 -24.68
N ALA B 688 17.49 38.15 -25.84
CA ALA B 688 18.50 39.18 -25.99
C ALA B 688 18.37 39.75 -27.39
N SER B 689 18.42 41.08 -27.49
CA SER B 689 18.19 41.79 -28.75
C SER B 689 16.84 41.38 -29.35
N GLN B 690 15.76 41.65 -28.61
CA GLN B 690 14.37 41.35 -28.97
C GLN B 690 14.20 40.01 -29.70
N SER B 691 14.93 38.98 -29.28
CA SER B 691 14.77 37.65 -29.88
C SER B 691 15.27 36.60 -28.90
N ILE B 692 14.84 35.36 -29.14
CA ILE B 692 15.22 34.22 -28.31
C ILE B 692 16.31 33.45 -29.03
N ILE B 693 17.47 33.30 -28.39
CA ILE B 693 18.63 32.69 -29.00
C ILE B 693 18.97 31.41 -28.25
N ALA B 694 19.60 30.48 -28.96
CA ALA B 694 20.10 29.24 -28.38
C ALA B 694 21.59 29.14 -28.63
N TYR B 695 22.33 28.65 -27.65
CA TYR B 695 23.78 28.72 -27.72
C TYR B 695 24.39 27.90 -26.61
N THR B 696 25.50 27.23 -26.92
CA THR B 696 26.24 26.50 -25.90
C THR B 696 26.68 27.46 -24.81
N MET B 697 26.60 26.99 -23.56
CA MET B 697 26.89 27.86 -22.44
C MET B 697 28.39 28.09 -22.29
N SER B 698 28.73 29.28 -21.80
CA SER B 698 30.12 29.62 -21.52
C SER B 698 30.40 29.39 -20.06
N LEU B 699 31.54 28.77 -19.77
CA LEU B 699 31.81 28.33 -18.41
C LEU B 699 32.11 29.51 -17.50
N GLY B 700 32.85 30.48 -18.01
CA GLY B 700 33.20 31.65 -17.22
C GLY B 700 34.14 32.54 -18.01
N ALA B 701 34.54 33.63 -17.38
CA ALA B 701 35.47 34.56 -18.01
C ALA B 701 36.82 33.87 -18.17
N GLU B 702 37.12 33.42 -19.38
CA GLU B 702 38.29 32.57 -19.62
C GLU B 702 39.54 33.45 -19.59
N ASN B 703 40.16 33.51 -18.42
CA ASN B 703 41.43 34.21 -18.25
C ASN B 703 42.44 33.31 -17.55
N SER B 704 43.70 33.56 -17.82
CA SER B 704 44.79 32.72 -17.34
C SER B 704 45.56 33.45 -16.25
N VAL B 705 46.17 32.68 -15.37
CA VAL B 705 47.06 33.23 -14.36
C VAL B 705 48.51 33.06 -14.83
N ALA B 706 49.29 34.12 -14.73
CA ALA B 706 50.68 34.09 -15.17
C ALA B 706 51.53 33.43 -14.11
N TYR B 707 52.47 32.60 -14.53
CA TYR B 707 53.25 31.80 -13.61
C TYR B 707 54.73 31.86 -14.00
N SER B 708 55.58 31.90 -12.98
CA SER B 708 57.03 31.88 -13.16
C SER B 708 57.68 31.45 -11.84
N ASN B 709 58.75 30.66 -11.91
CA ASN B 709 59.21 29.96 -10.71
C ASN B 709 59.86 30.86 -9.68
N ASN B 710 59.83 32.19 -9.89
CA ASN B 710 60.38 33.07 -8.88
C ASN B 710 59.54 34.33 -8.67
N SER B 711 58.32 34.36 -9.19
CA SER B 711 57.42 35.50 -9.04
C SER B 711 56.29 35.14 -8.09
N ILE B 712 55.89 36.09 -7.25
CA ILE B 712 54.77 35.91 -6.33
C ILE B 712 53.95 37.18 -6.29
N ALA B 713 52.63 37.04 -6.30
CA ALA B 713 51.75 38.17 -6.11
C ALA B 713 51.40 38.29 -4.62
N ILE B 714 51.19 39.52 -4.18
CA ILE B 714 50.77 39.78 -2.80
C ILE B 714 49.74 40.90 -2.83
N PRO B 715 48.64 40.76 -2.09
CA PRO B 715 47.66 41.85 -2.05
C PRO B 715 48.18 43.01 -1.23
N THR B 716 47.69 44.19 -1.57
CA THR B 716 47.96 45.39 -0.79
C THR B 716 46.71 46.03 -0.24
N ASN B 717 45.56 45.83 -0.87
CA ASN B 717 44.30 46.38 -0.42
C ASN B 717 43.42 45.24 0.05
N PHE B 718 42.37 45.58 0.77
CA PHE B 718 41.42 44.55 1.17
C PHE B 718 40.06 45.19 1.40
N THR B 719 39.02 44.46 1.07
CA THR B 719 37.65 44.90 1.31
C THR B 719 36.96 43.88 2.19
N ILE B 720 36.34 44.33 3.24
CA ILE B 720 35.48 43.45 4.00
C ILE B 720 34.08 43.56 3.41
N SER B 721 33.44 42.41 3.22
CA SER B 721 32.15 42.37 2.55
C SER B 721 31.23 41.46 3.35
N VAL B 722 29.95 41.75 3.27
CA VAL B 722 28.93 41.01 3.99
C VAL B 722 28.08 40.26 2.98
N THR B 723 27.88 38.97 3.24
CA THR B 723 27.03 38.15 2.38
C THR B 723 25.90 37.55 3.21
N THR B 724 24.70 37.59 2.66
CA THR B 724 23.61 36.88 3.33
C THR B 724 23.61 35.43 2.92
N GLU B 725 23.07 34.59 3.79
CA GLU B 725 22.92 33.18 3.46
C GLU B 725 21.70 32.64 4.20
N ILE B 726 20.75 32.10 3.45
CA ILE B 726 19.40 31.82 3.95
C ILE B 726 19.20 30.32 4.05
N LEU B 727 18.72 29.86 5.20
CA LEU B 727 18.42 28.45 5.39
C LEU B 727 17.04 28.28 5.99
N PRO B 728 16.33 27.21 5.66
CA PRO B 728 15.08 26.89 6.34
C PRO B 728 15.32 26.02 7.55
N VAL B 729 14.43 26.13 8.53
CA VAL B 729 14.53 25.32 9.74
C VAL B 729 13.21 24.65 10.12
N SER B 730 12.10 25.03 9.53
CA SER B 730 10.83 24.49 10.00
C SER B 730 9.76 24.66 8.95
N MET B 731 8.79 23.75 8.97
CA MET B 731 7.56 23.83 8.19
C MET B 731 6.39 24.09 9.12
N THR B 732 5.19 24.12 8.56
CA THR B 732 3.98 24.24 9.36
C THR B 732 3.69 22.89 10.02
N LYS B 733 3.53 22.89 11.33
CA LYS B 733 3.20 21.65 12.03
C LYS B 733 1.75 21.29 11.75
N THR B 734 1.49 20.56 10.67
CA THR B 734 0.14 20.27 10.26
C THR B 734 -0.32 18.93 10.81
N SER B 735 -1.64 18.73 10.77
CA SER B 735 -2.23 17.48 11.26
C SER B 735 -3.56 17.25 10.58
N VAL B 736 -3.80 16.01 10.16
CA VAL B 736 -5.05 15.60 9.54
C VAL B 736 -5.49 14.28 10.18
N ASP B 737 -6.79 14.12 10.36
CA ASP B 737 -7.36 12.94 11.01
C ASP B 737 -8.20 12.19 9.98
N CYS B 738 -7.97 10.88 9.85
CA CYS B 738 -8.67 10.12 8.82
C CYS B 738 -10.17 10.16 9.08
N THR B 739 -10.57 9.84 10.33
CA THR B 739 -11.97 9.64 10.64
C THR B 739 -12.82 10.83 10.22
N MET B 740 -12.28 12.04 10.33
CA MET B 740 -13.00 13.22 9.88
C MET B 740 -12.74 13.54 8.41
N TYR B 741 -11.69 12.95 7.81
CA TYR B 741 -11.34 13.34 6.46
C TYR B 741 -12.02 12.43 5.44
N ILE B 742 -11.76 11.13 5.50
CA ILE B 742 -12.33 10.22 4.51
C ILE B 742 -13.83 10.05 4.70
N CYS B 743 -14.32 10.15 5.93
CA CYS B 743 -15.76 10.06 6.19
C CYS B 743 -16.44 11.42 6.29
N GLY B 744 -15.97 12.27 7.19
CA GLY B 744 -16.62 13.55 7.38
C GLY B 744 -17.92 13.42 8.15
N ASP B 745 -17.82 12.91 9.37
CA ASP B 745 -18.96 12.79 10.29
C ASP B 745 -20.04 11.85 9.75
N SER B 746 -19.62 10.82 9.03
CA SER B 746 -20.54 9.79 8.53
C SER B 746 -20.35 8.54 9.37
N THR B 747 -21.40 8.14 10.08
CA THR B 747 -21.28 7.02 11.01
C THR B 747 -20.98 5.72 10.28
N GLU B 748 -21.80 5.38 9.28
CA GLU B 748 -21.63 4.11 8.59
C GLU B 748 -20.33 4.07 7.80
N CYS B 749 -19.86 5.23 7.32
CA CYS B 749 -18.54 5.25 6.68
C CYS B 749 -17.48 4.86 7.69
N SER B 750 -17.60 5.34 8.92
CA SER B 750 -16.65 4.97 9.97
C SER B 750 -16.76 3.48 10.32
N ASN B 751 -17.99 2.96 10.37
CA ASN B 751 -18.16 1.55 10.69
C ASN B 751 -17.57 0.66 9.62
N LEU B 752 -17.57 1.12 8.37
CA LEU B 752 -16.89 0.35 7.33
C LEU B 752 -15.38 0.58 7.38
N LEU B 753 -14.96 1.78 7.75
CA LEU B 753 -13.53 2.09 7.82
C LEU B 753 -12.83 1.24 8.86
N LEU B 754 -13.48 1.03 10.01
CA LEU B 754 -12.79 0.36 11.11
C LEU B 754 -12.30 -1.03 10.72
N GLN B 755 -12.87 -1.62 9.67
CA GLN B 755 -12.40 -2.92 9.21
C GLN B 755 -10.95 -2.87 8.73
N TYR B 756 -10.50 -1.71 8.27
CA TYR B 756 -9.18 -1.60 7.67
C TYR B 756 -8.06 -1.53 8.70
N GLY B 757 -8.38 -1.69 9.98
CA GLY B 757 -7.35 -1.77 10.99
C GLY B 757 -6.95 -0.39 11.50
N SER B 758 -5.65 -0.13 11.54
CA SER B 758 -5.12 1.06 12.18
C SER B 758 -4.25 1.89 11.25
N PHE B 759 -4.72 2.13 10.02
CA PHE B 759 -4.03 3.08 9.17
C PHE B 759 -4.09 4.48 9.75
N CYS B 760 -5.22 4.85 10.35
CA CYS B 760 -5.33 6.15 10.99
C CYS B 760 -4.36 6.33 12.13
N THR B 761 -4.16 5.28 12.94
CA THR B 761 -3.19 5.38 14.01
C THR B 761 -1.81 5.69 13.46
N GLN B 762 -1.42 4.99 12.39
CA GLN B 762 -0.12 5.25 11.78
C GLN B 762 -0.02 6.66 11.25
N LEU B 763 -1.06 7.13 10.57
CA LEU B 763 -0.96 8.45 9.95
C LEU B 763 -0.92 9.56 11.00
N ASN B 764 -1.77 9.46 12.02
CA ASN B 764 -1.72 10.45 13.09
C ASN B 764 -0.38 10.42 13.81
N ARG B 765 0.16 9.22 14.03
CA ARG B 765 1.44 9.13 14.70
C ARG B 765 2.56 9.74 13.86
N ALA B 766 2.53 9.51 12.55
CA ALA B 766 3.58 10.06 11.69
C ALA B 766 3.52 11.59 11.67
N LEU B 767 2.32 12.16 11.52
CA LEU B 767 2.23 13.62 11.50
C LEU B 767 2.61 14.23 12.85
N THR B 768 2.18 13.62 13.94
CA THR B 768 2.59 14.12 15.25
C THR B 768 4.11 14.01 15.42
N GLY B 769 4.71 12.94 14.91
CA GLY B 769 6.15 12.80 14.99
C GLY B 769 6.88 13.91 14.26
N ILE B 770 6.44 14.22 13.03
CA ILE B 770 7.13 15.29 12.32
C ILE B 770 6.86 16.64 12.98
N ALA B 771 5.70 16.82 13.61
CA ALA B 771 5.46 18.06 14.33
C ALA B 771 6.44 18.22 15.50
N VAL B 772 6.64 17.14 16.25
CA VAL B 772 7.61 17.17 17.34
C VAL B 772 9.00 17.47 16.80
N GLU B 773 9.36 16.81 15.71
CA GLU B 773 10.65 17.09 15.09
C GLU B 773 10.77 18.55 14.69
N GLN B 774 9.70 19.14 14.20
CA GLN B 774 9.73 20.53 13.77
C GLN B 774 9.96 21.48 14.94
N ASP B 775 9.31 21.25 16.08
CA ASP B 775 9.62 22.14 17.19
C ASP B 775 11.04 21.94 17.69
N LYS B 776 11.50 20.68 17.69
CA LYS B 776 12.87 20.42 18.10
C LYS B 776 13.89 21.09 17.19
N ASN B 777 13.57 21.21 15.90
CA ASN B 777 14.49 21.85 14.95
C ASN B 777 14.82 23.27 15.39
N THR B 778 13.79 24.08 15.62
CA THR B 778 14.00 25.45 16.07
C THR B 778 14.65 25.49 17.44
N GLN B 779 14.14 24.66 18.37
CA GLN B 779 14.69 24.65 19.72
C GLN B 779 16.17 24.31 19.74
N GLU B 780 16.65 23.58 18.73
CA GLU B 780 18.06 23.25 18.64
C GLU B 780 18.87 24.31 17.90
N VAL B 781 18.35 24.82 16.79
CA VAL B 781 19.14 25.76 16.00
C VAL B 781 19.32 27.08 16.74
N PHE B 782 18.32 27.55 17.49
CA PHE B 782 18.44 28.88 18.09
C PHE B 782 18.88 28.86 19.54
N ALA B 783 18.34 27.96 20.36
CA ALA B 783 18.67 27.97 21.78
C ALA B 783 20.07 27.42 22.03
N GLN B 784 21.09 28.10 21.50
CA GLN B 784 22.47 27.70 21.72
C GLN B 784 23.10 28.40 22.92
N VAL B 785 22.42 29.38 23.51
CA VAL B 785 22.95 30.17 24.61
C VAL B 785 21.96 30.12 25.77
N LYS B 786 22.47 29.97 26.98
CA LYS B 786 21.63 29.86 28.15
C LYS B 786 21.66 31.08 29.04
N GLN B 787 22.10 32.21 28.52
CA GLN B 787 21.81 33.51 29.11
C GLN B 787 21.01 34.31 28.10
N ILE B 788 20.67 35.54 28.46
CA ILE B 788 20.04 36.47 27.54
C ILE B 788 20.86 37.76 27.65
N TYR B 789 21.85 37.90 26.78
CA TYR B 789 22.73 39.06 26.84
C TYR B 789 22.08 40.26 26.17
N LYS B 790 22.01 41.37 26.88
CA LYS B 790 21.46 42.61 26.36
C LYS B 790 22.57 43.64 26.31
N THR B 791 22.78 44.21 25.12
CA THR B 791 23.88 45.15 24.95
C THR B 791 23.66 46.41 25.80
N PRO B 792 24.73 47.00 26.30
CA PRO B 792 24.60 48.29 27.00
C PRO B 792 24.14 49.37 26.04
N PRO B 793 23.41 50.38 26.54
CA PRO B 793 22.84 51.38 25.61
C PRO B 793 23.88 52.15 24.83
N ILE B 794 25.12 52.25 25.35
CA ILE B 794 26.16 52.98 24.63
C ILE B 794 26.55 52.20 23.38
N LYS B 795 26.53 52.90 22.24
CA LYS B 795 26.87 52.33 20.94
C LYS B 795 28.09 53.08 20.41
N ASP B 796 29.27 52.62 20.82
CA ASP B 796 30.54 53.20 20.41
C ASP B 796 31.47 52.09 19.92
N PHE B 797 30.92 51.10 19.23
CA PHE B 797 31.62 49.85 18.97
C PHE B 797 32.73 50.13 17.96
N GLY B 798 33.83 50.67 18.47
CA GLY B 798 35.00 50.98 17.67
C GLY B 798 34.69 51.83 16.45
N GLY B 799 33.57 52.53 16.47
CA GLY B 799 33.11 53.25 15.31
C GLY B 799 32.32 52.42 14.32
N PHE B 800 31.90 51.22 14.70
CA PHE B 800 31.12 50.34 13.81
C PHE B 800 29.64 50.58 14.05
N ASN B 801 28.92 50.97 13.02
CA ASN B 801 27.46 51.03 13.10
C ASN B 801 26.89 49.64 13.29
N PHE B 802 25.98 49.51 14.25
CA PHE B 802 25.17 48.31 14.40
C PHE B 802 23.69 48.66 14.50
N SER B 803 23.33 49.92 14.31
CA SER B 803 21.96 50.37 14.52
C SER B 803 20.99 49.76 13.52
N GLN B 804 21.46 49.25 12.39
CA GLN B 804 20.57 48.67 11.41
C GLN B 804 20.28 47.20 11.69
N ILE B 805 21.03 46.58 12.59
CA ILE B 805 20.93 45.15 12.84
C ILE B 805 20.39 44.84 14.23
N LEU B 806 20.91 45.53 15.25
CA LEU B 806 20.54 45.25 16.63
C LEU B 806 19.07 45.61 16.83
N PRO B 807 18.39 44.96 17.78
CA PRO B 807 16.96 45.20 17.95
C PRO B 807 16.68 46.61 18.44
N ASP B 808 15.55 47.14 17.97
CA ASP B 808 15.06 48.45 18.36
C ASP B 808 13.73 48.28 19.09
N PRO B 809 13.58 48.78 20.32
CA PRO B 809 12.31 48.58 21.04
C PRO B 809 11.15 49.32 20.41
N SER B 810 11.41 50.03 19.29
CA SER B 810 10.34 50.65 18.54
C SER B 810 9.38 49.61 17.99
N LYS B 811 9.90 48.50 17.49
CA LYS B 811 9.08 47.46 16.90
C LYS B 811 9.18 46.14 17.68
N ARG B 815 11.78 43.25 17.98
CA ARG B 815 12.23 42.70 16.71
C ARG B 815 12.76 43.80 15.79
N SER B 816 14.00 43.63 15.34
CA SER B 816 14.75 44.72 14.73
C SER B 816 14.24 45.02 13.33
N PHE B 817 14.96 45.90 12.65
CA PHE B 817 14.59 46.40 11.32
C PHE B 817 14.74 45.34 10.23
N ILE B 818 15.88 44.63 10.23
CA ILE B 818 16.16 43.70 9.15
C ILE B 818 15.15 42.56 9.13
N GLU B 819 14.89 41.93 10.29
CA GLU B 819 13.93 40.83 10.32
C GLU B 819 12.55 41.29 9.87
N ASP B 820 12.18 42.53 10.18
CA ASP B 820 10.94 43.05 9.62
C ASP B 820 11.01 43.11 8.11
N LEU B 821 12.12 43.61 7.58
CA LEU B 821 12.26 43.68 6.13
C LEU B 821 12.05 42.32 5.49
N LEU B 822 12.65 41.27 6.05
CA LEU B 822 12.39 39.93 5.50
C LEU B 822 10.98 39.46 5.83
N PHE B 823 10.41 39.91 6.94
CA PHE B 823 9.13 39.45 7.42
C PHE B 823 8.02 39.88 6.48
N ASN B 824 8.25 40.94 5.72
CA ASN B 824 7.33 41.32 4.64
C ASN B 824 7.80 40.82 3.28
N LYS B 825 8.33 39.60 3.21
CA LYS B 825 8.71 39.03 1.92
C LYS B 825 8.21 37.60 1.74
N VAL B 826 7.14 37.21 2.42
CA VAL B 826 6.58 35.87 2.28
C VAL B 826 5.06 35.97 2.09
N THR B 827 4.49 34.87 1.60
CA THR B 827 3.08 34.79 1.21
C THR B 827 2.40 33.62 1.92
N LEU B 828 2.57 33.54 3.24
CA LEU B 828 1.93 32.50 4.05
C LEU B 828 0.41 32.53 3.89
N GLN B 853 -6.92 28.83 5.13
CA GLN B 853 -7.39 28.43 6.45
C GLN B 853 -8.01 27.03 6.37
N LYS B 854 -8.44 26.50 7.50
CA LYS B 854 -8.81 25.10 7.62
C LYS B 854 -10.32 24.91 7.49
N PHE B 855 -10.71 23.81 6.84
CA PHE B 855 -12.12 23.40 6.75
C PHE B 855 -12.36 22.03 7.35
N ASN B 856 -11.65 21.00 6.90
CA ASN B 856 -11.99 19.62 7.25
C ASN B 856 -10.71 18.85 7.54
N GLY B 857 -10.50 18.50 8.80
CA GLY B 857 -9.36 17.68 9.15
C GLY B 857 -8.07 18.47 9.26
N LEU B 858 -7.86 19.41 8.36
CA LEU B 858 -6.64 20.22 8.40
C LEU B 858 -6.55 20.99 9.70
N THR B 859 -5.42 20.90 10.36
CA THR B 859 -5.17 21.70 11.55
C THR B 859 -3.71 22.11 11.53
N VAL B 860 -3.45 23.35 11.94
CA VAL B 860 -2.11 23.90 11.95
C VAL B 860 -1.76 24.17 13.40
N LEU B 861 -1.04 23.27 14.03
CA LEU B 861 -0.63 23.48 15.40
C LEU B 861 0.38 24.62 15.44
N PRO B 862 0.19 25.61 16.31
CA PRO B 862 1.11 26.75 16.33
C PRO B 862 2.46 26.35 16.87
N PRO B 863 3.54 26.91 16.33
CA PRO B 863 4.89 26.50 16.77
C PRO B 863 5.12 26.85 18.23
N LEU B 864 5.96 26.05 18.87
CA LEU B 864 6.24 26.25 20.29
C LEU B 864 6.87 27.61 20.55
N LEU B 865 7.83 28.00 19.72
CA LEU B 865 8.55 29.26 19.90
C LEU B 865 7.97 30.31 18.96
N THR B 866 7.34 31.32 19.53
CA THR B 866 6.75 32.38 18.72
C THR B 866 7.84 33.24 18.10
N ASP B 867 7.44 34.04 17.11
CA ASP B 867 8.40 34.81 16.33
C ASP B 867 9.12 35.84 17.18
N GLU B 868 8.41 36.52 18.08
CA GLU B 868 9.08 37.52 18.90
C GLU B 868 10.03 36.89 19.91
N MET B 869 9.79 35.65 20.34
CA MET B 869 10.72 34.96 21.21
C MET B 869 11.99 34.57 20.46
N ILE B 870 11.84 34.17 19.20
CA ILE B 870 13.02 33.90 18.37
C ILE B 870 13.78 35.19 18.14
N ALA B 871 13.07 36.31 18.01
CA ALA B 871 13.73 37.59 17.93
C ALA B 871 14.54 37.86 19.19
N GLN B 872 13.99 37.51 20.35
CA GLN B 872 14.73 37.67 21.60
C GLN B 872 15.99 36.81 21.62
N TYR B 873 15.88 35.56 21.17
CA TYR B 873 17.05 34.69 21.14
C TYR B 873 18.12 35.22 20.20
N THR B 874 17.71 35.65 19.01
CA THR B 874 18.68 36.16 18.05
C THR B 874 19.33 37.44 18.55
N SER B 875 18.56 38.31 19.20
CA SER B 875 19.14 39.48 19.84
C SER B 875 20.13 39.11 20.93
N ALA B 876 19.84 38.09 21.73
CA ALA B 876 20.79 37.66 22.74
C ALA B 876 22.08 37.16 22.11
N LEU B 877 21.97 36.33 21.07
CA LEU B 877 23.17 35.82 20.40
C LEU B 877 23.98 36.96 19.81
N LEU B 878 23.28 37.94 19.21
CA LEU B 878 23.95 39.08 18.61
C LEU B 878 24.70 39.92 19.64
N ALA B 879 24.02 40.29 20.72
CA ALA B 879 24.66 41.06 21.77
C ALA B 879 25.75 40.29 22.47
N GLY B 880 25.71 38.96 22.42
CA GLY B 880 26.81 38.19 22.96
C GLY B 880 28.01 38.28 22.05
N THR B 881 27.83 37.94 20.78
CA THR B 881 28.97 37.90 19.87
C THR B 881 29.50 39.29 19.53
N ILE B 882 28.79 40.36 19.86
CA ILE B 882 29.33 41.70 19.64
C ILE B 882 30.23 42.13 20.78
N THR B 883 29.77 41.98 22.02
CA THR B 883 30.54 42.44 23.17
C THR B 883 31.53 41.37 23.63
N SER B 884 31.02 40.18 23.97
CA SER B 884 31.82 39.17 24.64
C SER B 884 32.67 38.34 23.69
N GLY B 885 32.84 38.78 22.45
CA GLY B 885 33.63 38.01 21.52
C GLY B 885 32.94 36.70 21.18
N TRP B 886 33.54 35.59 21.60
CA TRP B 886 32.94 34.28 21.41
C TRP B 886 32.92 33.49 22.71
N THR B 887 33.62 33.97 23.74
CA THR B 887 33.83 33.21 24.96
C THR B 887 32.53 32.79 25.59
N PHE B 888 31.45 33.53 25.34
CA PHE B 888 30.14 33.13 25.82
C PHE B 888 29.65 31.84 25.17
N GLY B 889 30.29 31.39 24.10
CA GLY B 889 30.07 30.06 23.59
C GLY B 889 30.89 29.00 24.30
N ALA B 890 31.69 29.39 25.29
CA ALA B 890 32.47 28.46 26.09
C ALA B 890 32.03 28.44 27.54
N GLY B 891 32.04 29.58 28.21
CA GLY B 891 31.63 29.64 29.60
C GLY B 891 30.98 30.97 29.93
N ALA B 892 31.36 31.54 31.08
CA ALA B 892 30.87 32.86 31.44
C ALA B 892 31.32 33.87 30.39
N ALA B 893 30.42 34.77 30.01
CA ALA B 893 30.75 35.77 29.02
C ALA B 893 31.76 36.76 29.57
N LEU B 894 32.88 36.93 28.88
CA LEU B 894 33.97 37.78 29.30
C LEU B 894 34.13 38.89 28.27
N GLN B 895 33.63 40.08 28.58
CA GLN B 895 33.54 41.11 27.56
C GLN B 895 34.92 41.58 27.13
N ILE B 896 34.95 42.26 25.99
CA ILE B 896 36.17 42.77 25.39
C ILE B 896 35.76 43.81 24.35
N PRO B 897 36.42 44.97 24.30
CA PRO B 897 36.00 46.00 23.34
C PRO B 897 36.07 45.48 21.91
N PHE B 898 35.16 45.97 21.07
CA PHE B 898 34.97 45.38 19.75
C PHE B 898 36.23 45.53 18.89
N ALA B 899 36.96 46.62 19.09
CA ALA B 899 38.15 46.87 18.28
C ALA B 899 39.15 45.73 18.41
N MET B 900 39.47 45.35 19.65
CA MET B 900 40.45 44.28 19.83
C MET B 900 39.86 42.92 19.49
N GLN B 901 38.54 42.78 19.52
CA GLN B 901 37.94 41.56 19.00
C GLN B 901 38.24 41.41 17.51
N MET B 902 37.98 42.46 16.74
CA MET B 902 38.35 42.45 15.34
C MET B 902 39.85 42.26 15.16
N ALA B 903 40.65 42.83 16.05
CA ALA B 903 42.10 42.67 15.93
C ALA B 903 42.50 41.22 16.10
N TYR B 904 41.94 40.54 17.10
CA TYR B 904 42.23 39.13 17.24
C TYR B 904 41.79 38.35 16.02
N ARG B 905 40.62 38.67 15.48
CA ARG B 905 40.13 37.89 14.35
C ARG B 905 41.02 38.07 13.13
N PHE B 906 41.46 39.30 12.89
CA PHE B 906 42.45 39.54 11.85
C PHE B 906 43.70 38.72 12.11
N ASN B 907 44.13 38.66 13.37
CA ASN B 907 45.28 37.82 13.72
C ASN B 907 45.00 36.38 13.36
N GLY B 908 43.79 35.91 13.62
CA GLY B 908 43.47 34.51 13.39
C GLY B 908 43.50 34.15 11.92
N ILE B 909 42.95 35.01 11.06
CA ILE B 909 42.93 34.68 9.63
C ILE B 909 44.32 34.65 9.03
N GLY B 910 45.31 35.30 9.65
CA GLY B 910 46.65 35.27 9.12
C GLY B 910 47.22 36.62 8.78
N VAL B 911 46.71 37.67 9.42
CA VAL B 911 47.20 39.02 9.25
C VAL B 911 47.56 39.58 10.62
N THR B 912 48.77 40.09 10.77
CA THR B 912 49.19 40.66 12.03
C THR B 912 48.23 41.76 12.45
N GLN B 913 47.82 41.74 13.72
CA GLN B 913 46.70 42.56 14.17
C GLN B 913 46.94 44.04 13.94
N ASN B 914 48.19 44.46 13.83
CA ASN B 914 48.48 45.87 13.62
C ASN B 914 47.73 46.44 12.43
N VAL B 915 47.59 45.65 11.37
CA VAL B 915 46.93 46.10 10.16
C VAL B 915 45.55 46.67 10.45
N LEU B 916 44.89 46.16 11.49
CA LEU B 916 43.58 46.71 11.84
C LEU B 916 43.69 48.15 12.30
N TYR B 917 44.55 48.44 13.27
CA TYR B 917 44.43 49.66 14.04
C TYR B 917 44.62 50.91 13.18
N GLU B 918 45.67 50.93 12.36
CA GLU B 918 45.84 52.09 11.47
C GLU B 918 44.82 52.12 10.35
N ASN B 919 44.06 51.05 10.15
CA ASN B 919 43.02 51.01 9.13
C ASN B 919 41.64 50.89 9.74
N GLN B 920 41.49 51.26 11.01
CA GLN B 920 40.23 51.02 11.71
C GLN B 920 39.10 51.83 11.09
N LYS B 921 39.34 53.12 10.82
CA LYS B 921 38.29 53.96 10.26
C LYS B 921 37.88 53.48 8.87
N LEU B 922 38.86 53.11 8.05
CA LEU B 922 38.56 52.60 6.71
C LEU B 922 37.73 51.34 6.79
N ILE B 923 38.08 50.42 7.69
CA ILE B 923 37.33 49.17 7.81
C ILE B 923 35.92 49.44 8.31
N ALA B 924 35.77 50.36 9.27
CA ALA B 924 34.44 50.71 9.74
C ALA B 924 33.59 51.27 8.60
N ASN B 925 34.16 52.15 7.79
CA ASN B 925 33.41 52.73 6.68
C ASN B 925 33.00 51.66 5.68
N GLN B 926 33.92 50.76 5.33
CA GLN B 926 33.57 49.67 4.41
C GLN B 926 32.48 48.80 5.01
N PHE B 927 32.57 48.51 6.30
CA PHE B 927 31.57 47.68 6.98
C PHE B 927 30.18 48.30 6.86
N ASN B 928 30.05 49.57 7.24
CA ASN B 928 28.74 50.20 7.24
C ASN B 928 28.21 50.37 5.82
N SER B 929 29.08 50.69 4.87
CA SER B 929 28.63 50.77 3.48
C SER B 929 28.09 49.44 3.01
N ALA B 930 28.79 48.35 3.35
CA ALA B 930 28.35 47.03 2.93
C ALA B 930 27.02 46.65 3.58
N ILE B 931 26.83 47.01 4.85
CA ILE B 931 25.57 46.73 5.51
C ILE B 931 24.43 47.48 4.84
N GLY B 932 24.65 48.75 4.52
CA GLY B 932 23.63 49.51 3.81
C GLY B 932 23.32 48.89 2.46
N LYS B 933 24.35 48.39 1.77
CA LYS B 933 24.14 47.76 0.47
C LYS B 933 23.30 46.50 0.62
N ILE B 934 23.53 45.71 1.66
CA ILE B 934 22.72 44.53 1.89
C ILE B 934 21.28 44.91 2.15
N GLN B 935 21.08 45.96 2.96
CA GLN B 935 19.72 46.45 3.18
C GLN B 935 19.05 46.81 1.86
N ASP B 936 19.76 47.53 0.99
CA ASP B 936 19.18 47.94 -0.29
C ASP B 936 18.83 46.72 -1.13
N SER B 937 19.74 45.74 -1.20
CA SER B 937 19.49 44.56 -2.01
C SER B 937 18.31 43.74 -1.51
N LEU B 938 18.16 43.59 -0.20
CA LEU B 938 17.01 42.83 0.29
C LEU B 938 15.71 43.63 0.17
N SER B 939 15.78 44.96 0.29
CA SER B 939 14.56 45.75 0.24
C SER B 939 14.03 45.85 -1.18
N SER B 940 14.92 46.02 -2.16
CA SER B 940 14.48 46.23 -3.54
C SER B 940 14.34 44.91 -4.29
N THR B 941 15.44 44.16 -4.42
CA THR B 941 15.47 42.96 -5.25
C THR B 941 15.06 41.75 -4.43
N ALA B 942 13.91 41.18 -4.76
CA ALA B 942 13.42 39.97 -4.11
C ALA B 942 14.06 38.74 -4.77
N SER B 943 13.52 37.57 -4.48
CA SER B 943 13.90 36.31 -5.11
C SER B 943 15.32 35.87 -4.75
N ALA B 944 15.93 36.51 -3.74
CA ALA B 944 17.13 35.98 -3.11
C ALA B 944 16.79 35.12 -1.90
N LEU B 945 15.52 35.08 -1.52
CA LEU B 945 15.03 34.31 -0.39
C LEU B 945 14.22 33.10 -0.86
N GLY B 946 14.63 32.49 -1.96
CA GLY B 946 13.83 31.43 -2.56
C GLY B 946 13.77 30.17 -1.71
N LYS B 947 14.76 29.96 -0.86
CA LYS B 947 14.83 28.72 -0.10
C LYS B 947 13.78 28.63 0.99
N LEU B 948 13.04 29.71 1.26
CA LEU B 948 11.89 29.67 2.16
C LEU B 948 10.58 29.77 1.40
N GLN B 949 10.55 30.57 0.34
CA GLN B 949 9.38 30.65 -0.50
C GLN B 949 9.05 29.29 -1.10
N ASP B 950 10.07 28.54 -1.53
CA ASP B 950 9.78 27.22 -2.09
C ASP B 950 9.17 26.30 -1.04
N VAL B 951 9.68 26.34 0.19
CA VAL B 951 9.11 25.49 1.24
C VAL B 951 7.66 25.84 1.48
N VAL B 952 7.37 27.13 1.68
CA VAL B 952 6.00 27.52 1.99
C VAL B 952 5.07 27.19 0.83
N ASN B 953 5.47 27.56 -0.38
CA ASN B 953 4.61 27.34 -1.54
C ASN B 953 4.39 25.86 -1.80
N GLN B 954 5.43 25.04 -1.68
CA GLN B 954 5.31 23.63 -2.00
C GLN B 954 4.49 22.91 -0.95
N ASN B 955 4.66 23.26 0.33
CA ASN B 955 3.81 22.70 1.36
C ASN B 955 2.35 23.07 1.12
N ALA B 956 2.10 24.34 0.80
CA ALA B 956 0.73 24.77 0.55
C ALA B 956 0.13 24.05 -0.64
N GLN B 957 0.92 23.85 -1.70
CA GLN B 957 0.42 23.17 -2.89
C GLN B 957 0.11 21.71 -2.59
N ALA B 958 0.95 21.05 -1.80
CA ALA B 958 0.66 19.67 -1.42
C ALA B 958 -0.65 19.58 -0.63
N LEU B 959 -0.84 20.48 0.34
CA LEU B 959 -2.09 20.48 1.09
C LEU B 959 -3.28 20.77 0.17
N ASN B 960 -3.08 21.69 -0.78
CA ASN B 960 -4.16 22.03 -1.70
C ASN B 960 -4.58 20.84 -2.54
N THR B 961 -3.62 20.08 -3.06
CA THR B 961 -4.01 18.93 -3.86
C THR B 961 -4.61 17.83 -2.99
N LEU B 962 -4.16 17.71 -1.73
CA LEU B 962 -4.80 16.77 -0.83
C LEU B 962 -6.27 17.09 -0.66
N VAL B 963 -6.60 18.37 -0.46
CA VAL B 963 -8.00 18.74 -0.28
C VAL B 963 -8.75 18.57 -1.60
N LYS B 964 -8.13 18.96 -2.71
CA LYS B 964 -8.75 18.80 -4.02
C LYS B 964 -9.10 17.35 -4.32
N GLN B 965 -8.37 16.40 -3.75
CA GLN B 965 -8.62 15.00 -4.05
C GLN B 965 -10.05 14.59 -3.72
N LEU B 966 -10.68 15.26 -2.76
CA LEU B 966 -12.07 14.91 -2.42
C LEU B 966 -13.04 15.14 -3.56
N SER B 967 -12.68 15.96 -4.54
CA SER B 967 -13.58 16.17 -5.66
C SER B 967 -13.67 14.97 -6.57
N SER B 968 -12.60 14.19 -6.68
CA SER B 968 -12.53 13.11 -7.64
C SER B 968 -13.44 11.97 -7.23
N ASN B 969 -14.08 11.35 -8.22
CA ASN B 969 -15.09 10.32 -8.02
C ASN B 969 -14.49 8.95 -7.84
N PHE B 970 -13.18 8.82 -8.02
CA PHE B 970 -12.42 7.59 -7.86
C PHE B 970 -13.16 6.39 -8.45
N GLY B 971 -13.76 6.58 -9.62
CA GLY B 971 -14.46 5.49 -10.27
C GLY B 971 -15.71 5.00 -9.56
N ALA B 972 -16.16 5.70 -8.53
CA ALA B 972 -17.37 5.30 -7.83
C ALA B 972 -18.58 5.94 -8.52
N ILE B 973 -19.76 5.78 -7.92
CA ILE B 973 -20.97 6.34 -8.51
C ILE B 973 -20.97 7.86 -8.40
N SER B 974 -20.55 8.41 -7.27
CA SER B 974 -20.46 9.85 -7.10
C SER B 974 -19.50 10.15 -5.95
N SER B 975 -19.13 11.43 -5.84
CA SER B 975 -18.12 11.86 -4.89
C SER B 975 -18.70 12.21 -3.52
N VAL B 976 -19.70 13.08 -3.49
CA VAL B 976 -20.31 13.47 -2.23
C VAL B 976 -20.96 12.25 -1.60
N LEU B 977 -20.62 11.98 -0.34
CA LEU B 977 -20.96 10.70 0.25
C LEU B 977 -22.45 10.58 0.51
N ASN B 978 -23.08 11.67 0.94
CA ASN B 978 -24.48 11.62 1.37
C ASN B 978 -25.40 11.27 0.22
N ASP B 979 -25.10 11.78 -0.99
CA ASP B 979 -25.99 11.51 -2.12
C ASP B 979 -26.02 10.02 -2.46
N ILE B 980 -24.85 9.40 -2.54
CA ILE B 980 -24.82 7.97 -2.85
C ILE B 980 -25.41 7.18 -1.67
N LEU B 981 -25.16 7.64 -0.45
CA LEU B 981 -25.64 6.92 0.71
C LEU B 981 -27.14 7.04 0.88
N SER B 982 -27.77 8.02 0.24
CA SER B 982 -29.22 8.12 0.21
C SER B 982 -29.80 7.36 -0.98
N ARG B 983 -29.25 7.59 -2.17
CA ARG B 983 -29.84 7.11 -3.40
C ARG B 983 -29.26 5.77 -3.83
N LEU B 984 -28.86 4.95 -2.87
CA LEU B 984 -28.44 3.59 -3.16
C LEU B 984 -28.84 2.68 -2.01
N ASP B 985 -29.21 1.45 -2.35
CA ASP B 985 -29.52 0.47 -1.33
C ASP B 985 -28.27 0.16 -0.51
N PRO B 986 -28.44 -0.23 0.76
CA PRO B 986 -27.28 -0.49 1.63
C PRO B 986 -26.32 -1.51 1.04
N PRO B 987 -26.82 -2.59 0.36
CA PRO B 987 -25.88 -3.50 -0.32
C PRO B 987 -24.92 -2.80 -1.27
N GLU B 988 -25.46 -2.07 -2.25
CA GLU B 988 -24.59 -1.34 -3.17
C GLU B 988 -23.88 -0.19 -2.48
N ALA B 989 -24.49 0.36 -1.44
CA ALA B 989 -23.86 1.45 -0.70
C ALA B 989 -22.55 0.98 -0.08
N GLU B 990 -22.51 -0.22 0.47
CA GLU B 990 -21.27 -0.71 1.05
C GLU B 990 -20.18 -0.82 0.00
N VAL B 991 -20.52 -1.28 -1.21
CA VAL B 991 -19.52 -1.43 -2.26
C VAL B 991 -18.97 -0.06 -2.65
N GLN B 992 -19.86 0.90 -2.91
CA GLN B 992 -19.41 2.22 -3.34
C GLN B 992 -18.58 2.89 -2.25
N ILE B 993 -19.02 2.76 -0.99
CA ILE B 993 -18.25 3.30 0.12
C ILE B 993 -16.89 2.65 0.17
N ASP B 994 -16.81 1.34 -0.03
CA ASP B 994 -15.53 0.66 0.00
C ASP B 994 -14.61 1.25 -1.05
N ARG B 995 -15.12 1.44 -2.26
CA ARG B 995 -14.30 2.02 -3.33
C ARG B 995 -13.75 3.37 -2.91
N LEU B 996 -14.64 4.25 -2.45
CA LEU B 996 -14.22 5.60 -2.07
C LEU B 996 -13.22 5.55 -0.93
N ILE B 997 -13.43 4.68 0.05
CA ILE B 997 -12.54 4.61 1.21
C ILE B 997 -11.14 4.18 0.78
N THR B 998 -11.05 3.10 0.00
CA THR B 998 -9.71 2.67 -0.42
C THR B 998 -9.01 3.78 -1.21
N GLY B 999 -9.74 4.42 -2.13
CA GLY B 999 -9.10 5.45 -2.92
C GLY B 999 -8.62 6.63 -2.09
N ARG B 1000 -9.51 7.19 -1.27
CA ARG B 1000 -9.15 8.35 -0.48
C ARG B 1000 -8.05 8.02 0.51
N LEU B 1001 -8.11 6.84 1.13
CA LEU B 1001 -7.06 6.45 2.06
C LEU B 1001 -5.73 6.33 1.35
N GLN B 1002 -5.74 5.80 0.13
CA GLN B 1002 -4.50 5.71 -0.64
C GLN B 1002 -3.93 7.10 -0.88
N SER B 1003 -4.79 8.06 -1.26
CA SER B 1003 -4.32 9.41 -1.51
C SER B 1003 -3.72 10.03 -0.25
N LEU B 1004 -4.41 9.85 0.88
CA LEU B 1004 -3.94 10.44 2.13
C LEU B 1004 -2.60 9.84 2.53
N GLN B 1005 -2.46 8.52 2.39
CA GLN B 1005 -1.20 7.88 2.76
C GLN B 1005 -0.05 8.33 1.86
N THR B 1006 -0.35 8.54 0.58
CA THR B 1006 0.70 9.08 -0.30
C THR B 1006 1.12 10.47 0.14
N TYR B 1007 0.15 11.32 0.50
CA TYR B 1007 0.51 12.65 0.98
C TYR B 1007 1.38 12.56 2.23
N VAL B 1008 1.05 11.65 3.14
CA VAL B 1008 1.82 11.51 4.36
C VAL B 1008 3.25 11.10 4.04
N THR B 1009 3.43 10.17 3.10
CA THR B 1009 4.79 9.76 2.74
C THR B 1009 5.58 10.93 2.14
N GLN B 1010 4.94 11.70 1.27
CA GLN B 1010 5.64 12.86 0.71
C GLN B 1010 6.04 13.83 1.81
N GLN B 1011 5.14 14.05 2.78
CA GLN B 1011 5.48 14.95 3.88
C GLN B 1011 6.63 14.40 4.71
N LEU B 1012 6.67 13.09 4.91
CA LEU B 1012 7.78 12.50 5.65
C LEU B 1012 9.11 12.78 4.96
N ILE B 1013 9.17 12.57 3.65
CA ILE B 1013 10.43 12.80 2.94
C ILE B 1013 10.80 14.28 2.99
N ARG B 1014 9.82 15.15 2.79
CA ARG B 1014 10.08 16.58 2.83
C ARG B 1014 10.63 17.00 4.18
N ALA B 1015 10.05 16.47 5.25
CA ALA B 1015 10.52 16.81 6.59
C ALA B 1015 11.91 16.26 6.85
N ALA B 1016 12.25 15.11 6.28
CA ALA B 1016 13.63 14.63 6.40
C ALA B 1016 14.60 15.60 5.73
N GLU B 1017 14.25 16.08 4.54
CA GLU B 1017 15.11 17.06 3.87
C GLU B 1017 15.25 18.32 4.70
N ILE B 1018 14.14 18.81 5.26
CA ILE B 1018 14.20 20.01 6.09
C ILE B 1018 15.04 19.77 7.34
N ARG B 1019 14.98 18.57 7.90
CA ARG B 1019 15.80 18.27 9.07
C ARG B 1019 17.28 18.28 8.72
N ALA B 1020 17.64 17.76 7.54
CA ALA B 1020 19.04 17.87 7.12
C ALA B 1020 19.46 19.33 7.01
N SER B 1021 18.60 20.16 6.43
CA SER B 1021 18.93 21.58 6.34
C SER B 1021 19.06 22.23 7.71
N ALA B 1022 18.20 21.88 8.65
CA ALA B 1022 18.28 22.44 9.99
C ALA B 1022 19.52 21.97 10.74
N ASN B 1023 19.93 20.73 10.52
CA ASN B 1023 21.19 20.27 11.11
C ASN B 1023 22.35 21.09 10.57
N LEU B 1024 22.38 21.34 9.27
CA LEU B 1024 23.42 22.19 8.72
C LEU B 1024 23.34 23.59 9.29
N ALA B 1025 22.13 24.10 9.50
CA ALA B 1025 21.98 25.44 10.08
C ALA B 1025 22.53 25.47 11.51
N ALA B 1026 22.28 24.44 12.30
CA ALA B 1026 22.82 24.41 13.64
C ALA B 1026 24.34 24.37 13.62
N THR B 1027 24.91 23.60 12.71
CA THR B 1027 26.36 23.57 12.57
C THR B 1027 26.89 24.95 12.23
N LYS B 1028 26.27 25.62 11.26
CA LYS B 1028 26.75 26.94 10.86
C LYS B 1028 26.62 27.93 12.00
N MET B 1029 25.51 27.91 12.73
CA MET B 1029 25.34 28.83 13.84
C MET B 1029 26.39 28.60 14.90
N SER B 1030 26.60 27.34 15.30
CA SER B 1030 27.54 27.09 16.38
C SER B 1030 28.97 27.41 15.96
N GLU B 1031 29.33 27.19 14.70
CA GLU B 1031 30.74 27.27 14.33
C GLU B 1031 31.13 28.59 13.69
N CYS B 1032 30.18 29.39 13.22
CA CYS B 1032 30.49 30.65 12.57
C CYS B 1032 29.73 31.83 13.16
N VAL B 1033 29.17 31.68 14.36
CA VAL B 1033 28.61 32.79 15.11
C VAL B 1033 29.26 32.83 16.49
N LEU B 1034 29.23 31.70 17.18
CA LEU B 1034 29.85 31.51 18.49
C LEU B 1034 31.32 31.40 18.43
N GLY B 1035 31.91 31.70 17.28
CA GLY B 1035 33.34 31.59 17.13
C GLY B 1035 33.73 31.90 15.71
N GLN B 1036 35.01 31.72 15.43
CA GLN B 1036 35.55 31.92 14.08
C GLN B 1036 36.01 30.57 13.55
N SER B 1037 35.62 30.23 12.34
CA SER B 1037 35.97 28.96 11.73
C SER B 1037 36.90 29.20 10.54
N LYS B 1038 37.94 28.38 10.46
CA LYS B 1038 38.97 28.52 9.43
C LYS B 1038 38.90 27.41 8.39
N ARG B 1039 37.71 26.98 8.01
CA ARG B 1039 37.55 26.07 6.89
C ARG B 1039 36.96 26.82 5.70
N VAL B 1040 37.62 26.71 4.55
CA VAL B 1040 37.37 27.63 3.46
C VAL B 1040 35.98 27.42 2.87
N ASP B 1041 35.34 28.52 2.53
CA ASP B 1041 34.05 28.53 1.83
C ASP B 1041 32.99 27.81 2.64
N PHE B 1042 33.14 27.76 3.96
CA PHE B 1042 32.04 27.30 4.80
C PHE B 1042 31.07 28.43 5.09
N CYS B 1043 31.57 29.50 5.71
CA CYS B 1043 30.76 30.57 6.26
C CYS B 1043 31.19 31.90 5.68
N GLY B 1044 31.27 31.95 4.36
CA GLY B 1044 31.50 33.20 3.67
C GLY B 1044 31.94 33.00 2.24
N LYS B 1045 32.68 33.98 1.72
CA LYS B 1045 33.31 33.86 0.42
C LYS B 1045 34.60 34.65 0.52
N GLY B 1046 35.68 33.98 0.87
CA GLY B 1046 36.91 34.59 1.31
C GLY B 1046 37.21 34.13 2.71
N TYR B 1047 38.14 34.81 3.37
CA TYR B 1047 38.47 34.49 4.75
C TYR B 1047 37.39 35.02 5.66
N HIS B 1048 37.15 34.30 6.75
CA HIS B 1048 36.01 34.57 7.61
C HIS B 1048 36.40 35.47 8.77
N LEU B 1049 35.61 36.51 9.00
CA LEU B 1049 35.83 37.44 10.10
C LEU B 1049 34.81 37.26 11.22
N MET B 1050 33.52 37.30 10.91
CA MET B 1050 32.49 36.92 11.89
C MET B 1050 31.18 36.69 11.15
N SER B 1051 30.11 36.51 11.90
CA SER B 1051 28.78 36.54 11.31
C SER B 1051 27.77 36.92 12.37
N PHE B 1052 26.61 37.37 11.92
CA PHE B 1052 25.50 37.65 12.80
C PHE B 1052 24.28 36.87 12.34
N PRO B 1053 23.63 36.13 13.24
CA PRO B 1053 22.34 35.54 12.91
C PRO B 1053 21.28 36.61 12.77
N GLN B 1054 20.24 36.27 12.02
CA GLN B 1054 19.12 37.19 11.84
C GLN B 1054 17.90 36.32 11.58
N SER B 1055 16.78 36.67 12.21
CA SER B 1055 15.62 35.80 12.13
C SER B 1055 14.96 35.90 10.77
N ALA B 1056 14.00 35.01 10.54
CA ALA B 1056 13.27 34.90 9.28
C ALA B 1056 11.89 34.33 9.60
N PRO B 1057 10.97 34.25 8.64
CA PRO B 1057 9.65 33.69 8.95
C PRO B 1057 9.69 32.24 9.40
N HIS B 1058 10.26 31.37 8.56
CA HIS B 1058 10.41 29.96 8.88
C HIS B 1058 11.85 29.51 8.70
N GLY B 1059 12.79 30.41 8.91
CA GLY B 1059 14.18 30.09 8.65
C GLY B 1059 15.10 31.01 9.41
N VAL B 1060 16.34 31.06 8.94
CA VAL B 1060 17.38 31.88 9.54
C VAL B 1060 18.24 32.43 8.41
N VAL B 1061 18.72 33.66 8.57
CA VAL B 1061 19.58 34.27 7.58
C VAL B 1061 20.84 34.76 8.28
N PHE B 1062 21.98 34.42 7.72
CA PHE B 1062 23.26 34.78 8.30
C PHE B 1062 23.87 35.93 7.54
N LEU B 1063 24.34 36.95 8.25
CA LEU B 1063 25.13 38.03 7.69
C LEU B 1063 26.58 37.70 7.97
N HIS B 1064 27.27 37.17 6.97
CA HIS B 1064 28.65 36.72 7.10
C HIS B 1064 29.57 37.86 6.73
N VAL B 1065 30.38 38.32 7.69
CA VAL B 1065 31.34 39.38 7.48
C VAL B 1065 32.67 38.70 7.15
N THR B 1066 33.13 38.88 5.92
CA THR B 1066 34.29 38.16 5.41
C THR B 1066 35.30 39.14 4.82
N TYR B 1067 36.57 38.76 4.87
CA TYR B 1067 37.66 39.63 4.48
C TYR B 1067 38.20 39.16 3.12
N VAL B 1068 38.19 40.04 2.13
CA VAL B 1068 38.58 39.67 0.77
C VAL B 1068 39.76 40.53 0.33
N PRO B 1069 40.93 39.94 0.13
CA PRO B 1069 42.09 40.71 -0.33
C PRO B 1069 41.94 41.08 -1.80
N ALA B 1070 42.63 42.15 -2.18
CA ALA B 1070 42.53 42.66 -3.54
C ALA B 1070 43.69 43.63 -3.79
N GLN B 1071 43.77 44.10 -5.04
CA GLN B 1071 44.83 44.98 -5.51
C GLN B 1071 46.20 44.29 -5.37
N GLU B 1072 46.32 43.16 -6.04
CA GLU B 1072 47.56 42.41 -6.01
C GLU B 1072 48.66 43.15 -6.75
N LYS B 1073 49.87 43.05 -6.21
CA LYS B 1073 51.07 43.47 -6.91
C LYS B 1073 52.09 42.36 -6.82
N ASN B 1074 52.77 42.07 -7.92
CA ASN B 1074 53.68 40.94 -7.95
C ASN B 1074 55.14 41.38 -7.92
N PHE B 1075 55.92 40.61 -7.17
CA PHE B 1075 57.33 40.87 -6.93
C PHE B 1075 58.09 39.60 -7.22
N THR B 1076 59.42 39.67 -7.10
CA THR B 1076 60.27 38.52 -7.32
C THR B 1076 60.59 37.88 -5.98
N THR B 1077 60.37 36.57 -5.87
CA THR B 1077 60.56 35.87 -4.62
C THR B 1077 61.64 34.82 -4.72
N ALA B 1078 61.92 34.20 -3.60
CA ALA B 1078 62.91 33.14 -3.46
C ALA B 1078 62.76 32.51 -2.09
N PRO B 1079 62.99 31.21 -1.96
CA PRO B 1079 62.84 30.57 -0.65
C PRO B 1079 63.71 31.16 0.44
N ALA B 1080 65.01 31.33 0.21
CA ALA B 1080 65.95 31.62 1.28
C ALA B 1080 66.77 32.88 0.99
N ILE B 1081 67.68 33.19 1.91
CA ILE B 1081 68.85 34.03 1.61
C ILE B 1081 70.08 33.27 2.09
N CYS B 1082 71.19 33.44 1.37
CA CYS B 1082 72.47 32.94 1.85
C CYS B 1082 73.23 34.05 2.55
N HIS B 1083 73.79 33.72 3.71
CA HIS B 1083 74.60 34.67 4.47
C HIS B 1083 75.69 33.90 5.19
N ASP B 1084 76.94 34.11 4.77
CA ASP B 1084 78.10 33.48 5.39
C ASP B 1084 77.99 31.96 5.33
N GLY B 1085 77.56 31.45 4.18
CA GLY B 1085 77.34 30.03 4.01
C GLY B 1085 76.14 29.49 4.75
N LYS B 1086 75.32 30.34 5.33
CA LYS B 1086 74.27 29.95 6.24
C LYS B 1086 72.93 30.33 5.60
N ALA B 1087 71.98 29.40 5.61
CA ALA B 1087 70.76 29.53 4.83
C ALA B 1087 69.62 30.01 5.72
N HIS B 1088 69.07 31.18 5.42
CA HIS B 1088 68.05 31.83 6.24
C HIS B 1088 66.70 31.65 5.55
N PHE B 1089 65.74 31.09 6.27
CA PHE B 1089 64.36 30.99 5.85
C PHE B 1089 63.48 31.94 6.66
N PRO B 1090 62.34 32.34 6.13
CA PRO B 1090 61.45 33.21 6.90
C PRO B 1090 60.73 32.50 8.02
N ARG B 1091 60.66 33.16 9.17
CA ARG B 1091 59.97 32.59 10.32
C ARG B 1091 58.45 32.60 10.11
N GLU B 1092 57.93 33.66 9.51
CA GLU B 1092 56.52 33.69 9.11
C GLU B 1092 56.38 34.76 8.04
N GLY B 1093 55.91 34.38 6.87
CA GLY B 1093 55.82 35.27 5.73
C GLY B 1093 56.71 34.81 4.60
N VAL B 1094 56.65 35.55 3.50
CA VAL B 1094 57.45 35.22 2.33
C VAL B 1094 58.49 36.29 2.09
N PHE B 1095 59.53 35.88 1.39
CA PHE B 1095 60.60 36.77 0.95
C PHE B 1095 60.13 37.47 -0.31
N VAL B 1096 60.39 38.77 -0.41
CA VAL B 1096 59.97 39.53 -1.57
C VAL B 1096 61.12 40.41 -2.02
N SER B 1097 61.07 40.80 -3.28
CA SER B 1097 61.97 41.79 -3.82
C SER B 1097 61.22 42.63 -4.84
N ASN B 1098 61.24 43.94 -4.63
CA ASN B 1098 60.81 44.91 -5.61
C ASN B 1098 61.90 45.24 -6.63
N GLY B 1099 62.53 44.19 -7.15
CA GLY B 1099 63.57 44.34 -8.15
C GLY B 1099 64.99 44.31 -7.64
N THR B 1100 65.31 45.07 -6.60
CA THR B 1100 66.71 45.17 -6.19
C THR B 1100 66.95 44.98 -4.70
N HIS B 1101 65.95 45.22 -3.87
CA HIS B 1101 66.07 44.99 -2.43
C HIS B 1101 65.06 43.96 -1.95
N TRP B 1102 65.45 43.22 -0.92
CA TRP B 1102 64.67 42.11 -0.40
C TRP B 1102 64.10 42.44 0.97
N PHE B 1103 62.85 42.03 1.18
CA PHE B 1103 62.15 42.27 2.43
C PHE B 1103 61.39 41.00 2.80
N VAL B 1104 60.77 41.02 3.97
CA VAL B 1104 59.95 39.92 4.46
C VAL B 1104 58.56 40.45 4.71
N THR B 1105 57.54 39.78 4.17
CA THR B 1105 56.17 40.20 4.41
C THR B 1105 55.34 39.03 4.91
N GLN B 1106 54.09 39.35 5.26
CA GLN B 1106 53.09 38.37 5.63
C GLN B 1106 52.29 37.99 4.40
N ARG B 1107 51.80 36.75 4.37
CA ARG B 1107 51.33 36.20 3.12
C ARG B 1107 49.99 36.76 2.66
N ASN B 1108 49.40 37.70 3.39
CA ASN B 1108 48.09 38.22 3.03
C ASN B 1108 48.00 39.74 3.11
N PHE B 1109 49.13 40.43 3.26
CA PHE B 1109 49.14 41.89 3.25
C PHE B 1109 50.56 42.36 2.98
N TYR B 1110 50.72 43.23 1.99
CA TYR B 1110 52.04 43.76 1.69
C TYR B 1110 52.41 44.79 2.76
N GLU B 1111 53.45 44.49 3.52
CA GLU B 1111 54.02 45.45 4.46
C GLU B 1111 55.47 45.07 4.68
N PRO B 1112 56.38 45.59 3.88
CA PRO B 1112 57.76 45.10 3.91
C PRO B 1112 58.46 45.47 5.20
N GLN B 1113 59.32 44.57 5.66
CA GLN B 1113 60.21 44.82 6.78
C GLN B 1113 61.61 44.40 6.39
N ILE B 1114 62.60 45.14 6.88
CA ILE B 1114 63.99 44.81 6.57
C ILE B 1114 64.32 43.45 7.17
N ILE B 1115 65.14 42.69 6.46
CA ILE B 1115 65.40 41.31 6.86
C ILE B 1115 66.31 41.35 8.07
N THR B 1116 65.76 41.11 9.26
CA THR B 1116 66.54 41.05 10.47
C THR B 1116 66.67 39.61 10.94
N THR B 1117 67.69 39.35 11.74
CA THR B 1117 67.92 38.01 12.25
C THR B 1117 66.86 37.57 13.24
N ASP B 1118 66.02 38.47 13.73
CA ASP B 1118 64.98 38.08 14.68
C ASP B 1118 63.79 37.41 14.00
N ASN B 1119 63.44 37.84 12.79
CA ASN B 1119 62.28 37.30 12.07
C ASN B 1119 62.69 36.32 10.98
N THR B 1120 63.73 35.53 11.23
CA THR B 1120 64.11 34.46 10.31
C THR B 1120 64.93 33.41 11.04
N PHE B 1121 64.42 32.19 11.08
CA PHE B 1121 65.17 31.08 11.65
C PHE B 1121 66.05 30.45 10.59
N VAL B 1122 67.21 29.99 11.00
CA VAL B 1122 68.25 29.58 10.07
C VAL B 1122 68.61 28.12 10.29
N SER B 1123 68.81 27.40 9.19
CA SER B 1123 69.21 26.01 9.25
C SER B 1123 69.84 25.63 7.91
N GLY B 1124 70.54 24.50 7.91
CA GLY B 1124 71.17 24.06 6.68
C GLY B 1124 72.37 24.93 6.32
N ASN B 1125 72.57 25.11 5.01
CA ASN B 1125 73.68 25.92 4.51
C ASN B 1125 73.38 26.30 3.06
N CYS B 1126 74.36 26.96 2.43
CA CYS B 1126 74.19 27.47 1.08
C CYS B 1126 74.51 26.43 0.01
N ASP B 1127 73.94 25.24 0.12
CA ASP B 1127 74.28 24.18 -0.83
C ASP B 1127 73.05 23.64 -1.54
N VAL B 1128 72.04 23.19 -0.81
CA VAL B 1128 71.06 22.25 -1.35
C VAL B 1128 69.71 22.90 -1.64
N VAL B 1129 69.39 24.05 -1.05
CA VAL B 1129 68.10 24.68 -1.31
C VAL B 1129 68.10 25.17 -2.75
N ILE B 1130 67.17 24.68 -3.56
CA ILE B 1130 67.16 24.98 -4.97
C ILE B 1130 66.53 26.35 -5.22
N GLY B 1131 67.36 27.37 -5.42
CA GLY B 1131 66.84 28.68 -5.77
C GLY B 1131 67.13 29.77 -4.77
N ILE B 1132 68.25 29.69 -4.06
CA ILE B 1132 68.59 30.70 -3.07
C ILE B 1132 69.05 31.98 -3.78
N VAL B 1133 69.07 33.09 -3.06
CA VAL B 1133 69.61 34.35 -3.57
C VAL B 1133 70.48 34.99 -2.49
N ASN B 1134 71.64 35.48 -2.89
CA ASN B 1134 72.50 36.18 -1.95
C ASN B 1134 71.90 37.52 -1.56
N ASN B 1135 72.09 37.89 -0.30
CA ASN B 1135 71.71 39.21 0.20
C ASN B 1135 72.27 39.36 1.61
N THR B 1136 71.94 40.47 2.28
CA THR B 1136 72.42 40.73 3.63
C THR B 1136 71.29 40.52 4.63
N VAL B 1137 71.67 40.24 5.87
CA VAL B 1137 70.73 40.04 6.96
C VAL B 1137 71.17 40.93 8.12
N TYR B 1138 70.52 42.08 8.26
CA TYR B 1138 70.80 43.00 9.36
C TYR B 1138 70.49 42.32 10.69
N ASP B 1139 71.30 42.62 11.70
CA ASP B 1139 71.11 42.11 13.04
C ASP B 1139 71.23 43.30 13.98
N PRO B 1140 70.20 43.62 14.76
CA PRO B 1140 70.30 44.76 15.70
C PRO B 1140 71.34 44.56 16.79
N LEU B 1141 71.72 43.32 17.09
CA LEU B 1141 72.63 43.06 18.21
C LEU B 1141 74.00 43.67 17.97
N GLN B 1142 74.51 43.56 16.74
CA GLN B 1142 75.90 43.93 16.48
C GLN B 1142 76.18 45.42 16.70
N PRO B 1143 75.57 46.34 15.95
CA PRO B 1143 76.05 47.72 15.99
C PRO B 1143 75.77 48.43 17.31
N GLU B 1144 74.76 47.99 18.06
CA GLU B 1144 74.32 48.74 19.23
C GLU B 1144 75.40 48.81 20.31
N LEU B 1145 76.29 47.81 20.34
CA LEU B 1145 77.40 47.84 21.29
C LEU B 1145 78.39 48.95 20.97
N ASP B 1146 78.30 49.57 19.80
CA ASP B 1146 79.26 50.57 19.38
C ASP B 1146 78.62 51.95 19.25
N ALA C 27 16.77 -51.31 -14.79
CA ALA C 27 17.97 -50.58 -15.18
C ALA C 27 17.71 -49.08 -15.20
N TYR C 28 18.53 -48.33 -14.48
CA TYR C 28 18.35 -46.89 -14.34
C TYR C 28 19.43 -46.12 -15.10
N THR C 29 19.16 -44.84 -15.33
CA THR C 29 20.11 -43.96 -15.98
C THR C 29 19.71 -42.52 -15.71
N ASN C 30 20.70 -41.67 -15.44
CA ASN C 30 20.46 -40.28 -15.07
C ASN C 30 20.17 -39.46 -16.32
N SER C 31 18.94 -38.92 -16.41
CA SER C 31 18.61 -37.99 -17.47
C SER C 31 19.14 -36.60 -17.12
N PHE C 32 20.31 -36.26 -17.67
CA PHE C 32 21.03 -35.09 -17.21
C PHE C 32 20.26 -33.78 -17.40
N THR C 33 20.05 -33.37 -18.65
CA THR C 33 19.46 -32.07 -18.93
C THR C 33 18.31 -32.15 -19.92
N ARG C 34 17.85 -33.36 -20.23
CA ARG C 34 16.73 -33.52 -21.15
C ARG C 34 15.45 -32.98 -20.52
N GLY C 35 14.45 -32.78 -21.37
CA GLY C 35 13.09 -32.66 -20.89
C GLY C 35 12.50 -31.27 -20.80
N VAL C 36 13.10 -30.27 -21.41
CA VAL C 36 12.49 -28.95 -21.42
C VAL C 36 11.71 -28.81 -22.72
N TYR C 37 10.61 -28.06 -22.66
CA TYR C 37 9.81 -27.84 -23.85
C TYR C 37 9.22 -26.45 -23.78
N TYR C 38 9.02 -25.86 -24.94
CA TYR C 38 8.50 -24.50 -25.03
C TYR C 38 7.16 -24.41 -24.32
N PRO C 39 7.10 -23.77 -23.15
CA PRO C 39 5.83 -23.71 -22.43
C PRO C 39 4.75 -23.00 -23.22
N ASP C 40 5.13 -22.02 -24.02
CA ASP C 40 4.18 -21.31 -24.86
C ASP C 40 4.88 -20.92 -26.16
N LYS C 41 4.09 -20.72 -27.20
CA LYS C 41 4.62 -20.53 -28.55
C LYS C 41 4.57 -19.07 -28.98
N VAL C 42 4.82 -18.14 -28.05
CA VAL C 42 5.16 -16.78 -28.43
C VAL C 42 6.68 -16.70 -28.53
N PHE C 43 7.19 -15.69 -29.20
CA PHE C 43 8.60 -15.61 -29.55
C PHE C 43 9.31 -14.61 -28.66
N ARG C 44 10.35 -15.06 -27.97
CA ARG C 44 11.17 -14.19 -27.14
C ARG C 44 12.64 -14.47 -27.44
N SER C 45 13.47 -13.48 -27.17
CA SER C 45 14.91 -13.63 -27.38
C SER C 45 15.67 -12.92 -26.28
N SER C 46 16.73 -13.56 -25.79
CA SER C 46 17.61 -13.02 -24.76
C SER C 46 16.83 -12.59 -23.51
N VAL C 47 15.82 -13.35 -23.15
CA VAL C 47 15.00 -13.06 -21.98
C VAL C 47 15.06 -14.28 -21.07
N LEU C 48 15.64 -14.10 -19.89
CA LEU C 48 15.71 -15.18 -18.90
C LEU C 48 14.34 -15.34 -18.28
N HIS C 49 13.49 -16.12 -18.96
CA HIS C 49 12.10 -16.19 -18.55
C HIS C 49 11.93 -17.19 -17.41
N SER C 50 10.91 -16.95 -16.60
CA SER C 50 10.58 -17.83 -15.48
C SER C 50 9.21 -18.44 -15.74
N THR C 51 9.14 -19.77 -15.69
CA THR C 51 7.90 -20.47 -15.96
C THR C 51 7.68 -21.47 -14.85
N GLN C 52 6.42 -21.82 -14.60
CA GLN C 52 6.09 -22.83 -13.61
C GLN C 52 5.09 -23.76 -14.25
N ASP C 53 5.48 -25.01 -14.46
CA ASP C 53 4.62 -25.98 -15.12
C ASP C 53 5.18 -27.38 -14.90
N LEU C 54 4.65 -28.34 -15.65
CA LEU C 54 5.07 -29.74 -15.58
C LEU C 54 6.33 -29.93 -16.42
N PHE C 55 7.44 -30.25 -15.76
CA PHE C 55 8.69 -30.56 -16.44
C PHE C 55 9.32 -31.78 -15.78
N LEU C 56 10.25 -32.40 -16.51
CA LEU C 56 11.05 -33.48 -15.96
C LEU C 56 12.11 -32.89 -15.06
N PRO C 57 12.18 -33.29 -13.79
CA PRO C 57 13.23 -32.75 -12.91
C PRO C 57 14.61 -33.03 -13.47
N PHE C 58 15.50 -32.05 -13.33
CA PHE C 58 16.87 -32.23 -13.76
C PHE C 58 17.56 -33.29 -12.92
N PHE C 59 18.47 -34.02 -13.54
CA PHE C 59 19.29 -35.04 -12.87
C PHE C 59 18.45 -36.10 -12.19
N SER C 60 17.27 -36.40 -12.72
CA SER C 60 16.45 -37.49 -12.22
C SER C 60 16.77 -38.77 -12.98
N ASN C 61 16.65 -39.90 -12.30
CA ASN C 61 16.94 -41.19 -12.91
C ASN C 61 15.69 -41.75 -13.58
N VAL C 62 15.88 -42.41 -14.70
CA VAL C 62 14.79 -42.95 -15.50
C VAL C 62 15.13 -44.38 -15.87
N THR C 63 14.09 -45.17 -16.09
CA THR C 63 14.25 -46.62 -16.26
C THR C 63 14.79 -46.90 -17.66
N TRP C 64 15.96 -47.54 -17.71
CA TRP C 64 16.59 -47.96 -18.96
C TRP C 64 15.97 -49.29 -19.41
N PHE C 65 14.75 -49.20 -19.93
CA PHE C 65 14.13 -50.36 -20.54
C PHE C 65 14.90 -50.75 -21.80
N HIS C 66 14.81 -52.02 -22.14
CA HIS C 66 15.65 -52.56 -23.20
C HIS C 66 15.13 -53.91 -23.69
N ASP C 80 11.01 -56.74 -22.32
CA ASP C 80 10.68 -56.00 -23.54
C ASP C 80 9.79 -54.80 -23.24
N ASN C 81 8.48 -54.99 -23.38
CA ASN C 81 7.50 -53.90 -23.30
C ASN C 81 6.52 -54.13 -22.17
N PRO C 82 6.81 -53.65 -20.96
CA PRO C 82 5.82 -53.73 -19.87
C PRO C 82 4.96 -52.49 -19.79
N VAL C 83 3.74 -52.62 -19.29
CA VAL C 83 2.86 -51.47 -19.13
C VAL C 83 3.34 -50.63 -17.96
N LEU C 84 3.17 -49.31 -18.06
CA LEU C 84 3.70 -48.39 -17.07
C LEU C 84 2.61 -47.44 -16.60
N PRO C 85 2.67 -46.99 -15.36
CA PRO C 85 1.76 -45.94 -14.90
C PRO C 85 2.10 -44.63 -15.59
N PHE C 86 1.10 -43.75 -15.66
CA PHE C 86 1.25 -42.48 -16.37
C PHE C 86 1.70 -41.35 -15.44
N ASN C 87 0.88 -41.03 -14.43
CA ASN C 87 1.21 -40.03 -13.42
C ASN C 87 1.56 -38.68 -14.05
N ASP C 88 0.54 -38.09 -14.67
CA ASP C 88 0.53 -36.69 -15.06
C ASP C 88 1.50 -36.37 -16.20
N GLY C 89 1.82 -37.33 -17.04
CA GLY C 89 2.62 -37.02 -18.22
C GLY C 89 4.01 -37.62 -18.17
N VAL C 90 4.48 -38.17 -19.28
CA VAL C 90 5.71 -38.93 -19.31
C VAL C 90 6.67 -38.30 -20.31
N TYR C 91 7.96 -38.41 -20.05
CA TYR C 91 9.01 -38.08 -21.00
C TYR C 91 9.57 -39.37 -21.55
N PHE C 92 9.43 -39.56 -22.85
CA PHE C 92 9.75 -40.84 -23.49
C PHE C 92 10.79 -40.57 -24.56
N ALA C 93 12.00 -41.07 -24.36
CA ALA C 93 13.06 -40.97 -25.35
C ALA C 93 13.28 -42.33 -25.98
N SER C 94 13.73 -42.35 -27.23
CA SER C 94 13.99 -43.63 -27.87
C SER C 94 15.00 -43.44 -28.98
N THR C 95 15.60 -44.56 -29.38
CA THR C 95 16.55 -44.56 -30.48
C THR C 95 16.09 -45.48 -31.61
N ASN C 99 13.50 -46.33 -36.25
CA ASN C 99 12.72 -46.95 -37.32
C ASN C 99 12.28 -48.34 -36.90
N ILE C 100 12.81 -48.81 -35.77
CA ILE C 100 12.48 -50.12 -35.25
C ILE C 100 11.40 -50.06 -34.18
N ILE C 101 11.37 -49.02 -33.35
CA ILE C 101 10.29 -48.84 -32.39
C ILE C 101 9.05 -48.39 -33.15
N ARG C 102 7.90 -48.38 -32.48
CA ARG C 102 6.63 -48.07 -33.11
C ARG C 102 5.83 -47.21 -32.14
N GLY C 103 4.54 -47.09 -32.38
CA GLY C 103 3.69 -46.23 -31.57
C GLY C 103 3.50 -46.74 -30.15
N TRP C 104 2.41 -46.29 -29.54
CA TRP C 104 2.09 -46.61 -28.17
C TRP C 104 0.61 -46.87 -28.03
N ILE C 105 0.25 -47.52 -26.93
CA ILE C 105 -1.15 -47.73 -26.55
C ILE C 105 -1.34 -47.13 -25.18
N PHE C 106 -2.45 -46.41 -24.99
CA PHE C 106 -2.76 -45.74 -23.74
C PHE C 106 -4.13 -46.20 -23.28
N GLY C 107 -4.37 -46.18 -21.98
CA GLY C 107 -5.71 -46.48 -21.51
C GLY C 107 -5.80 -46.42 -20.01
N THR C 108 -7.04 -46.38 -19.54
CA THR C 108 -7.36 -46.49 -18.13
C THR C 108 -7.22 -47.93 -17.64
N THR C 109 -7.66 -48.89 -18.46
CA THR C 109 -7.57 -50.30 -18.12
C THR C 109 -6.91 -51.14 -19.19
N LEU C 110 -6.66 -50.58 -20.38
CA LEU C 110 -6.12 -51.35 -21.51
C LEU C 110 -7.00 -52.56 -21.80
N ASP C 111 -8.31 -52.35 -21.72
CA ASP C 111 -9.28 -53.41 -21.94
C ASP C 111 -10.36 -52.86 -22.84
N SER C 112 -11.07 -53.75 -23.53
CA SER C 112 -12.15 -53.34 -24.41
C SER C 112 -13.31 -52.75 -23.61
N LYS C 113 -13.25 -52.91 -22.28
CA LYS C 113 -14.27 -52.37 -21.40
C LYS C 113 -14.22 -50.84 -21.32
N THR C 114 -13.04 -50.25 -21.43
CA THR C 114 -12.87 -48.82 -21.23
C THR C 114 -12.05 -48.24 -22.37
N GLN C 115 -12.31 -46.98 -22.70
CA GLN C 115 -11.67 -46.32 -23.83
C GLN C 115 -10.15 -46.43 -23.74
N SER C 116 -9.51 -46.31 -24.91
CA SER C 116 -8.07 -46.41 -25.03
C SER C 116 -7.64 -45.65 -26.27
N LEU C 117 -6.34 -45.43 -26.41
CA LEU C 117 -5.81 -44.61 -27.49
C LEU C 117 -4.65 -45.34 -28.14
N LEU C 118 -4.60 -45.30 -29.47
CA LEU C 118 -3.61 -46.01 -30.25
C LEU C 118 -2.84 -45.02 -31.12
N ILE C 119 -1.50 -45.16 -31.14
CA ILE C 119 -0.67 -44.41 -32.09
C ILE C 119 0.32 -45.36 -32.74
N VAL C 120 0.04 -45.79 -33.97
CA VAL C 120 0.87 -46.76 -34.65
C VAL C 120 1.48 -46.11 -35.88
N ASN C 121 2.58 -46.69 -36.38
CA ASN C 121 3.26 -46.18 -37.56
C ASN C 121 3.39 -47.32 -38.57
N ASN C 122 3.02 -47.04 -39.83
CA ASN C 122 3.12 -48.02 -40.91
C ASN C 122 4.24 -47.62 -41.88
N ALA C 123 5.27 -47.01 -41.29
CA ALA C 123 6.54 -46.63 -41.90
C ALA C 123 6.44 -45.43 -42.82
N THR C 124 5.22 -45.02 -43.20
CA THR C 124 5.06 -43.73 -43.87
C THR C 124 3.96 -42.90 -43.23
N ASN C 125 2.88 -43.55 -42.80
CA ASN C 125 1.70 -42.87 -42.28
C ASN C 125 1.49 -43.24 -40.81
N VAL C 126 1.32 -42.23 -39.98
CA VAL C 126 1.03 -42.46 -38.57
C VAL C 126 -0.48 -42.50 -38.37
N VAL C 127 -0.98 -43.62 -37.87
CA VAL C 127 -2.40 -43.78 -37.56
C VAL C 127 -2.62 -43.49 -36.09
N ILE C 128 -3.52 -42.56 -35.82
CA ILE C 128 -3.91 -42.19 -34.46
C ILE C 128 -5.39 -42.47 -34.31
N LYS C 129 -5.76 -43.10 -33.21
CA LYS C 129 -7.17 -43.38 -32.96
C LYS C 129 -7.43 -43.41 -31.46
N VAL C 130 -8.70 -43.24 -31.08
CA VAL C 130 -9.11 -43.48 -29.71
C VAL C 130 -10.13 -44.62 -29.66
N CYS C 131 -10.18 -45.43 -30.71
CA CYS C 131 -11.17 -46.49 -30.77
C CYS C 131 -10.97 -47.44 -29.60
N GLU C 132 -12.06 -47.97 -29.06
CA GLU C 132 -11.99 -48.77 -27.84
C GLU C 132 -11.41 -50.14 -28.13
N PHE C 133 -10.09 -50.20 -28.30
CA PHE C 133 -9.46 -51.41 -28.81
C PHE C 133 -9.42 -52.50 -27.74
N GLN C 134 -8.87 -53.65 -28.12
CA GLN C 134 -8.62 -54.77 -27.22
C GLN C 134 -7.22 -54.64 -26.63
N PHE C 135 -6.73 -55.72 -26.04
CA PHE C 135 -5.38 -55.76 -25.51
C PHE C 135 -4.62 -56.90 -26.16
N CYS C 136 -3.55 -56.57 -26.85
CA CYS C 136 -2.60 -57.56 -27.39
C CYS C 136 -1.33 -57.43 -26.55
N ASN C 137 -1.13 -58.40 -25.65
CA ASN C 137 -0.13 -58.26 -24.60
C ASN C 137 1.26 -58.05 -25.18
N ASP C 138 1.61 -58.78 -26.23
CA ASP C 138 2.89 -58.60 -26.90
C ASP C 138 2.64 -58.20 -28.34
N PRO C 139 2.46 -56.92 -28.62
CA PRO C 139 2.13 -56.47 -29.98
C PRO C 139 3.28 -56.66 -30.94
N PHE C 140 3.05 -56.24 -32.18
CA PHE C 140 4.06 -56.33 -33.24
C PHE C 140 3.80 -55.32 -34.35
N PHE C 157 0.11 -55.51 -38.43
CA PHE C 157 -0.60 -54.77 -37.40
C PHE C 157 -1.37 -55.70 -36.48
N ARG C 158 -0.64 -56.47 -35.67
CA ARG C 158 -1.28 -57.46 -34.82
C ARG C 158 -1.97 -56.82 -33.61
N VAL C 159 -1.57 -55.60 -33.26
CA VAL C 159 -2.14 -54.96 -32.07
C VAL C 159 -3.43 -54.21 -32.34
N TYR C 160 -3.57 -53.58 -33.52
CA TYR C 160 -4.71 -52.72 -33.82
C TYR C 160 -5.92 -53.56 -34.26
N SER C 161 -6.46 -54.32 -33.32
CA SER C 161 -7.40 -55.38 -33.67
C SER C 161 -8.84 -54.88 -33.86
N SER C 162 -9.46 -54.37 -32.79
CA SER C 162 -10.89 -54.09 -32.78
C SER C 162 -11.14 -52.61 -32.58
N ALA C 163 -12.10 -52.07 -33.33
CA ALA C 163 -12.46 -50.65 -33.28
C ALA C 163 -13.87 -50.44 -32.73
N ASN C 164 -14.25 -51.20 -31.70
CA ASN C 164 -15.59 -51.09 -31.12
C ASN C 164 -15.86 -49.69 -30.58
N ASN C 165 -16.98 -49.10 -30.97
CA ASN C 165 -17.44 -47.80 -30.48
C ASN C 165 -16.36 -46.73 -30.65
N CYS C 166 -15.75 -46.76 -31.83
CA CYS C 166 -14.60 -45.91 -32.07
C CYS C 166 -15.03 -44.47 -32.32
N THR C 167 -14.14 -43.53 -32.01
CA THR C 167 -14.48 -42.11 -32.01
C THR C 167 -13.59 -41.23 -32.89
N PHE C 168 -12.28 -41.43 -32.90
CA PHE C 168 -11.36 -40.52 -33.58
C PHE C 168 -10.40 -41.37 -34.39
N GLU C 169 -10.14 -40.94 -35.62
CA GLU C 169 -9.13 -41.57 -36.47
C GLU C 169 -8.44 -40.47 -37.28
N TYR C 170 -7.15 -40.66 -37.53
CA TYR C 170 -6.40 -39.63 -38.22
C TYR C 170 -5.09 -40.20 -38.72
N VAL C 171 -4.55 -39.58 -39.77
CA VAL C 171 -3.29 -39.98 -40.40
C VAL C 171 -2.35 -38.78 -40.43
N SER C 172 -1.08 -39.02 -40.10
CA SER C 172 -0.08 -37.96 -40.02
C SER C 172 1.20 -38.37 -40.75
N GLN C 173 2.08 -37.37 -40.93
CA GLN C 173 3.39 -37.58 -41.54
C GLN C 173 4.27 -38.45 -40.65
N PRO C 174 5.28 -39.10 -41.23
CA PRO C 174 6.06 -40.09 -40.47
C PRO C 174 6.85 -39.46 -39.33
N PHE C 175 7.25 -40.32 -38.39
CA PHE C 175 8.07 -39.90 -37.26
C PHE C 175 9.51 -39.68 -37.66
N LEU C 176 10.10 -40.65 -38.37
CA LEU C 176 11.50 -40.61 -38.76
C LEU C 176 12.41 -40.46 -37.55
N LYS C 187 21.70 -44.76 -33.29
CA LYS C 187 22.42 -43.83 -34.15
C LYS C 187 21.64 -42.54 -34.36
N ASN C 188 20.49 -42.44 -33.70
CA ASN C 188 19.70 -41.22 -33.63
C ASN C 188 18.61 -41.42 -32.59
N LEU C 189 18.14 -40.33 -31.99
CA LEU C 189 17.14 -40.44 -30.94
C LEU C 189 16.01 -39.46 -31.21
N ARG C 190 14.79 -39.94 -31.03
CA ARG C 190 13.60 -39.10 -31.02
C ARG C 190 13.03 -39.11 -29.62
N GLU C 191 12.66 -37.94 -29.12
CA GLU C 191 12.10 -37.86 -27.78
C GLU C 191 10.81 -37.05 -27.81
N PHE C 192 9.87 -37.50 -26.98
CA PHE C 192 8.55 -36.91 -26.89
C PHE C 192 8.18 -36.69 -25.43
N VAL C 193 7.26 -35.75 -25.22
CA VAL C 193 6.67 -35.50 -23.91
C VAL C 193 5.16 -35.55 -24.07
N PHE C 194 4.52 -36.40 -23.28
CA PHE C 194 3.07 -36.57 -23.33
C PHE C 194 2.46 -35.97 -22.07
N LYS C 195 1.48 -35.07 -22.25
CA LYS C 195 0.81 -34.45 -21.12
C LYS C 195 -0.68 -34.41 -21.40
N ASN C 196 -1.47 -35.05 -20.52
CA ASN C 196 -2.92 -35.06 -20.64
C ASN C 196 -3.49 -33.99 -19.71
N ILE C 197 -3.70 -32.79 -20.25
CA ILE C 197 -4.14 -31.65 -19.45
C ILE C 197 -5.48 -31.18 -19.97
N ASP C 198 -6.49 -31.21 -19.09
CA ASP C 198 -7.81 -30.63 -19.37
C ASP C 198 -8.41 -31.18 -20.67
N GLY C 199 -8.25 -32.48 -20.87
CA GLY C 199 -8.82 -33.13 -22.04
C GLY C 199 -8.05 -32.93 -23.32
N TYR C 200 -6.91 -32.25 -23.27
CA TYR C 200 -6.03 -32.13 -24.42
C TYR C 200 -4.78 -32.96 -24.20
N PHE C 201 -4.46 -33.80 -25.17
CA PHE C 201 -3.35 -34.74 -25.07
C PHE C 201 -2.16 -34.19 -25.83
N LYS C 202 -1.48 -33.24 -25.18
CA LYS C 202 -0.37 -32.55 -25.83
C LYS C 202 0.80 -33.48 -26.03
N ILE C 203 1.36 -33.47 -27.24
CA ILE C 203 2.54 -34.26 -27.57
C ILE C 203 3.61 -33.29 -28.08
N TYR C 204 4.77 -33.29 -27.43
CA TYR C 204 5.89 -32.49 -27.87
C TYR C 204 6.97 -33.43 -28.40
N SER C 205 7.57 -33.07 -29.53
CA SER C 205 8.46 -33.98 -30.24
C SER C 205 9.77 -33.30 -30.58
N LYS C 206 10.83 -34.10 -30.70
CA LYS C 206 12.11 -33.57 -31.13
C LYS C 206 12.98 -34.72 -31.66
N HIS C 207 13.70 -34.44 -32.73
CA HIS C 207 14.70 -35.34 -33.28
C HIS C 207 16.08 -34.94 -32.77
N THR C 208 17.03 -35.87 -32.89
CA THR C 208 18.43 -35.53 -32.66
C THR C 208 19.30 -36.59 -33.30
N PRO C 209 20.30 -36.21 -34.06
CA PRO C 209 21.29 -37.20 -34.52
C PRO C 209 22.40 -37.38 -33.49
N ILE C 210 22.60 -38.61 -33.02
CA ILE C 210 23.58 -38.90 -31.99
C ILE C 210 24.32 -40.18 -32.37
N ASN C 211 25.35 -40.51 -31.59
CA ASN C 211 26.12 -41.73 -31.80
C ASN C 211 26.36 -42.53 -30.53
N LEU C 212 26.00 -42.02 -29.37
CA LEU C 212 26.25 -42.73 -28.12
C LEU C 212 25.47 -44.03 -28.09
N VAL C 213 26.11 -45.07 -27.57
CA VAL C 213 25.51 -46.41 -27.56
C VAL C 213 24.85 -46.73 -26.23
N ARG C 214 25.48 -46.37 -25.12
CA ARG C 214 25.04 -46.84 -23.81
C ARG C 214 23.74 -46.19 -23.35
N ASP C 215 23.75 -44.88 -23.19
CA ASP C 215 22.63 -44.20 -22.55
C ASP C 215 22.40 -42.86 -23.23
N LEU C 216 21.69 -41.98 -22.54
CA LEU C 216 21.37 -40.66 -23.06
C LEU C 216 22.64 -39.87 -23.31
N PRO C 217 22.83 -39.30 -24.49
CA PRO C 217 23.99 -38.42 -24.70
C PRO C 217 23.80 -37.11 -23.95
N GLN C 218 24.78 -36.77 -23.13
CA GLN C 218 24.72 -35.49 -22.44
C GLN C 218 24.77 -34.34 -23.45
N GLY C 219 24.15 -33.25 -23.08
CA GLY C 219 23.90 -32.13 -23.96
C GLY C 219 22.52 -31.59 -23.71
N PHE C 220 22.07 -30.70 -24.58
CA PHE C 220 20.80 -30.03 -24.34
C PHE C 220 20.04 -29.93 -25.64
N SER C 221 18.72 -30.14 -25.57
CA SER C 221 17.84 -29.95 -26.71
C SER C 221 16.48 -29.54 -26.20
N ALA C 222 15.78 -28.77 -27.02
CA ALA C 222 14.43 -28.30 -26.70
C ALA C 222 13.39 -29.17 -27.40
N LEU C 223 12.20 -29.21 -26.83
CA LEU C 223 11.09 -29.96 -27.39
C LEU C 223 10.01 -28.99 -27.81
N GLU C 224 9.62 -29.05 -29.06
CA GLU C 224 8.61 -28.15 -29.59
C GLU C 224 7.27 -28.86 -29.72
N PRO C 225 6.16 -28.14 -29.61
CA PRO C 225 4.86 -28.79 -29.73
C PRO C 225 4.60 -29.28 -31.13
N LEU C 226 3.93 -30.42 -31.23
CA LEU C 226 3.56 -31.01 -32.51
C LEU C 226 2.06 -31.08 -32.70
N VAL C 227 1.33 -31.59 -31.70
CA VAL C 227 -0.12 -31.74 -31.83
C VAL C 227 -0.79 -31.92 -30.48
N ASP C 228 -2.01 -31.43 -30.37
CA ASP C 228 -2.90 -31.72 -29.26
C ASP C 228 -4.10 -32.50 -29.78
N LEU C 229 -4.61 -33.40 -28.97
CA LEU C 229 -5.68 -34.28 -29.43
C LEU C 229 -6.90 -34.14 -28.55
N PRO C 230 -8.04 -33.74 -29.09
CA PRO C 230 -9.26 -33.63 -28.29
C PRO C 230 -9.87 -34.99 -27.98
N ILE C 231 -9.34 -35.63 -26.95
CA ILE C 231 -9.70 -37.01 -26.64
C ILE C 231 -10.76 -37.04 -25.53
N GLY C 232 -10.45 -36.43 -24.39
CA GLY C 232 -11.37 -36.47 -23.27
C GLY C 232 -11.40 -37.80 -22.55
N ILE C 233 -10.25 -38.46 -22.43
CA ILE C 233 -10.15 -39.77 -21.80
C ILE C 233 -9.39 -39.60 -20.48
N ASN C 234 -9.57 -40.57 -19.59
CA ASN C 234 -8.85 -40.66 -18.33
C ASN C 234 -7.69 -41.62 -18.54
N ILE C 235 -6.46 -41.10 -18.53
CA ILE C 235 -5.27 -41.86 -18.87
C ILE C 235 -4.52 -42.20 -17.59
N THR C 236 -4.28 -43.49 -17.37
CA THR C 236 -3.51 -43.94 -16.22
C THR C 236 -2.37 -44.88 -16.57
N ARG C 237 -2.53 -45.76 -17.55
CA ARG C 237 -1.49 -46.70 -17.90
C ARG C 237 -1.23 -46.63 -19.39
N PHE C 238 -0.01 -47.02 -19.78
CA PHE C 238 0.29 -47.10 -21.20
C PHE C 238 1.36 -48.17 -21.42
N GLN C 239 1.40 -48.67 -22.65
CA GLN C 239 2.37 -49.67 -23.07
C GLN C 239 2.96 -49.24 -24.40
N THR C 240 4.17 -49.73 -24.68
CA THR C 240 4.90 -49.37 -25.88
C THR C 240 4.76 -50.46 -26.95
N LEU C 241 4.67 -50.02 -28.20
CA LEU C 241 4.56 -50.90 -29.33
C LEU C 241 5.91 -51.01 -30.03
N LEU C 242 6.32 -52.23 -30.34
CA LEU C 242 7.58 -52.45 -31.06
C LEU C 242 7.33 -53.46 -32.16
N ALA C 243 7.96 -53.27 -33.31
CA ALA C 243 7.85 -54.22 -34.41
C ALA C 243 9.04 -55.16 -34.40
N LEU C 244 8.76 -56.45 -34.29
CA LEU C 244 9.78 -57.49 -34.31
C LEU C 244 9.59 -58.36 -35.55
N HIS C 245 10.68 -58.95 -36.02
CA HIS C 245 10.65 -59.69 -37.28
C HIS C 245 11.39 -61.02 -37.21
N GLY C 261 18.53 -59.07 -27.83
CA GLY C 261 18.14 -57.86 -27.13
C GLY C 261 17.37 -56.89 -28.00
N ALA C 262 16.45 -56.14 -27.39
CA ALA C 262 15.64 -55.17 -28.11
C ALA C 262 16.44 -53.89 -28.32
N ALA C 263 15.76 -52.81 -28.71
CA ALA C 263 16.39 -51.50 -28.81
C ALA C 263 16.43 -50.87 -27.42
N ALA C 264 16.72 -49.58 -27.35
CA ALA C 264 16.80 -48.85 -26.09
C ALA C 264 15.80 -47.71 -26.11
N TYR C 265 15.14 -47.51 -24.97
CA TYR C 265 14.22 -46.38 -24.81
C TYR C 265 14.04 -46.09 -23.31
N TYR C 266 13.73 -44.84 -23.02
CA TYR C 266 13.81 -44.29 -21.67
C TYR C 266 12.46 -43.66 -21.32
N VAL C 267 12.03 -43.84 -20.08
CA VAL C 267 10.74 -43.32 -19.63
C VAL C 267 10.96 -42.47 -18.39
N GLY C 268 10.47 -41.24 -18.42
CA GLY C 268 10.59 -40.34 -17.28
C GLY C 268 9.27 -39.70 -16.95
N TYR C 269 9.05 -39.47 -15.66
CA TYR C 269 7.76 -39.01 -15.17
C TYR C 269 7.84 -37.54 -14.82
N LEU C 270 6.93 -36.75 -15.40
CA LEU C 270 6.94 -35.31 -15.22
C LEU C 270 6.49 -34.94 -13.81
N GLN C 271 6.98 -33.80 -13.34
CA GLN C 271 6.66 -33.26 -12.02
C GLN C 271 6.34 -31.79 -12.14
N PRO C 272 5.55 -31.24 -11.20
CA PRO C 272 5.21 -29.80 -11.26
C PRO C 272 6.33 -28.93 -10.70
N ARG C 273 7.29 -28.57 -11.54
CA ARG C 273 8.47 -27.88 -11.04
C ARG C 273 8.70 -26.60 -11.83
N THR C 274 8.92 -25.51 -11.09
CA THR C 274 9.16 -24.21 -11.71
C THR C 274 10.57 -24.16 -12.28
N PHE C 275 10.67 -23.73 -13.53
CA PHE C 275 11.91 -23.71 -14.29
C PHE C 275 12.24 -22.29 -14.68
N LEU C 276 13.50 -22.06 -15.04
CA LEU C 276 13.92 -20.80 -15.60
C LEU C 276 14.70 -21.08 -16.88
N LEU C 277 14.28 -20.44 -17.97
CA LEU C 277 14.70 -20.81 -19.31
C LEU C 277 15.42 -19.62 -19.95
N LYS C 278 16.59 -19.87 -20.53
CA LYS C 278 17.36 -18.84 -21.21
C LYS C 278 17.07 -18.91 -22.69
N TYR C 279 16.35 -17.92 -23.20
CA TYR C 279 16.21 -17.78 -24.65
C TYR C 279 17.47 -17.14 -25.21
N ASN C 280 17.96 -17.68 -26.32
CA ASN C 280 19.17 -17.18 -26.94
C ASN C 280 18.85 -16.03 -27.89
N GLU C 281 19.84 -15.60 -28.66
CA GLU C 281 19.62 -14.54 -29.63
C GLU C 281 18.69 -15.00 -30.75
N ASN C 282 18.83 -16.24 -31.21
CA ASN C 282 18.04 -16.72 -32.33
C ASN C 282 16.59 -16.90 -31.95
N GLY C 283 16.33 -17.29 -30.72
CA GLY C 283 14.98 -17.62 -30.27
C GLY C 283 14.83 -19.04 -29.76
N THR C 284 15.85 -19.87 -29.92
CA THR C 284 15.81 -21.25 -29.45
C THR C 284 16.36 -21.34 -28.04
N ILE C 285 15.74 -22.21 -27.24
CA ILE C 285 16.19 -22.42 -25.88
C ILE C 285 17.56 -23.08 -25.88
N THR C 286 18.47 -22.59 -25.05
CA THR C 286 19.80 -23.16 -25.00
C THR C 286 20.30 -23.48 -23.61
N ASP C 287 19.62 -23.04 -22.55
CA ASP C 287 20.03 -23.36 -21.18
C ASP C 287 18.82 -23.21 -20.27
N ALA C 288 18.84 -23.95 -19.17
CA ALA C 288 17.75 -23.90 -18.22
C ALA C 288 18.26 -24.26 -16.85
N VAL C 289 17.55 -23.79 -15.83
CA VAL C 289 17.85 -24.11 -14.44
C VAL C 289 16.58 -24.52 -13.73
N ASP C 290 16.65 -25.59 -12.96
CA ASP C 290 15.51 -26.09 -12.20
C ASP C 290 15.54 -25.44 -10.82
N CYS C 291 14.51 -24.69 -10.53
CA CYS C 291 14.43 -23.89 -9.31
C CYS C 291 14.35 -24.73 -8.03
N ALA C 292 14.45 -26.06 -8.04
CA ALA C 292 14.36 -26.80 -6.80
C ALA C 292 15.33 -27.99 -6.73
N LEU C 293 16.43 -27.96 -7.47
CA LEU C 293 17.38 -29.06 -7.46
C LEU C 293 18.40 -28.89 -6.34
N ASP C 294 19.16 -27.80 -6.37
CA ASP C 294 20.18 -27.51 -5.38
C ASP C 294 20.00 -26.02 -5.06
N PRO C 295 19.94 -25.66 -3.77
CA PRO C 295 19.78 -24.24 -3.41
C PRO C 295 20.67 -23.27 -4.18
N LEU C 296 21.79 -23.73 -4.74
CA LEU C 296 22.49 -22.93 -5.73
C LEU C 296 21.58 -22.60 -6.90
N SER C 297 20.87 -23.60 -7.41
CA SER C 297 19.89 -23.35 -8.46
C SER C 297 18.77 -22.45 -7.96
N GLU C 298 18.42 -22.53 -6.68
CA GLU C 298 17.43 -21.60 -6.14
C GLU C 298 17.93 -20.16 -6.20
N THR C 299 19.21 -19.94 -5.91
CA THR C 299 19.76 -18.59 -6.06
C THR C 299 19.74 -18.16 -7.51
N LYS C 300 20.15 -19.05 -8.41
CA LYS C 300 20.09 -18.71 -9.83
C LYS C 300 18.68 -18.30 -10.23
N CYS C 301 17.68 -19.03 -9.74
CA CYS C 301 16.30 -18.85 -10.16
C CYS C 301 15.68 -17.58 -9.58
N THR C 302 15.85 -17.33 -8.28
CA THR C 302 15.25 -16.13 -7.69
C THR C 302 16.04 -14.87 -8.04
N LEU C 303 17.38 -14.95 -8.05
CA LEU C 303 18.19 -13.84 -8.49
C LEU C 303 17.99 -13.54 -9.97
N LYS C 304 17.46 -14.50 -10.73
CA LYS C 304 17.18 -14.36 -12.15
C LYS C 304 18.46 -14.00 -12.91
N SER C 305 19.39 -14.96 -12.90
CA SER C 305 20.63 -14.86 -13.65
C SER C 305 21.29 -16.23 -13.65
N PHE C 306 22.20 -16.41 -14.60
CA PHE C 306 22.96 -17.64 -14.71
C PHE C 306 24.36 -17.55 -14.12
N THR C 307 24.70 -16.42 -13.53
CA THR C 307 26.00 -16.27 -12.87
C THR C 307 25.80 -15.42 -11.63
N VAL C 308 25.99 -16.01 -10.46
CA VAL C 308 25.83 -15.32 -9.19
C VAL C 308 27.21 -15.00 -8.66
N GLU C 309 27.43 -13.75 -8.29
CA GLU C 309 28.72 -13.33 -7.77
C GLU C 309 28.77 -13.55 -6.26
N LYS C 310 29.95 -13.40 -5.70
CA LYS C 310 30.20 -13.70 -4.30
C LYS C 310 29.24 -12.96 -3.39
N GLY C 311 28.90 -13.57 -2.25
CA GLY C 311 27.98 -12.95 -1.31
C GLY C 311 26.95 -13.90 -0.75
N ILE C 312 26.33 -13.52 0.36
CA ILE C 312 25.31 -14.34 1.01
C ILE C 312 23.94 -13.89 0.52
N TYR C 313 23.28 -14.73 -0.25
CA TYR C 313 21.96 -14.42 -0.77
C TYR C 313 20.88 -15.12 0.04
N GLN C 314 19.65 -14.65 -0.13
CA GLN C 314 18.50 -15.24 0.53
C GLN C 314 17.65 -15.91 -0.51
N THR C 315 17.37 -17.20 -0.32
CA THR C 315 16.58 -17.94 -1.30
C THR C 315 15.09 -17.93 -0.93
N SER C 316 14.77 -18.48 0.23
CA SER C 316 13.36 -18.66 0.59
C SER C 316 13.25 -18.94 2.08
N ASN C 317 12.00 -19.12 2.50
CA ASN C 317 11.67 -19.65 3.80
C ASN C 317 11.64 -21.17 3.70
N PHE C 318 11.90 -21.84 4.83
CA PHE C 318 11.73 -23.28 4.90
C PHE C 318 10.92 -23.60 6.13
N ARG C 319 10.16 -24.68 6.05
CA ARG C 319 9.34 -25.15 7.15
C ARG C 319 9.21 -26.66 7.05
N VAL C 320 8.94 -27.29 8.18
CA VAL C 320 8.76 -28.73 8.24
C VAL C 320 7.36 -29.08 7.76
N GLN C 321 7.27 -30.07 6.88
CA GLN C 321 6.01 -30.40 6.25
C GLN C 321 5.08 -31.05 7.29
N PRO C 322 3.77 -30.94 7.11
CA PRO C 322 2.84 -31.60 8.04
C PRO C 322 2.75 -33.10 7.75
N THR C 323 2.86 -33.90 8.80
CA THR C 323 2.78 -35.35 8.70
C THR C 323 1.74 -35.87 9.68
N GLU C 324 0.95 -36.85 9.23
CA GLU C 324 -0.12 -37.47 10.01
C GLU C 324 -1.12 -36.40 10.47
N SER C 325 -1.86 -35.90 9.47
CA SER C 325 -2.95 -34.97 9.72
C SER C 325 -3.97 -35.60 10.66
N ILE C 326 -4.44 -34.81 11.64
CA ILE C 326 -5.42 -35.29 12.60
C ILE C 326 -6.65 -34.40 12.57
N VAL C 327 -7.82 -35.06 12.69
CA VAL C 327 -9.13 -34.41 12.71
C VAL C 327 -9.79 -34.77 14.03
N ARG C 328 -10.46 -33.81 14.65
CA ARG C 328 -11.06 -34.03 15.96
C ARG C 328 -12.48 -33.48 15.96
N PHE C 329 -13.37 -34.18 16.67
CA PHE C 329 -14.77 -33.80 16.80
C PHE C 329 -15.27 -34.23 18.17
N PRO C 330 -16.45 -33.77 18.60
CA PRO C 330 -17.06 -34.33 19.81
C PRO C 330 -17.51 -35.77 19.59
N ASN C 331 -17.95 -36.40 20.67
CA ASN C 331 -18.26 -37.82 20.66
C ASN C 331 -19.74 -38.12 20.45
N ILE C 332 -20.63 -37.15 20.70
CA ILE C 332 -22.05 -37.40 20.61
C ILE C 332 -22.44 -37.79 19.18
N THR C 333 -23.40 -38.69 19.07
CA THR C 333 -23.91 -39.15 17.77
C THR C 333 -25.44 -39.17 17.85
N ASN C 334 -26.05 -38.04 17.52
CA ASN C 334 -27.51 -37.90 17.55
C ASN C 334 -27.92 -37.02 16.37
N LEU C 335 -28.52 -37.63 15.35
CA LEU C 335 -28.95 -36.88 14.18
C LEU C 335 -29.88 -35.75 14.60
N CYS C 336 -29.58 -34.55 14.12
CA CYS C 336 -30.26 -33.35 14.58
C CYS C 336 -31.71 -33.36 14.11
N PRO C 337 -32.57 -32.53 14.74
CA PRO C 337 -34.00 -32.57 14.40
C PRO C 337 -34.26 -32.12 12.98
N PHE C 338 -33.97 -33.02 12.04
CA PHE C 338 -34.19 -32.75 10.62
C PHE C 338 -35.64 -32.99 10.23
N GLY C 339 -36.15 -34.20 10.53
CA GLY C 339 -37.52 -34.54 10.15
C GLY C 339 -38.55 -33.68 10.83
N GLU C 340 -38.30 -33.29 12.08
CA GLU C 340 -39.24 -32.45 12.80
C GLU C 340 -39.37 -31.07 12.18
N VAL C 341 -38.45 -30.70 11.29
CA VAL C 341 -38.45 -29.38 10.68
C VAL C 341 -39.04 -29.41 9.29
N PHE C 342 -38.69 -30.40 8.46
CA PHE C 342 -39.16 -30.45 7.09
C PHE C 342 -40.36 -31.36 6.88
N ASN C 343 -40.29 -32.63 7.27
CA ASN C 343 -41.45 -33.53 7.12
C ASN C 343 -42.52 -33.11 8.12
N ALA C 344 -43.17 -32.00 7.79
CA ALA C 344 -44.38 -31.54 8.45
C ALA C 344 -45.10 -30.63 7.46
N THR C 345 -46.39 -30.43 7.70
CA THR C 345 -47.20 -29.62 6.78
C THR C 345 -47.66 -28.31 7.39
N ARG C 346 -47.88 -28.26 8.70
CA ARG C 346 -48.41 -27.06 9.35
C ARG C 346 -47.31 -26.03 9.57
N PHE C 347 -46.62 -25.69 8.48
CA PHE C 347 -45.69 -24.58 8.51
C PHE C 347 -46.48 -23.28 8.68
N ALA C 348 -45.95 -22.39 9.51
CA ALA C 348 -46.66 -21.15 9.77
C ALA C 348 -46.62 -20.25 8.55
N SER C 349 -47.32 -19.12 8.65
CA SER C 349 -47.27 -18.10 7.63
C SER C 349 -46.04 -17.22 7.83
N VAL C 350 -45.66 -16.51 6.77
CA VAL C 350 -44.47 -15.67 6.84
C VAL C 350 -44.60 -14.61 7.92
N TYR C 351 -45.80 -14.05 8.08
CA TYR C 351 -46.02 -13.06 9.11
C TYR C 351 -45.87 -13.63 10.52
N ALA C 352 -45.93 -14.96 10.66
CA ALA C 352 -45.83 -15.62 11.95
C ALA C 352 -44.79 -16.73 11.91
N TRP C 353 -43.60 -16.39 11.42
CA TRP C 353 -42.52 -17.36 11.29
C TRP C 353 -42.17 -18.03 12.61
N ASN C 354 -41.87 -19.33 12.54
CA ASN C 354 -41.55 -20.10 13.74
C ASN C 354 -40.05 -20.31 13.85
N ARG C 355 -39.54 -20.24 15.08
CA ARG C 355 -38.10 -20.20 15.32
C ARG C 355 -37.73 -21.38 16.20
N LYS C 356 -36.90 -22.27 15.69
CA LYS C 356 -36.56 -23.52 16.34
C LYS C 356 -35.04 -23.61 16.51
N ARG C 357 -34.63 -24.22 17.62
CA ARG C 357 -33.23 -24.34 17.98
C ARG C 357 -32.61 -25.60 17.41
N ILE C 358 -31.32 -25.52 17.12
CA ILE C 358 -30.49 -26.69 16.88
C ILE C 358 -29.19 -26.51 17.68
N SER C 359 -28.94 -27.44 18.60
CA SER C 359 -27.78 -27.37 19.48
C SER C 359 -27.48 -28.75 20.04
N ASN C 360 -26.24 -28.93 20.49
CA ASN C 360 -25.79 -30.14 21.19
C ASN C 360 -26.04 -31.40 20.35
N CYS C 361 -25.88 -31.28 19.05
CA CYS C 361 -26.31 -32.33 18.13
C CYS C 361 -25.31 -32.46 17.00
N VAL C 362 -25.32 -33.62 16.36
CA VAL C 362 -24.49 -33.89 15.19
C VAL C 362 -25.40 -34.26 14.03
N ALA C 363 -25.05 -33.78 12.85
CA ALA C 363 -25.88 -33.90 11.66
C ALA C 363 -25.04 -34.44 10.50
N ASP C 364 -25.62 -34.37 9.31
CA ASP C 364 -24.91 -34.68 8.06
C ASP C 364 -25.60 -33.87 6.97
N TYR C 365 -25.04 -32.70 6.68
CA TYR C 365 -25.67 -31.77 5.74
C TYR C 365 -25.70 -32.29 4.33
N SER C 366 -25.23 -33.51 4.10
CA SER C 366 -25.36 -34.12 2.79
C SER C 366 -26.82 -34.37 2.44
N VAL C 367 -27.60 -34.83 3.42
CA VAL C 367 -28.96 -35.33 3.14
C VAL C 367 -29.82 -34.22 2.56
N LEU C 368 -29.76 -33.03 3.15
CA LEU C 368 -30.60 -31.94 2.68
C LEU C 368 -30.18 -31.50 1.28
N TYR C 369 -28.87 -31.34 1.06
CA TYR C 369 -28.40 -30.80 -0.20
C TYR C 369 -28.64 -31.76 -1.36
N ASN C 370 -28.26 -33.03 -1.19
CA ASN C 370 -28.25 -33.93 -2.33
C ASN C 370 -29.66 -34.33 -2.75
N SER C 371 -30.58 -34.42 -1.80
CA SER C 371 -31.94 -34.85 -2.12
C SER C 371 -32.60 -33.87 -3.06
N ALA C 372 -33.18 -34.38 -4.14
CA ALA C 372 -33.80 -33.54 -5.15
C ALA C 372 -35.11 -32.92 -4.68
N SER C 373 -35.66 -33.36 -3.56
CA SER C 373 -36.89 -32.77 -3.06
C SER C 373 -36.71 -31.29 -2.74
N PHE C 374 -35.60 -30.94 -2.09
CA PHE C 374 -35.27 -29.54 -1.83
C PHE C 374 -34.57 -28.98 -3.06
N SER C 375 -35.32 -28.20 -3.87
CA SER C 375 -34.82 -27.75 -5.15
C SER C 375 -34.15 -26.38 -5.07
N THR C 376 -34.79 -25.40 -4.43
CA THR C 376 -34.30 -24.03 -4.37
C THR C 376 -33.22 -23.94 -3.30
N PHE C 377 -31.98 -23.71 -3.73
CA PHE C 377 -30.82 -23.83 -2.86
C PHE C 377 -29.90 -22.64 -3.10
N LYS C 378 -29.51 -21.95 -2.03
CA LYS C 378 -28.66 -20.78 -2.13
C LYS C 378 -28.17 -20.40 -0.73
N CYS C 379 -26.85 -20.24 -0.58
CA CYS C 379 -26.27 -20.00 0.74
C CYS C 379 -25.32 -18.81 0.72
N TYR C 380 -25.46 -17.92 1.71
CA TYR C 380 -24.82 -16.63 1.69
C TYR C 380 -23.57 -16.67 2.58
N GLY C 381 -22.41 -16.81 1.97
CA GLY C 381 -21.16 -16.85 2.69
C GLY C 381 -20.66 -18.23 3.05
N VAL C 382 -21.38 -19.28 2.67
CA VAL C 382 -20.99 -20.65 3.01
C VAL C 382 -21.17 -21.53 1.78
N SER C 383 -20.16 -22.32 1.46
CA SER C 383 -20.25 -23.29 0.38
C SER C 383 -21.16 -24.45 0.78
N PRO C 384 -22.00 -24.94 -0.14
CA PRO C 384 -22.88 -26.06 0.22
C PRO C 384 -22.12 -27.33 0.57
N THR C 385 -21.28 -27.82 -0.35
CA THR C 385 -20.65 -29.11 -0.16
C THR C 385 -19.83 -29.14 1.12
N LYS C 386 -19.42 -27.97 1.62
CA LYS C 386 -18.54 -27.91 2.76
C LYS C 386 -19.25 -27.88 4.11
N LEU C 387 -20.58 -27.72 4.17
CA LEU C 387 -21.16 -27.71 5.52
C LEU C 387 -21.08 -29.07 6.21
N ASN C 388 -20.49 -30.09 5.57
CA ASN C 388 -20.19 -31.32 6.28
C ASN C 388 -19.08 -31.11 7.30
N ASP C 389 -18.08 -30.31 6.97
CA ASP C 389 -16.90 -30.15 7.81
C ASP C 389 -16.93 -28.89 8.65
N LEU C 390 -17.47 -27.80 8.11
CA LEU C 390 -17.71 -26.59 8.90
C LEU C 390 -18.73 -26.94 9.96
N CYS C 391 -18.50 -26.49 11.21
CA CYS C 391 -19.48 -26.69 12.25
C CYS C 391 -19.58 -25.53 13.23
N PHE C 392 -20.80 -25.28 13.67
CA PHE C 392 -21.27 -23.97 14.11
C PHE C 392 -21.64 -24.06 15.59
N THR C 393 -21.67 -22.91 16.26
CA THR C 393 -21.94 -22.92 17.70
C THR C 393 -23.39 -23.28 17.98
N ASN C 394 -24.31 -22.51 17.42
CA ASN C 394 -25.73 -22.75 17.53
C ASN C 394 -26.37 -22.50 16.16
N VAL C 395 -27.53 -23.13 15.93
CA VAL C 395 -28.20 -23.06 14.64
C VAL C 395 -29.64 -22.66 14.85
N TYR C 396 -30.12 -21.73 14.03
CA TYR C 396 -31.46 -21.18 14.18
C TYR C 396 -32.25 -21.51 12.92
N ALA C 397 -33.40 -22.17 13.07
CA ALA C 397 -34.24 -22.57 11.95
C ALA C 397 -35.54 -21.79 12.00
N ASP C 398 -35.75 -20.93 11.00
CA ASP C 398 -37.00 -20.19 10.88
C ASP C 398 -37.83 -20.78 9.76
N SER C 399 -39.10 -21.04 10.04
CA SER C 399 -39.99 -21.78 9.14
C SER C 399 -41.21 -20.95 8.80
N PHE C 400 -41.62 -21.02 7.53
CA PHE C 400 -42.87 -20.44 7.07
C PHE C 400 -43.16 -20.94 5.65
N VAL C 401 -44.18 -20.38 5.02
CA VAL C 401 -44.56 -20.66 3.64
C VAL C 401 -44.74 -19.34 2.93
N ILE C 402 -44.31 -19.28 1.67
CA ILE C 402 -44.25 -18.02 0.95
C ILE C 402 -44.74 -18.16 -0.48
N ARG C 403 -44.91 -17.03 -1.17
CA ARG C 403 -45.30 -17.05 -2.57
C ARG C 403 -44.16 -17.56 -3.44
N GLY C 404 -44.50 -18.08 -4.62
CA GLY C 404 -43.49 -18.52 -5.56
C GLY C 404 -42.68 -17.40 -6.16
N ASP C 405 -43.19 -16.16 -6.11
CA ASP C 405 -42.48 -15.02 -6.65
C ASP C 405 -41.67 -14.28 -5.60
N GLU C 406 -41.59 -14.79 -4.37
CA GLU C 406 -40.87 -14.14 -3.28
C GLU C 406 -39.49 -14.72 -3.05
N VAL C 407 -39.08 -15.72 -3.82
CA VAL C 407 -37.76 -16.30 -3.66
C VAL C 407 -36.67 -15.28 -3.98
N ARG C 408 -36.94 -14.38 -4.93
CA ARG C 408 -36.00 -13.31 -5.23
C ARG C 408 -35.94 -12.25 -4.14
N GLN C 409 -36.91 -12.27 -3.21
CA GLN C 409 -37.00 -11.24 -2.18
C GLN C 409 -36.37 -11.65 -0.86
N ILE C 410 -36.16 -12.96 -0.63
CA ILE C 410 -35.50 -13.42 0.59
C ILE C 410 -34.00 -13.45 0.32
N ALA C 411 -33.31 -12.39 0.72
CA ALA C 411 -31.89 -12.21 0.45
C ALA C 411 -31.43 -10.98 1.22
N PRO C 412 -30.12 -10.83 1.44
CA PRO C 412 -29.64 -9.57 2.03
C PRO C 412 -29.90 -8.39 1.10
N GLY C 413 -30.72 -7.45 1.54
CA GLY C 413 -31.00 -6.28 0.74
C GLY C 413 -31.89 -6.55 -0.45
N GLN C 414 -33.15 -6.89 -0.18
CA GLN C 414 -34.15 -7.03 -1.23
C GLN C 414 -35.32 -6.09 -0.93
N THR C 415 -35.76 -5.38 -1.96
CA THR C 415 -36.78 -4.35 -1.84
C THR C 415 -38.14 -4.92 -2.21
N GLY C 416 -39.09 -4.78 -1.31
CA GLY C 416 -40.42 -5.31 -1.54
C GLY C 416 -41.22 -5.42 -0.24
N LYS C 417 -42.54 -5.54 -0.38
CA LYS C 417 -43.39 -5.59 0.81
C LYS C 417 -43.09 -6.81 1.67
N ILE C 418 -42.92 -7.97 1.04
CA ILE C 418 -42.89 -9.24 1.78
C ILE C 418 -41.72 -9.26 2.76
N ALA C 419 -40.53 -8.89 2.28
CA ALA C 419 -39.36 -8.95 3.14
C ALA C 419 -39.30 -7.74 4.07
N ASP C 420 -39.55 -6.54 3.53
CA ASP C 420 -39.39 -5.33 4.32
C ASP C 420 -40.52 -5.15 5.34
N TYR C 421 -41.52 -6.02 5.34
CA TYR C 421 -42.62 -5.91 6.29
C TYR C 421 -42.82 -7.14 7.16
N ASN C 422 -42.52 -8.34 6.67
CA ASN C 422 -42.76 -9.57 7.41
C ASN C 422 -41.46 -10.20 7.92
N TYR C 423 -40.49 -10.42 7.04
CA TYR C 423 -39.24 -11.06 7.45
C TYR C 423 -38.13 -10.53 6.54
N LYS C 424 -37.29 -9.65 7.08
CA LYS C 424 -36.14 -9.13 6.37
C LYS C 424 -34.88 -9.80 6.90
N LEU C 425 -34.16 -10.41 5.98
CA LEU C 425 -32.94 -11.12 6.32
C LEU C 425 -31.83 -10.12 6.63
N PRO C 426 -31.12 -10.27 7.75
CA PRO C 426 -30.03 -9.33 8.07
C PRO C 426 -28.98 -9.32 6.97
N ASP C 427 -28.49 -8.13 6.65
CA ASP C 427 -27.49 -8.00 5.60
C ASP C 427 -26.14 -8.49 6.10
N ASP C 428 -26.05 -9.79 6.38
CA ASP C 428 -24.82 -10.42 6.82
C ASP C 428 -24.81 -11.84 6.27
N PHE C 429 -23.83 -12.63 6.70
CA PHE C 429 -23.75 -14.00 6.21
C PHE C 429 -24.95 -14.78 6.71
N THR C 430 -25.53 -15.58 5.81
CA THR C 430 -26.73 -16.34 6.12
C THR C 430 -26.48 -17.80 5.78
N GLY C 431 -26.75 -18.67 6.76
CA GLY C 431 -26.43 -20.07 6.64
C GLY C 431 -26.91 -20.66 5.34
N CYS C 432 -28.23 -20.87 5.20
CA CYS C 432 -28.91 -20.67 3.93
C CYS C 432 -30.38 -21.07 3.95
N VAL C 433 -31.01 -20.83 2.81
CA VAL C 433 -32.46 -20.89 2.63
C VAL C 433 -32.79 -22.17 1.86
N ILE C 434 -33.74 -22.93 2.35
CA ILE C 434 -34.20 -24.14 1.70
C ILE C 434 -35.70 -24.01 1.48
N ALA C 435 -36.19 -24.58 0.38
CA ALA C 435 -37.61 -24.51 0.08
C ALA C 435 -37.98 -25.60 -0.90
N TRP C 436 -39.27 -25.92 -0.94
CA TRP C 436 -39.81 -26.72 -2.04
C TRP C 436 -41.31 -26.48 -2.16
N ASN C 437 -41.92 -27.26 -3.03
CA ASN C 437 -43.31 -27.06 -3.46
C ASN C 437 -44.28 -27.73 -2.49
N SER C 438 -45.44 -27.11 -2.33
CA SER C 438 -46.46 -27.56 -1.40
C SER C 438 -47.81 -27.67 -2.10
N ASN C 439 -47.80 -28.11 -3.36
CA ASN C 439 -49.06 -28.23 -4.09
C ASN C 439 -49.97 -29.31 -3.51
N ASN C 440 -49.42 -30.23 -2.72
CA ASN C 440 -50.21 -31.24 -2.04
C ASN C 440 -50.33 -30.98 -0.54
N LEU C 441 -49.79 -29.87 -0.05
CA LEU C 441 -49.77 -29.57 1.38
C LEU C 441 -50.97 -28.74 1.81
N ASP C 442 -51.11 -27.54 1.25
CA ASP C 442 -52.19 -26.63 1.62
C ASP C 442 -53.13 -26.30 0.48
N SER C 443 -52.60 -26.02 -0.70
CA SER C 443 -53.43 -25.65 -1.84
C SER C 443 -54.39 -26.77 -2.24
N TYR C 449 -54.56 -19.81 1.20
CA TYR C 449 -55.88 -20.04 1.78
C TYR C 449 -55.97 -19.42 3.18
N ASN C 450 -55.33 -20.07 4.15
CA ASN C 450 -55.32 -19.60 5.53
C ASN C 450 -54.08 -18.78 5.88
N TYR C 451 -53.24 -18.47 4.91
CA TYR C 451 -51.97 -17.82 5.18
C TYR C 451 -52.09 -16.31 5.04
N LEU C 452 -51.20 -15.58 5.70
CA LEU C 452 -51.30 -14.14 5.75
C LEU C 452 -49.90 -13.54 5.81
N TYR C 453 -49.85 -12.24 5.51
CA TYR C 453 -48.63 -11.46 5.66
C TYR C 453 -49.03 -10.00 5.83
N ARG C 454 -48.27 -9.27 6.66
CA ARG C 454 -48.56 -7.86 6.91
C ARG C 454 -47.65 -6.97 6.07
N ASN C 460 -42.00 -1.14 8.36
CA ASN C 460 -40.64 -1.48 7.97
C ASN C 460 -39.84 -1.96 9.18
N LEU C 461 -39.65 -3.28 9.28
CA LEU C 461 -39.00 -3.86 10.44
C LEU C 461 -37.48 -3.89 10.23
N LYS C 462 -36.79 -4.62 11.09
CA LYS C 462 -35.34 -4.71 11.11
C LYS C 462 -34.90 -6.17 11.03
N PRO C 463 -33.61 -6.46 10.94
CA PRO C 463 -33.17 -7.86 10.86
C PRO C 463 -33.70 -8.72 12.00
N PHE C 464 -34.20 -9.91 11.63
CA PHE C 464 -34.68 -10.93 12.57
C PHE C 464 -35.67 -10.35 13.58
N GLU C 465 -36.81 -9.91 13.06
CA GLU C 465 -37.92 -9.44 13.87
C GLU C 465 -39.17 -10.21 13.51
N ARG C 466 -40.09 -10.31 14.47
CA ARG C 466 -41.34 -11.03 14.28
C ARG C 466 -42.47 -10.01 14.16
N ASP C 467 -43.11 -9.99 12.98
CA ASP C 467 -44.13 -8.99 12.65
C ASP C 467 -45.46 -9.71 12.46
N ILE C 468 -46.18 -9.92 13.57
CA ILE C 468 -47.53 -10.48 13.54
C ILE C 468 -48.53 -9.57 14.25
N SER C 469 -48.14 -8.34 14.55
CA SER C 469 -48.94 -7.45 15.37
C SER C 469 -50.17 -6.97 14.60
N THR C 470 -51.07 -6.29 15.32
CA THR C 470 -52.26 -5.69 14.75
C THR C 470 -52.38 -4.27 15.27
N GLU C 471 -52.97 -3.39 14.46
CA GLU C 471 -53.17 -2.00 14.84
C GLU C 471 -54.11 -1.30 13.87
N ASN C 487 -62.24 2.88 4.62
CA ASN C 487 -60.86 3.31 4.40
C ASN C 487 -59.95 2.79 5.51
N CYS C 488 -60.55 2.39 6.63
CA CYS C 488 -59.80 1.87 7.76
C CYS C 488 -58.98 0.66 7.33
N TYR C 489 -57.66 0.79 7.34
CA TYR C 489 -56.77 -0.26 6.86
C TYR C 489 -56.48 -1.29 7.94
N PHE C 490 -56.35 -2.54 7.52
CA PHE C 490 -56.13 -3.69 8.37
C PHE C 490 -54.80 -4.36 8.03
N PRO C 491 -54.02 -4.76 9.04
CA PRO C 491 -52.65 -5.22 8.78
C PRO C 491 -52.59 -6.54 8.02
N LEU C 492 -53.35 -7.53 8.49
CA LEU C 492 -53.23 -8.89 7.98
C LEU C 492 -53.76 -9.00 6.57
N GLN C 493 -52.86 -9.07 5.59
CA GLN C 493 -53.23 -9.29 4.20
C GLN C 493 -53.28 -10.79 3.93
N SER C 494 -54.41 -11.25 3.40
CA SER C 494 -54.68 -12.67 3.27
C SER C 494 -54.11 -13.21 1.96
N TYR C 495 -53.94 -14.54 1.91
CA TYR C 495 -53.42 -15.21 0.73
C TYR C 495 -54.34 -16.37 0.38
N GLY C 496 -54.44 -16.68 -0.91
CA GLY C 496 -55.27 -17.77 -1.39
C GLY C 496 -54.43 -18.89 -1.98
N PHE C 497 -54.91 -20.12 -1.79
CA PHE C 497 -54.22 -21.32 -2.28
C PHE C 497 -55.21 -22.16 -3.08
N GLN C 498 -54.97 -22.28 -4.38
CA GLN C 498 -55.84 -23.03 -5.26
C GLN C 498 -55.14 -24.27 -5.81
N VAL C 503 -49.69 -22.71 -9.89
CA VAL C 503 -48.29 -23.06 -9.72
C VAL C 503 -47.45 -21.79 -9.76
N GLY C 504 -47.90 -20.81 -10.55
CA GLY C 504 -47.22 -19.53 -10.59
C GLY C 504 -47.18 -18.82 -9.26
N TYR C 505 -48.28 -18.83 -8.51
CA TYR C 505 -48.34 -18.27 -7.17
C TYR C 505 -48.49 -19.37 -6.14
N GLN C 506 -47.84 -20.51 -6.38
CA GLN C 506 -48.03 -21.66 -5.52
C GLN C 506 -47.32 -21.42 -4.19
N PRO C 507 -47.90 -21.87 -3.08
CA PRO C 507 -47.20 -21.78 -1.79
C PRO C 507 -45.96 -22.68 -1.77
N TYR C 508 -44.86 -22.12 -1.29
CA TYR C 508 -43.58 -22.80 -1.16
C TYR C 508 -43.22 -22.91 0.31
N ARG C 509 -42.93 -24.13 0.76
CA ARG C 509 -42.44 -24.34 2.12
C ARG C 509 -40.99 -23.86 2.18
N VAL C 510 -40.72 -22.88 3.03
CA VAL C 510 -39.43 -22.19 3.08
C VAL C 510 -38.93 -22.18 4.52
N VAL C 511 -37.70 -22.64 4.73
CA VAL C 511 -37.04 -22.56 6.03
C VAL C 511 -35.64 -22.00 5.84
N VAL C 512 -35.30 -21.01 6.65
CA VAL C 512 -34.01 -20.33 6.59
C VAL C 512 -33.19 -20.74 7.80
N LEU C 513 -31.93 -21.11 7.57
CA LEU C 513 -31.02 -21.56 8.61
C LEU C 513 -29.95 -20.50 8.80
N SER C 514 -29.79 -20.02 10.03
CA SER C 514 -28.77 -19.05 10.37
C SER C 514 -27.87 -19.65 11.44
N PHE C 515 -26.56 -19.69 11.17
CA PHE C 515 -25.64 -20.32 12.10
C PHE C 515 -24.74 -19.27 12.74
N GLU C 516 -24.47 -19.45 14.04
CA GLU C 516 -23.52 -18.62 14.76
C GLU C 516 -22.19 -19.37 14.81
N LEU C 517 -21.14 -18.74 14.29
CA LEU C 517 -19.84 -19.37 14.15
C LEU C 517 -18.79 -18.58 14.93
N LEU C 518 -18.03 -19.28 15.77
CA LEU C 518 -17.20 -18.65 16.82
C LEU C 518 -18.02 -17.75 17.74
N HIS C 519 -19.22 -18.19 18.10
CA HIS C 519 -19.99 -17.53 19.14
C HIS C 519 -19.91 -18.26 20.48
N ALA C 520 -19.49 -19.51 20.47
CA ALA C 520 -19.45 -20.39 21.63
C ALA C 520 -18.62 -21.61 21.27
N PRO C 521 -18.37 -22.56 22.20
CA PRO C 521 -17.80 -23.83 21.77
C PRO C 521 -18.70 -24.52 20.75
N ALA C 522 -18.22 -24.63 19.52
CA ALA C 522 -19.05 -25.18 18.46
C ALA C 522 -19.18 -26.69 18.61
N THR C 523 -20.41 -27.17 18.63
CA THR C 523 -20.69 -28.60 18.76
C THR C 523 -21.64 -29.15 17.70
N VAL C 524 -22.30 -28.29 16.94
CA VAL C 524 -23.30 -28.69 15.96
C VAL C 524 -22.60 -28.97 14.65
N CYS C 525 -22.30 -30.23 14.37
CA CYS C 525 -21.64 -30.61 13.13
C CYS C 525 -21.69 -32.10 12.87
N GLY C 526 -20.94 -32.52 11.87
CA GLY C 526 -21.16 -33.79 11.21
C GLY C 526 -20.17 -34.87 11.57
N PRO C 527 -20.15 -35.91 10.73
CA PRO C 527 -19.34 -37.09 11.02
C PRO C 527 -17.93 -37.01 10.44
N LYS C 528 -17.01 -37.61 11.17
CA LYS C 528 -15.64 -37.85 10.76
C LYS C 528 -14.97 -38.68 11.83
N LYS C 529 -13.93 -39.42 11.44
CA LYS C 529 -13.18 -40.20 12.41
C LYS C 529 -12.43 -39.29 13.35
N SER C 530 -12.93 -39.14 14.58
CA SER C 530 -12.25 -38.33 15.59
C SER C 530 -11.05 -39.11 16.10
N THR C 531 -9.96 -39.09 15.34
CA THR C 531 -8.79 -39.90 15.63
C THR C 531 -8.13 -39.47 16.93
N ASN C 532 -7.30 -40.36 17.47
CA ASN C 532 -6.56 -40.05 18.68
C ASN C 532 -5.59 -38.91 18.41
N LEU C 533 -5.42 -38.03 19.40
CA LEU C 533 -4.48 -36.92 19.28
C LEU C 533 -3.05 -37.44 19.23
N VAL C 534 -2.22 -36.75 18.46
CA VAL C 534 -0.82 -37.14 18.29
C VAL C 534 0.06 -36.09 18.96
N LYS C 535 1.08 -36.57 19.68
CA LYS C 535 1.89 -35.73 20.54
C LYS C 535 3.26 -35.51 19.93
N ASN C 536 3.76 -34.29 20.08
CA ASN C 536 5.11 -33.91 19.69
C ASN C 536 5.36 -34.19 18.21
N LYS C 537 4.37 -33.91 17.37
CA LYS C 537 4.52 -34.03 15.93
C LYS C 537 3.87 -32.83 15.26
N CYS C 538 4.59 -32.25 14.30
CA CYS C 538 4.04 -31.15 13.52
C CYS C 538 2.98 -31.73 12.58
N VAL C 539 1.72 -31.61 12.97
CA VAL C 539 0.61 -32.30 12.32
C VAL C 539 -0.39 -31.26 11.85
N ASN C 540 -1.22 -31.66 10.89
CA ASN C 540 -2.35 -30.85 10.42
C ASN C 540 -3.50 -31.08 11.38
N PHE C 541 -3.55 -30.27 12.44
CA PHE C 541 -4.57 -30.43 13.46
C PHE C 541 -5.83 -29.69 13.07
N ASN C 542 -6.97 -30.37 13.22
CA ASN C 542 -8.27 -29.73 13.08
C ASN C 542 -9.00 -30.04 14.38
N PHE C 543 -8.78 -29.19 15.40
CA PHE C 543 -9.39 -29.35 16.70
C PHE C 543 -10.72 -28.60 16.72
N ASN C 544 -11.82 -29.34 16.59
CA ASN C 544 -13.18 -28.83 16.71
C ASN C 544 -13.43 -27.66 15.77
N GLY C 545 -12.88 -27.70 14.56
CA GLY C 545 -13.03 -26.63 13.59
C GLY C 545 -11.88 -25.66 13.55
N LEU C 546 -11.09 -25.55 14.62
CA LEU C 546 -9.88 -24.75 14.61
C LEU C 546 -8.83 -25.52 13.82
N THR C 547 -8.53 -25.07 12.62
CA THR C 547 -7.74 -25.83 11.66
C THR C 547 -6.37 -25.20 11.48
N GLY C 548 -5.38 -26.03 11.17
CA GLY C 548 -4.06 -25.50 10.86
C GLY C 548 -3.00 -26.59 11.01
N THR C 549 -1.75 -26.14 11.10
CA THR C 549 -0.62 -27.04 11.28
C THR C 549 0.19 -26.58 12.48
N GLY C 550 0.72 -27.55 13.21
CA GLY C 550 1.55 -27.25 14.36
C GLY C 550 1.83 -28.48 15.19
N VAL C 551 2.62 -28.29 16.23
CA VAL C 551 2.98 -29.33 17.17
C VAL C 551 2.14 -29.18 18.42
N LEU C 552 1.64 -30.31 18.92
CA LEU C 552 0.77 -30.37 20.08
C LEU C 552 1.60 -30.73 21.30
N THR C 553 1.75 -29.79 22.22
CA THR C 553 2.49 -30.04 23.47
C THR C 553 1.55 -29.75 24.63
N GLU C 554 1.50 -30.66 25.60
CA GLU C 554 0.58 -30.53 26.72
C GLU C 554 0.74 -29.17 27.40
N SER C 555 -0.39 -28.52 27.65
CA SER C 555 -0.40 -27.16 28.18
C SER C 555 0.01 -27.18 29.65
N ASN C 556 1.19 -26.66 29.94
CA ASN C 556 1.63 -26.54 31.32
C ASN C 556 0.92 -25.42 32.07
N LYS C 557 0.44 -24.40 31.36
CA LYS C 557 -0.23 -23.28 32.01
C LYS C 557 -1.60 -23.70 32.52
N LYS C 558 -2.13 -22.93 33.47
CA LYS C 558 -3.39 -23.24 34.12
C LYS C 558 -4.57 -22.59 33.40
N PHE C 559 -5.70 -23.28 33.41
CA PHE C 559 -6.95 -22.83 32.82
C PHE C 559 -7.98 -22.56 33.91
N LEU C 560 -9.21 -22.26 33.47
CA LEU C 560 -10.39 -22.10 34.30
C LEU C 560 -11.48 -23.03 33.80
N PRO C 561 -12.45 -23.40 34.65
CA PRO C 561 -13.43 -24.41 34.26
C PRO C 561 -14.27 -24.04 33.06
N PHE C 562 -14.45 -22.75 32.77
CA PHE C 562 -15.25 -22.30 31.64
C PHE C 562 -14.38 -21.82 30.48
N GLN C 563 -13.17 -22.36 30.36
CA GLN C 563 -12.19 -21.85 29.42
C GLN C 563 -11.82 -22.97 28.45
N GLN C 564 -12.33 -22.88 27.22
CA GLN C 564 -12.10 -23.94 26.25
C GLN C 564 -10.77 -23.83 25.53
N PHE C 565 -10.37 -22.64 25.12
CA PHE C 565 -9.09 -22.51 24.42
C PHE C 565 -8.50 -21.13 24.72
N GLY C 566 -7.18 -21.05 24.58
CA GLY C 566 -6.45 -19.83 24.84
C GLY C 566 -5.80 -19.25 23.60
N ARG C 567 -5.53 -17.96 23.66
CA ARG C 567 -4.84 -17.26 22.58
C ARG C 567 -3.87 -16.26 23.20
N ASP C 568 -2.69 -16.13 22.60
CA ASP C 568 -1.74 -15.13 23.06
C ASP C 568 -2.03 -13.76 22.45
N ILE C 569 -1.90 -13.64 21.13
CA ILE C 569 -1.99 -12.35 20.46
C ILE C 569 -2.20 -12.58 18.97
N ALA C 570 -2.72 -11.56 18.29
CA ALA C 570 -2.77 -11.51 16.82
C ALA C 570 -3.44 -12.75 16.23
N ASP C 571 -4.53 -13.20 16.85
CA ASP C 571 -5.36 -14.31 16.41
C ASP C 571 -4.64 -15.65 16.55
N THR C 572 -3.36 -15.65 16.91
CA THR C 572 -2.61 -16.90 17.00
C THR C 572 -3.04 -17.69 18.22
N THR C 573 -4.01 -18.59 18.04
CA THR C 573 -4.50 -19.40 19.15
C THR C 573 -3.35 -20.18 19.78
N ASP C 574 -3.29 -20.13 21.12
CA ASP C 574 -2.18 -20.74 21.84
C ASP C 574 -2.51 -22.16 22.31
N ALA C 575 -3.55 -22.29 23.13
CA ALA C 575 -3.89 -23.56 23.74
C ALA C 575 -5.35 -23.90 23.48
N VAL C 576 -5.63 -25.20 23.46
CA VAL C 576 -6.96 -25.75 23.22
C VAL C 576 -7.13 -26.96 24.12
N ARG C 577 -8.35 -27.16 24.62
CA ARG C 577 -8.71 -28.37 25.33
C ARG C 577 -9.54 -29.27 24.41
N ASP C 578 -9.25 -30.57 24.42
CA ASP C 578 -9.95 -31.46 23.53
C ASP C 578 -11.41 -31.56 23.95
N PRO C 579 -12.34 -31.49 22.99
CA PRO C 579 -13.77 -31.49 23.34
C PRO C 579 -14.32 -32.83 23.77
N GLN C 580 -13.48 -33.85 24.00
CA GLN C 580 -13.97 -35.15 24.43
C GLN C 580 -13.52 -35.50 25.84
N THR C 581 -12.22 -35.43 26.13
CA THR C 581 -11.69 -35.90 27.40
C THR C 581 -11.27 -34.75 28.33
N LEU C 582 -11.30 -33.51 27.83
CA LEU C 582 -10.94 -32.32 28.62
C LEU C 582 -9.48 -32.36 29.07
N GLU C 583 -8.59 -32.36 28.09
CA GLU C 583 -7.15 -32.23 28.31
C GLU C 583 -6.65 -30.97 27.60
N ILE C 584 -5.77 -30.24 28.25
CA ILE C 584 -5.33 -28.92 27.80
C ILE C 584 -3.97 -29.02 27.10
N LEU C 585 -3.82 -28.33 25.96
CA LEU C 585 -2.62 -28.44 25.15
C LEU C 585 -2.27 -27.11 24.50
N ASP C 586 -1.03 -26.66 24.69
CA ASP C 586 -0.47 -25.61 23.84
C ASP C 586 -0.25 -26.14 22.43
N ILE C 587 -0.50 -25.27 21.45
CA ILE C 587 -0.34 -25.61 20.04
C ILE C 587 0.69 -24.63 19.48
N THR C 588 1.87 -25.13 19.15
CA THR C 588 2.91 -24.26 18.62
C THR C 588 2.94 -24.38 17.10
N PRO C 589 2.98 -23.27 16.35
CA PRO C 589 3.10 -23.37 14.90
C PRO C 589 4.39 -24.08 14.51
N CYS C 590 4.32 -24.80 13.40
CA CYS C 590 5.44 -25.64 12.98
C CYS C 590 6.72 -24.83 12.84
N SER C 591 7.83 -25.41 13.30
CA SER C 591 9.10 -24.71 13.29
C SER C 591 9.51 -24.35 11.87
N PHE C 592 9.94 -23.11 11.68
CA PHE C 592 10.27 -22.60 10.37
C PHE C 592 11.33 -21.52 10.50
N GLY C 593 12.08 -21.33 9.42
CA GLY C 593 13.11 -20.32 9.41
C GLY C 593 13.43 -19.92 7.99
N GLY C 594 14.51 -19.16 7.82
CA GLY C 594 14.96 -18.76 6.53
C GLY C 594 16.14 -19.60 6.06
N VAL C 595 16.37 -19.63 4.75
CA VAL C 595 17.50 -20.34 4.19
C VAL C 595 18.32 -19.35 3.36
N SER C 596 19.61 -19.29 3.61
CA SER C 596 20.51 -18.46 2.83
C SER C 596 21.66 -19.31 2.30
N VAL C 597 22.41 -18.77 1.37
CA VAL C 597 23.50 -19.52 0.75
C VAL C 597 24.79 -18.73 0.89
N ILE C 598 25.90 -19.46 0.79
CA ILE C 598 27.23 -18.89 0.74
C ILE C 598 27.86 -19.37 -0.55
N THR C 599 28.09 -18.45 -1.48
CA THR C 599 28.63 -18.79 -2.78
C THR C 599 29.91 -18.01 -3.05
N PRO C 600 30.97 -18.66 -3.49
CA PRO C 600 32.20 -17.94 -3.81
C PRO C 600 32.16 -17.36 -5.22
N GLY C 601 30.97 -17.30 -5.80
CA GLY C 601 30.90 -16.94 -7.20
C GLY C 601 31.10 -18.13 -8.11
N THR C 602 30.20 -18.29 -9.07
CA THR C 602 30.16 -19.50 -9.87
C THR C 602 31.45 -19.72 -10.64
N ASN C 603 31.89 -18.72 -11.39
CA ASN C 603 33.01 -18.91 -12.30
C ASN C 603 34.28 -19.27 -11.53
N THR C 604 34.34 -18.89 -10.25
CA THR C 604 35.45 -19.32 -9.42
C THR C 604 35.27 -20.75 -8.94
N SER C 605 34.11 -21.07 -8.39
CA SER C 605 33.81 -22.42 -7.93
C SER C 605 32.30 -22.58 -7.85
N ASN C 606 31.86 -23.83 -7.76
CA ASN C 606 30.44 -24.14 -7.69
C ASN C 606 30.00 -24.66 -6.34
N GLN C 607 30.93 -24.99 -5.45
CA GLN C 607 30.54 -25.46 -4.13
C GLN C 607 29.99 -24.31 -3.30
N VAL C 608 28.82 -24.54 -2.71
CA VAL C 608 28.13 -23.51 -1.94
C VAL C 608 27.72 -24.10 -0.60
N ALA C 609 27.79 -23.29 0.44
CA ALA C 609 27.34 -23.70 1.76
C ALA C 609 25.92 -23.21 1.98
N VAL C 610 25.21 -23.87 2.89
CA VAL C 610 23.81 -23.54 3.13
C VAL C 610 23.66 -23.16 4.60
N LEU C 611 22.98 -22.05 4.84
CA LEU C 611 22.78 -21.53 6.18
C LEU C 611 21.29 -21.64 6.51
N TYR C 612 20.99 -22.34 7.59
CA TYR C 612 19.63 -22.39 8.13
C TYR C 612 19.56 -21.34 9.23
N GLN C 613 18.81 -20.27 8.97
CA GLN C 613 18.74 -19.16 9.90
C GLN C 613 17.86 -19.51 11.09
N ASP C 614 18.36 -19.20 12.29
CA ASP C 614 17.54 -19.18 13.49
C ASP C 614 16.90 -20.54 13.79
N VAL C 615 17.73 -21.56 13.97
CA VAL C 615 17.24 -22.83 14.49
C VAL C 615 18.39 -23.56 15.18
N ASN C 616 18.09 -24.16 16.34
CA ASN C 616 19.09 -24.99 17.01
C ASN C 616 19.21 -26.27 16.20
N CYS C 617 20.19 -26.30 15.30
CA CYS C 617 20.03 -27.02 14.06
C CYS C 617 20.25 -28.52 14.22
N THR C 618 19.16 -29.23 14.55
CA THR C 618 19.08 -30.68 14.43
C THR C 618 18.00 -31.09 13.43
N GLU C 619 17.54 -30.15 12.60
CA GLU C 619 16.44 -30.39 11.67
C GLU C 619 16.93 -30.38 10.23
N VAL C 620 16.20 -31.09 9.38
CA VAL C 620 16.49 -31.13 7.97
C VAL C 620 15.93 -29.87 7.30
N ASN C 641 30.77 -30.28 6.31
CA ASN C 641 30.28 -30.76 7.59
C ASN C 641 29.21 -29.83 8.14
N VAL C 642 29.02 -29.83 9.45
CA VAL C 642 27.97 -29.06 10.10
C VAL C 642 28.59 -28.23 11.22
N PHE C 643 28.14 -26.98 11.36
CA PHE C 643 28.67 -26.14 12.40
C PHE C 643 27.58 -25.20 12.89
N GLN C 644 27.71 -24.78 14.15
CA GLN C 644 26.68 -24.02 14.85
C GLN C 644 27.09 -22.57 15.00
N THR C 645 26.27 -21.66 14.46
CA THR C 645 26.45 -20.24 14.63
C THR C 645 25.40 -19.69 15.56
N ARG C 646 25.62 -18.46 16.03
CA ARG C 646 24.57 -17.77 16.77
C ARG C 646 23.39 -17.44 15.88
N ALA C 647 23.65 -17.14 14.60
CA ALA C 647 22.56 -16.89 13.67
C ALA C 647 21.75 -18.16 13.42
N GLY C 648 22.42 -19.24 13.07
CA GLY C 648 21.74 -20.48 12.78
C GLY C 648 22.74 -21.60 12.71
N CYS C 649 22.55 -22.50 11.76
CA CYS C 649 23.55 -23.53 11.50
C CYS C 649 24.04 -23.44 10.07
N LEU C 650 25.33 -23.63 9.90
CA LEU C 650 25.99 -23.52 8.62
C LEU C 650 26.50 -24.90 8.24
N ILE C 651 25.99 -25.43 7.12
CA ILE C 651 26.34 -26.78 6.68
C ILE C 651 27.03 -26.68 5.32
N GLY C 652 27.96 -27.61 5.09
CA GLY C 652 28.70 -27.67 3.86
C GLY C 652 30.08 -27.05 3.92
N ALA C 653 30.43 -26.36 5.01
CA ALA C 653 31.71 -25.68 5.12
C ALA C 653 32.49 -26.20 6.34
N GLU C 654 33.80 -26.28 6.18
CA GLU C 654 34.69 -26.80 7.21
C GLU C 654 35.15 -25.65 8.11
N HIS C 655 34.94 -25.80 9.41
CA HIS C 655 35.28 -24.76 10.36
C HIS C 655 36.79 -24.76 10.64
N VAL C 656 37.36 -23.57 10.80
CA VAL C 656 38.79 -23.46 11.13
C VAL C 656 38.97 -22.56 12.35
N ASN C 657 40.12 -22.70 13.02
CA ASN C 657 40.41 -22.00 14.27
C ASN C 657 41.00 -20.61 14.03
N ASN C 658 42.15 -20.54 13.38
CA ASN C 658 42.81 -19.27 13.14
C ASN C 658 41.91 -18.35 12.30
N SER C 659 42.09 -17.05 12.49
CA SER C 659 41.14 -16.06 12.00
C SER C 659 41.84 -15.04 11.11
N TYR C 660 41.12 -14.60 10.08
CA TYR C 660 41.59 -13.61 9.13
C TYR C 660 40.62 -12.44 9.11
N GLU C 661 40.95 -11.43 8.31
CA GLU C 661 39.91 -10.55 7.81
C GLU C 661 38.96 -11.39 6.94
N CYS C 662 37.68 -11.06 7.00
CA CYS C 662 36.67 -11.97 6.49
C CYS C 662 35.94 -11.39 5.29
N ASP C 663 35.56 -12.27 4.37
CA ASP C 663 35.03 -11.87 3.07
C ASP C 663 33.51 -11.88 3.03
N ILE C 664 32.89 -13.03 3.25
CA ILE C 664 31.43 -13.13 3.11
C ILE C 664 30.83 -13.09 4.51
N PRO C 665 30.17 -12.01 4.90
CA PRO C 665 29.59 -11.95 6.25
C PRO C 665 28.48 -12.96 6.43
N ILE C 666 28.40 -13.51 7.65
CA ILE C 666 27.25 -14.29 8.10
C ILE C 666 26.58 -13.67 9.31
N GLY C 667 27.33 -13.45 10.37
CA GLY C 667 26.76 -12.88 11.58
C GLY C 667 27.47 -13.39 12.80
N ALA C 668 27.30 -12.67 13.90
CA ALA C 668 27.98 -12.97 15.16
C ALA C 668 29.48 -13.09 14.94
N GLY C 669 30.00 -12.20 14.12
CA GLY C 669 31.42 -12.14 13.88
C GLY C 669 32.01 -13.31 13.12
N ILE C 670 31.20 -14.00 12.32
CA ILE C 670 31.65 -15.16 11.55
C ILE C 670 31.50 -14.84 10.07
N CYS C 671 32.58 -15.05 9.31
CA CYS C 671 32.55 -14.81 7.88
C CYS C 671 33.19 -15.98 7.15
N ALA C 672 32.79 -16.18 5.91
CA ALA C 672 33.31 -17.27 5.09
C ALA C 672 34.66 -16.94 4.48
N VAL C 687 36.38 -18.60 -0.07
CA VAL C 687 36.89 -19.86 -0.59
C VAL C 687 38.41 -19.89 -0.53
N ALA C 688 38.95 -20.98 0.02
CA ALA C 688 40.39 -21.16 0.13
C ALA C 688 40.66 -22.62 0.45
N SER C 689 41.82 -23.10 0.01
CA SER C 689 42.22 -24.48 0.19
C SER C 689 41.19 -25.45 -0.42
N GLN C 690 40.60 -25.05 -1.54
CA GLN C 690 39.68 -25.90 -2.31
C GLN C 690 38.44 -26.27 -1.50
N SER C 691 37.90 -25.30 -0.76
CA SER C 691 36.68 -25.50 0.01
C SER C 691 36.18 -24.20 0.61
N ILE C 692 35.05 -24.26 1.31
CA ILE C 692 34.48 -23.10 1.98
C ILE C 692 34.80 -23.22 3.47
N ILE C 693 35.45 -22.20 4.02
CA ILE C 693 35.86 -22.19 5.42
C ILE C 693 35.12 -21.07 6.13
N ALA C 694 34.45 -21.41 7.22
CA ALA C 694 33.79 -20.43 8.06
C ALA C 694 34.59 -20.22 9.34
N TYR C 695 34.74 -18.96 9.74
CA TYR C 695 35.62 -18.65 10.85
C TYR C 695 35.18 -17.33 11.47
N THR C 696 35.61 -17.13 12.72
CA THR C 696 35.34 -15.87 13.40
C THR C 696 36.15 -14.75 12.74
N MET C 697 35.68 -13.52 12.90
CA MET C 697 36.43 -12.38 12.41
C MET C 697 37.77 -12.28 13.11
N SER C 698 38.72 -11.64 12.43
CA SER C 698 39.92 -11.13 13.07
C SER C 698 39.90 -9.62 12.99
N LEU C 699 40.15 -8.99 14.13
CA LEU C 699 39.97 -7.55 14.25
C LEU C 699 41.15 -6.76 13.71
N GLY C 700 42.17 -7.44 13.20
CA GLY C 700 43.38 -6.82 12.72
C GLY C 700 44.59 -7.30 13.48
N ALA C 701 45.73 -6.70 13.15
CA ALA C 701 46.95 -7.01 13.88
C ALA C 701 46.80 -6.59 15.33
N GLU C 702 47.42 -7.36 16.23
CA GLU C 702 47.33 -7.12 17.66
C GLU C 702 48.71 -6.73 18.16
N ASN C 703 48.89 -5.47 18.55
CA ASN C 703 50.17 -5.01 19.06
C ASN C 703 49.97 -4.21 20.34
N SER C 704 51.08 -3.88 20.97
CA SER C 704 51.10 -3.01 22.14
C SER C 704 52.18 -1.95 21.95
N VAL C 705 51.90 -0.76 22.44
CA VAL C 705 52.82 0.36 22.29
C VAL C 705 53.81 0.35 23.44
N ALA C 706 55.07 0.67 23.12
CA ALA C 706 56.14 0.63 24.12
C ALA C 706 56.06 1.87 25.01
N TYR C 707 54.98 1.92 25.78
CA TYR C 707 54.71 3.08 26.62
C TYR C 707 55.66 3.11 27.80
N SER C 708 55.82 4.29 28.39
CA SER C 708 56.67 4.48 29.57
C SER C 708 56.10 5.61 30.40
N ASN C 709 56.92 6.20 31.25
CA ASN C 709 56.60 7.47 31.86
C ASN C 709 57.57 8.59 31.50
N ASN C 710 58.64 8.30 30.76
CA ASN C 710 59.51 9.37 30.27
C ASN C 710 60.07 9.09 28.88
N SER C 711 59.43 8.20 28.11
CA SER C 711 59.95 7.83 26.79
C SER C 711 59.06 8.41 25.70
N ILE C 712 59.69 8.82 24.60
CA ILE C 712 58.99 9.39 23.47
C ILE C 712 59.49 8.70 22.20
N ALA C 713 58.68 8.78 21.16
CA ALA C 713 59.02 8.18 19.87
C ALA C 713 58.80 9.22 18.78
N ILE C 714 59.88 9.65 18.14
CA ILE C 714 59.77 10.74 17.19
C ILE C 714 60.09 10.22 15.79
N PRO C 715 59.29 10.54 14.78
CA PRO C 715 59.59 10.08 13.43
C PRO C 715 60.85 10.75 12.90
N THR C 716 61.56 10.02 12.04
CA THR C 716 62.74 10.55 11.39
C THR C 716 62.59 10.68 9.88
N ASN C 717 61.59 10.04 9.28
CA ASN C 717 61.42 10.10 7.84
C ASN C 717 59.95 10.35 7.54
N PHE C 718 59.66 10.75 6.31
CA PHE C 718 58.29 11.06 5.95
C PHE C 718 58.04 10.59 4.53
N THR C 719 56.86 10.04 4.28
CA THR C 719 56.47 9.63 2.95
C THR C 719 55.15 10.28 2.59
N ILE C 720 55.02 10.66 1.34
CA ILE C 720 53.79 11.25 0.84
C ILE C 720 53.01 10.18 0.11
N SER C 721 51.72 10.09 0.41
CA SER C 721 50.86 9.06 -0.14
C SER C 721 49.67 9.70 -0.81
N VAL C 722 49.33 9.21 -2.00
CA VAL C 722 48.23 9.75 -2.79
C VAL C 722 47.16 8.67 -2.85
N THR C 723 46.10 8.85 -2.08
CA THR C 723 44.99 7.91 -2.11
C THR C 723 43.83 8.54 -2.87
N THR C 724 42.78 7.75 -3.10
CA THR C 724 41.61 8.24 -3.80
C THR C 724 40.37 8.02 -2.96
N GLU C 725 39.33 8.81 -3.25
CA GLU C 725 38.06 8.65 -2.56
C GLU C 725 36.96 9.11 -3.49
N ILE C 726 35.96 8.25 -3.70
CA ILE C 726 34.94 8.43 -4.72
C ILE C 726 33.66 8.93 -4.06
N LEU C 727 32.92 9.80 -4.75
CA LEU C 727 31.64 10.27 -4.26
C LEU C 727 30.67 10.44 -5.43
N PRO C 728 29.53 9.76 -5.41
CA PRO C 728 28.51 10.03 -6.42
C PRO C 728 27.85 11.38 -6.16
N VAL C 729 27.66 12.16 -7.21
CA VAL C 729 27.06 13.48 -7.08
C VAL C 729 25.79 13.63 -7.90
N SER C 730 25.37 12.60 -8.60
CA SER C 730 24.18 12.70 -9.42
C SER C 730 23.66 11.30 -9.73
N MET C 731 22.70 11.22 -10.63
CA MET C 731 22.14 9.96 -11.06
C MET C 731 21.52 10.16 -12.44
N THR C 732 20.94 9.10 -12.98
CA THR C 732 20.29 9.19 -14.27
C THR C 732 19.04 10.05 -14.15
N LYS C 733 18.94 11.09 -14.99
CA LYS C 733 17.78 11.96 -14.96
C LYS C 733 16.58 11.25 -15.58
N THR C 734 15.94 10.37 -14.83
CA THR C 734 14.86 9.56 -15.37
C THR C 734 13.55 10.34 -15.39
N SER C 735 12.62 9.85 -16.19
CA SER C 735 11.27 10.39 -16.21
C SER C 735 10.34 9.35 -16.81
N VAL C 736 9.15 9.22 -16.24
CA VAL C 736 8.12 8.37 -16.82
C VAL C 736 6.83 9.17 -16.87
N ASP C 737 6.18 9.15 -18.02
CA ASP C 737 4.83 9.69 -18.11
C ASP C 737 3.92 8.75 -17.34
N CYS C 738 2.84 9.29 -16.78
CA CYS C 738 1.91 8.45 -16.05
C CYS C 738 0.68 8.12 -16.90
N THR C 739 0.05 9.15 -17.47
CA THR C 739 -1.24 8.97 -18.12
C THR C 739 -1.18 7.99 -19.27
N MET C 740 -0.05 7.88 -19.96
CA MET C 740 0.02 6.93 -21.07
C MET C 740 0.74 5.66 -20.68
N TYR C 741 1.66 5.71 -19.73
CA TYR C 741 2.24 4.49 -19.19
C TYR C 741 1.16 3.57 -18.63
N ILE C 742 0.29 4.11 -17.78
CA ILE C 742 -0.78 3.31 -17.19
C ILE C 742 -1.70 2.78 -18.29
N CYS C 743 -2.07 3.65 -19.23
CA CYS C 743 -3.02 3.31 -20.27
C CYS C 743 -2.37 2.67 -21.49
N GLY C 744 -1.50 3.40 -22.17
CA GLY C 744 -0.97 2.92 -23.43
C GLY C 744 -1.80 3.39 -24.60
N ASP C 745 -2.23 4.65 -24.55
CA ASP C 745 -3.02 5.28 -25.62
C ASP C 745 -4.32 4.49 -25.83
N SER C 746 -5.17 4.57 -24.79
CA SER C 746 -6.50 3.97 -24.84
C SER C 746 -7.48 5.02 -24.35
N THR C 747 -8.39 5.44 -25.23
CA THR C 747 -9.29 6.54 -24.89
C THR C 747 -10.20 6.19 -23.72
N GLU C 748 -10.74 4.97 -23.71
CA GLU C 748 -11.58 4.56 -22.59
C GLU C 748 -10.76 4.44 -21.31
N CYS C 749 -9.55 3.88 -21.40
CA CYS C 749 -8.69 3.80 -20.22
C CYS C 749 -8.32 5.19 -19.73
N SER C 750 -8.05 6.11 -20.66
CA SER C 750 -7.70 7.47 -20.26
C SER C 750 -8.87 8.16 -19.57
N ASN C 751 -10.07 8.02 -20.12
CA ASN C 751 -11.25 8.60 -19.50
C ASN C 751 -11.56 7.97 -18.15
N LEU C 752 -11.22 6.71 -17.95
CA LEU C 752 -11.40 6.09 -16.65
C LEU C 752 -10.37 6.59 -15.65
N LEU C 753 -9.11 6.70 -16.10
CA LEU C 753 -8.05 7.19 -15.22
C LEU C 753 -8.28 8.65 -14.84
N LEU C 754 -8.91 9.42 -15.72
CA LEU C 754 -9.18 10.82 -15.44
C LEU C 754 -10.00 10.97 -14.17
N GLN C 755 -10.77 9.96 -13.81
CA GLN C 755 -11.57 10.00 -12.59
C GLN C 755 -10.77 9.67 -11.35
N TYR C 756 -9.45 9.55 -11.45
CA TYR C 756 -8.60 9.24 -10.31
C TYR C 756 -7.89 10.47 -9.76
N GLY C 757 -8.54 11.62 -9.81
CA GLY C 757 -7.91 12.82 -9.27
C GLY C 757 -6.70 13.24 -10.06
N SER C 758 -5.70 13.75 -9.37
CA SER C 758 -4.49 14.26 -9.97
C SER C 758 -3.27 13.42 -9.58
N PHE C 759 -3.43 12.11 -9.57
CA PHE C 759 -2.31 11.23 -9.25
C PHE C 759 -1.23 11.32 -10.31
N CYS C 760 -1.64 11.25 -11.59
CA CYS C 760 -0.68 11.22 -12.68
C CYS C 760 0.17 12.48 -12.71
N THR C 761 -0.47 13.65 -12.63
CA THR C 761 0.29 14.90 -12.62
C THR C 761 1.19 14.98 -11.40
N GLN C 762 0.73 14.48 -10.26
CA GLN C 762 1.54 14.52 -9.06
C GLN C 762 2.83 13.71 -9.22
N LEU C 763 2.72 12.51 -9.78
CA LEU C 763 3.93 11.70 -9.98
C LEU C 763 4.85 12.33 -11.02
N ASN C 764 4.27 12.84 -12.12
CA ASN C 764 5.11 13.51 -13.11
C ASN C 764 5.85 14.68 -12.49
N ARG C 765 5.18 15.42 -11.61
CA ARG C 765 5.81 16.55 -10.94
C ARG C 765 6.91 16.09 -9.99
N ALA C 766 6.69 14.99 -9.28
CA ALA C 766 7.73 14.51 -8.37
C ALA C 766 8.99 14.11 -9.13
N LEU C 767 8.83 13.41 -10.24
CA LEU C 767 10.01 13.04 -11.02
C LEU C 767 10.65 14.26 -11.68
N THR C 768 9.84 15.22 -12.10
CA THR C 768 10.41 16.47 -12.60
C THR C 768 11.24 17.16 -11.53
N GLY C 769 10.75 17.14 -10.29
CA GLY C 769 11.47 17.75 -9.19
C GLY C 769 12.82 17.09 -8.97
N ILE C 770 12.86 15.76 -8.92
CA ILE C 770 14.15 15.14 -8.70
C ILE C 770 15.08 15.37 -9.89
N ALA C 771 14.52 15.40 -11.11
CA ALA C 771 15.36 15.64 -12.27
C ALA C 771 16.00 17.02 -12.24
N VAL C 772 15.23 18.06 -11.90
CA VAL C 772 15.81 19.40 -11.82
C VAL C 772 16.69 19.55 -10.60
N GLU C 773 16.52 18.67 -9.59
CA GLU C 773 17.41 18.70 -8.44
C GLU C 773 18.78 18.11 -8.75
N GLN C 774 18.86 17.10 -9.61
CA GLN C 774 20.16 16.53 -9.95
C GLN C 774 21.04 17.57 -10.66
N ASP C 775 20.44 18.39 -11.50
CA ASP C 775 21.16 19.49 -12.12
C ASP C 775 21.83 20.36 -11.06
N LYS C 776 21.08 20.77 -10.04
CA LYS C 776 21.64 21.61 -9.00
C LYS C 776 22.72 20.89 -8.23
N ASN C 777 22.53 19.59 -7.96
CA ASN C 777 23.59 18.84 -7.29
C ASN C 777 24.90 18.95 -8.04
N THR C 778 24.87 18.63 -9.33
CA THR C 778 26.11 18.64 -10.10
C THR C 778 26.70 20.04 -10.16
N GLN C 779 25.88 21.05 -10.40
CA GLN C 779 26.39 22.42 -10.48
C GLN C 779 26.99 22.86 -9.16
N GLU C 780 26.36 22.54 -8.05
CA GLU C 780 26.84 22.94 -6.73
C GLU C 780 28.16 22.27 -6.40
N VAL C 781 28.31 20.99 -6.74
CA VAL C 781 29.58 20.31 -6.46
C VAL C 781 30.70 20.88 -7.33
N PHE C 782 30.42 21.07 -8.62
CA PHE C 782 31.50 21.36 -9.56
C PHE C 782 31.71 22.84 -9.81
N ALA C 783 30.63 23.64 -9.89
CA ALA C 783 30.76 25.06 -10.22
C ALA C 783 31.08 25.86 -8.95
N GLN C 784 32.29 25.66 -8.45
CA GLN C 784 32.81 26.44 -7.33
C GLN C 784 34.01 27.28 -7.77
N VAL C 785 34.09 27.59 -9.05
CA VAL C 785 35.10 28.51 -9.55
C VAL C 785 34.41 29.58 -10.38
N LYS C 786 34.76 30.83 -10.13
CA LYS C 786 34.12 31.94 -10.83
C LYS C 786 34.66 32.11 -12.23
N GLN C 787 35.91 31.73 -12.46
CA GLN C 787 36.58 31.90 -13.73
C GLN C 787 37.00 30.53 -14.27
N ILE C 788 37.79 30.54 -15.33
CA ILE C 788 38.37 29.33 -15.89
C ILE C 788 39.87 29.55 -15.95
N TYR C 789 40.59 28.99 -14.99
CA TYR C 789 42.04 29.10 -15.00
C TYR C 789 42.63 28.10 -15.98
N LYS C 790 43.65 28.53 -16.70
CA LYS C 790 44.29 27.67 -17.69
C LYS C 790 45.75 27.50 -17.31
N THR C 791 46.23 26.27 -17.37
CA THR C 791 47.57 25.96 -16.92
C THR C 791 48.60 26.69 -17.78
N PRO C 792 49.72 27.11 -17.19
CA PRO C 792 50.79 27.69 -18.01
C PRO C 792 51.42 26.64 -18.90
N PRO C 793 51.97 27.04 -20.05
CA PRO C 793 52.55 26.05 -20.97
C PRO C 793 53.68 25.25 -20.32
N ILE C 794 54.62 25.96 -19.71
CA ILE C 794 55.73 25.29 -19.03
C ILE C 794 55.21 24.47 -17.87
N LYS C 795 55.92 23.37 -17.58
CA LYS C 795 55.61 22.50 -16.45
C LYS C 795 56.90 22.22 -15.69
N ASP C 796 57.24 23.12 -14.77
CA ASP C 796 58.42 23.00 -13.93
C ASP C 796 58.06 23.29 -12.49
N PHE C 797 57.00 22.64 -12.02
CA PHE C 797 56.52 22.86 -10.66
C PHE C 797 57.48 22.20 -9.68
N GLY C 798 58.64 22.81 -9.48
CA GLY C 798 59.61 22.30 -8.53
C GLY C 798 60.03 20.87 -8.72
N GLY C 799 59.60 20.24 -9.82
CA GLY C 799 59.97 18.88 -10.13
C GLY C 799 58.83 17.88 -10.11
N PHE C 800 57.59 18.31 -9.89
CA PHE C 800 56.48 17.36 -9.86
C PHE C 800 55.98 17.04 -11.26
N ASN C 801 55.18 15.98 -11.36
CA ASN C 801 54.46 15.57 -12.57
C ASN C 801 52.97 15.52 -12.34
N PHE C 802 52.25 16.54 -12.80
CA PHE C 802 50.81 16.47 -12.90
C PHE C 802 50.35 16.18 -14.32
N SER C 803 51.24 15.70 -15.18
CA SER C 803 50.89 15.44 -16.57
C SER C 803 49.95 14.24 -16.68
N GLN C 804 49.74 13.53 -15.58
CA GLN C 804 48.79 12.43 -15.55
C GLN C 804 47.42 12.85 -15.07
N ILE C 805 47.26 14.11 -14.66
CA ILE C 805 45.95 14.60 -14.21
C ILE C 805 45.58 15.86 -14.96
N LEU C 806 46.59 16.58 -15.45
CA LEU C 806 46.32 17.78 -16.22
C LEU C 806 45.82 17.39 -17.61
N PRO C 807 44.83 18.10 -18.15
CA PRO C 807 44.15 17.63 -19.35
C PRO C 807 45.09 17.45 -20.54
N ASP C 808 44.81 16.42 -21.32
CA ASP C 808 45.59 16.07 -22.51
C ASP C 808 44.99 16.77 -23.71
N PRO C 809 45.77 17.54 -24.48
CA PRO C 809 45.19 18.30 -25.59
C PRO C 809 44.56 17.48 -26.69
N SER C 810 44.65 16.14 -26.61
CA SER C 810 44.02 15.30 -27.62
C SER C 810 42.50 15.30 -27.48
N LYS C 811 42.00 15.22 -26.24
CA LYS C 811 40.56 15.26 -25.99
C LYS C 811 40.13 16.61 -25.43
N ARG C 815 40.84 16.87 -21.05
CA ARG C 815 40.72 15.57 -20.42
C ARG C 815 42.04 14.81 -20.40
N SER C 816 42.37 14.20 -19.26
CA SER C 816 43.67 13.62 -19.01
C SER C 816 43.57 12.10 -18.91
N PHE C 817 44.70 11.48 -18.55
CA PHE C 817 44.78 10.03 -18.54
C PHE C 817 43.86 9.43 -17.48
N ILE C 818 43.79 10.06 -16.31
CA ILE C 818 43.07 9.44 -15.19
C ILE C 818 41.58 9.34 -15.50
N GLU C 819 40.97 10.42 -16.00
CA GLU C 819 39.56 10.32 -16.36
C GLU C 819 39.34 9.36 -17.51
N ASP C 820 40.28 9.29 -18.46
CA ASP C 820 40.22 8.26 -19.48
C ASP C 820 40.06 6.89 -18.84
N LEU C 821 40.92 6.59 -17.87
CA LEU C 821 40.90 5.28 -17.26
C LEU C 821 39.61 5.06 -16.48
N LEU C 822 39.15 6.07 -15.76
CA LEU C 822 37.91 5.94 -15.01
C LEU C 822 36.74 5.66 -15.93
N PHE C 823 36.64 6.41 -17.03
CA PHE C 823 35.51 6.23 -17.93
C PHE C 823 35.56 4.85 -18.60
N ASN C 824 36.76 4.43 -19.00
CA ASN C 824 36.92 3.09 -19.55
C ASN C 824 37.07 2.03 -18.48
N LYS C 825 36.70 2.34 -17.24
CA LYS C 825 36.66 1.35 -16.16
C LYS C 825 35.25 1.18 -15.59
N VAL C 826 34.24 1.74 -16.24
CA VAL C 826 32.87 1.61 -15.77
C VAL C 826 32.07 0.81 -16.80
N THR C 827 31.23 -0.09 -16.30
CA THR C 827 30.38 -0.95 -17.12
C THR C 827 28.99 -0.35 -17.29
N LEU C 828 28.95 0.97 -17.52
CA LEU C 828 27.72 1.73 -17.69
C LEU C 828 26.67 1.01 -18.53
N GLN C 853 15.32 -0.31 -19.44
CA GLN C 853 15.47 0.53 -20.61
C GLN C 853 14.14 1.15 -21.00
N LYS C 854 14.17 2.17 -21.84
CA LYS C 854 12.99 2.93 -22.23
C LYS C 854 12.29 2.26 -23.41
N PHE C 855 11.01 1.97 -23.25
CA PHE C 855 10.21 1.51 -24.37
C PHE C 855 8.99 2.38 -24.61
N ASN C 856 8.24 2.64 -23.54
CA ASN C 856 6.99 3.40 -23.65
C ASN C 856 6.83 4.29 -22.42
N GLY C 857 6.84 5.60 -22.64
CA GLY C 857 6.72 6.55 -21.56
C GLY C 857 8.00 6.83 -20.83
N LEU C 858 8.76 5.80 -20.51
CA LEU C 858 10.01 5.98 -19.79
C LEU C 858 11.03 6.63 -20.71
N THR C 859 11.88 7.45 -20.11
CA THR C 859 12.86 8.22 -20.87
C THR C 859 13.90 8.78 -19.91
N VAL C 860 15.00 9.24 -20.47
CA VAL C 860 16.08 9.85 -19.70
C VAL C 860 16.40 11.19 -20.33
N LEU C 861 16.47 12.19 -19.53
CA LEU C 861 16.84 13.52 -19.98
C LEU C 861 18.34 13.73 -19.81
N PRO C 862 19.02 14.25 -20.83
CA PRO C 862 20.47 14.45 -20.70
C PRO C 862 20.77 15.48 -19.63
N PRO C 863 21.89 15.34 -18.93
CA PRO C 863 22.25 16.30 -17.89
C PRO C 863 22.78 17.58 -18.50
N LEU C 864 22.52 18.71 -17.82
CA LEU C 864 22.90 20.00 -18.35
C LEU C 864 24.39 20.08 -18.62
N LEU C 865 25.20 19.97 -17.57
CA LEU C 865 26.65 20.05 -17.72
C LEU C 865 27.13 18.75 -18.34
N THR C 866 27.23 18.73 -19.67
CA THR C 866 27.69 17.55 -20.35
C THR C 866 29.14 17.26 -19.96
N ASP C 867 29.61 16.07 -20.36
CA ASP C 867 30.85 15.53 -19.81
C ASP C 867 32.03 16.44 -20.08
N GLU C 868 32.12 17.00 -21.29
CA GLU C 868 33.26 17.85 -21.61
C GLU C 868 33.31 19.08 -20.71
N MET C 869 32.15 19.67 -20.42
CA MET C 869 32.12 20.83 -19.53
C MET C 869 32.62 20.48 -18.14
N ILE C 870 32.22 19.32 -17.63
CA ILE C 870 32.69 18.89 -16.30
C ILE C 870 34.20 18.70 -16.31
N ALA C 871 34.73 18.06 -17.35
CA ALA C 871 36.18 17.88 -17.43
C ALA C 871 36.89 19.21 -17.51
N GLN C 872 36.33 20.19 -18.22
CA GLN C 872 36.92 21.52 -18.26
C GLN C 872 36.89 22.18 -16.89
N TYR C 873 35.80 21.98 -16.12
CA TYR C 873 35.76 22.49 -14.76
C TYR C 873 36.90 21.92 -13.93
N THR C 874 37.05 20.61 -13.93
CA THR C 874 38.07 20.00 -13.10
C THR C 874 39.47 20.23 -13.62
N SER C 875 39.61 20.65 -14.88
CA SER C 875 40.90 21.16 -15.33
C SER C 875 41.17 22.55 -14.77
N ALA C 876 40.16 23.41 -14.79
CA ALA C 876 40.32 24.76 -14.25
C ALA C 876 40.66 24.72 -12.78
N LEU C 877 39.92 23.92 -12.01
CA LEU C 877 40.19 23.80 -10.59
C LEU C 877 41.58 23.27 -10.32
N LEU C 878 41.99 22.23 -11.05
CA LEU C 878 43.31 21.64 -10.86
C LEU C 878 44.41 22.64 -11.16
N ALA C 879 44.28 23.38 -12.27
CA ALA C 879 45.28 24.39 -12.59
C ALA C 879 45.31 25.50 -11.55
N GLY C 880 44.16 25.97 -11.10
CA GLY C 880 44.10 27.01 -10.10
C GLY C 880 44.76 26.60 -8.80
N THR C 881 44.55 25.36 -8.38
CA THR C 881 45.17 24.92 -7.14
C THR C 881 46.62 24.51 -7.33
N ILE C 882 47.06 24.28 -8.57
CA ILE C 882 48.49 24.05 -8.81
C ILE C 882 49.26 25.36 -8.72
N THR C 883 48.77 26.39 -9.41
CA THR C 883 49.57 27.61 -9.52
C THR C 883 49.31 28.58 -8.38
N SER C 884 48.04 28.81 -8.05
CA SER C 884 47.67 29.94 -7.20
C SER C 884 47.47 29.58 -5.74
N GLY C 885 47.83 28.37 -5.32
CA GLY C 885 47.76 28.05 -3.91
C GLY C 885 46.34 27.96 -3.38
N TRP C 886 45.97 28.85 -2.47
CA TRP C 886 44.61 28.84 -1.93
C TRP C 886 43.80 29.99 -2.50
N THR C 887 44.45 31.12 -2.76
CA THR C 887 43.77 32.40 -2.86
C THR C 887 42.76 32.45 -4.00
N PHE C 888 42.85 31.55 -4.97
CA PHE C 888 41.83 31.60 -6.01
C PHE C 888 40.48 31.17 -5.50
N GLY C 889 40.42 30.50 -4.35
CA GLY C 889 39.16 30.18 -3.74
C GLY C 889 38.57 31.38 -3.03
N ALA C 890 39.39 32.11 -2.30
CA ALA C 890 38.91 33.24 -1.52
C ALA C 890 38.77 34.49 -2.37
N GLY C 891 39.89 35.00 -2.89
CA GLY C 891 39.86 36.19 -3.70
C GLY C 891 40.30 35.91 -5.13
N ALA C 892 40.85 36.92 -5.80
CA ALA C 892 41.46 36.69 -7.10
C ALA C 892 42.73 35.89 -6.94
N ALA C 893 43.07 35.11 -7.96
CA ALA C 893 44.20 34.20 -7.86
C ALA C 893 45.51 34.97 -7.74
N LEU C 894 46.37 34.48 -6.86
CA LEU C 894 47.66 35.10 -6.58
C LEU C 894 48.72 34.03 -6.84
N GLN C 895 49.36 34.08 -8.01
CA GLN C 895 50.25 32.99 -8.40
C GLN C 895 51.39 32.88 -7.40
N ILE C 896 51.81 31.65 -7.15
CA ILE C 896 52.86 31.35 -6.18
C ILE C 896 53.68 30.16 -6.70
N PRO C 897 55.00 30.24 -6.69
CA PRO C 897 55.80 29.08 -7.13
C PRO C 897 55.43 27.85 -6.32
N PHE C 898 55.32 26.71 -7.01
CA PHE C 898 54.69 25.55 -6.41
C PHE C 898 55.50 25.01 -5.24
N ALA C 899 56.83 25.13 -5.29
CA ALA C 899 57.63 24.67 -4.18
C ALA C 899 57.31 25.45 -2.92
N MET C 900 57.15 26.77 -3.04
CA MET C 900 56.79 27.56 -1.87
C MET C 900 55.40 27.19 -1.36
N GLN C 901 54.47 26.88 -2.27
CA GLN C 901 53.17 26.42 -1.82
C GLN C 901 53.27 25.13 -1.03
N MET C 902 54.09 24.19 -1.50
CA MET C 902 54.26 22.93 -0.78
C MET C 902 54.87 23.18 0.58
N ALA C 903 55.88 24.04 0.65
CA ALA C 903 56.51 24.35 1.92
C ALA C 903 55.53 24.99 2.88
N TYR C 904 54.66 25.85 2.36
CA TYR C 904 53.72 26.56 3.20
C TYR C 904 52.64 25.63 3.71
N ARG C 905 52.29 24.61 2.94
CA ARG C 905 51.35 23.62 3.44
C ARG C 905 51.99 22.69 4.47
N PHE C 906 53.27 22.35 4.29
CA PHE C 906 54.01 21.72 5.38
C PHE C 906 53.93 22.56 6.65
N ASN C 907 54.23 23.85 6.54
CA ASN C 907 54.14 24.73 7.69
C ASN C 907 52.75 24.71 8.28
N GLY C 908 51.73 24.54 7.42
CA GLY C 908 50.38 24.39 7.92
C GLY C 908 50.19 23.15 8.77
N ILE C 909 50.78 22.02 8.36
CA ILE C 909 50.54 20.78 9.09
C ILE C 909 51.41 20.63 10.33
N GLY C 910 52.25 21.61 10.64
CA GLY C 910 52.97 21.60 11.89
C GLY C 910 54.44 21.24 11.76
N VAL C 911 55.01 21.46 10.59
CA VAL C 911 56.42 21.15 10.33
C VAL C 911 57.07 22.36 9.69
N THR C 912 58.19 22.80 10.24
CA THR C 912 58.92 23.94 9.69
C THR C 912 59.32 23.65 8.25
N GLN C 913 59.16 24.65 7.38
CA GLN C 913 59.33 24.42 5.95
C GLN C 913 60.75 24.08 5.57
N ASN C 914 61.73 24.25 6.46
CA ASN C 914 63.10 23.91 6.12
C ASN C 914 63.23 22.46 5.67
N VAL C 915 62.43 21.57 6.25
CA VAL C 915 62.55 20.15 5.93
C VAL C 915 62.28 19.91 4.45
N LEU C 916 61.43 20.74 3.85
CA LEU C 916 61.07 20.53 2.46
C LEU C 916 62.13 21.10 1.53
N TYR C 917 62.52 22.34 1.76
CA TYR C 917 63.54 22.94 0.91
C TYR C 917 64.83 22.16 0.98
N GLU C 918 65.06 21.44 2.07
CA GLU C 918 66.20 20.54 2.08
C GLU C 918 65.89 19.20 1.45
N ASN C 919 64.62 18.80 1.37
CA ASN C 919 64.24 17.49 0.83
C ASN C 919 63.24 17.63 -0.30
N GLN C 920 63.44 18.61 -1.18
CA GLN C 920 62.50 18.77 -2.28
C GLN C 920 62.57 17.61 -3.27
N LYS C 921 63.77 17.11 -3.55
CA LYS C 921 63.92 16.03 -4.52
C LYS C 921 63.19 14.77 -4.07
N LEU C 922 63.39 14.39 -2.81
CA LEU C 922 62.74 13.19 -2.28
C LEU C 922 61.23 13.33 -2.34
N ILE C 923 60.72 14.51 -2.00
CA ILE C 923 59.28 14.75 -2.02
C ILE C 923 58.74 14.60 -3.44
N ALA C 924 59.43 15.23 -4.40
CA ALA C 924 58.97 15.15 -5.79
C ALA C 924 58.94 13.72 -6.28
N ASN C 925 59.99 12.96 -5.96
CA ASN C 925 60.05 11.59 -6.43
C ASN C 925 58.99 10.71 -5.78
N GLN C 926 58.71 10.92 -4.48
CA GLN C 926 57.63 10.16 -3.85
C GLN C 926 56.29 10.49 -4.48
N PHE C 927 56.04 11.78 -4.74
CA PHE C 927 54.79 12.16 -5.37
C PHE C 927 54.64 11.51 -6.74
N ASN C 928 55.70 11.53 -7.54
CA ASN C 928 55.62 10.97 -8.89
C ASN C 928 55.39 9.47 -8.84
N SER C 929 56.16 8.76 -8.02
CA SER C 929 55.96 7.33 -7.88
C SER C 929 54.59 6.97 -7.32
N ALA C 930 53.99 7.85 -6.52
CA ALA C 930 52.66 7.59 -5.99
C ALA C 930 51.58 7.77 -7.06
N ILE C 931 51.69 8.82 -7.88
CA ILE C 931 50.73 9.00 -8.97
C ILE C 931 50.82 7.82 -9.93
N GLY C 932 52.05 7.42 -10.26
CA GLY C 932 52.22 6.26 -11.12
C GLY C 932 51.59 5.02 -10.53
N LYS C 933 51.75 4.82 -9.23
CA LYS C 933 51.16 3.64 -8.60
C LYS C 933 49.64 3.68 -8.64
N ILE C 934 49.04 4.85 -8.36
CA ILE C 934 47.59 4.89 -8.28
C ILE C 934 46.96 4.68 -9.64
N GLN C 935 47.56 5.21 -10.71
CA GLN C 935 46.94 5.03 -12.01
C GLN C 935 46.85 3.55 -12.38
N ASP C 936 47.90 2.77 -12.10
CA ASP C 936 47.87 1.35 -12.42
C ASP C 936 47.00 0.58 -11.43
N SER C 937 47.00 0.96 -10.16
CA SER C 937 46.14 0.30 -9.18
C SER C 937 44.67 0.53 -9.49
N LEU C 938 44.35 1.57 -10.24
CA LEU C 938 42.98 1.70 -10.74
C LEU C 938 42.81 0.99 -12.07
N SER C 939 43.89 0.88 -12.86
CA SER C 939 43.81 0.26 -14.17
C SER C 939 43.52 -1.23 -14.07
N SER C 940 44.29 -1.94 -13.24
CA SER C 940 44.20 -3.40 -13.23
C SER C 940 42.97 -3.87 -12.45
N THR C 941 42.89 -3.51 -11.18
CA THR C 941 41.87 -4.08 -10.29
C THR C 941 40.47 -3.75 -10.79
N ALA C 942 39.62 -4.77 -10.82
CA ALA C 942 38.21 -4.62 -11.13
C ALA C 942 37.43 -4.35 -9.86
N SER C 943 36.22 -3.78 -10.03
CA SER C 943 35.40 -3.33 -8.91
C SER C 943 36.15 -2.31 -8.06
N ALA C 944 36.99 -1.51 -8.71
CA ALA C 944 37.70 -0.43 -8.03
C ALA C 944 36.99 0.90 -8.16
N LEU C 945 35.91 0.97 -8.93
CA LEU C 945 35.08 2.16 -9.01
C LEU C 945 33.67 1.82 -8.55
N GLY C 946 33.57 1.05 -7.46
CA GLY C 946 32.29 0.47 -7.10
C GLY C 946 31.23 1.51 -6.78
N LYS C 947 31.51 2.40 -5.84
CA LYS C 947 30.48 3.24 -5.22
C LYS C 947 29.76 4.16 -6.20
N LEU C 948 30.12 4.12 -7.48
CA LEU C 948 29.32 4.70 -8.55
C LEU C 948 28.51 3.61 -9.26
N GLN C 949 29.18 2.50 -9.55
CA GLN C 949 28.53 1.41 -10.25
C GLN C 949 27.34 0.89 -9.45
N ASP C 950 27.46 0.81 -8.12
CA ASP C 950 26.37 0.25 -7.34
C ASP C 950 25.10 1.08 -7.45
N VAL C 951 25.23 2.41 -7.37
CA VAL C 951 24.02 3.21 -7.53
C VAL C 951 23.49 3.10 -8.94
N VAL C 952 24.38 2.98 -9.93
CA VAL C 952 23.92 2.84 -11.30
C VAL C 952 23.07 1.58 -11.46
N ASN C 953 23.57 0.43 -11.00
CA ASN C 953 22.79 -0.79 -11.14
C ASN C 953 21.55 -0.77 -10.27
N GLN C 954 21.59 -0.13 -9.11
CA GLN C 954 20.41 -0.13 -8.26
C GLN C 954 19.28 0.67 -8.92
N ASN C 955 19.62 1.81 -9.51
CA ASN C 955 18.63 2.56 -10.29
C ASN C 955 18.15 1.75 -11.49
N ALA C 956 19.06 1.06 -12.17
CA ALA C 956 18.67 0.28 -13.34
C ALA C 956 17.72 -0.86 -12.94
N GLN C 957 17.98 -1.50 -11.80
CA GLN C 957 17.08 -2.55 -11.32
C GLN C 957 15.70 -1.97 -11.02
N ALA C 958 15.66 -0.79 -10.40
CA ALA C 958 14.36 -0.17 -10.15
C ALA C 958 13.60 0.04 -11.45
N LEU C 959 14.27 0.62 -12.45
CA LEU C 959 13.59 0.89 -13.71
C LEU C 959 13.15 -0.39 -14.41
N ASN C 960 14.02 -1.42 -14.40
CA ASN C 960 13.72 -2.67 -15.07
C ASN C 960 12.53 -3.35 -14.42
N THR C 961 12.49 -3.37 -13.08
CA THR C 961 11.33 -3.93 -12.39
C THR C 961 10.07 -3.14 -12.70
N LEU C 962 10.19 -1.81 -12.76
CA LEU C 962 9.04 -0.99 -13.13
C LEU C 962 8.49 -1.41 -14.49
N VAL C 963 9.37 -1.59 -15.47
CA VAL C 963 8.90 -2.02 -16.79
C VAL C 963 8.27 -3.40 -16.71
N LYS C 964 8.97 -4.35 -16.09
CA LYS C 964 8.50 -5.73 -16.06
C LYS C 964 7.17 -5.87 -15.33
N GLN C 965 6.80 -4.89 -14.53
CA GLN C 965 5.55 -5.00 -13.78
C GLN C 965 4.33 -4.96 -14.68
N LEU C 966 4.51 -4.62 -15.97
CA LEU C 966 3.38 -4.57 -16.87
C LEU C 966 2.78 -5.95 -17.09
N SER C 967 3.62 -6.97 -17.25
CA SER C 967 3.15 -8.28 -17.67
C SER C 967 2.12 -8.86 -16.71
N SER C 968 2.11 -8.44 -15.45
CA SER C 968 1.24 -9.05 -14.46
C SER C 968 -0.22 -8.71 -14.71
N ASN C 969 -1.08 -9.71 -14.49
CA ASN C 969 -2.51 -9.53 -14.71
C ASN C 969 -3.18 -8.73 -13.61
N PHE C 970 -2.66 -8.79 -12.39
CA PHE C 970 -3.28 -8.18 -11.22
C PHE C 970 -4.71 -8.66 -11.04
N GLY C 971 -4.97 -9.91 -11.42
CA GLY C 971 -6.28 -10.50 -11.31
C GLY C 971 -7.16 -10.32 -12.52
N ALA C 972 -6.73 -9.54 -13.50
CA ALA C 972 -7.49 -9.39 -14.74
C ALA C 972 -7.39 -10.66 -15.56
N ILE C 973 -8.05 -10.66 -16.73
CA ILE C 973 -8.01 -11.80 -17.63
C ILE C 973 -6.95 -11.65 -18.71
N SER C 974 -6.25 -10.51 -18.77
CA SER C 974 -5.17 -10.34 -19.72
C SER C 974 -4.23 -9.27 -19.21
N SER C 975 -3.16 -9.03 -19.95
CA SER C 975 -2.15 -8.05 -19.57
C SER C 975 -2.00 -6.92 -20.57
N VAL C 976 -2.01 -7.22 -21.86
CA VAL C 976 -1.93 -6.19 -22.89
C VAL C 976 -3.29 -5.52 -23.01
N LEU C 977 -3.30 -4.20 -22.95
CA LEU C 977 -4.55 -3.49 -22.77
C LEU C 977 -5.45 -3.57 -24.00
N ASN C 978 -4.85 -3.58 -25.19
CA ASN C 978 -5.65 -3.61 -26.41
C ASN C 978 -6.44 -4.90 -26.55
N ASP C 979 -5.95 -6.02 -26.02
CA ASP C 979 -6.68 -7.27 -26.19
C ASP C 979 -7.87 -7.35 -25.23
N ILE C 980 -7.67 -7.00 -23.97
CA ILE C 980 -8.80 -6.92 -23.04
C ILE C 980 -9.79 -5.87 -23.51
N LEU C 981 -9.31 -4.84 -24.20
CA LEU C 981 -10.22 -3.87 -24.78
C LEU C 981 -10.81 -4.33 -26.11
N SER C 982 -10.27 -5.39 -26.69
CA SER C 982 -10.68 -5.83 -28.03
C SER C 982 -11.49 -7.11 -28.03
N ARG C 983 -11.82 -7.66 -26.86
CA ARG C 983 -12.71 -8.80 -26.84
C ARG C 983 -13.69 -8.73 -25.67
N LEU C 984 -14.08 -7.53 -25.28
CA LEU C 984 -15.08 -7.42 -24.23
C LEU C 984 -15.89 -6.13 -24.41
N ASP C 985 -17.18 -6.21 -24.11
CA ASP C 985 -18.07 -5.07 -24.21
C ASP C 985 -17.78 -4.05 -23.11
N PRO C 986 -18.13 -2.79 -23.33
CA PRO C 986 -17.78 -1.73 -22.38
C PRO C 986 -18.20 -2.07 -20.95
N PRO C 987 -19.47 -2.39 -20.69
CA PRO C 987 -19.88 -2.58 -19.28
C PRO C 987 -19.15 -3.72 -18.60
N GLU C 988 -18.70 -4.72 -19.34
CA GLU C 988 -17.91 -5.79 -18.77
C GLU C 988 -16.42 -5.49 -18.79
N ALA C 989 -15.95 -4.76 -19.80
CA ALA C 989 -14.52 -4.48 -19.90
C ALA C 989 -14.07 -3.46 -18.87
N GLU C 990 -15.00 -2.59 -18.41
CA GLU C 990 -14.59 -1.49 -17.56
C GLU C 990 -14.05 -1.99 -16.22
N VAL C 991 -14.62 -3.05 -15.66
CA VAL C 991 -14.14 -3.53 -14.36
C VAL C 991 -12.74 -4.12 -14.50
N GLN C 992 -12.50 -4.91 -15.55
CA GLN C 992 -11.17 -5.45 -15.79
C GLN C 992 -10.17 -4.33 -15.98
N ILE C 993 -10.56 -3.31 -16.77
CA ILE C 993 -9.70 -2.17 -16.98
C ILE C 993 -9.39 -1.50 -15.65
N ASP C 994 -10.37 -1.38 -14.77
CA ASP C 994 -10.15 -0.70 -13.49
C ASP C 994 -9.18 -1.49 -12.62
N ARG C 995 -9.33 -2.81 -12.56
CA ARG C 995 -8.38 -3.60 -11.79
C ARG C 995 -6.96 -3.42 -12.31
N LEU C 996 -6.80 -3.52 -13.62
CA LEU C 996 -5.46 -3.41 -14.19
C LEU C 996 -4.89 -2.01 -13.97
N ILE C 997 -5.73 -0.98 -14.08
CA ILE C 997 -5.27 0.39 -13.88
C ILE C 997 -4.81 0.60 -12.45
N THR C 998 -5.60 0.16 -11.47
CA THR C 998 -5.17 0.39 -10.10
C THR C 998 -3.89 -0.39 -9.81
N GLY C 999 -3.73 -1.57 -10.39
CA GLY C 999 -2.48 -2.29 -10.19
C GLY C 999 -1.28 -1.55 -10.76
N ARG C 1000 -1.38 -1.10 -12.02
CA ARG C 1000 -0.27 -0.37 -12.60
C ARG C 1000 0.04 0.89 -11.82
N LEU C 1001 -1.00 1.61 -11.38
CA LEU C 1001 -0.76 2.87 -10.67
C LEU C 1001 -0.07 2.61 -9.34
N GLN C 1002 -0.48 1.57 -8.62
CA GLN C 1002 0.18 1.28 -7.36
C GLN C 1002 1.63 0.90 -7.57
N SER C 1003 1.92 0.13 -8.63
CA SER C 1003 3.32 -0.17 -8.94
C SER C 1003 4.11 1.10 -9.23
N LEU C 1004 3.56 1.99 -10.06
CA LEU C 1004 4.29 3.19 -10.44
C LEU C 1004 4.53 4.09 -9.23
N GLN C 1005 3.53 4.22 -8.37
CA GLN C 1005 3.69 5.05 -7.19
C GLN C 1005 4.74 4.51 -6.24
N THR C 1006 4.80 3.17 -6.10
CA THR C 1006 5.88 2.59 -5.32
C THR C 1006 7.23 2.93 -5.93
N TYR C 1007 7.34 2.85 -7.26
CA TYR C 1007 8.60 3.21 -7.90
C TYR C 1007 8.97 4.65 -7.62
N VAL C 1008 8.00 5.56 -7.70
CA VAL C 1008 8.30 6.97 -7.50
C VAL C 1008 8.80 7.23 -6.08
N THR C 1009 8.18 6.59 -5.10
CA THR C 1009 8.66 6.75 -3.73
C THR C 1009 10.08 6.23 -3.58
N GLN C 1010 10.38 5.09 -4.20
CA GLN C 1010 11.75 4.58 -4.17
C GLN C 1010 12.72 5.60 -4.73
N GLN C 1011 12.39 6.18 -5.89
CA GLN C 1011 13.28 7.14 -6.50
C GLN C 1011 13.44 8.38 -5.66
N LEU C 1012 12.37 8.82 -5.00
CA LEU C 1012 12.47 9.98 -4.13
C LEU C 1012 13.48 9.73 -3.01
N ILE C 1013 13.39 8.56 -2.38
CA ILE C 1013 14.29 8.28 -1.27
C ILE C 1013 15.73 8.18 -1.76
N ARG C 1014 15.95 7.49 -2.89
CA ARG C 1014 17.29 7.40 -3.43
C ARG C 1014 17.86 8.76 -3.77
N ALA C 1015 17.05 9.63 -4.36
CA ALA C 1015 17.53 10.97 -4.71
C ALA C 1015 17.86 11.76 -3.46
N ALA C 1016 17.10 11.59 -2.39
CA ALA C 1016 17.45 12.27 -1.14
C ALA C 1016 18.80 11.80 -0.63
N GLU C 1017 19.06 10.49 -0.69
CA GLU C 1017 20.35 10.00 -0.21
C GLU C 1017 21.50 10.48 -1.08
N ILE C 1018 21.31 10.47 -2.41
CA ILE C 1018 22.36 10.96 -3.31
C ILE C 1018 22.59 12.46 -3.09
N ARG C 1019 21.53 13.21 -2.81
CA ARG C 1019 21.70 14.62 -2.50
C ARG C 1019 22.49 14.82 -1.22
N ALA C 1020 22.29 13.97 -0.22
CA ALA C 1020 23.13 14.05 0.98
C ALA C 1020 24.59 13.81 0.62
N SER C 1021 24.85 12.79 -0.19
CA SER C 1021 26.23 12.51 -0.59
C SER C 1021 26.81 13.63 -1.44
N ALA C 1022 25.99 14.29 -2.24
CA ALA C 1022 26.50 15.38 -3.08
C ALA C 1022 26.81 16.62 -2.25
N ASN C 1023 26.00 16.91 -1.24
CA ASN C 1023 26.36 17.99 -0.33
C ASN C 1023 27.65 17.67 0.40
N LEU C 1024 27.84 16.40 0.77
CA LEU C 1024 29.12 16.00 1.35
C LEU C 1024 30.25 16.26 0.35
N ALA C 1025 30.02 15.95 -0.93
CA ALA C 1025 31.07 16.17 -1.92
C ALA C 1025 31.37 17.65 -2.07
N ALA C 1026 30.36 18.50 -2.06
CA ALA C 1026 30.58 19.94 -2.16
C ALA C 1026 31.41 20.43 -1.00
N THR C 1027 31.07 19.98 0.22
CA THR C 1027 31.84 20.36 1.39
C THR C 1027 33.29 19.90 1.26
N LYS C 1028 33.48 18.65 0.84
CA LYS C 1028 34.83 18.10 0.74
C LYS C 1028 35.66 18.85 -0.29
N MET C 1029 35.08 19.19 -1.43
CA MET C 1029 35.80 19.98 -2.41
C MET C 1029 36.12 21.36 -1.87
N SER C 1030 35.21 21.96 -1.12
CA SER C 1030 35.46 23.30 -0.60
C SER C 1030 36.62 23.31 0.38
N GLU C 1031 36.61 22.46 1.41
CA GLU C 1031 37.68 22.63 2.40
C GLU C 1031 38.83 21.65 2.21
N CYS C 1032 38.84 20.85 1.17
CA CYS C 1032 39.99 19.98 0.95
C CYS C 1032 40.64 20.16 -0.41
N VAL C 1033 40.19 21.12 -1.21
CA VAL C 1033 40.88 21.46 -2.44
C VAL C 1033 41.22 22.93 -2.43
N LEU C 1034 40.21 23.78 -2.25
CA LEU C 1034 40.42 25.21 -2.17
C LEU C 1034 41.32 25.59 -1.01
N GLY C 1035 41.26 24.87 0.11
CA GLY C 1035 42.09 25.16 1.25
C GLY C 1035 42.87 23.95 1.67
N GLN C 1036 43.17 23.85 2.97
CA GLN C 1036 43.93 22.73 3.51
C GLN C 1036 43.33 22.40 4.88
N SER C 1037 42.37 21.48 4.91
CA SER C 1037 41.64 21.21 6.13
C SER C 1037 42.50 20.40 7.09
N LYS C 1038 42.39 20.74 8.37
CA LYS C 1038 43.07 20.00 9.43
C LYS C 1038 42.16 19.04 10.16
N ARG C 1039 40.95 18.81 9.68
CA ARG C 1039 40.10 17.81 10.29
C ARG C 1039 40.68 16.43 9.98
N VAL C 1040 41.19 15.76 11.01
CA VAL C 1040 41.92 14.52 10.79
C VAL C 1040 41.01 13.46 10.18
N ASP C 1041 41.56 12.70 9.25
CA ASP C 1041 40.89 11.58 8.59
C ASP C 1041 39.67 12.04 7.79
N PHE C 1042 39.44 13.35 7.70
CA PHE C 1042 38.35 13.82 6.85
C PHE C 1042 38.70 13.74 5.38
N CYS C 1043 39.93 14.05 5.01
CA CYS C 1043 40.42 13.84 3.65
C CYS C 1043 41.79 13.17 3.72
N GLY C 1044 41.81 11.87 3.47
CA GLY C 1044 43.05 11.12 3.44
C GLY C 1044 43.45 10.67 4.82
N LYS C 1045 43.74 9.39 4.96
CA LYS C 1045 44.19 8.88 6.25
C LYS C 1045 45.55 9.49 6.58
N GLY C 1046 45.58 10.37 7.57
CA GLY C 1046 46.81 10.97 8.01
C GLY C 1046 46.77 12.49 7.88
N TYR C 1047 47.94 13.08 8.02
CA TYR C 1047 48.08 14.52 7.84
C TYR C 1047 47.83 14.89 6.38
N HIS C 1048 47.17 16.02 6.17
CA HIS C 1048 46.67 16.37 4.85
C HIS C 1048 47.47 17.52 4.25
N LEU C 1049 47.84 17.38 2.99
CA LEU C 1049 48.46 18.45 2.23
C LEU C 1049 47.55 19.04 1.18
N MET C 1050 47.05 18.24 0.25
CA MET C 1050 46.27 18.83 -0.84
C MET C 1050 45.37 17.75 -1.44
N SER C 1051 44.63 18.13 -2.47
CA SER C 1051 43.86 17.14 -3.20
C SER C 1051 43.53 17.68 -4.57
N PHE C 1052 43.30 16.76 -5.50
CA PHE C 1052 42.97 17.09 -6.87
C PHE C 1052 41.64 16.44 -7.23
N PRO C 1053 40.65 17.20 -7.66
CA PRO C 1053 39.41 16.60 -8.12
C PRO C 1053 39.59 16.01 -9.51
N GLN C 1054 38.72 15.06 -9.84
CA GLN C 1054 38.71 14.45 -11.15
C GLN C 1054 37.28 14.03 -11.47
N SER C 1055 36.90 14.17 -12.74
CA SER C 1055 35.56 13.82 -13.15
C SER C 1055 35.37 12.30 -13.13
N ALA C 1056 34.12 11.89 -13.31
CA ALA C 1056 33.75 10.49 -13.21
C ALA C 1056 32.45 10.29 -13.97
N PRO C 1057 32.01 9.04 -14.21
CA PRO C 1057 30.75 8.83 -14.93
C PRO C 1057 29.58 9.61 -14.37
N HIS C 1058 29.27 9.43 -13.10
CA HIS C 1058 28.16 10.11 -12.47
C HIS C 1058 28.56 10.57 -11.08
N GLY C 1059 29.75 11.12 -10.97
CA GLY C 1059 30.27 11.50 -9.68
C GLY C 1059 31.61 12.21 -9.78
N VAL C 1060 32.37 12.18 -8.69
CA VAL C 1060 33.66 12.84 -8.63
C VAL C 1060 34.60 11.91 -7.87
N VAL C 1061 35.90 12.02 -8.16
CA VAL C 1061 36.90 11.27 -7.42
C VAL C 1061 37.98 12.24 -6.98
N PHE C 1062 38.37 12.17 -5.71
CA PHE C 1062 39.42 13.03 -5.19
C PHE C 1062 40.70 12.24 -5.03
N LEU C 1063 41.80 12.85 -5.43
CA LEU C 1063 43.14 12.34 -5.15
C LEU C 1063 43.67 13.15 -3.97
N HIS C 1064 43.68 12.52 -2.79
CA HIS C 1064 44.18 13.13 -1.58
C HIS C 1064 45.68 12.90 -1.48
N VAL C 1065 46.43 13.98 -1.35
CA VAL C 1065 47.88 13.95 -1.17
C VAL C 1065 48.15 14.24 0.29
N THR C 1066 48.59 13.22 1.02
CA THR C 1066 48.69 13.25 2.47
C THR C 1066 50.10 12.88 2.93
N TYR C 1067 50.44 13.35 4.13
CA TYR C 1067 51.76 13.18 4.71
C TYR C 1067 51.71 12.09 5.77
N VAL C 1068 52.70 11.21 5.76
CA VAL C 1068 52.71 10.10 6.71
C VAL C 1068 54.13 9.92 7.24
N PRO C 1069 54.38 10.19 8.51
CA PRO C 1069 55.72 9.96 9.08
C PRO C 1069 56.00 8.46 9.23
N ALA C 1070 57.29 8.14 9.25
CA ALA C 1070 57.72 6.75 9.31
C ALA C 1070 59.14 6.68 9.85
N GLN C 1071 59.50 5.48 10.32
CA GLN C 1071 60.79 5.17 10.92
C GLN C 1071 61.06 6.05 12.15
N GLU C 1072 60.22 5.83 13.16
CA GLU C 1072 60.37 6.50 14.44
C GLU C 1072 61.57 5.97 15.20
N LYS C 1073 62.23 6.86 15.94
CA LYS C 1073 63.29 6.49 16.86
C LYS C 1073 62.89 6.83 18.28
N ASN C 1074 63.29 5.97 19.21
CA ASN C 1074 63.09 6.18 20.63
C ASN C 1074 63.89 7.37 21.11
N PHE C 1075 63.44 8.01 22.18
CA PHE C 1075 64.20 9.07 22.83
C PHE C 1075 63.74 9.13 24.28
N THR C 1076 64.61 9.65 25.14
CA THR C 1076 64.24 9.90 26.51
C THR C 1076 63.93 11.39 26.69
N THR C 1077 62.79 11.68 27.30
CA THR C 1077 62.27 13.04 27.32
C THR C 1077 61.84 13.43 28.72
N ALA C 1078 61.87 14.75 28.97
CA ALA C 1078 61.42 15.33 30.22
C ALA C 1078 60.64 16.59 29.90
N PRO C 1079 59.64 16.96 30.69
CA PRO C 1079 58.82 18.11 30.30
C PRO C 1079 59.58 19.42 30.20
N ALA C 1080 60.52 19.68 31.11
CA ALA C 1080 61.18 20.97 31.15
C ALA C 1080 62.56 20.83 31.77
N ILE C 1081 63.39 21.85 31.56
CA ILE C 1081 64.79 21.82 32.00
C ILE C 1081 64.99 22.86 33.08
N CYS C 1082 65.48 22.44 34.24
CA CYS C 1082 65.76 23.38 35.31
C CYS C 1082 67.19 23.89 35.16
N HIS C 1083 67.34 25.19 34.92
CA HIS C 1083 68.64 25.79 34.78
C HIS C 1083 68.69 27.02 35.69
N ASP C 1084 69.74 27.10 36.50
CA ASP C 1084 70.02 28.28 37.31
C ASP C 1084 68.88 28.53 38.31
N GLY C 1085 68.01 27.54 38.48
CA GLY C 1085 66.88 27.66 39.38
C GLY C 1085 65.58 28.09 38.74
N LYS C 1086 65.53 28.24 37.42
CA LYS C 1086 64.30 28.52 36.72
C LYS C 1086 63.97 27.37 35.78
N ALA C 1087 62.67 27.24 35.49
CA ALA C 1087 62.16 26.16 34.64
C ALA C 1087 62.08 26.67 33.21
N HIS C 1088 62.75 25.98 32.30
CA HIS C 1088 62.79 26.35 30.89
C HIS C 1088 61.91 25.37 30.13
N PHE C 1089 60.95 25.89 29.37
CA PHE C 1089 59.95 25.18 28.60
C PHE C 1089 60.18 25.42 27.12
N PRO C 1090 59.96 24.44 26.24
CA PRO C 1090 60.18 24.68 24.82
C PRO C 1090 59.03 25.47 24.22
N ARG C 1091 59.33 26.27 23.19
CA ARG C 1091 58.26 26.97 22.49
C ARG C 1091 57.46 26.02 21.63
N GLU C 1092 58.09 25.48 20.58
CA GLU C 1092 57.45 24.57 19.64
C GLU C 1092 58.35 23.35 19.54
N GLY C 1093 58.03 22.32 20.30
CA GLY C 1093 58.82 21.11 20.29
C GLY C 1093 58.83 20.46 21.66
N VAL C 1094 59.58 19.37 21.74
CA VAL C 1094 59.72 18.61 22.98
C VAL C 1094 61.19 18.39 23.24
N PHE C 1095 61.58 18.44 24.52
CA PHE C 1095 62.95 18.12 24.85
C PHE C 1095 63.20 16.65 24.60
N VAL C 1096 64.33 16.34 23.98
CA VAL C 1096 64.68 14.96 23.68
C VAL C 1096 66.12 14.71 24.04
N SER C 1097 66.44 13.45 24.28
CA SER C 1097 67.81 13.05 24.56
C SER C 1097 68.04 11.66 24.02
N ASN C 1098 69.20 11.46 23.39
CA ASN C 1098 69.72 10.14 23.08
C ASN C 1098 70.53 9.57 24.22
N GLY C 1099 70.32 10.06 25.45
CA GLY C 1099 71.00 9.55 26.61
C GLY C 1099 72.01 10.50 27.20
N THR C 1100 72.75 11.23 26.37
CA THR C 1100 73.90 12.00 26.82
C THR C 1100 73.80 13.50 26.56
N HIS C 1101 72.69 13.98 26.04
CA HIS C 1101 72.59 15.39 25.70
C HIS C 1101 71.14 15.83 25.86
N TRP C 1102 70.80 16.98 25.30
CA TRP C 1102 69.46 17.52 25.47
C TRP C 1102 69.17 18.51 24.34
N PHE C 1103 68.31 18.11 23.41
CA PHE C 1103 68.00 18.89 22.23
C PHE C 1103 66.52 19.19 22.19
N VAL C 1104 66.12 20.04 21.25
CA VAL C 1104 64.73 20.42 21.04
C VAL C 1104 64.37 20.14 19.59
N THR C 1105 63.24 19.44 19.40
CA THR C 1105 62.78 19.12 18.06
C THR C 1105 61.28 19.37 17.98
N GLN C 1106 60.79 19.59 16.76
CA GLN C 1106 59.35 19.63 16.56
C GLN C 1106 58.78 18.22 16.65
N ARG C 1107 57.50 18.14 17.01
CA ARG C 1107 56.90 16.86 17.34
C ARG C 1107 56.70 15.95 16.14
N ASN C 1108 56.85 16.46 14.92
CA ASN C 1108 56.54 15.68 13.73
C ASN C 1108 57.74 15.34 12.87
N PHE C 1109 58.94 15.75 13.26
CA PHE C 1109 60.13 15.40 12.49
C PHE C 1109 61.35 15.54 13.40
N TYR C 1110 62.08 14.45 13.57
CA TYR C 1110 63.31 14.51 14.35
C TYR C 1110 64.32 15.40 13.65
N GLU C 1111 64.61 16.54 14.24
CA GLU C 1111 65.59 17.47 13.72
C GLU C 1111 66.12 18.24 14.91
N PRO C 1112 67.22 17.80 15.50
CA PRO C 1112 67.65 18.41 16.77
C PRO C 1112 68.40 19.70 16.58
N GLN C 1113 68.19 20.64 17.50
CA GLN C 1113 69.06 21.79 17.67
C GLN C 1113 69.46 21.89 19.12
N ILE C 1114 70.64 22.46 19.37
CA ILE C 1114 71.07 22.69 20.73
C ILE C 1114 70.17 23.75 21.37
N ILE C 1115 70.08 23.72 22.68
CA ILE C 1115 69.12 24.54 23.40
C ILE C 1115 69.71 25.92 23.65
N THR C 1116 68.93 26.94 23.33
CA THR C 1116 69.34 28.31 23.66
C THR C 1116 68.27 28.91 24.57
N THR C 1117 68.40 30.19 24.88
CA THR C 1117 67.32 30.90 25.54
C THR C 1117 66.35 31.54 24.56
N ASP C 1118 66.62 31.41 23.26
CA ASP C 1118 65.75 31.97 22.23
C ASP C 1118 64.79 30.95 21.64
N ASN C 1119 64.96 29.66 21.97
CA ASN C 1119 63.99 28.64 21.58
C ASN C 1119 63.35 27.98 22.80
N THR C 1120 63.40 28.64 23.96
CA THR C 1120 62.68 28.22 25.14
C THR C 1120 62.29 29.44 25.94
N PHE C 1121 61.26 29.31 26.76
CA PHE C 1121 60.79 30.41 27.61
C PHE C 1121 60.61 29.91 29.03
N VAL C 1122 60.74 30.83 29.99
CA VAL C 1122 60.87 30.49 31.40
C VAL C 1122 59.64 30.97 32.16
N SER C 1123 59.18 30.15 33.10
CA SER C 1123 58.07 30.54 33.97
C SER C 1123 58.05 29.61 35.18
N GLY C 1124 58.26 30.17 36.36
CA GLY C 1124 58.16 29.42 37.60
C GLY C 1124 59.47 28.76 38.00
N ASN C 1125 59.50 28.32 39.25
CA ASN C 1125 60.66 27.67 39.84
C ASN C 1125 60.61 26.16 39.60
N CYS C 1126 61.79 25.55 39.58
CA CYS C 1126 61.91 24.17 39.14
C CYS C 1126 61.72 23.16 40.26
N ASP C 1127 60.90 23.51 41.24
CA ASP C 1127 60.55 22.62 42.36
C ASP C 1127 59.18 21.99 42.23
N VAL C 1128 58.16 22.78 41.89
CA VAL C 1128 56.78 22.30 41.95
C VAL C 1128 56.51 21.26 40.85
N VAL C 1129 56.95 21.55 39.62
CA VAL C 1129 56.59 20.70 38.50
C VAL C 1129 57.37 19.40 38.55
N ILE C 1130 56.74 18.32 38.11
CA ILE C 1130 57.32 16.99 38.19
C ILE C 1130 58.10 16.68 36.92
N GLY C 1131 59.07 15.78 37.03
CA GLY C 1131 59.79 15.28 35.88
C GLY C 1131 60.97 16.12 35.44
N ILE C 1132 61.35 17.12 36.23
CA ILE C 1132 62.42 18.02 35.83
C ILE C 1132 63.77 17.31 35.87
N VAL C 1133 64.59 17.58 34.85
CA VAL C 1133 65.98 17.15 34.84
C VAL C 1133 66.86 18.36 34.62
N ASN C 1134 67.94 18.45 35.40
CA ASN C 1134 68.90 19.53 35.16
C ASN C 1134 69.67 19.32 33.87
N ASN C 1135 70.15 20.43 33.34
CA ASN C 1135 71.01 20.49 32.15
C ASN C 1135 71.46 21.95 32.05
N THR C 1136 72.37 22.25 31.14
CA THR C 1136 72.85 23.61 30.93
C THR C 1136 72.29 24.15 29.63
N VAL C 1137 71.45 25.16 29.74
CA VAL C 1137 70.85 25.84 28.60
C VAL C 1137 71.81 26.92 28.12
N TYR C 1138 72.30 26.76 26.90
CA TYR C 1138 73.27 27.69 26.37
C TYR C 1138 72.63 29.06 26.16
N ASP C 1139 73.44 30.11 26.30
CA ASP C 1139 72.97 31.48 26.18
C ASP C 1139 73.65 32.11 24.96
N PRO C 1140 72.89 32.56 23.97
CA PRO C 1140 73.51 33.14 22.77
C PRO C 1140 73.95 34.60 22.94
N LEU C 1141 73.44 35.27 23.97
CA LEU C 1141 73.86 36.65 24.22
C LEU C 1141 75.26 36.71 24.81
N GLN C 1142 75.74 35.61 25.38
CA GLN C 1142 77.03 35.61 26.07
C GLN C 1142 78.24 35.77 25.16
N PRO C 1143 78.43 34.96 24.10
CA PRO C 1143 79.78 34.81 23.53
C PRO C 1143 80.44 36.09 23.03
N GLU C 1144 79.69 37.01 22.42
CA GLU C 1144 80.34 38.19 21.84
C GLU C 1144 80.83 39.16 22.90
N LEU C 1145 80.33 39.05 24.14
CA LEU C 1145 80.86 39.88 25.22
C LEU C 1145 82.33 39.59 25.49
N ASP C 1146 82.77 38.36 25.28
CA ASP C 1146 84.14 37.96 25.52
C ASP C 1146 84.93 37.88 24.22
N VAL D 2 -41.01 -46.47 -1.82
CA VAL D 2 -41.30 -47.63 -2.65
C VAL D 2 -42.80 -47.81 -2.79
N GLN D 3 -43.54 -46.71 -2.66
CA GLN D 3 -44.99 -46.76 -2.68
C GLN D 3 -45.52 -46.62 -4.10
N LEU D 4 -46.40 -47.52 -4.49
CA LEU D 4 -46.97 -47.55 -5.84
C LEU D 4 -48.38 -46.98 -5.77
N VAL D 5 -48.63 -45.92 -6.53
CA VAL D 5 -49.92 -45.24 -6.52
C VAL D 5 -50.79 -45.76 -7.65
N GLN D 6 -51.89 -46.43 -7.31
CA GLN D 6 -52.82 -46.92 -8.31
C GLN D 6 -54.02 -45.99 -8.47
N SER D 7 -54.14 -45.38 -9.64
CA SER D 7 -55.24 -44.46 -9.89
C SER D 7 -56.16 -45.00 -10.99
N VAL D 20 -56.09 -45.15 -16.70
CA VAL D 20 -55.40 -46.08 -15.80
C VAL D 20 -53.88 -46.01 -15.97
N SER D 21 -53.20 -45.68 -14.86
CA SER D 21 -51.74 -45.51 -14.89
C SER D 21 -51.20 -45.61 -13.47
N CYS D 22 -50.13 -46.39 -13.30
CA CYS D 22 -49.45 -46.50 -12.01
C CYS D 22 -48.33 -45.48 -11.91
N LYS D 23 -48.56 -44.41 -11.17
CA LYS D 23 -47.49 -43.47 -10.84
C LYS D 23 -46.51 -44.16 -9.90
N ALA D 24 -45.22 -44.08 -10.22
CA ALA D 24 -44.20 -44.73 -9.41
C ALA D 24 -44.00 -44.00 -8.09
N SER D 25 -43.32 -44.69 -7.17
CA SER D 25 -43.07 -44.15 -5.85
C SER D 25 -43.79 -44.98 -4.78
N THR D 30 -36.63 -44.55 -12.05
CA THR D 30 -36.53 -45.78 -12.88
C THR D 30 -35.35 -46.63 -12.38
N SER D 31 -35.06 -46.59 -11.08
CA SER D 31 -33.97 -47.43 -10.51
C SER D 31 -34.24 -48.90 -10.83
N TYR D 32 -35.49 -49.34 -10.70
CA TYR D 32 -35.86 -50.72 -11.07
C TYR D 32 -36.68 -50.67 -12.35
N ALA D 33 -37.09 -51.83 -12.87
CA ALA D 33 -37.95 -51.86 -14.08
C ALA D 33 -39.41 -51.77 -13.65
N MET D 34 -40.33 -52.17 -14.54
CA MET D 34 -41.77 -52.19 -14.16
C MET D 34 -42.37 -53.53 -14.60
N ASN D 35 -43.51 -53.90 -14.01
CA ASN D 35 -44.20 -55.12 -14.40
C ASN D 35 -45.69 -54.93 -14.16
N TRP D 36 -46.52 -55.69 -14.86
CA TRP D 36 -47.97 -55.57 -14.67
C TRP D 36 -48.60 -56.95 -14.63
N VAL D 37 -49.66 -57.08 -13.82
CA VAL D 37 -50.41 -58.33 -13.71
C VAL D 37 -51.86 -57.99 -13.43
N ARG D 38 -52.69 -59.04 -13.37
CA ARG D 38 -54.11 -58.88 -13.07
C ARG D 38 -54.58 -60.01 -12.15
N GLN D 39 -55.79 -59.86 -11.65
CA GLN D 39 -56.51 -60.90 -10.92
C GLN D 39 -57.98 -60.88 -11.30
N LEU D 45 -55.22 -64.73 -11.41
CA LEU D 45 -53.97 -63.99 -11.40
C LEU D 45 -53.06 -64.40 -12.54
N GLU D 46 -52.89 -63.51 -13.51
CA GLU D 46 -52.07 -63.74 -14.68
C GLU D 46 -51.03 -62.64 -14.78
N TRP D 47 -50.31 -62.59 -15.90
CA TRP D 47 -49.19 -61.66 -16.04
C TRP D 47 -49.44 -60.82 -17.28
N MET D 48 -49.27 -59.51 -17.18
CA MET D 48 -49.55 -58.63 -18.31
C MET D 48 -48.41 -58.57 -19.32
N GLY D 49 -47.16 -58.72 -18.89
CA GLY D 49 -46.08 -58.83 -19.86
C GLY D 49 -44.86 -57.92 -19.78
N TRP D 50 -44.55 -57.41 -18.59
CA TRP D 50 -43.21 -56.87 -18.30
C TRP D 50 -42.84 -55.73 -19.25
N ILE D 51 -43.46 -54.58 -19.09
CA ILE D 51 -43.02 -53.38 -19.80
C ILE D 51 -41.67 -52.99 -19.21
N ASN D 52 -40.72 -52.63 -20.08
CA ASN D 52 -39.43 -52.08 -19.65
C ASN D 52 -39.54 -50.57 -19.62
N THR D 53 -39.06 -49.95 -18.55
CA THR D 53 -39.13 -48.50 -18.45
C THR D 53 -37.92 -47.80 -19.03
N ASN D 54 -36.78 -48.49 -19.16
CA ASN D 54 -35.56 -47.85 -19.63
C ASN D 54 -35.48 -47.79 -21.15
N THR D 55 -36.36 -48.49 -21.86
CA THR D 55 -36.42 -48.39 -23.32
C THR D 55 -37.84 -48.42 -23.86
N GLY D 56 -37.96 -48.63 -25.16
CA GLY D 56 -39.26 -48.91 -25.74
C GLY D 56 -39.81 -50.24 -25.26
N ASN D 57 -41.10 -50.42 -25.44
CA ASN D 57 -41.78 -51.56 -24.83
C ASN D 57 -41.35 -52.87 -25.50
N PRO D 58 -40.77 -53.80 -24.76
CA PRO D 58 -40.47 -55.13 -25.32
C PRO D 58 -41.61 -56.13 -25.21
N THR D 59 -41.31 -57.39 -25.53
CA THR D 59 -42.31 -58.45 -25.71
C THR D 59 -43.13 -58.71 -24.44
N TYR D 60 -44.18 -59.52 -24.59
CA TYR D 60 -45.30 -59.59 -23.66
C TYR D 60 -45.62 -61.05 -23.33
N ALA D 61 -46.74 -61.28 -22.65
CA ALA D 61 -47.24 -62.62 -22.38
C ALA D 61 -47.79 -63.24 -23.66
N GLN D 62 -48.13 -64.53 -23.58
CA GLN D 62 -48.44 -65.30 -24.78
C GLN D 62 -49.69 -64.78 -25.49
N GLY D 63 -50.75 -64.51 -24.73
CA GLY D 63 -51.98 -63.99 -25.27
C GLY D 63 -52.20 -62.52 -25.01
N PHE D 64 -51.17 -61.81 -24.57
CA PHE D 64 -51.31 -60.46 -24.04
C PHE D 64 -50.50 -59.44 -24.85
N THR D 65 -50.07 -59.81 -26.05
CA THR D 65 -49.19 -58.95 -26.84
C THR D 65 -49.98 -57.86 -27.56
N GLY D 66 -50.88 -58.26 -28.47
CA GLY D 66 -51.63 -57.28 -29.23
C GLY D 66 -52.90 -56.81 -28.54
N ARG D 67 -53.44 -57.63 -27.64
CA ARG D 67 -54.73 -57.32 -27.05
C ARG D 67 -54.64 -56.25 -25.96
N PHE D 68 -53.46 -56.07 -25.35
CA PHE D 68 -53.28 -55.14 -24.23
C PHE D 68 -51.97 -54.36 -24.45
N VAL D 69 -52.07 -53.03 -24.50
CA VAL D 69 -50.88 -52.22 -24.74
C VAL D 69 -50.60 -51.29 -23.56
N PHE D 70 -49.32 -51.05 -23.28
CA PHE D 70 -48.84 -49.98 -22.43
C PHE D 70 -48.06 -48.96 -23.25
N SER D 71 -48.21 -47.69 -22.88
CA SER D 71 -47.60 -46.54 -23.53
C SER D 71 -46.98 -45.61 -22.50
N LEU D 72 -46.13 -46.19 -21.66
CA LEU D 72 -45.61 -45.53 -20.45
C LEU D 72 -45.14 -44.11 -20.73
N ASP D 73 -45.38 -43.23 -19.76
CA ASP D 73 -44.97 -41.84 -19.82
C ASP D 73 -44.10 -41.51 -18.62
N THR D 74 -42.97 -40.86 -18.90
CA THR D 74 -41.96 -40.62 -17.87
C THR D 74 -42.08 -39.22 -17.27
N SER D 75 -41.14 -38.86 -16.41
CA SER D 75 -41.10 -37.61 -15.63
C SER D 75 -42.15 -37.65 -14.53
N VAL D 76 -43.04 -38.63 -14.58
CA VAL D 76 -43.93 -38.97 -13.49
C VAL D 76 -43.89 -40.49 -13.33
N SER D 77 -43.27 -41.15 -14.30
CA SER D 77 -43.07 -42.60 -14.29
C SER D 77 -44.39 -43.35 -14.08
N THR D 78 -45.35 -43.09 -14.96
CA THR D 78 -46.62 -43.81 -14.95
C THR D 78 -46.67 -44.79 -16.11
N ALA D 79 -46.85 -46.07 -15.78
CA ALA D 79 -47.03 -47.10 -16.79
C ALA D 79 -48.47 -47.15 -17.28
N TYR D 80 -48.72 -46.56 -18.44
CA TYR D 80 -50.08 -46.42 -18.96
C TYR D 80 -50.63 -47.78 -19.39
N LEU D 81 -51.96 -47.94 -19.30
CA LEU D 81 -52.64 -49.09 -19.89
C LEU D 81 -53.75 -48.66 -20.84
N GLN D 82 -53.79 -49.32 -22.01
CA GLN D 82 -54.86 -49.22 -22.98
C GLN D 82 -55.24 -50.66 -23.29
N ILE D 83 -56.45 -51.05 -22.90
CA ILE D 83 -56.93 -52.40 -23.17
C ILE D 83 -57.58 -52.38 -24.54
N SER D 84 -56.93 -52.98 -25.53
CA SER D 84 -57.42 -52.90 -26.89
C SER D 84 -58.50 -53.96 -27.13
N SER D 85 -59.53 -53.56 -27.88
CA SER D 85 -60.69 -54.40 -28.15
C SER D 85 -61.32 -54.87 -26.85
N LEU D 86 -61.84 -53.90 -26.10
CA LEU D 86 -62.43 -54.14 -24.79
C LEU D 86 -63.52 -55.19 -24.84
N LYS D 87 -63.47 -56.15 -23.91
CA LYS D 87 -64.27 -57.36 -23.96
C LYS D 87 -65.20 -57.44 -22.74
N ALA D 88 -66.15 -58.37 -22.80
CA ALA D 88 -67.18 -58.46 -21.76
C ALA D 88 -66.64 -58.94 -20.43
N GLU D 89 -65.64 -59.82 -20.41
CA GLU D 89 -65.16 -60.42 -19.17
C GLU D 89 -63.85 -59.82 -18.67
N ASP D 90 -63.57 -58.57 -19.00
CA ASP D 90 -62.35 -57.92 -18.54
C ASP D 90 -62.42 -57.47 -17.09
N THR D 91 -63.55 -57.67 -16.42
CA THR D 91 -63.70 -57.26 -15.03
C THR D 91 -62.64 -57.91 -14.15
N ALA D 92 -61.71 -57.11 -13.64
CA ALA D 92 -60.59 -57.65 -12.90
C ALA D 92 -59.91 -56.53 -12.13
N VAL D 93 -59.00 -56.94 -11.23
CA VAL D 93 -58.22 -55.99 -10.44
C VAL D 93 -56.80 -56.03 -11.02
N TYR D 94 -56.32 -54.87 -11.45
CA TYR D 94 -55.04 -54.76 -12.15
C TYR D 94 -53.97 -54.25 -11.18
N TYR D 95 -52.83 -54.95 -11.10
CA TYR D 95 -51.72 -54.55 -10.24
C TYR D 95 -50.50 -54.16 -11.06
N CYS D 96 -49.99 -52.97 -10.79
CA CYS D 96 -48.64 -52.61 -11.16
C CYS D 96 -47.66 -53.11 -10.10
N ALA D 97 -46.62 -53.80 -10.54
CA ALA D 97 -45.66 -54.43 -9.63
C ALA D 97 -44.24 -54.09 -10.05
N ARG D 98 -43.46 -53.62 -9.08
CA ARG D 98 -42.09 -53.22 -9.32
C ARG D 98 -41.15 -54.40 -9.07
N PRO D 99 -40.37 -54.81 -10.07
CA PRO D 99 -39.51 -55.99 -9.89
C PRO D 99 -38.39 -55.73 -8.90
N GLN D 100 -37.57 -56.78 -8.75
CA GLN D 100 -36.54 -56.79 -7.72
C GLN D 100 -35.36 -55.88 -8.07
N GLY D 101 -35.00 -55.83 -9.35
CA GLY D 101 -33.89 -55.01 -9.83
C GLY D 101 -33.83 -55.01 -11.34
N GLY D 102 -32.68 -54.69 -11.92
CA GLY D 102 -32.59 -54.87 -13.36
C GLY D 102 -33.42 -53.94 -14.23
N SER D 103 -32.98 -52.70 -14.41
CA SER D 103 -33.56 -51.85 -15.45
C SER D 103 -32.49 -51.52 -16.47
N SER D 104 -32.37 -52.38 -17.48
CA SER D 104 -31.46 -52.15 -18.59
C SER D 104 -32.15 -52.54 -19.89
N TRP D 105 -31.37 -52.77 -20.92
CA TRP D 105 -31.92 -52.75 -22.27
C TRP D 105 -31.60 -54.00 -23.07
N TYR D 106 -32.66 -54.74 -23.40
CA TYR D 106 -32.66 -55.82 -24.38
C TYR D 106 -31.85 -57.03 -23.91
N ARG D 107 -32.16 -57.52 -22.70
CA ARG D 107 -31.56 -58.77 -22.25
C ARG D 107 -32.55 -59.70 -21.56
N ASP D 108 -33.69 -59.18 -21.11
CA ASP D 108 -34.81 -59.99 -20.61
C ASP D 108 -34.38 -60.79 -19.38
N TYR D 109 -34.27 -60.11 -18.23
CA TYR D 109 -33.95 -60.68 -16.92
C TYR D 109 -34.94 -61.78 -16.55
N TYR D 110 -34.54 -62.57 -15.56
CA TYR D 110 -35.48 -63.33 -14.76
C TYR D 110 -35.67 -62.66 -13.39
N TYR D 111 -36.27 -61.45 -13.44
CA TYR D 111 -36.50 -60.61 -12.24
C TYR D 111 -37.96 -60.18 -12.22
N GLY D 112 -38.82 -60.97 -11.59
CA GLY D 112 -40.24 -60.75 -11.75
C GLY D 112 -40.89 -59.62 -10.97
N MET D 113 -41.02 -59.77 -9.66
CA MET D 113 -41.81 -58.85 -8.84
C MET D 113 -41.21 -58.67 -7.46
N ASP D 114 -41.17 -57.42 -7.00
CA ASP D 114 -40.67 -57.08 -5.67
C ASP D 114 -41.76 -56.48 -4.79
N VAL D 115 -42.40 -55.40 -5.25
CA VAL D 115 -43.42 -54.72 -4.48
C VAL D 115 -44.64 -54.44 -5.34
N TRP D 116 -45.74 -54.06 -4.70
CA TRP D 116 -47.05 -53.92 -5.32
C TRP D 116 -47.77 -52.65 -4.87
N GLY D 117 -48.92 -52.40 -5.48
CA GLY D 117 -49.79 -51.30 -5.09
C GLY D 117 -51.19 -51.78 -4.78
N GLN D 118 -52.15 -50.86 -4.75
CA GLN D 118 -53.51 -51.20 -4.34
C GLN D 118 -54.27 -51.95 -5.43
N GLY D 119 -54.11 -51.57 -6.68
CA GLY D 119 -54.76 -52.27 -7.77
C GLY D 119 -56.02 -51.60 -8.25
N THR D 120 -56.09 -51.27 -9.54
CA THR D 120 -57.26 -50.57 -10.09
C THR D 120 -58.34 -51.59 -10.42
N THR D 121 -59.58 -51.30 -10.04
CA THR D 121 -60.70 -52.21 -10.22
C THR D 121 -61.45 -51.84 -11.48
N VAL D 122 -61.42 -52.70 -12.49
CA VAL D 122 -62.15 -52.43 -13.73
C VAL D 122 -63.42 -53.27 -13.74
N THR D 123 -64.49 -52.69 -14.29
CA THR D 123 -65.83 -53.28 -14.27
C THR D 123 -66.40 -53.27 -15.69
N VAL D 124 -66.74 -54.46 -16.18
CA VAL D 124 -67.36 -54.60 -17.49
C VAL D 124 -68.25 -55.84 -17.52
N ILE E 2 -45.93 -73.18 -19.01
CA ILE E 2 -45.66 -73.94 -17.80
C ILE E 2 -46.81 -73.77 -16.80
N GLN E 3 -46.87 -74.65 -15.82
CA GLN E 3 -48.04 -74.78 -14.95
C GLN E 3 -47.55 -75.17 -13.56
N MET E 4 -48.19 -74.62 -12.52
CA MET E 4 -47.78 -74.85 -11.14
C MET E 4 -48.85 -75.59 -10.34
N THR E 5 -48.45 -76.71 -9.75
CA THR E 5 -49.35 -77.60 -9.02
C THR E 5 -48.91 -77.62 -7.55
N GLN E 6 -49.71 -77.02 -6.69
CA GLN E 6 -49.45 -77.05 -5.25
C GLN E 6 -50.38 -78.06 -4.59
N SER E 7 -49.80 -78.99 -3.83
CA SER E 7 -50.62 -80.04 -3.23
C SER E 7 -51.65 -79.48 -2.24
N PRO E 8 -51.31 -78.54 -1.35
CA PRO E 8 -52.36 -77.99 -0.48
C PRO E 8 -53.25 -77.03 -1.25
N SER E 9 -54.54 -77.04 -0.91
CA SER E 9 -55.48 -76.12 -1.53
C SER E 9 -56.16 -75.29 -0.46
N THR E 10 -56.52 -75.92 0.66
CA THR E 10 -57.15 -75.25 1.78
C THR E 10 -56.91 -76.07 3.02
N LEU E 11 -56.39 -75.43 4.07
CA LEU E 11 -56.07 -76.15 5.29
C LEU E 11 -56.08 -75.18 6.46
N SER E 12 -56.52 -75.66 7.61
CA SER E 12 -56.61 -74.87 8.83
C SER E 12 -56.14 -75.70 10.01
N ALA E 13 -55.64 -75.01 11.04
CA ALA E 13 -55.12 -75.66 12.23
C ALA E 13 -55.06 -74.62 13.35
N SER E 14 -54.44 -74.99 14.47
CA SER E 14 -54.34 -74.13 15.62
C SER E 14 -53.17 -73.15 15.49
N VAL E 15 -53.21 -72.10 16.30
CA VAL E 15 -52.09 -71.18 16.39
C VAL E 15 -50.92 -71.88 17.07
N GLY E 16 -49.70 -71.60 16.59
CA GLY E 16 -48.52 -72.27 17.09
C GLY E 16 -48.23 -73.60 16.45
N ASP E 17 -48.66 -73.81 15.21
CA ASP E 17 -48.50 -75.09 14.53
C ASP E 17 -47.58 -74.90 13.32
N ARG E 18 -46.99 -76.01 12.86
CA ARG E 18 -46.12 -76.05 11.70
C ARG E 18 -46.92 -76.51 10.49
N VAL E 19 -47.00 -75.68 9.47
CA VAL E 19 -47.72 -76.06 8.26
C VAL E 19 -46.72 -76.26 7.12
N THR E 20 -47.02 -77.22 6.25
CA THR E 20 -46.16 -77.59 5.15
C THR E 20 -46.94 -77.50 3.85
N ILE E 21 -46.35 -76.83 2.86
CA ILE E 21 -46.95 -76.66 1.54
C ILE E 21 -45.92 -77.02 0.49
N THR E 22 -46.30 -77.86 -0.46
CA THR E 22 -45.40 -78.21 -1.54
C THR E 22 -45.98 -77.77 -2.88
N CYS E 23 -45.10 -77.26 -3.73
CA CYS E 23 -45.44 -76.79 -5.07
C CYS E 23 -44.46 -77.39 -6.06
N ARG E 24 -44.99 -77.93 -7.15
CA ARG E 24 -44.22 -78.48 -8.25
C ARG E 24 -44.61 -77.75 -9.54
N ALA E 25 -43.85 -78.01 -10.60
CA ALA E 25 -44.13 -77.45 -11.91
C ALA E 25 -44.18 -78.58 -12.93
N SER E 26 -44.46 -78.22 -14.19
CA SER E 26 -44.61 -79.20 -15.25
C SER E 26 -43.29 -79.81 -15.72
N GLN E 27 -42.15 -79.19 -15.40
CA GLN E 27 -40.86 -79.78 -15.71
C GLN E 27 -39.83 -79.15 -14.77
N SER E 28 -38.56 -79.46 -15.03
CA SER E 28 -37.50 -79.07 -14.11
C SER E 28 -37.35 -77.55 -14.07
N ILE E 29 -37.83 -76.95 -12.97
CA ILE E 29 -37.84 -75.49 -12.85
C ILE E 29 -36.49 -74.95 -12.40
N SER E 30 -35.67 -75.77 -11.75
CA SER E 30 -34.27 -75.45 -11.44
C SER E 30 -34.16 -74.23 -10.53
N SER E 31 -34.72 -74.35 -9.33
CA SER E 31 -34.57 -73.40 -8.24
C SER E 31 -34.96 -71.98 -8.62
N TRP E 32 -35.68 -71.81 -9.74
CA TRP E 32 -36.16 -70.50 -10.17
C TRP E 32 -37.60 -70.37 -9.72
N LEU E 33 -37.80 -69.94 -8.48
CA LEU E 33 -39.13 -70.02 -7.88
C LEU E 33 -39.27 -68.96 -6.80
N ALA E 34 -40.51 -68.55 -6.56
CA ALA E 34 -40.83 -67.57 -5.54
C ALA E 34 -42.09 -67.99 -4.82
N TRP E 35 -42.16 -67.63 -3.54
CA TRP E 35 -43.30 -67.93 -2.68
C TRP E 35 -43.92 -66.64 -2.14
N TYR E 36 -45.22 -66.50 -2.42
CA TYR E 36 -46.05 -65.34 -2.15
C TYR E 36 -47.15 -65.71 -1.18
N GLN E 37 -47.65 -64.72 -0.45
CA GLN E 37 -48.89 -64.85 0.30
C GLN E 37 -49.67 -63.55 0.18
N GLN E 38 -50.98 -63.68 0.04
CA GLN E 38 -51.88 -62.55 -0.14
C GLN E 38 -52.94 -62.64 0.94
N LYS E 39 -52.99 -61.62 1.80
CA LYS E 39 -54.09 -61.46 2.74
C LYS E 39 -55.26 -60.80 2.03
N PRO E 40 -56.49 -61.08 2.49
CA PRO E 40 -57.67 -60.58 1.78
C PRO E 40 -57.68 -59.06 1.69
N GLY E 41 -58.14 -58.57 0.54
CA GLY E 41 -58.26 -57.13 0.32
C GLY E 41 -56.94 -56.39 0.25
N LYS E 42 -55.92 -57.01 -0.33
CA LYS E 42 -54.65 -56.33 -0.55
C LYS E 42 -53.84 -57.14 -1.55
N ALA E 43 -53.01 -56.44 -2.32
CA ALA E 43 -52.19 -57.11 -3.32
C ALA E 43 -51.17 -58.02 -2.64
N PRO E 44 -50.77 -59.12 -3.29
CA PRO E 44 -49.88 -60.10 -2.65
C PRO E 44 -48.54 -59.49 -2.26
N LYS E 45 -47.77 -60.27 -1.49
CA LYS E 45 -46.48 -59.83 -0.97
C LYS E 45 -45.46 -60.97 -1.02
N LEU E 46 -44.19 -60.58 -0.93
CA LEU E 46 -43.09 -61.53 -1.02
C LEU E 46 -42.87 -62.25 0.31
N LEU E 47 -42.50 -63.52 0.26
CA LEU E 47 -41.87 -64.17 1.40
C LEU E 47 -40.58 -64.88 1.03
N ILE E 48 -40.54 -65.56 -0.12
CA ILE E 48 -39.32 -66.23 -0.53
C ILE E 48 -38.98 -65.89 -1.97
N TYR E 49 -37.73 -65.49 -2.22
CA TYR E 49 -37.17 -65.47 -3.55
C TYR E 49 -36.14 -66.58 -3.63
N LYS E 50 -35.78 -66.96 -4.86
CA LYS E 50 -34.77 -68.00 -5.11
C LYS E 50 -35.17 -69.33 -4.48
N ALA E 51 -36.40 -69.42 -3.97
CA ALA E 51 -36.95 -70.63 -3.38
C ALA E 51 -36.27 -71.00 -2.08
N SER E 52 -35.27 -70.23 -1.67
CA SER E 52 -34.47 -70.57 -0.48
C SER E 52 -34.11 -69.41 0.41
N SER E 53 -34.35 -68.16 -0.01
CA SER E 53 -33.96 -67.01 0.79
C SER E 53 -35.19 -66.20 1.21
N LEU E 54 -35.17 -65.75 2.46
CA LEU E 54 -36.25 -64.96 3.01
C LEU E 54 -36.11 -63.48 2.62
N GLU E 55 -37.22 -62.77 2.70
CA GLU E 55 -37.35 -61.40 2.23
C GLU E 55 -36.96 -60.41 3.32
N SER E 56 -37.01 -59.12 2.96
CA SER E 56 -36.70 -58.07 3.91
C SER E 56 -37.86 -57.84 4.87
N GLY E 57 -37.69 -58.23 6.13
CA GLY E 57 -38.70 -58.01 7.14
C GLY E 57 -39.75 -59.10 7.28
N VAL E 58 -39.62 -60.19 6.55
CA VAL E 58 -40.56 -61.30 6.70
C VAL E 58 -40.14 -62.12 7.92
N PRO E 59 -41.08 -62.63 8.72
CA PRO E 59 -40.70 -63.47 9.86
C PRO E 59 -39.99 -64.73 9.42
N SER E 60 -39.14 -65.23 10.33
CA SER E 60 -38.23 -66.33 10.02
C SER E 60 -38.93 -67.68 9.99
N ARG E 61 -40.17 -67.76 10.47
CA ARG E 61 -40.87 -69.04 10.56
C ARG E 61 -41.24 -69.62 9.20
N PHE E 62 -41.11 -68.85 8.12
CA PHE E 62 -41.40 -69.33 6.78
C PHE E 62 -40.10 -69.75 6.11
N SER E 63 -39.90 -71.05 5.96
CA SER E 63 -38.67 -71.61 5.42
C SER E 63 -38.98 -72.38 4.14
N GLY E 64 -38.17 -72.14 3.10
CA GLY E 64 -38.35 -72.79 1.82
C GLY E 64 -37.22 -73.75 1.51
N SER E 65 -37.58 -74.98 1.17
CA SER E 65 -36.63 -76.04 0.88
C SER E 65 -37.05 -76.74 -0.41
N GLY E 66 -36.22 -77.67 -0.86
CA GLY E 66 -36.48 -78.42 -2.07
C GLY E 66 -35.43 -78.14 -3.13
N SER E 67 -35.71 -78.64 -4.33
CA SER E 67 -34.82 -78.46 -5.48
C SER E 67 -35.51 -79.02 -6.72
N GLY E 68 -34.78 -78.97 -7.84
CA GLY E 68 -35.26 -79.55 -9.07
C GLY E 68 -36.58 -78.95 -9.53
N THR E 69 -37.64 -79.74 -9.42
CA THR E 69 -39.00 -79.30 -9.72
C THR E 69 -39.81 -79.00 -8.47
N GLU E 70 -39.50 -79.65 -7.35
CA GLU E 70 -40.37 -79.63 -6.18
C GLU E 70 -39.78 -78.72 -5.10
N PHE E 71 -40.64 -77.87 -4.53
CA PHE E 71 -40.23 -76.97 -3.46
C PHE E 71 -41.31 -76.98 -2.40
N THR E 72 -40.95 -76.50 -1.20
CA THR E 72 -41.83 -76.61 -0.04
C THR E 72 -41.59 -75.45 0.93
N LEU E 73 -42.67 -74.76 1.28
CA LEU E 73 -42.67 -73.74 2.32
C LEU E 73 -43.20 -74.35 3.61
N THR E 74 -42.63 -73.90 4.73
CA THR E 74 -43.04 -74.37 6.04
C THR E 74 -43.18 -73.19 7.00
N ILE E 75 -44.22 -73.22 7.81
CA ILE E 75 -44.48 -72.22 8.84
C ILE E 75 -44.25 -72.89 10.19
N SER E 76 -43.26 -72.41 10.94
CA SER E 76 -42.92 -73.02 12.23
C SER E 76 -44.00 -72.76 13.26
N SER E 77 -44.45 -71.51 13.38
CA SER E 77 -45.48 -71.11 14.34
C SER E 77 -46.59 -70.42 13.55
N LEU E 78 -47.64 -71.17 13.24
CA LEU E 78 -48.79 -70.60 12.55
C LEU E 78 -49.37 -69.44 13.34
N GLN E 79 -49.59 -68.35 12.67
CA GLN E 79 -50.14 -67.13 13.21
C GLN E 79 -51.49 -66.84 12.57
N PRO E 80 -52.51 -66.47 13.35
CA PRO E 80 -53.82 -66.19 12.75
C PRO E 80 -53.81 -65.08 11.73
N ASP E 81 -52.86 -64.15 11.78
CA ASP E 81 -52.77 -63.15 10.72
C ASP E 81 -52.35 -63.78 9.40
N ASP E 82 -51.59 -64.87 9.45
CA ASP E 82 -51.17 -65.54 8.23
C ASP E 82 -52.32 -66.24 7.51
N PHE E 83 -53.52 -66.30 8.11
CA PHE E 83 -54.71 -66.71 7.39
C PHE E 83 -54.80 -65.95 6.08
N ALA E 84 -54.61 -66.65 4.96
CA ALA E 84 -54.37 -65.98 3.68
C ALA E 84 -54.23 -67.04 2.60
N THR E 85 -54.09 -66.58 1.36
CA THR E 85 -53.79 -67.47 0.24
C THR E 85 -52.29 -67.41 -0.05
N TYR E 86 -51.76 -68.49 -0.59
CA TYR E 86 -50.33 -68.63 -0.82
C TYR E 86 -50.08 -69.19 -2.21
N TYR E 87 -49.11 -68.60 -2.91
CA TYR E 87 -48.90 -68.82 -4.34
C TYR E 87 -47.44 -69.12 -4.61
N CYS E 88 -47.20 -70.20 -5.37
CA CYS E 88 -45.86 -70.58 -5.80
C CYS E 88 -45.71 -70.28 -7.29
N GLN E 89 -44.78 -69.38 -7.63
CA GLN E 89 -44.57 -69.03 -9.03
C GLN E 89 -43.14 -69.32 -9.46
N GLN E 90 -42.93 -69.33 -10.76
CA GLN E 90 -41.70 -69.81 -11.36
C GLN E 90 -40.95 -68.67 -12.05
N TYR E 91 -39.64 -68.85 -12.20
CA TYR E 91 -38.79 -67.85 -12.81
C TYR E 91 -38.09 -68.34 -14.07
N ASN E 92 -37.82 -69.64 -14.19
CA ASN E 92 -37.08 -70.16 -15.33
C ASN E 92 -37.80 -69.88 -16.64
N SER E 93 -38.99 -70.45 -16.80
CA SER E 93 -39.75 -70.24 -18.03
C SER E 93 -40.14 -68.77 -18.13
N TYR E 94 -40.28 -68.30 -19.37
CA TYR E 94 -40.54 -66.88 -19.56
C TYR E 94 -41.87 -66.43 -18.94
N PRO E 95 -43.03 -67.07 -19.21
CA PRO E 95 -44.26 -66.63 -18.53
C PRO E 95 -44.22 -66.92 -17.03
N TYR E 96 -44.21 -65.87 -16.20
CA TYR E 96 -44.29 -66.05 -14.75
C TYR E 96 -45.76 -66.27 -14.37
N THR E 97 -46.12 -67.53 -14.26
CA THR E 97 -47.48 -67.94 -13.97
C THR E 97 -47.65 -68.27 -12.50
N PHE E 98 -48.89 -68.15 -12.04
CA PHE E 98 -49.27 -68.44 -10.68
C PHE E 98 -49.95 -69.80 -10.64
N GLY E 99 -50.53 -70.16 -9.49
CA GLY E 99 -51.19 -71.44 -9.39
C GLY E 99 -52.53 -71.39 -8.69
N GLN E 100 -53.08 -72.55 -8.39
CA GLN E 100 -54.35 -72.66 -7.67
C GLN E 100 -54.21 -72.25 -6.21
N GLY E 101 -53.00 -72.18 -5.69
CA GLY E 101 -52.74 -71.59 -4.39
C GLY E 101 -53.19 -72.47 -3.24
N THR E 102 -52.95 -71.96 -2.03
CA THR E 102 -53.36 -72.61 -0.80
C THR E 102 -54.07 -71.60 0.08
N LYS E 103 -55.02 -72.06 0.88
CA LYS E 103 -55.72 -71.22 1.85
C LYS E 103 -55.35 -71.70 3.25
N LEU E 104 -55.00 -70.78 4.13
CA LEU E 104 -54.68 -71.11 5.51
C LEU E 104 -55.58 -70.29 6.43
N GLU E 105 -56.32 -70.98 7.30
CA GLU E 105 -57.22 -70.39 8.28
C GLU E 105 -56.82 -70.87 9.67
N ILE E 106 -57.64 -70.51 10.66
CA ILE E 106 -57.33 -70.80 12.05
C ILE E 106 -58.09 -72.03 12.54
C1 NAG F . 41.21 27.52 40.97
C2 NAG F . 41.73 27.95 42.34
C3 NAG F . 42.12 26.71 43.17
C4 NAG F . 40.97 25.72 43.22
C5 NAG F . 40.50 25.39 41.82
C6 NAG F . 39.27 24.50 41.79
C7 NAG F . 43.20 29.75 43.13
C8 NAG F . 44.40 30.58 42.82
N2 NAG F . 42.86 28.84 42.20
O3 NAG F . 42.48 27.11 44.48
O4 NAG F . 41.40 24.51 43.86
O5 NAG F . 40.14 26.59 41.13
O6 NAG F . 39.54 23.23 42.35
O7 NAG F . 42.57 29.88 44.18
C1 NAG F . 40.73 24.44 45.13
C2 NAG F . 40.83 23.00 45.63
C3 NAG F . 40.20 22.89 47.01
C4 NAG F . 40.79 23.92 47.96
C5 NAG F . 40.72 25.32 47.34
C6 NAG F . 41.43 26.36 48.17
C7 NAG F . 40.74 20.90 44.38
C8 NAG F . 39.94 20.07 43.41
N2 NAG F . 40.20 22.08 44.71
O3 NAG F . 40.40 21.58 47.52
O4 NAG F . 40.08 23.91 49.19
O5 NAG F . 41.35 25.31 46.05
O6 NAG F . 42.53 26.91 47.46
O7 NAG F . 41.80 20.51 44.85
C1 NAG G . 42.37 50.52 -0.32
C2 NAG G . 43.03 51.82 -0.79
C3 NAG G . 42.24 53.02 -0.30
C4 NAG G . 40.77 52.90 -0.68
C5 NAG G . 40.21 51.55 -0.24
C6 NAG G . 38.81 51.30 -0.74
C7 NAG G . 44.82 51.96 0.91
C8 NAG G . 46.30 52.03 1.12
N2 NAG G . 44.42 51.90 -0.37
O3 NAG G . 42.79 54.20 -0.86
O4 NAG G . 40.02 53.91 -0.03
O5 NAG G . 41.03 50.48 -0.76
O6 NAG G . 38.55 52.00 -1.96
O7 NAG G . 44.03 51.97 1.84
C1 NAG G . 39.54 54.88 -0.99
C2 NAG G . 38.45 55.70 -0.32
C3 NAG G . 37.93 56.77 -1.29
C4 NAG G . 39.09 57.61 -1.81
C5 NAG G . 40.19 56.72 -2.39
C6 NAG G . 41.42 57.49 -2.78
C7 NAG G . 37.01 54.72 1.41
C8 NAG G . 35.87 53.81 1.69
N2 NAG G . 37.35 54.84 0.12
O3 NAG G . 36.99 57.59 -0.61
O4 NAG G . 38.61 58.49 -2.82
O5 NAG G . 40.59 55.75 -1.42
O6 NAG G . 42.50 57.22 -1.90
O7 NAG G . 37.60 55.34 2.30
C1 NAG H . 61.89 49.23 -3.42
C2 NAG H . 62.50 50.12 -4.50
C3 NAG H . 63.64 50.95 -3.92
C4 NAG H . 63.18 51.69 -2.66
C5 NAG H . 62.44 50.76 -1.70
C6 NAG H . 61.78 51.51 -0.56
C7 NAG H . 63.16 49.83 -6.85
C8 NAG H . 63.67 48.89 -7.90
N2 NAG H . 62.99 49.32 -5.63
O3 NAG H . 64.08 51.86 -4.91
O4 NAG H . 64.31 52.20 -1.96
O5 NAG H . 61.40 50.04 -2.38
O6 NAG H . 62.75 52.10 0.30
O7 NAG H . 62.91 51.01 -7.11
C1 NAG H . 64.73 53.48 -2.49
C2 NAG H . 64.24 54.61 -1.57
C3 NAG H . 65.40 55.32 -0.90
C4 NAG H . 66.36 54.29 -0.33
C5 NAG H . 67.03 53.55 -1.47
C6 NAG H . 67.31 52.10 -1.15
C7 NAG H . 62.51 56.35 -1.74
C8 NAG H . 61.77 57.27 -2.66
N2 NAG H . 63.43 55.56 -2.31
O3 NAG H . 64.92 56.17 0.12
O4 NAG H . 67.36 54.94 0.46
O5 NAG H . 66.22 53.57 -2.65
O6 NAG H . 68.33 51.97 -0.17
O7 NAG H . 62.29 56.31 -0.54
C1 NAG I . 73.96 11.61 21.13
C2 NAG I . 75.23 10.77 20.96
C3 NAG I . 76.46 11.65 21.14
C4 NAG I . 76.38 12.86 20.22
C5 NAG I . 75.05 13.58 20.36
C6 NAG I . 74.85 14.68 19.33
C7 NAG I . 74.83 8.44 21.60
C8 NAG I . 74.95 7.41 22.69
N2 NAG I . 75.26 9.66 21.90
O3 NAG I . 77.62 10.89 20.84
O4 NAG I . 77.42 13.77 20.57
O5 NAG I . 73.96 12.65 20.18
O6 NAG I . 75.55 14.38 18.13
O7 NAG I . 74.39 8.16 20.49
C1 NAG I . 78.43 13.78 19.54
C2 NAG I . 79.50 14.81 19.93
C3 NAG I . 80.60 14.83 18.89
C4 NAG I . 81.16 13.44 18.67
C5 NAG I . 80.03 12.44 18.36
C6 NAG I . 80.52 11.01 18.30
C7 NAG I . 78.39 16.55 21.26
C8 NAG I . 77.85 17.94 21.27
N2 NAG I . 78.93 16.12 20.11
O3 NAG I . 81.63 15.71 19.32
O4 NAG I . 82.09 13.44 17.59
O5 NAG I . 79.04 12.49 19.39
O6 NAG I . 80.38 10.38 19.56
O7 NAG I . 78.37 15.82 22.26
C1 NAG J . 62.84 8.04 3.61
C2 NAG J . 64.36 8.00 3.49
C3 NAG J . 64.77 8.00 2.02
C4 NAG J . 64.02 6.94 1.23
C5 NAG J . 62.53 7.01 1.51
C6 NAG J . 61.75 5.86 0.90
C7 NAG J . 66.02 9.00 5.01
C8 NAG J . 66.51 10.27 5.63
N2 NAG J . 64.98 9.12 4.18
O3 NAG J . 66.17 7.78 1.92
O4 NAG J . 64.20 7.21 -0.16
O5 NAG J . 62.28 6.95 2.92
O6 NAG J . 61.52 6.08 -0.49
O7 NAG J . 66.53 7.91 5.25
C1 NAG J . 64.76 6.10 -0.90
C2 NAG J . 65.64 6.71 -1.98
C3 NAG J . 66.27 5.61 -2.82
C4 NAG J . 67.00 4.61 -1.93
C5 NAG J . 66.06 4.10 -0.84
C6 NAG J . 66.76 3.20 0.16
C7 NAG J . 65.33 8.78 -3.26
C8 NAG J . 64.39 9.58 -4.11
N2 NAG J . 64.86 7.61 -2.82
O3 NAG J . 67.19 6.20 -3.75
O4 NAG J . 67.44 3.50 -2.71
O5 NAG J . 65.54 5.22 -0.08
O6 NAG J . 67.87 2.54 -0.44
O7 NAG J . 66.46 9.17 -3.00
C1 NAG K . -21.11 -49.78 -28.80
C2 NAG K . -21.11 -51.31 -28.76
C3 NAG K . -22.51 -51.86 -28.49
C4 NAG K . -23.09 -51.20 -27.25
C5 NAG K . -23.03 -49.68 -27.38
C6 NAG K . -23.50 -48.95 -26.15
C7 NAG K . -19.40 -52.50 -30.06
C8 NAG K . -19.01 -53.01 -31.42
N2 NAG K . -20.57 -51.87 -29.99
O3 NAG K . -22.42 -53.26 -28.32
O4 NAG K . -24.43 -51.63 -27.01
O5 NAG K . -21.68 -49.27 -27.60
O6 NAG K . -22.72 -47.79 -25.92
O7 NAG K . -18.69 -52.67 -29.08
C1 NAG K . -25.16 -51.94 -28.21
C2 NAG K . -26.08 -53.11 -27.89
C3 NAG K . -26.88 -53.50 -29.13
C4 NAG K . -27.62 -52.29 -29.68
C5 NAG K . -26.68 -51.10 -29.85
C6 NAG K . -27.38 -49.81 -30.19
C7 NAG K . -25.12 -54.45 -26.07
C8 NAG K . -24.33 -55.67 -25.71
N2 NAG K . -25.34 -54.25 -27.37
O3 NAG K . -27.81 -54.53 -28.78
O4 NAG K . -28.16 -52.63 -30.95
O5 NAG K . -25.94 -50.84 -28.64
O6 NAG K . -27.02 -48.78 -29.29
O7 NAG K . -25.54 -53.67 -25.22
C1 BMA K . -29.60 -52.47 -31.08
C2 BMA K . -30.32 -53.79 -30.72
C3 BMA K . -31.80 -53.62 -31.02
C4 BMA K . -32.37 -52.34 -30.39
C5 BMA K . -31.48 -51.12 -30.67
C6 BMA K . -31.93 -49.87 -29.96
O2 BMA K . -30.22 -54.06 -29.33
O3 BMA K . -32.54 -54.74 -30.55
O4 BMA K . -33.66 -52.08 -30.93
O5 BMA K . -30.13 -51.43 -30.26
O6 BMA K . -33.24 -49.56 -30.45
C1 NAG L . -14.57 34.30 21.68
C2 NAG L . -13.48 35.36 21.71
C3 NAG L . -14.01 36.63 22.36
C4 NAG L . -15.25 37.11 21.62
C5 NAG L . -16.29 35.99 21.50
C6 NAG L . -17.45 36.35 20.61
C7 NAG L . -11.20 34.45 21.73
C8 NAG L . -10.06 34.00 22.58
N2 NAG L . -12.29 34.88 22.40
O3 NAG L . -13.00 37.64 22.35
O4 NAG L . -15.83 38.21 22.30
O5 NAG L . -15.70 34.79 20.94
O6 NAG L . -17.04 37.21 19.56
O7 NAG L . -11.15 34.44 20.51
C1 NAG M . -0.38 38.39 37.19
C2 NAG M . -1.22 38.67 38.43
C3 NAG M . -2.20 39.82 38.16
C4 NAG M . -1.46 41.04 37.63
C5 NAG M . -0.64 40.65 36.41
C6 NAG M . 0.22 41.78 35.88
C7 NAG M . -1.38 36.52 39.60
C8 NAG M . -2.27 35.37 39.95
N2 NAG M . -1.94 37.49 38.87
O3 NAG M . -2.86 40.16 39.38
O4 NAG M . -2.39 42.05 37.28
O5 NAG M . 0.26 39.58 36.75
O6 NAG M . -0.50 43.00 35.82
O7 NAG M . -0.21 36.56 39.96
C1 NAG N . 36.53 55.33 25.16
C2 NAG N . 36.86 56.44 24.15
C3 NAG N . 36.74 57.82 24.79
C4 NAG N . 35.40 57.99 25.48
C5 NAG N . 35.20 56.86 26.48
C6 NAG N . 33.85 56.90 27.16
C7 NAG N . 38.52 55.20 22.82
C8 NAG N . 39.94 55.17 22.35
N2 NAG N . 38.18 56.24 23.58
O3 NAG N . 36.89 58.82 23.78
O4 NAG N . 35.36 59.24 26.16
O5 NAG N . 35.28 55.60 25.79
O6 NAG N . 33.43 55.60 27.53
O7 NAG N . 37.71 54.33 22.51
C1 NAG O . 40.78 4.79 40.14
C2 NAG O . 41.71 4.29 41.26
C3 NAG O . 41.12 3.06 41.93
C4 NAG O . 39.70 3.34 42.40
C5 NAG O . 38.87 3.83 41.23
C6 NAG O . 37.47 4.23 41.63
C7 NAG O . 44.10 4.79 40.95
C8 NAG O . 45.38 4.33 40.35
N2 NAG O . 43.04 4.00 40.74
O3 NAG O . 41.94 2.69 43.04
O4 NAG O . 39.11 2.16 42.94
O5 NAG O . 39.47 5.00 40.67
O6 NAG O . 37.13 5.52 41.13
O7 NAG O . 44.01 5.83 41.58
C1 NAG P . 33.67 44.72 35.73
C2 NAG P . 32.95 43.73 36.66
C3 NAG P . 31.45 43.99 36.66
C4 NAG P . 31.18 45.45 37.03
C5 NAG P . 31.92 46.38 36.08
C6 NAG P . 31.78 47.83 36.47
C7 NAG P . 33.14 41.33 37.14
C8 NAG P . 33.45 39.98 36.58
N2 NAG P . 33.22 42.36 36.28
O3 NAG P . 30.81 43.13 37.59
O4 NAG P . 29.78 45.72 36.97
O5 NAG P . 33.33 46.08 36.10
O6 NAG P . 32.77 48.21 37.41
O7 NAG P . 32.83 41.50 38.31
C1 NAG Q . 48.99 45.85 40.40
C2 NAG Q . 48.96 46.58 41.74
C3 NAG Q . 50.38 46.75 42.27
C4 NAG Q . 51.08 45.41 42.34
C5 NAG Q . 51.01 44.69 40.99
C6 NAG Q . 51.54 43.27 41.05
C7 NAG Q . 47.28 48.22 42.44
C8 NAG Q . 46.71 49.58 42.20
N2 NAG Q . 48.29 47.86 41.63
O3 NAG Q . 50.34 47.34 43.55
O4 NAG Q . 52.46 45.60 42.68
O5 NAG Q . 49.65 44.60 40.55
O6 NAG Q . 52.81 43.16 40.42
O7 NAG Q . 46.86 47.48 43.33
C1 NAG R . 51.81 59.84 25.80
C2 NAG R . 50.67 60.74 26.28
C3 NAG R . 50.54 61.96 25.39
C4 NAG R . 51.87 62.71 25.30
C5 NAG R . 52.96 61.76 24.83
C6 NAG R . 54.33 62.39 24.83
C7 NAG R . 49.13 59.05 27.19
C8 NAG R . 47.77 58.43 27.06
N2 NAG R . 49.41 60.02 26.31
O3 NAG R . 49.54 62.84 25.89
O4 NAG R . 51.77 63.80 24.39
O5 NAG R . 53.02 60.63 25.70
O6 NAG R . 55.09 61.97 25.96
O7 NAG R . 49.92 58.70 28.06
C1 NAG S . -34.09 -29.91 44.96
C2 NAG S . -35.15 -30.82 45.60
C3 NAG S . -34.93 -32.27 45.18
C4 NAG S . -34.87 -32.37 43.66
C5 NAG S . -33.81 -31.42 43.11
C6 NAG S . -33.75 -31.39 41.60
C7 NAG S . -35.60 -29.64 47.71
C8 NAG S . -35.50 -29.70 49.21
N2 NAG S . -35.13 -30.70 47.05
O3 NAG S . -36.01 -33.05 45.67
O4 NAG S . -34.54 -33.70 43.28
O5 NAG S . -34.10 -30.09 43.54
O6 NAG S . -34.98 -31.79 41.02
O7 NAG S . -36.09 -28.67 47.14
C1 NAG T . -51.80 -22.60 27.20
C2 NAG T . -51.99 -21.24 26.51
C3 NAG T . -53.47 -20.85 26.51
C4 NAG T . -54.30 -21.97 25.89
C5 NAG T . -54.02 -23.29 26.60
C6 NAG T . -54.73 -24.47 25.97
C7 NAG T . -50.05 -19.76 26.67
C8 NAG T . -49.36 -18.68 27.46
N2 NAG T . -51.20 -20.20 27.16
O3 NAG T . -53.64 -19.65 25.76
O4 NAG T . -55.69 -21.65 26.00
O5 NAG T . -52.61 -23.58 26.56
O6 NAG T . -54.83 -24.30 24.56
O7 NAG T . -49.57 -20.19 25.63
C1 NAG U . -40.71 -6.30 24.54
C2 NAG U . -40.79 -5.85 23.08
C3 NAG U . -40.97 -4.33 23.01
C4 NAG U . -42.15 -3.89 23.87
C5 NAG U . -41.98 -4.41 25.28
C6 NAG U . -43.18 -4.10 26.17
C7 NAG U . -39.39 -7.50 21.91
C8 NAG U . -38.11 -7.73 21.17
N2 NAG U . -39.60 -6.25 22.35
O3 NAG U . -41.17 -3.94 21.66
O4 NAG U . -42.21 -2.46 23.91
O5 NAG U . -41.86 -5.84 25.25
O6 NAG U . -42.88 -3.04 27.06
O7 NAG U . -40.21 -8.39 22.10
C1 NAG V . -1.03 -17.87 39.90
C2 NAG V . -1.02 -19.18 40.68
C3 NAG V . -0.01 -19.12 41.84
C4 NAG V . 1.36 -18.66 41.34
C5 NAG V . 1.23 -17.39 40.51
C6 NAG V . 2.55 -16.98 39.87
C7 NAG V . -3.20 -18.99 41.97
C8 NAG V . -2.78 -17.67 42.55
N2 NAG V . -2.34 -19.61 41.13
O3 NAG V . 0.09 -20.40 42.45
O4 NAG V . 2.21 -18.42 42.45
O5 NAG V . 0.29 -17.57 39.45
O6 NAG V . 2.59 -17.34 38.50
O7 NAG V . -4.28 -19.50 42.25
C1 NAG W . -62.49 21.27 -5.72
C2 NAG W . -61.00 21.20 -5.32
C3 NAG W . -60.85 21.18 -3.80
C4 NAG W . -61.58 22.37 -3.18
C5 NAG W . -63.04 22.36 -3.62
C6 NAG W . -63.82 23.54 -3.11
C7 NAG W . -59.15 20.07 -6.48
C8 NAG W . -58.64 18.77 -7.02
N2 NAG W . -60.36 20.03 -5.90
O3 NAG W . -59.46 21.25 -3.47
O4 NAG W . -61.51 22.30 -1.76
O5 NAG W . -63.11 22.40 -5.05
O6 NAG W . -63.65 23.71 -1.71
O7 NAG W . -58.52 21.11 -6.58
C1 NAG X . -2.51 -15.48 -50.36
C2 NAG X . -1.94 -16.60 -51.24
C3 NAG X . -1.22 -16.01 -52.45
C4 NAG X . -2.13 -15.04 -53.20
C5 NAG X . -2.71 -14.01 -52.25
C6 NAG X . -3.72 -13.10 -52.90
C7 NAG X . 0.11 -17.10 -49.94
C8 NAG X . 0.86 -18.17 -49.21
N2 NAG X . -1.05 -17.48 -50.49
O3 NAG X . -0.79 -17.05 -53.32
O4 NAG X . -1.40 -14.39 -54.23
O5 NAG X . -3.37 -14.65 -51.15
O6 NAG X . -5.03 -13.64 -52.80
O7 NAG X . 0.53 -15.95 -50.03
C1 NAG Y . 17.60 12.53 -37.87
C2 NAG Y . 18.55 11.41 -37.44
C3 NAG Y . 19.82 11.48 -38.28
C4 NAG Y . 19.49 11.46 -39.77
C5 NAG Y . 18.49 12.57 -40.09
C6 NAG Y . 18.02 12.55 -41.52
C7 NAG Y . 18.52 10.59 -35.14
C8 NAG Y . 18.93 10.85 -33.72
N2 NAG Y . 18.87 11.52 -36.03
O3 NAG Y . 20.65 10.37 -37.94
O4 NAG Y . 20.67 11.65 -40.54
O5 NAG Y . 17.33 12.42 -39.27
O6 NAG Y . 19.11 12.51 -42.44
O7 NAG Y . 17.90 9.58 -35.46
C1 NAG Z . 28.34 31.42 -36.89
C2 NAG Z . 28.89 32.47 -37.86
C3 NAG Z . 28.36 32.26 -39.28
C4 NAG Z . 28.59 30.82 -39.72
C5 NAG Z . 28.03 29.86 -38.68
C6 NAG Z . 28.32 28.41 -39.00
C7 NAG Z . 27.56 34.53 -37.18
C8 NAG Z . 26.26 33.81 -37.41
N2 NAG Z . 28.71 33.85 -37.40
O3 NAG Z . 29.03 33.15 -40.16
O4 NAG Z . 27.97 30.59 -40.97
O5 NAG Z . 28.61 30.11 -37.40
O6 NAG Z . 28.89 28.26 -40.29
O7 NAG Z . 27.57 35.70 -36.79
C1 NAG AA . 62.44 29.43 -14.08
C2 NAG AA . 63.79 28.75 -13.77
C3 NAG AA . 64.82 29.09 -14.84
C4 NAG AA . 64.27 28.75 -16.23
C5 NAG AA . 62.95 29.47 -16.44
C6 NAG AA . 62.30 29.14 -17.76
C7 NAG AA . 65.08 28.39 -11.71
C8 NAG AA . 65.50 28.96 -10.40
N2 NAG AA . 64.28 29.15 -12.46
O3 NAG AA . 66.01 28.34 -14.60
O4 NAG AA . 65.20 29.16 -17.23
O5 NAG AA . 62.03 29.09 -15.41
O6 NAG AA . 61.33 30.11 -18.12
O7 NAG AA . 65.45 27.28 -12.09
C1 NAG BA . 24.31 54.40 11.61
C2 NAG BA . 24.71 55.75 12.18
C3 NAG BA . 23.46 56.55 12.55
C4 NAG BA . 22.53 56.66 11.34
C5 NAG BA . 22.24 55.26 10.79
C6 NAG BA . 21.42 55.29 9.52
C7 NAG BA . 26.73 56.25 13.48
C8 NAG BA . 27.49 55.96 14.74
N2 NAG BA . 25.57 55.59 13.34
O3 NAG BA . 23.84 57.84 13.00
O4 NAG BA . 21.31 57.29 11.72
O5 NAG BA . 23.47 54.59 10.47
O6 NAG BA . 20.93 53.99 9.19
O7 NAG BA . 27.14 57.05 12.65
C1 NAG CA . 76.79 34.07 -3.23
C2 NAG CA . 76.66 33.49 -4.63
C3 NAG CA . 77.63 32.32 -4.83
C4 NAG CA . 79.05 32.73 -4.46
C5 NAG CA . 79.07 33.33 -3.06
C6 NAG CA . 80.42 33.87 -2.67
C7 NAG CA . 74.50 33.70 -5.78
C8 NAG CA . 73.12 33.13 -5.93
N2 NAG CA . 75.30 33.07 -4.90
O3 NAG CA . 77.59 31.89 -6.18
O4 NAG CA . 79.90 31.60 -4.49
O5 NAG CA . 78.15 34.44 -2.98
O6 NAG CA . 81.47 32.99 -3.07
O7 NAG CA . 74.87 34.67 -6.41
C1 NAG DA . -16.18 45.13 -7.71
C2 NAG DA . -16.97 45.95 -6.67
C3 NAG DA . -16.41 47.37 -6.55
C4 NAG DA . -14.90 47.35 -6.35
C5 NAG DA . -14.23 46.51 -7.42
C6 NAG DA . -12.74 46.36 -7.24
C7 NAG DA . -18.90 46.56 -8.10
C8 NAG DA . -20.39 46.49 -8.24
N2 NAG DA . -18.38 45.97 -7.00
O3 NAG DA . -17.05 48.04 -5.48
O4 NAG DA . -14.39 48.67 -6.40
O5 NAG DA . -14.78 45.18 -7.40
O6 NAG DA . -12.23 45.31 -8.07
O7 NAG DA . -18.19 47.11 -8.94
C1 NAG EA . -47.98 38.11 -29.31
C2 NAG EA . -48.79 38.03 -28.00
C3 NAG EA . -50.25 38.40 -28.23
C4 NAG EA . -50.34 39.75 -28.95
C5 NAG EA . -49.49 39.74 -30.22
C6 NAG EA . -49.44 41.08 -30.91
C7 NAG EA . -49.04 35.52 -27.68
C8 NAG EA . -49.67 35.37 -29.04
N2 NAG EA . -48.66 36.75 -27.29
O3 NAG EA . -50.94 38.46 -27.00
O4 NAG EA . -51.70 40.01 -29.30
O5 NAG EA . -48.13 39.40 -29.89
O6 NAG EA . -48.12 41.62 -30.88
O7 NAG EA . -48.86 34.54 -26.96
C1 NAG FA . 52.15 41.03 -12.58
C2 NAG FA . 52.34 39.95 -13.65
C3 NAG FA . 51.80 40.42 -15.00
C4 NAG FA . 50.36 40.91 -14.86
C5 NAG FA . 50.27 41.96 -13.77
C6 NAG FA . 48.86 42.40 -13.48
C7 NAG FA . 54.17 38.49 -14.41
C8 NAG FA . 55.65 38.27 -14.44
N2 NAG FA . 53.74 39.58 -13.78
O3 NAG FA . 51.85 39.36 -15.93
O4 NAG FA . 49.91 41.45 -16.09
O5 NAG FA . 50.79 41.43 -12.54
O6 NAG FA . 48.52 42.21 -12.10
O7 NAG FA . 53.39 37.72 -14.95
C1 NAG GA . -30.73 -24.07 -40.05
C2 NAG GA . -29.82 -22.88 -40.37
C3 NAG GA . -30.65 -21.59 -40.40
C4 NAG GA . -31.84 -21.72 -41.32
C5 NAG GA . -32.65 -22.96 -40.95
C6 NAG GA . -33.80 -23.23 -41.89
C7 NAG GA . -27.52 -22.32 -39.74
C8 NAG GA . -26.53 -22.27 -38.62
N2 NAG GA . -28.74 -22.77 -39.41
O3 NAG GA . -29.82 -20.52 -40.83
O4 NAG GA . -32.68 -20.57 -41.21
O5 NAG GA . -31.81 -24.11 -40.97
O6 NAG GA . -33.34 -23.49 -43.20
O7 NAG GA . -27.24 -21.97 -40.87
C1 NAG HA . 68.90 19.26 39.88
C2 NAG HA . 69.08 18.10 40.85
C3 NAG HA . 68.55 18.47 42.22
C4 NAG HA . 69.20 19.75 42.71
C5 NAG HA . 69.05 20.86 41.67
C6 NAG HA . 69.81 22.11 42.03
C7 NAG HA . 69.06 15.98 39.62
C8 NAG HA . 68.22 14.81 39.19
N2 NAG HA . 68.43 16.90 40.35
O3 NAG HA . 68.81 17.41 43.13
O4 NAG HA . 68.58 20.17 43.93
O5 NAG HA . 69.55 20.42 40.40
O6 NAG HA . 71.17 22.01 41.64
O7 NAG HA . 70.24 16.08 39.31
C1 NAG IA . 61.55 1.73 22.23
C2 NAG IA . 61.40 0.85 20.99
C3 NAG IA . 60.49 -0.33 21.30
C4 NAG IA . 60.99 -1.08 22.52
C5 NAG IA . 61.17 -0.13 23.69
C6 NAG IA . 61.80 -0.80 24.90
C7 NAG IA . 61.09 1.27 18.59
C8 NAG IA . 60.48 2.17 17.55
N2 NAG IA . 60.89 1.62 19.86
O3 NAG IA . 60.44 -1.20 20.17
O4 NAG IA . 60.06 -2.10 22.87
O5 NAG IA . 62.04 0.95 23.33
O6 NAG IA . 63.17 -1.12 24.67
O7 NAG IA . 61.75 0.27 18.27
C1 NAG JA . 55.92 13.10 -16.54
C2 NAG JA . 57.19 13.60 -17.23
C3 NAG JA . 57.07 13.39 -18.75
C4 NAG JA . 56.70 11.96 -19.07
C5 NAG JA . 55.45 11.54 -18.29
C6 NAG JA . 55.12 10.08 -18.46
C7 NAG JA . 58.56 15.64 -17.20
C8 NAG JA . 58.62 17.08 -16.82
N2 NAG JA . 57.41 15.00 -16.92
O3 NAG JA . 58.30 13.72 -19.37
O4 NAG JA . 56.44 11.82 -20.46
O5 NAG JA . 55.68 11.74 -16.89
O6 NAG JA . 56.29 9.28 -18.42
O7 NAG JA . 59.51 15.05 -17.72
C1 NAG KA . 58.84 7.04 36.32
C2 NAG KA . 58.70 8.14 37.38
C3 NAG KA . 59.85 8.08 38.39
C4 NAG KA . 59.97 6.67 38.96
C5 NAG KA . 60.08 5.65 37.83
C6 NAG KA . 60.10 4.23 38.34
C7 NAG KA . 59.39 10.18 36.04
C8 NAG KA . 60.70 9.55 35.68
N2 NAG KA . 58.53 9.48 36.82
O3 NAG KA . 59.60 9.01 39.44
O4 NAG KA . 61.13 6.58 39.80
O5 NAG KA . 58.96 5.77 36.96
O6 NAG KA . 58.79 3.75 38.59
O7 NAG KA . 59.10 11.31 35.65
C1 NAG LA . 40.82 -25.83 17.36
C2 NAG LA . 40.82 -27.09 16.47
C3 NAG LA . 40.33 -28.29 17.29
C4 NAG LA . 41.14 -28.43 18.57
C5 NAG LA . 41.15 -27.12 19.35
C6 NAG LA . 42.03 -27.16 20.57
C7 NAG LA . 40.23 -27.52 14.13
C8 NAG LA . 39.29 -27.22 13.01
N2 NAG LA . 39.99 -26.91 15.30
O3 NAG LA . 40.43 -29.47 16.51
O4 NAG LA . 40.61 -29.47 19.38
O5 NAG LA . 41.62 -26.05 18.52
O6 NAG LA . 42.15 -25.87 21.17
O7 NAG LA . 41.18 -28.30 13.99
C1 NAG MA . 20.27 -27.16 21.26
C2 NAG MA . 20.80 -26.45 22.51
C3 NAG MA . 21.76 -27.37 23.26
C4 NAG MA . 21.09 -28.69 23.56
C5 NAG MA . 20.51 -29.30 22.27
C6 NAG MA . 19.71 -30.56 22.52
C7 NAG MA . 22.51 -25.05 21.40
C8 NAG MA . 22.99 -23.64 21.20
N2 NAG MA . 21.43 -25.18 22.18
O3 NAG MA . 22.17 -26.74 24.48
O4 NAG MA . 22.03 -29.60 24.13
O5 NAG MA . 19.63 -28.38 21.63
O6 NAG MA . 18.31 -30.29 22.49
O7 NAG MA . 23.07 -26.00 20.88
C1 NAG NA . 35.37 -15.63 -13.20
C2 NAG NA . 36.44 -14.64 -12.73
C3 NAG NA . 37.61 -14.56 -13.72
C4 NAG NA . 38.11 -15.96 -14.05
C5 NAG NA . 36.96 -16.88 -14.46
C6 NAG NA . 37.38 -18.30 -14.72
C7 NAG NA . 35.29 -12.43 -13.19
C8 NAG NA . 35.08 -12.80 -14.64
N2 NAG NA . 35.91 -13.31 -12.39
O3 NAG NA . 38.65 -13.78 -13.17
O4 NAG NA . 39.05 -15.90 -15.11
O5 NAG NA . 35.97 -16.91 -13.42
O6 NAG NA . 37.73 -18.50 -16.07
O7 NAG NA . 34.90 -11.35 -12.76
C1 NAG OA . -9.19 -42.59 -13.77
C2 NAG OA . -10.36 -42.66 -12.77
C3 NAG OA . -9.96 -43.41 -11.50
C4 NAG OA . -9.33 -44.75 -11.84
C5 NAG OA . -8.17 -44.53 -12.78
C6 NAG OA . -7.50 -45.81 -13.21
C7 NAG OA . -11.51 -40.54 -13.27
C8 NAG OA . -11.91 -39.20 -12.73
N2 NAG OA . -10.83 -41.33 -12.43
O3 NAG OA . -11.11 -43.62 -10.69
O4 NAG OA . -8.87 -45.39 -10.65
O5 NAG OA . -8.64 -43.89 -13.97
O6 NAG OA . -7.54 -46.80 -12.18
O7 NAG OA . -11.79 -40.89 -14.41
C1 NAG PA . 21.81 -18.27 -34.84
C2 NAG PA . 22.17 -16.88 -35.38
C3 NAG PA . 23.64 -16.83 -35.76
C4 NAG PA . 24.51 -17.26 -34.60
C5 NAG PA . 24.08 -18.63 -34.10
C6 NAG PA . 24.82 -19.08 -32.86
C7 NAG PA . 21.30 -17.18 -37.68
C8 NAG PA . 20.36 -16.63 -38.71
N2 NAG PA . 21.33 -16.52 -36.52
O3 NAG PA . 23.97 -15.50 -36.16
O4 NAG PA . 25.87 -17.31 -35.00
O5 NAG PA . 22.69 -18.62 -33.76
O6 NAG PA . 26.20 -19.31 -33.13
O7 NAG PA . 21.98 -18.18 -37.89
C1 NAG QA . -39.17 -37.28 4.94
C2 NAG QA . -37.84 -38.01 5.17
C3 NAG QA . -37.33 -38.61 3.87
C4 NAG QA . -38.40 -39.46 3.20
C5 NAG QA . -39.68 -38.65 3.03
C6 NAG QA . -40.82 -39.43 2.44
C7 NAG QA . -36.82 -36.75 7.02
C8 NAG QA . -35.72 -35.82 7.42
N2 NAG QA . -36.85 -37.12 5.74
O3 NAG QA . -36.18 -39.40 4.13
O4 NAG QA . -37.96 -39.87 1.91
O5 NAG QA . -40.11 -38.18 4.31
O6 NAG QA . -40.48 -39.95 1.16
O7 NAG QA . -37.64 -37.16 7.84
#